data_6VIM
#
_entry.id   6VIM
#
_cell.length_a   228.988
_cell.length_b   150.356
_cell.length_c   150.275
_cell.angle_alpha   90.000
_cell.angle_beta   129.252
_cell.angle_gamma   90.000
#
_symmetry.space_group_name_H-M   'C 1 2 1'
#
loop_
_entity.id
_entity.type
_entity.pdbx_description
1 polymer 'Mandelate racemase'
2 non-polymer 'MAGNESIUM ION'
3 non-polymer 'PHENYL BORONIC ACID'
4 non-polymer 1,2-ETHANEDIOL
5 water water
#
_entity_poly.entity_id   1
_entity_poly.type   'polypeptide(L)'
_entity_poly.pdbx_seq_one_letter_code
;MASWSHPQFEKGALEVLFQGPGYHMSEVLITGLRTRAVNVPLAYPVHTAVGTVGTAPLVLIDLATSAGVVGHSYLFAYTP
VALKSLKQLLDDMAAMIVNEPLAPVSLEAMLAKRFCLAGYTGLIRMAAAGIDMAAWDALGKVHETPLVKLLGANARPVQA
YDSHSLDGVKLATERAVTAAELGFRAVKTKIGYPALDQDLAVVRSIRQAVGDDFGIMVDYNQSLDVPAAIKRSQALQQEG
VTWIEEPTLQHDYEGHQRIQSKLNVPVQMGENWLGPEEMFKALSIGACRLAMPDAMKIGGVTGWIRASALAQQFGIPMSS
HLFQEISAHLLAATPTAHWLERLDLAGSVIEPTLTFEGGNAVIPDLPGVGIIWREKEIGKYLV
;
_entity_poly.pdbx_strand_id   A,B,C,D,E,F,G,H
#
loop_
_chem_comp.id
_chem_comp.type
_chem_comp.name
_chem_comp.formula
EDO non-polymer 1,2-ETHANEDIOL 'C2 H6 O2'
MG non-polymer 'MAGNESIUM ION' 'Mg 2'
PBC non-polymer 'PHENYL BORONIC ACID' 'C6 H7 B O2'
#
# COMPACT_ATOMS: atom_id res chain seq x y z
N GLU A 27 29.50 37.46 18.14
CA GLU A 27 29.96 38.14 19.35
C GLU A 27 30.52 37.15 20.38
N VAL A 28 30.20 35.86 20.27
CA VAL A 28 30.95 34.82 20.98
C VAL A 28 31.53 33.85 19.95
N LEU A 29 32.84 33.67 19.98
CA LEU A 29 33.52 32.79 19.03
C LEU A 29 34.14 31.61 19.77
N ILE A 30 34.31 30.51 19.03
CA ILE A 30 35.12 29.39 19.49
C ILE A 30 36.59 29.77 19.38
N THR A 31 37.34 29.63 20.47
CA THR A 31 38.75 30.00 20.45
C THR A 31 39.69 28.80 20.60
N GLY A 32 39.19 27.61 20.80
CA GLY A 32 40.06 26.44 20.81
C GLY A 32 39.25 25.18 20.99
N LEU A 33 39.87 24.08 20.58
CA LEU A 33 39.33 22.74 20.80
C LEU A 33 40.46 21.89 21.35
N ARG A 34 40.21 21.23 22.48
CA ARG A 34 41.15 20.27 23.05
C ARG A 34 40.44 18.97 23.35
N THR A 35 41.05 17.85 22.96
CA THR A 35 40.51 16.53 23.22
C THR A 35 41.54 15.71 23.98
N ARG A 36 41.05 14.85 24.88
CA ARG A 36 41.89 13.91 25.62
C ARG A 36 41.28 12.53 25.48
N ALA A 37 42.06 11.56 25.02
CA ALA A 37 41.57 10.20 24.91
C ALA A 37 41.94 9.42 26.17
N VAL A 38 40.95 8.76 26.76
CA VAL A 38 41.13 8.02 28.02
C VAL A 38 40.48 6.65 27.90
N ASN A 39 41.00 5.72 28.69
CA ASN A 39 40.41 4.39 28.89
C ASN A 39 40.10 4.29 30.39
N VAL A 40 38.82 4.41 30.75
CA VAL A 40 38.48 4.63 32.15
C VAL A 40 37.92 3.34 32.75
N PRO A 41 38.09 3.12 34.05
CA PRO A 41 37.64 1.86 34.64
C PRO A 41 36.14 1.86 34.90
N LEU A 42 35.57 0.66 34.81
CA LEU A 42 34.16 0.43 35.11
C LEU A 42 34.07 -0.52 36.30
N ALA A 43 33.21 -0.18 37.27
CA ALA A 43 33.01 -1.05 38.41
C ALA A 43 32.58 -2.44 37.95
N TYR A 44 31.73 -2.52 36.93
CA TYR A 44 31.33 -3.80 36.33
C TYR A 44 31.52 -3.68 34.82
N PRO A 45 32.28 -4.57 34.19
CA PRO A 45 32.32 -4.59 32.73
C PRO A 45 30.92 -4.74 32.15
N VAL A 46 30.70 -4.11 31.00
CA VAL A 46 29.43 -4.22 30.28
C VAL A 46 29.57 -5.41 29.33
N HIS A 47 29.26 -6.61 29.83
CA HIS A 47 29.15 -7.79 28.97
C HIS A 47 27.89 -7.69 28.12
N THR A 48 28.02 -8.03 26.83
CA THR A 48 26.88 -8.14 25.93
C THR A 48 26.95 -9.45 25.16
N ALA A 49 25.84 -9.79 24.50
CA ALA A 49 25.77 -10.99 23.67
C ALA A 49 26.77 -10.97 22.52
N VAL A 50 27.28 -9.80 22.14
CA VAL A 50 28.18 -9.71 21.00
C VAL A 50 29.58 -9.25 21.42
N GLY A 51 29.89 -9.28 22.72
CA GLY A 51 31.22 -8.94 23.19
C GLY A 51 31.16 -8.05 24.41
N THR A 52 32.28 -7.96 25.12
CA THR A 52 32.35 -7.28 26.40
C THR A 52 33.09 -5.95 26.27
N VAL A 53 32.47 -4.89 26.77
CA VAL A 53 33.12 -3.59 26.97
C VAL A 53 33.65 -3.59 28.41
N GLY A 54 34.95 -3.85 28.58
CA GLY A 54 35.55 -3.98 29.89
C GLY A 54 36.00 -2.66 30.49
N THR A 55 36.55 -1.79 29.66
CA THR A 55 36.85 -0.42 30.04
C THR A 55 36.18 0.50 29.03
N ALA A 56 35.94 1.74 29.44
CA ALA A 56 35.24 2.67 28.57
C ALA A 56 36.26 3.53 27.85
N PRO A 57 36.43 3.37 26.53
CA PRO A 57 37.26 4.31 25.77
C PRO A 57 36.46 5.59 25.49
N LEU A 58 36.90 6.70 26.08
CA LEU A 58 36.23 7.99 25.96
C LEU A 58 37.17 9.03 25.34
N VAL A 59 36.59 9.97 24.60
CA VAL A 59 37.28 11.19 24.22
C VAL A 59 36.61 12.36 24.93
N LEU A 60 37.37 13.06 25.78
CA LEU A 60 36.84 14.22 26.50
C LEU A 60 37.15 15.48 25.72
N ILE A 61 36.15 16.36 25.59
CA ILE A 61 36.20 17.51 24.68
C ILE A 61 36.08 18.81 25.47
N ASP A 62 36.98 19.76 25.19
CA ASP A 62 36.98 21.10 25.77
C ASP A 62 36.92 22.12 24.65
N LEU A 63 35.83 22.90 24.59
CA LEU A 63 35.61 23.92 23.58
C LEU A 63 35.77 25.30 24.23
N ALA A 64 36.93 25.91 24.05
CA ALA A 64 37.18 27.24 24.60
C ALA A 64 36.48 28.30 23.75
N THR A 65 36.04 29.38 24.42
CA THR A 65 35.30 30.44 23.75
C THR A 65 35.87 31.81 24.10
N SER A 66 35.54 32.79 23.25
CA SER A 66 35.92 34.17 23.50
C SER A 66 35.17 34.81 24.67
N ALA A 67 34.20 34.11 25.26
CA ALA A 67 33.60 34.55 26.51
C ALA A 67 34.26 33.94 27.73
N GLY A 68 35.38 33.24 27.56
CA GLY A 68 36.07 32.73 28.72
C GLY A 68 35.61 31.34 29.15
N VAL A 69 34.30 31.11 29.13
CA VAL A 69 33.77 29.81 29.54
C VAL A 69 34.25 28.73 28.58
N VAL A 70 34.34 27.50 29.07
CA VAL A 70 34.76 26.36 28.26
C VAL A 70 33.62 25.35 28.26
N GLY A 71 33.20 24.92 27.07
CA GLY A 71 32.20 23.87 26.98
C GLY A 71 32.84 22.50 27.13
N HIS A 72 32.14 21.60 27.81
CA HIS A 72 32.61 20.25 28.06
C HIS A 72 31.62 19.23 27.50
N SER A 73 32.14 18.19 26.87
CA SER A 73 31.36 17.03 26.44
C SER A 73 32.32 15.87 26.34
N TYR A 74 31.78 14.66 26.16
CA TYR A 74 32.64 13.53 25.86
C TYR A 74 31.92 12.60 24.89
N LEU A 75 32.72 11.72 24.29
CA LEU A 75 32.25 10.73 23.34
C LEU A 75 32.63 9.34 23.84
N PHE A 76 31.82 8.36 23.47
CA PHE A 76 32.06 6.96 23.79
C PHE A 76 32.44 6.24 22.50
N ALA A 77 33.67 5.70 22.45
CA ALA A 77 34.15 5.05 21.22
C ALA A 77 33.76 3.58 21.12
N TYR A 78 33.17 3.00 22.18
CA TYR A 78 32.68 1.62 22.20
C TYR A 78 33.81 0.59 22.24
N THR A 79 34.73 0.63 21.28
CA THR A 79 35.89 -0.26 21.32
C THR A 79 37.19 0.56 21.32
N PRO A 80 38.21 0.14 22.06
CA PRO A 80 39.48 0.88 22.00
C PRO A 80 40.08 0.93 20.61
N VAL A 81 39.67 0.02 19.70
CA VAL A 81 40.19 0.02 18.33
C VAL A 81 39.94 1.36 17.65
N ALA A 82 38.85 2.04 18.02
CA ALA A 82 38.44 3.28 17.37
C ALA A 82 38.87 4.54 18.14
N LEU A 83 39.50 4.38 19.30
CA LEU A 83 39.69 5.52 20.20
C LEU A 83 40.65 6.57 19.63
N LYS A 84 41.86 6.14 19.24
CA LYS A 84 42.83 7.09 18.69
C LYS A 84 42.35 7.68 17.37
N SER A 85 41.65 6.87 16.56
CA SER A 85 41.10 7.38 15.31
C SER A 85 40.12 8.51 15.56
N LEU A 86 39.24 8.34 16.55
CA LEU A 86 38.24 9.37 16.85
C LEU A 86 38.90 10.66 17.36
N LYS A 87 39.91 10.54 18.23
CA LYS A 87 40.59 11.75 18.69
C LYS A 87 41.32 12.44 17.54
N GLN A 88 42.00 11.66 16.69
CA GLN A 88 42.72 12.24 15.56
C GLN A 88 41.76 13.00 14.66
N LEU A 89 40.59 12.41 14.41
CA LEU A 89 39.57 13.07 13.60
C LEU A 89 39.16 14.40 14.22
N LEU A 90 38.88 14.40 15.53
CA LEU A 90 38.45 15.64 16.20
C LEU A 90 39.54 16.70 16.12
N ASP A 91 40.80 16.29 16.33
CA ASP A 91 41.91 17.24 16.26
C ASP A 91 42.02 17.86 14.87
N ASP A 92 41.78 17.06 13.82
CA ASP A 92 41.85 17.60 12.47
C ASP A 92 40.60 18.40 12.10
N MET A 93 39.50 18.25 12.85
CA MET A 93 38.30 19.07 12.67
C MET A 93 38.39 20.43 13.37
N ALA A 94 39.36 20.64 14.27
CA ALA A 94 39.47 21.94 14.93
C ALA A 94 39.53 23.09 13.93
N ALA A 95 40.23 22.89 12.81
CA ALA A 95 40.38 23.96 11.83
C ALA A 95 39.05 24.40 11.25
N MET A 96 38.03 23.54 11.29
CA MET A 96 36.74 23.92 10.75
C MET A 96 35.90 24.73 11.72
N ILE A 97 36.19 24.69 13.03
CA ILE A 97 35.27 25.34 13.96
C ILE A 97 35.92 26.47 14.74
N VAL A 98 37.25 26.44 14.91
CA VAL A 98 37.90 27.53 15.63
C VAL A 98 37.72 28.82 14.85
N ASN A 99 37.39 29.89 15.58
CA ASN A 99 37.06 31.22 15.07
C ASN A 99 35.66 31.27 14.46
N GLU A 100 34.84 30.16 14.58
CA GLU A 100 33.44 30.25 14.17
C GLU A 100 32.57 30.71 15.33
N PRO A 101 31.46 31.36 15.03
CA PRO A 101 30.51 31.71 16.10
C PRO A 101 30.07 30.48 16.87
N LEU A 102 29.82 30.69 18.16
CA LEU A 102 29.26 29.67 19.05
C LEU A 102 27.75 29.61 18.84
N ALA A 103 27.38 29.05 17.71
CA ALA A 103 25.97 28.88 17.33
C ALA A 103 25.87 27.41 16.93
N PRO A 104 25.42 26.54 17.83
CA PRO A 104 25.49 25.09 17.56
C PRO A 104 24.69 24.65 16.35
N VAL A 105 23.54 25.29 16.09
CA VAL A 105 22.72 24.87 14.97
C VAL A 105 23.38 25.24 13.65
N SER A 106 23.97 26.43 13.58
CA SER A 106 24.70 26.82 12.38
C SER A 106 25.96 26.00 12.22
N LEU A 107 26.64 25.71 13.34
CA LEU A 107 27.82 24.84 13.30
C LEU A 107 27.46 23.47 12.72
N GLU A 108 26.34 22.90 13.17
CA GLU A 108 25.93 21.58 12.70
C GLU A 108 25.64 21.60 11.21
N ALA A 109 24.98 22.65 10.72
CA ALA A 109 24.70 22.73 9.28
C ALA A 109 26.00 22.81 8.48
N MET A 110 26.99 23.55 8.99
CA MET A 110 28.28 23.64 8.30
C MET A 110 28.98 22.29 8.26
N LEU A 111 29.00 21.57 9.37
CA LEU A 111 29.64 20.26 9.39
C LEU A 111 28.92 19.26 8.47
N ALA A 112 27.59 19.29 8.46
CA ALA A 112 26.82 18.43 7.55
C ALA A 112 27.24 18.65 6.10
N LYS A 113 27.39 19.91 5.69
CA LYS A 113 27.76 20.19 4.32
C LYS A 113 29.21 19.80 4.04
N ARG A 114 30.13 20.09 4.97
CA ARG A 114 31.53 19.84 4.68
C ARG A 114 31.83 18.34 4.58
N PHE A 115 31.08 17.50 5.28
CA PHE A 115 31.31 16.07 5.26
C PHE A 115 30.35 15.33 4.33
N CYS A 116 29.65 16.06 3.46
CA CYS A 116 28.61 15.50 2.59
CA CYS A 116 28.61 15.41 2.67
C CYS A 116 29.17 14.49 1.60
N LEU A 117 30.43 14.66 1.19
CA LEU A 117 31.03 13.71 0.25
C LEU A 117 31.65 12.53 0.96
N ALA A 118 32.34 12.80 2.07
CA ALA A 118 32.97 11.76 2.87
C ALA A 118 31.96 10.81 3.47
N GLY A 119 30.76 11.28 3.77
CA GLY A 119 29.80 10.48 4.50
C GLY A 119 29.58 11.00 5.91
N TYR A 120 28.50 11.74 6.11
CA TYR A 120 28.19 12.38 7.40
C TYR A 120 27.48 11.38 8.32
N THR A 121 28.24 10.37 8.72
CA THR A 121 27.74 9.27 9.52
C THR A 121 28.92 8.69 10.29
N GLY A 122 28.67 7.62 11.04
CA GLY A 122 29.76 6.90 11.70
C GLY A 122 30.61 7.82 12.57
N LEU A 123 31.92 7.58 12.56
CA LEU A 123 32.84 8.32 13.42
C LEU A 123 32.77 9.82 13.15
N ILE A 124 32.62 10.20 11.88
CA ILE A 124 32.53 11.62 11.55
C ILE A 124 31.32 12.26 12.23
N ARG A 125 30.16 11.59 12.16
CA ARG A 125 28.95 12.12 12.79
C ARG A 125 29.09 12.15 14.31
N MET A 126 29.70 11.13 14.90
CA MET A 126 29.90 11.10 16.34
C MET A 126 30.79 12.25 16.80
N ALA A 127 31.84 12.56 16.03
CA ALA A 127 32.71 13.69 16.37
C ALA A 127 31.93 15.01 16.28
N ALA A 128 31.09 15.17 15.25
CA ALA A 128 30.27 16.38 15.17
C ALA A 128 29.32 16.49 16.34
N ALA A 129 28.77 15.36 16.79
CA ALA A 129 27.88 15.40 17.95
C ALA A 129 28.61 15.85 19.21
N GLY A 130 29.86 15.39 19.38
CA GLY A 130 30.63 15.81 20.55
C GLY A 130 30.90 17.29 20.55
N ILE A 131 31.23 17.85 19.38
CA ILE A 131 31.35 19.29 19.25
C ILE A 131 30.03 19.97 19.61
N ASP A 132 28.92 19.44 19.09
CA ASP A 132 27.62 20.05 19.33
C ASP A 132 27.29 20.07 20.82
N MET A 133 27.59 18.98 21.53
CA MET A 133 27.25 18.90 22.95
C MET A 133 28.10 19.86 23.78
N ALA A 134 29.39 19.98 23.44
CA ALA A 134 30.23 20.97 24.11
C ALA A 134 29.79 22.39 23.79
N ALA A 135 29.37 22.64 22.55
CA ALA A 135 28.96 23.99 22.19
C ALA A 135 27.70 24.39 22.94
N TRP A 136 26.75 23.47 23.11
CA TRP A 136 25.54 23.79 23.88
C TRP A 136 25.87 23.98 25.36
N ASP A 137 26.80 23.19 25.90
CA ASP A 137 27.26 23.43 27.27
C ASP A 137 27.84 24.83 27.41
N ALA A 138 28.63 25.26 26.42
CA ALA A 138 29.23 26.59 26.45
C ALA A 138 28.18 27.68 26.32
N LEU A 139 27.19 27.45 25.47
CA LEU A 139 26.13 28.45 25.29
C LEU A 139 25.34 28.63 26.57
N GLY A 140 25.04 27.53 27.27
CA GLY A 140 24.40 27.65 28.57
C GLY A 140 25.27 28.41 29.55
N LYS A 141 26.59 28.22 29.47
CA LYS A 141 27.50 28.93 30.36
C LYS A 141 27.56 30.41 30.03
N VAL A 142 27.60 30.76 28.74
CA VAL A 142 27.50 32.17 28.35
C VAL A 142 26.28 32.82 28.99
N HIS A 143 25.16 32.12 29.05
CA HIS A 143 23.93 32.69 29.57
C HIS A 143 23.67 32.33 31.03
N GLU A 144 24.65 31.73 31.71
CA GLU A 144 24.59 31.44 33.15
C GLU A 144 23.31 30.70 33.52
N THR A 145 22.97 29.68 32.73
CA THR A 145 21.72 29.00 32.96
C THR A 145 21.84 27.52 32.60
N PRO A 146 21.19 26.62 33.33
CA PRO A 146 21.26 25.20 32.96
C PRO A 146 20.70 24.98 31.56
N LEU A 147 21.23 23.96 30.88
CA LEU A 147 20.85 23.70 29.50
C LEU A 147 19.34 23.51 29.35
N VAL A 148 18.72 22.78 30.28
CA VAL A 148 17.27 22.55 30.20
C VAL A 148 16.52 23.88 30.11
N LYS A 149 16.94 24.88 30.89
CA LYS A 149 16.24 26.16 30.90
C LYS A 149 16.55 26.98 29.65
N LEU A 150 17.78 26.87 29.12
CA LEU A 150 18.10 27.48 27.84
C LEU A 150 17.23 26.93 26.72
N LEU A 151 16.86 25.64 26.80
CA LEU A 151 15.97 25.05 25.80
C LEU A 151 14.51 25.41 26.03
N GLY A 152 14.18 26.13 27.10
CA GLY A 152 12.83 26.59 27.31
C GLY A 152 11.97 25.72 28.18
N ALA A 153 12.55 24.78 28.93
CA ALA A 153 11.77 23.84 29.73
C ALA A 153 12.17 23.95 31.19
N ASN A 154 11.28 23.50 32.06
CA ASN A 154 11.61 23.42 33.48
C ASN A 154 12.40 22.14 33.75
N ALA A 155 13.34 22.23 34.69
CA ALA A 155 13.93 21.01 35.22
C ALA A 155 12.85 20.20 35.91
N ARG A 156 12.79 18.91 35.61
CA ARG A 156 11.95 17.98 36.33
C ARG A 156 12.76 16.73 36.60
N PRO A 157 12.51 16.03 37.69
CA PRO A 157 13.16 14.72 37.88
C PRO A 157 12.64 13.75 36.84
N VAL A 158 13.51 12.85 36.38
CA VAL A 158 13.11 11.87 35.38
C VAL A 158 13.48 10.47 35.85
N GLN A 159 12.50 9.57 35.82
CA GLN A 159 12.72 8.19 36.25
C GLN A 159 13.86 7.55 35.47
N ALA A 160 14.73 6.87 36.19
CA ALA A 160 15.91 6.24 35.62
C ALA A 160 15.85 4.76 35.93
N TYR A 161 16.29 3.93 34.99
CA TYR A 161 16.53 2.54 35.31
C TYR A 161 18.02 2.32 35.46
N ASP A 162 18.39 1.43 36.38
CA ASP A 162 19.79 1.06 36.55
C ASP A 162 20.15 0.00 35.51
N SER A 163 21.09 0.35 34.64
CA SER A 163 21.41 -0.45 33.47
C SER A 163 22.59 -1.36 33.79
N HIS A 164 22.39 -2.68 33.69
CA HIS A 164 23.37 -3.70 34.02
C HIS A 164 23.85 -4.37 32.72
N SER A 165 24.27 -5.63 32.78
CA SER A 165 24.83 -6.24 31.57
C SER A 165 24.60 -7.76 31.61
N LEU A 166 25.33 -8.48 30.76
CA LEU A 166 25.16 -9.93 30.61
C LEU A 166 25.93 -10.59 31.74
N ASP A 167 25.29 -10.64 32.91
CA ASP A 167 25.98 -10.81 34.18
C ASP A 167 25.89 -12.22 34.75
N GLY A 168 25.08 -13.10 34.17
CA GLY A 168 24.78 -14.37 34.79
C GLY A 168 23.74 -14.23 35.90
N VAL A 169 23.10 -15.35 36.23
CA VAL A 169 21.97 -15.33 37.18
C VAL A 169 22.37 -14.68 38.50
N LYS A 170 23.52 -15.07 39.03
CA LYS A 170 23.89 -14.66 40.39
C LYS A 170 24.14 -13.14 40.46
N LEU A 171 25.05 -12.63 39.64
CA LEU A 171 25.36 -11.20 39.70
C LEU A 171 24.19 -10.36 39.23
N ALA A 172 23.44 -10.82 38.23
CA ALA A 172 22.29 -10.04 37.77
C ALA A 172 21.29 -9.85 38.90
N THR A 173 21.05 -10.90 39.68
CA THR A 173 20.09 -10.78 40.78
C THR A 173 20.62 -9.87 41.88
N GLU A 174 21.90 -10.02 42.24
CA GLU A 174 22.49 -9.18 43.28
C GLU A 174 22.44 -7.72 42.89
N ARG A 175 22.83 -7.41 41.64
CA ARG A 175 22.80 -6.03 41.17
C ARG A 175 21.37 -5.49 41.12
N ALA A 176 20.39 -6.33 40.78
CA ALA A 176 19.01 -5.85 40.80
C ALA A 176 18.56 -5.52 42.22
N VAL A 177 18.99 -6.32 43.20
CA VAL A 177 18.62 -6.06 44.59
C VAL A 177 19.28 -4.77 45.07
N THR A 178 20.56 -4.57 44.78
CA THR A 178 21.22 -3.33 45.15
C THR A 178 20.54 -2.12 44.51
N ALA A 179 20.16 -2.24 43.23
CA ALA A 179 19.49 -1.13 42.56
C ALA A 179 18.17 -0.81 43.24
N ALA A 180 17.41 -1.83 43.62
CA ALA A 180 16.15 -1.58 44.33
C ALA A 180 16.42 -0.91 45.67
N GLU A 181 17.48 -1.31 46.36
CA GLU A 181 17.82 -0.68 47.64
C GLU A 181 18.21 0.78 47.47
N LEU A 182 18.79 1.14 46.31
CA LEU A 182 19.16 2.51 46.03
C LEU A 182 17.99 3.37 45.54
N GLY A 183 16.78 2.80 45.45
CA GLY A 183 15.58 3.54 45.08
C GLY A 183 15.16 3.42 43.64
N PHE A 184 15.94 2.75 42.79
CA PHE A 184 15.51 2.57 41.40
C PHE A 184 14.27 1.68 41.33
N ARG A 185 13.40 1.97 40.37
CA ARG A 185 12.16 1.23 40.17
C ARG A 185 12.23 0.30 38.97
N ALA A 186 13.38 0.18 38.33
CA ALA A 186 13.53 -0.73 37.21
C ALA A 186 15.02 -0.94 36.99
N VAL A 187 15.36 -2.10 36.41
CA VAL A 187 16.71 -2.40 35.97
C VAL A 187 16.64 -2.89 34.53
N LYS A 188 17.78 -2.87 33.86
CA LYS A 188 17.94 -3.46 32.54
C LYS A 188 19.07 -4.47 32.61
N THR A 189 18.82 -5.66 32.10
CA THR A 189 19.85 -6.67 32.00
C THR A 189 20.06 -6.99 30.53
N LYS A 190 21.27 -7.40 30.17
CA LYS A 190 21.59 -7.73 28.79
C LYS A 190 21.54 -9.24 28.64
N ILE A 191 20.84 -9.71 27.61
CA ILE A 191 20.61 -11.15 27.46
C ILE A 191 21.01 -11.58 26.05
N GLY A 192 20.68 -12.82 25.69
CA GLY A 192 21.25 -13.42 24.51
C GLY A 192 22.29 -14.47 24.88
N TYR A 193 22.04 -15.22 25.96
CA TYR A 193 22.86 -16.39 26.27
C TYR A 193 22.69 -17.45 25.19
N PRO A 194 23.54 -18.48 25.16
CA PRO A 194 23.35 -19.54 24.14
C PRO A 194 21.97 -20.17 24.13
N ALA A 195 21.38 -20.43 25.29
CA ALA A 195 20.05 -21.02 25.38
C ALA A 195 19.03 -19.96 25.78
N LEU A 196 17.81 -20.09 25.24
CA LEU A 196 16.70 -19.26 25.71
C LEU A 196 16.40 -19.53 27.18
N ASP A 197 16.56 -20.77 27.65
CA ASP A 197 16.28 -21.05 29.05
C ASP A 197 17.20 -20.26 29.98
N GLN A 198 18.40 -19.93 29.51
CA GLN A 198 19.29 -19.09 30.33
C GLN A 198 18.81 -17.65 30.37
N ASP A 199 18.33 -17.13 29.24
CA ASP A 199 17.65 -15.84 29.24
C ASP A 199 16.55 -15.83 30.31
N LEU A 200 15.68 -16.84 30.26
CA LEU A 200 14.54 -16.89 31.16
C LEU A 200 14.96 -17.01 32.62
N ALA A 201 16.02 -17.78 32.88
CA ALA A 201 16.47 -17.99 34.26
C ALA A 201 16.91 -16.69 34.91
N VAL A 202 17.60 -15.84 34.16
CA VAL A 202 18.04 -14.55 34.70
C VAL A 202 16.83 -13.66 35.01
N VAL A 203 15.89 -13.58 34.08
CA VAL A 203 14.71 -12.73 34.31
C VAL A 203 13.91 -13.23 35.49
N ARG A 204 13.69 -14.55 35.56
CA ARG A 204 12.93 -15.14 36.67
C ARG A 204 13.61 -14.87 38.00
N SER A 205 14.94 -15.03 38.06
CA SER A 205 15.64 -14.83 39.31
C SER A 205 15.58 -13.37 39.75
N ILE A 206 15.74 -12.43 38.81
CA ILE A 206 15.58 -11.01 39.14
C ILE A 206 14.18 -10.76 39.70
N ARG A 207 13.15 -11.28 39.02
CA ARG A 207 11.77 -11.01 39.41
C ARG A 207 11.48 -11.53 40.81
N GLN A 208 11.97 -12.74 41.13
CA GLN A 208 11.81 -13.25 42.50
C GLN A 208 12.39 -12.29 43.53
N ALA A 209 13.51 -11.64 43.19
CA ALA A 209 14.21 -10.79 44.15
C ALA A 209 13.60 -9.40 44.29
N VAL A 210 12.97 -8.87 43.24
CA VAL A 210 12.48 -7.49 43.25
C VAL A 210 10.96 -7.38 43.26
N GLY A 211 10.23 -8.47 43.03
CA GLY A 211 8.78 -8.42 43.09
C GLY A 211 8.11 -7.97 41.79
N ASP A 212 6.78 -8.02 41.81
CA ASP A 212 6.00 -7.77 40.60
C ASP A 212 5.97 -6.29 40.22
N ASP A 213 6.00 -5.39 41.19
CA ASP A 213 5.86 -3.96 40.92
C ASP A 213 7.24 -3.33 40.71
N PHE A 214 7.87 -3.72 39.60
CA PHE A 214 9.25 -3.37 39.33
C PHE A 214 9.55 -3.63 37.85
N GLY A 215 10.27 -2.72 37.22
CA GLY A 215 10.55 -2.86 35.79
C GLY A 215 11.77 -3.74 35.53
N ILE A 216 11.65 -4.64 34.56
CA ILE A 216 12.78 -5.44 34.09
C ILE A 216 12.86 -5.26 32.57
N MET A 217 13.76 -4.42 32.12
CA MET A 217 14.03 -4.28 30.70
C MET A 217 15.12 -5.27 30.30
N VAL A 218 15.06 -5.75 29.06
CA VAL A 218 16.02 -6.72 28.56
C VAL A 218 16.53 -6.25 27.19
N ASP A 219 17.81 -6.54 26.93
CA ASP A 219 18.55 -6.01 25.78
C ASP A 219 19.35 -7.15 25.14
N TYR A 220 19.01 -7.49 23.89
CA TYR A 220 19.69 -8.54 23.13
C TYR A 220 20.91 -8.05 22.37
N ASN A 221 21.08 -6.73 22.21
CA ASN A 221 22.23 -6.17 21.50
C ASN A 221 22.41 -6.83 20.12
N GLN A 222 21.31 -6.87 19.35
CA GLN A 222 21.32 -7.28 17.94
C GLN A 222 21.69 -8.75 17.74
N SER A 223 21.60 -9.58 18.78
CA SER A 223 22.22 -10.89 18.70
C SER A 223 21.36 -11.97 18.02
N LEU A 224 20.07 -11.71 17.71
CA LEU A 224 19.19 -12.75 17.21
C LEU A 224 18.80 -12.51 15.75
N ASP A 225 18.51 -13.60 15.04
CA ASP A 225 17.81 -13.43 13.77
C ASP A 225 16.30 -13.27 14.04
N VAL A 226 15.57 -12.87 13.00
CA VAL A 226 14.14 -12.55 13.17
C VAL A 226 13.36 -13.73 13.74
N PRO A 227 13.46 -14.96 13.19
CA PRO A 227 12.70 -16.06 13.81
C PRO A 227 13.08 -16.34 15.26
N ALA A 228 14.38 -16.32 15.58
CA ALA A 228 14.79 -16.52 16.97
C ALA A 228 14.28 -15.42 17.87
N ALA A 229 14.34 -14.17 17.39
CA ALA A 229 13.82 -13.04 18.17
C ALA A 229 12.34 -13.24 18.47
N ILE A 230 11.56 -13.70 17.49
CA ILE A 230 10.13 -13.91 17.73
C ILE A 230 9.93 -14.99 18.78
N LYS A 231 10.67 -16.09 18.68
CA LYS A 231 10.50 -17.19 19.63
C LYS A 231 10.93 -16.78 21.03
N ARG A 232 12.12 -16.19 21.18
CA ARG A 232 12.56 -15.80 22.51
C ARG A 232 11.69 -14.68 23.07
N SER A 233 11.28 -13.73 22.24
CA SER A 233 10.53 -12.58 22.74
C SER A 233 9.15 -12.98 23.23
N GLN A 234 8.49 -13.90 22.53
CA GLN A 234 7.20 -14.37 23.02
C GLN A 234 7.33 -15.14 24.32
N ALA A 235 8.46 -15.83 24.53
CA ALA A 235 8.70 -16.47 25.82
C ALA A 235 8.96 -15.42 26.91
N LEU A 236 9.75 -14.39 26.59
CA LEU A 236 9.98 -13.33 27.58
C LEU A 236 8.69 -12.59 27.91
N GLN A 237 7.84 -12.39 26.90
CA GLN A 237 6.56 -11.72 27.08
C GLN A 237 5.69 -12.48 28.08
N GLN A 238 5.64 -13.81 27.97
CA GLN A 238 4.91 -14.63 28.94
C GLN A 238 5.50 -14.48 30.33
N GLU A 239 6.83 -14.47 30.42
CA GLU A 239 7.49 -14.31 31.71
C GLU A 239 7.13 -12.98 32.36
N GLY A 240 7.09 -11.91 31.58
CA GLY A 240 6.85 -10.57 32.10
C GLY A 240 8.07 -9.68 32.08
N VAL A 241 8.21 -8.86 31.03
CA VAL A 241 9.33 -7.92 30.89
C VAL A 241 8.78 -6.58 30.41
N THR A 242 9.56 -5.52 30.64
CA THR A 242 9.10 -4.16 30.38
C THR A 242 9.30 -3.75 28.92
N TRP A 243 10.43 -4.11 28.31
CA TRP A 243 10.59 -3.95 26.87
C TRP A 243 11.66 -4.92 26.40
N ILE A 244 11.71 -5.12 25.08
CA ILE A 244 12.71 -5.95 24.45
C ILE A 244 13.50 -5.07 23.50
N GLU A 245 14.79 -4.87 23.79
CA GLU A 245 15.63 -3.88 23.15
C GLU A 245 16.55 -4.55 22.13
N GLU A 246 16.70 -3.91 20.96
CA GLU A 246 17.51 -4.35 19.82
C GLU A 246 17.55 -5.88 19.67
N PRO A 247 16.41 -6.52 19.38
CA PRO A 247 16.44 -7.98 19.20
C PRO A 247 17.28 -8.44 18.01
N THR A 248 17.39 -7.66 16.93
CA THR A 248 18.15 -8.11 15.75
C THR A 248 19.05 -7.00 15.24
N LEU A 249 19.67 -7.18 14.07
CA LEU A 249 20.62 -6.20 13.52
C LEU A 249 20.02 -4.80 13.52
N GLN A 250 20.79 -3.83 14.03
CA GLN A 250 20.22 -2.51 14.30
C GLN A 250 19.73 -1.81 13.05
N HIS A 251 20.38 -2.05 11.90
CA HIS A 251 19.94 -1.38 10.67
C HIS A 251 18.74 -2.06 10.02
N ASP A 252 18.33 -3.23 10.51
CA ASP A 252 17.22 -3.96 9.89
C ASP A 252 15.89 -3.52 10.50
N TYR A 253 15.42 -2.34 10.08
CA TYR A 253 14.15 -1.83 10.57
C TYR A 253 12.97 -2.71 10.16
N GLU A 254 12.99 -3.21 8.92
CA GLU A 254 11.92 -4.11 8.48
C GLU A 254 11.84 -5.34 9.38
N GLY A 255 12.99 -5.92 9.72
CA GLY A 255 12.99 -7.09 10.58
C GLY A 255 12.49 -6.80 11.98
N HIS A 256 12.85 -5.63 12.51
CA HIS A 256 12.29 -5.19 13.78
C HIS A 256 10.78 -5.01 13.69
N GLN A 257 10.29 -4.46 12.59
CA GLN A 257 8.83 -4.38 12.40
C GLN A 257 8.20 -5.76 12.43
N ARG A 258 8.78 -6.74 11.71
CA ARG A 258 8.22 -8.09 11.72
C ARG A 258 8.25 -8.68 13.14
N ILE A 259 9.33 -8.45 13.88
CA ILE A 259 9.38 -8.92 15.26
C ILE A 259 8.28 -8.25 16.09
N GLN A 260 8.17 -6.92 15.98
CA GLN A 260 7.15 -6.18 16.74
C GLN A 260 5.73 -6.64 16.39
N SER A 261 5.50 -7.04 15.14
CA SER A 261 4.17 -7.48 14.71
C SER A 261 3.71 -8.74 15.41
N LYS A 262 4.63 -9.51 16.01
CA LYS A 262 4.29 -10.74 16.71
C LYS A 262 4.25 -10.57 18.23
N LEU A 263 4.28 -9.31 18.72
CA LEU A 263 4.44 -9.06 20.14
C LEU A 263 3.43 -8.04 20.66
N ASN A 264 3.01 -8.25 21.91
CA ASN A 264 2.36 -7.19 22.68
C ASN A 264 3.38 -6.32 23.41
N VAL A 265 4.39 -6.92 24.03
CA VAL A 265 5.46 -6.16 24.67
C VAL A 265 6.12 -5.24 23.63
N PRO A 266 6.50 -4.02 23.96
CA PRO A 266 7.08 -3.14 22.94
C PRO A 266 8.51 -3.52 22.59
N VAL A 267 8.82 -3.44 21.30
CA VAL A 267 10.21 -3.49 20.84
C VAL A 267 10.79 -2.09 21.01
N GLN A 268 11.99 -2.03 21.58
CA GLN A 268 12.70 -0.80 21.88
C GLN A 268 13.99 -0.77 21.06
N MET A 269 14.29 0.37 20.44
CA MET A 269 15.54 0.52 19.71
C MET A 269 15.87 2.01 19.60
N GLY A 270 17.04 2.30 19.04
CA GLY A 270 17.37 3.67 18.71
C GLY A 270 18.79 4.07 19.05
N GLU A 271 19.45 3.31 19.92
CA GLU A 271 20.77 3.71 20.38
C GLU A 271 21.77 3.78 19.23
N ASN A 272 21.49 3.09 18.13
CA ASN A 272 22.43 3.09 17.01
C ASN A 272 21.99 3.93 15.83
N TRP A 273 20.88 4.68 15.95
CA TRP A 273 20.50 5.65 14.91
C TRP A 273 21.54 6.75 14.82
N LEU A 274 22.15 6.90 13.64
CA LEU A 274 23.12 7.97 13.41
C LEU A 274 22.38 9.13 12.76
N GLY A 275 21.91 10.06 13.59
CA GLY A 275 21.15 11.19 13.11
C GLY A 275 19.66 10.95 13.12
N PRO A 276 18.87 12.03 13.20
CA PRO A 276 17.41 11.86 13.19
C PRO A 276 16.89 11.30 11.88
N GLU A 277 17.68 11.38 10.81
CA GLU A 277 17.24 10.81 9.54
C GLU A 277 17.14 9.29 9.61
N GLU A 278 18.00 8.63 10.39
CA GLU A 278 17.84 7.18 10.52
CA GLU A 278 17.87 7.17 10.55
C GLU A 278 16.68 6.84 11.43
N MET A 279 16.44 7.65 12.46
CA MET A 279 15.24 7.49 13.28
C MET A 279 13.98 7.64 12.44
N PHE A 280 13.97 8.62 11.53
CA PHE A 280 12.78 8.86 10.71
C PHE A 280 12.48 7.64 9.83
N LYS A 281 13.52 7.01 9.29
CA LYS A 281 13.33 5.82 8.46
C LYS A 281 12.76 4.67 9.28
N ALA A 282 13.28 4.44 10.49
CA ALA A 282 12.79 3.34 11.32
C ALA A 282 11.35 3.58 11.75
N LEU A 283 11.04 4.79 12.21
CA LEU A 283 9.68 5.06 12.66
C LEU A 283 8.70 5.02 11.50
N SER A 284 9.14 5.43 10.31
CA SER A 284 8.23 5.48 9.18
C SER A 284 7.69 4.09 8.81
N ILE A 285 8.44 3.02 9.09
CA ILE A 285 7.95 1.69 8.75
C ILE A 285 7.49 0.91 9.98
N GLY A 286 7.43 1.54 11.15
CA GLY A 286 6.91 0.87 12.33
C GLY A 286 7.84 -0.13 12.97
N ALA A 287 9.14 0.18 13.03
CA ALA A 287 10.11 -0.80 13.52
C ALA A 287 9.95 -1.07 15.01
N CYS A 288 9.37 -0.13 15.77
CA CYS A 288 9.40 -0.21 17.22
C CYS A 288 8.29 0.68 17.77
N ARG A 289 7.78 0.32 18.96
CA ARG A 289 6.81 1.15 19.66
C ARG A 289 7.45 2.06 20.71
N LEU A 290 8.72 1.83 21.05
CA LEU A 290 9.50 2.71 21.89
C LEU A 290 10.78 3.10 21.15
N ALA A 291 11.34 4.25 21.54
CA ALA A 291 12.59 4.74 20.97
C ALA A 291 13.51 5.21 22.10
N MET A 292 14.82 5.01 21.91
CA MET A 292 15.84 5.49 22.86
C MET A 292 17.07 5.99 22.10
N PRO A 293 17.01 7.21 21.57
CA PRO A 293 18.19 7.78 20.92
C PRO A 293 19.35 7.94 21.90
N ASP A 294 20.55 7.83 21.35
CA ASP A 294 21.82 8.02 22.04
C ASP A 294 22.27 9.45 21.76
N ALA A 295 22.46 10.26 22.83
CA ALA A 295 22.80 11.68 22.65
C ALA A 295 23.97 11.87 21.68
N MET A 296 24.93 10.94 21.70
CA MET A 296 26.06 11.05 20.79
C MET A 296 25.65 10.73 19.35
N LYS A 297 25.12 9.52 19.11
CA LYS A 297 24.88 9.13 17.72
C LYS A 297 23.74 9.91 17.07
N ILE A 298 22.74 10.36 17.85
CA ILE A 298 21.61 11.08 17.27
C ILE A 298 21.98 12.48 16.78
N GLY A 299 23.15 12.99 17.13
CA GLY A 299 23.56 14.31 16.72
C GLY A 299 23.69 15.34 17.85
N GLY A 300 23.88 14.91 19.09
CA GLY A 300 24.02 15.94 20.12
C GLY A 300 22.67 16.55 20.48
N VAL A 301 22.72 17.72 21.12
CA VAL A 301 21.50 18.43 21.50
C VAL A 301 20.68 18.77 20.28
N THR A 302 21.34 19.35 19.26
CA THR A 302 20.66 19.71 18.02
C THR A 302 19.92 18.51 17.43
N GLY A 303 20.59 17.36 17.34
CA GLY A 303 19.94 16.18 16.82
C GLY A 303 18.87 15.63 17.75
N TRP A 304 19.11 15.70 19.06
CA TRP A 304 18.12 15.18 20.00
C TRP A 304 16.81 15.97 19.93
N ILE A 305 16.90 17.30 19.81
CA ILE A 305 15.68 18.11 19.72
C ILE A 305 14.86 17.72 18.49
N ARG A 306 15.53 17.45 17.37
CA ARG A 306 14.82 17.02 16.17
C ARG A 306 14.21 15.63 16.38
N ALA A 307 15.00 14.69 16.92
CA ALA A 307 14.47 13.37 17.25
C ALA A 307 13.26 13.47 18.19
N SER A 308 13.31 14.39 19.14
CA SER A 308 12.20 14.58 20.07
C SER A 308 10.93 15.00 19.34
N ALA A 309 11.05 15.83 18.29
CA ALA A 309 9.88 16.24 17.53
C ALA A 309 9.29 15.07 16.74
N LEU A 310 10.15 14.18 16.25
CA LEU A 310 9.68 13.01 15.51
C LEU A 310 8.92 12.06 16.43
N ALA A 311 9.52 11.75 17.58
CA ALA A 311 8.89 10.83 18.53
C ALA A 311 7.50 11.33 18.94
N GLN A 312 7.35 12.64 19.15
CA GLN A 312 6.04 13.18 19.52
C GLN A 312 5.01 12.93 18.41
N GLN A 313 5.39 13.18 17.16
CA GLN A 313 4.41 13.07 16.07
C GLN A 313 4.09 11.63 15.73
N PHE A 314 5.06 10.72 15.88
CA PHE A 314 4.86 9.30 15.68
C PHE A 314 4.26 8.60 16.90
N GLY A 315 4.03 9.33 17.99
CA GLY A 315 3.47 8.75 19.22
C GLY A 315 4.36 7.71 19.89
N ILE A 316 5.64 8.02 20.02
CA ILE A 316 6.65 7.08 20.55
C ILE A 316 7.23 7.60 21.86
N PRO A 317 6.98 6.94 22.99
CA PRO A 317 7.68 7.29 24.23
C PRO A 317 9.19 7.19 24.04
N MET A 318 9.91 8.22 24.48
CA MET A 318 11.31 8.37 24.08
C MET A 318 12.20 8.36 25.31
N SER A 319 13.14 7.41 25.36
CA SER A 319 14.12 7.27 26.42
C SER A 319 15.51 7.67 25.90
N SER A 320 16.51 7.62 26.78
CA SER A 320 17.89 7.91 26.43
C SER A 320 18.74 6.63 26.43
N HIS A 321 19.90 6.72 25.78
CA HIS A 321 20.93 5.69 25.85
C HIS A 321 22.24 6.35 26.26
N LEU A 322 22.78 5.94 27.41
CA LEU A 322 24.06 6.47 27.89
C LEU A 322 24.01 7.98 28.08
N PHE A 323 25.17 8.60 28.33
CA PHE A 323 25.29 10.05 28.46
C PHE A 323 24.26 10.63 29.44
N GLN A 324 24.19 10.01 30.61
CA GLN A 324 23.18 10.41 31.59
C GLN A 324 23.30 11.89 31.97
N GLU A 325 24.51 12.45 31.95
CA GLU A 325 24.68 13.85 32.38
C GLU A 325 23.86 14.81 31.51
N ILE A 326 23.97 14.69 30.19
CA ILE A 326 23.23 15.60 29.31
C ILE A 326 21.80 15.08 29.08
N SER A 327 21.58 13.76 29.16
CA SER A 327 20.25 13.19 28.89
C SER A 327 19.20 13.62 29.92
N ALA A 328 19.63 13.92 31.15
CA ALA A 328 18.69 14.44 32.13
C ALA A 328 18.13 15.79 31.71
N HIS A 329 18.99 16.65 31.15
CA HIS A 329 18.53 17.91 30.57
C HIS A 329 17.63 17.66 29.37
N LEU A 330 18.06 16.78 28.48
CA LEU A 330 17.35 16.62 27.21
C LEU A 330 15.96 16.00 27.42
N LEU A 331 15.86 15.01 28.30
CA LEU A 331 14.57 14.38 28.58
C LEU A 331 13.58 15.36 29.18
N ALA A 332 14.05 16.27 30.05
CA ALA A 332 13.14 17.26 30.63
C ALA A 332 12.51 18.15 29.56
N ALA A 333 13.13 18.27 28.39
CA ALA A 333 12.59 19.04 27.29
C ALA A 333 11.87 18.19 26.24
N THR A 334 11.76 16.88 26.46
CA THR A 334 11.23 15.96 25.44
C THR A 334 9.76 15.69 25.70
N PRO A 335 8.86 16.07 24.80
CA PRO A 335 7.42 15.87 25.07
C PRO A 335 7.02 14.44 25.44
N THR A 336 7.63 13.40 24.86
CA THR A 336 7.24 12.02 25.18
C THR A 336 8.29 11.30 26.03
N ALA A 337 9.01 12.04 26.86
CA ALA A 337 10.05 11.48 27.73
C ALA A 337 9.55 10.27 28.48
N HIS A 338 10.37 9.22 28.52
CA HIS A 338 10.01 7.94 29.10
C HIS A 338 10.98 7.59 30.23
N TRP A 339 12.13 6.97 29.92
CA TRP A 339 13.13 6.64 30.94
C TRP A 339 14.49 7.24 30.62
N LEU A 340 15.27 7.50 31.67
CA LEU A 340 16.70 7.81 31.56
C LEU A 340 17.48 6.53 31.83
N GLU A 341 18.43 6.20 30.96
CA GLU A 341 19.31 5.06 31.24
C GLU A 341 20.44 5.50 32.15
N ARG A 342 20.52 4.91 33.34
CA ARG A 342 21.63 5.15 34.24
C ARG A 342 22.71 4.10 33.98
N LEU A 343 23.79 4.53 33.33
CA LEU A 343 24.96 3.68 33.11
C LEU A 343 26.15 4.63 33.09
N ASP A 344 26.90 4.66 34.19
CA ASP A 344 27.76 5.80 34.50
C ASP A 344 29.17 5.56 33.93
N LEU A 345 29.26 5.59 32.59
CA LEU A 345 30.54 5.33 31.93
C LEU A 345 31.64 6.31 32.35
N ALA A 346 31.28 7.57 32.63
CA ALA A 346 32.30 8.60 32.84
C ALA A 346 32.40 9.04 34.31
N GLY A 347 31.83 8.28 35.24
CA GLY A 347 31.85 8.71 36.64
C GLY A 347 33.25 8.93 37.19
N SER A 348 34.24 8.21 36.66
CA SER A 348 35.60 8.31 37.18
C SER A 348 36.28 9.62 36.79
N VAL A 349 35.75 10.35 35.82
CA VAL A 349 36.39 11.58 35.35
C VAL A 349 35.47 12.80 35.42
N ILE A 350 34.22 12.64 35.88
CA ILE A 350 33.24 13.72 35.95
C ILE A 350 32.69 13.80 37.37
N GLU A 351 32.59 15.01 37.92
CA GLU A 351 32.09 15.14 39.29
C GLU A 351 30.63 14.70 39.37
N PRO A 352 30.22 13.99 40.45
CA PRO A 352 28.85 13.47 40.56
C PRO A 352 27.83 14.54 40.93
N THR A 353 27.67 15.51 40.03
CA THR A 353 26.69 16.56 40.28
C THR A 353 25.28 16.11 39.92
N LEU A 354 25.16 15.16 38.98
CA LEU A 354 23.86 14.52 38.74
C LEU A 354 23.59 13.55 39.88
N THR A 355 22.44 13.71 40.54
CA THR A 355 22.06 12.85 41.65
C THR A 355 20.77 12.11 41.30
N PHE A 356 20.47 11.08 42.10
CA PHE A 356 19.27 10.28 41.92
C PHE A 356 18.51 10.20 43.23
N GLU A 357 17.26 10.67 43.21
CA GLU A 357 16.38 10.68 44.38
C GLU A 357 15.15 9.85 44.07
N GLY A 358 14.98 8.76 44.82
CA GLY A 358 13.87 7.85 44.55
C GLY A 358 13.88 7.27 43.14
N GLY A 359 15.07 7.00 42.60
CA GLY A 359 15.19 6.49 41.24
C GLY A 359 15.09 7.54 40.16
N ASN A 360 14.86 8.80 40.50
CA ASN A 360 14.70 9.87 39.52
C ASN A 360 16.01 10.63 39.39
N ALA A 361 16.46 10.85 38.15
CA ALA A 361 17.61 11.72 37.92
C ALA A 361 17.24 13.18 38.21
N VAL A 362 18.14 13.89 38.88
CA VAL A 362 17.92 15.28 39.31
C VAL A 362 18.99 16.15 38.70
N ILE A 363 18.57 17.07 37.83
CA ILE A 363 19.50 17.97 37.13
C ILE A 363 20.14 18.89 38.16
N PRO A 364 21.46 19.04 38.16
CA PRO A 364 22.09 19.95 39.12
C PRO A 364 21.90 21.41 38.71
N ASP A 365 21.87 22.28 39.73
CA ASP A 365 21.76 23.73 39.52
C ASP A 365 23.14 24.28 39.18
N LEU A 366 23.52 24.09 37.92
CA LEU A 366 24.80 24.48 37.36
C LEU A 366 24.56 24.95 35.93
N PRO A 367 25.36 25.88 35.44
CA PRO A 367 25.16 26.37 34.06
C PRO A 367 25.52 25.31 33.04
N GLY A 368 24.86 25.39 31.88
CA GLY A 368 25.05 24.37 30.85
C GLY A 368 24.66 23.00 31.36
N VAL A 369 25.49 22.00 31.06
CA VAL A 369 25.14 20.61 31.34
C VAL A 369 25.41 20.22 32.78
N GLY A 370 26.33 20.90 33.45
CA GLY A 370 26.74 20.52 34.79
C GLY A 370 27.90 19.53 34.85
N ILE A 371 28.74 19.49 33.82
CA ILE A 371 29.90 18.60 33.77
C ILE A 371 31.11 19.35 34.32
N ILE A 372 31.69 18.81 35.40
CA ILE A 372 32.94 19.33 35.96
C ILE A 372 33.96 18.20 35.93
N TRP A 373 35.08 18.42 35.24
CA TRP A 373 36.11 17.39 35.14
C TRP A 373 36.77 17.10 36.49
N ARG A 374 37.10 15.84 36.71
CA ARG A 374 37.97 15.46 37.83
C ARG A 374 39.39 15.46 37.29
N GLU A 375 40.01 16.65 37.29
CA GLU A 375 41.24 16.84 36.51
C GLU A 375 42.38 15.99 37.03
N LYS A 376 42.43 15.74 38.34
CA LYS A 376 43.46 14.87 38.90
C LYS A 376 43.22 13.40 38.57
N GLU A 377 41.98 13.02 38.25
CA GLU A 377 41.70 11.64 37.87
C GLU A 377 41.97 11.37 36.40
N ILE A 378 41.74 12.35 35.54
CA ILE A 378 41.88 12.17 34.10
C ILE A 378 43.30 11.73 33.74
N GLY A 379 44.30 12.27 34.45
CA GLY A 379 45.68 11.89 34.17
C GLY A 379 45.96 10.41 34.35
N LYS A 380 45.26 9.74 35.26
CA LYS A 380 45.51 8.31 35.47
C LYS A 380 45.14 7.46 34.27
N TYR A 381 44.29 7.96 33.37
CA TYR A 381 43.70 7.12 32.35
C TYR A 381 44.05 7.51 30.92
N LEU A 382 44.90 8.51 30.73
CA LEU A 382 45.21 8.99 29.38
C LEU A 382 45.82 7.89 28.53
N VAL A 383 45.41 7.83 27.27
CA VAL A 383 45.85 6.79 26.37
C VAL A 383 47.02 7.32 25.55
N GLU B 27 46.73 -23.69 3.84
CA GLU B 27 46.18 -22.62 4.69
C GLU B 27 47.06 -21.37 4.65
N VAL B 28 46.56 -20.32 3.99
CA VAL B 28 47.27 -19.05 3.89
C VAL B 28 46.74 -18.12 4.97
N LEU B 29 47.63 -17.57 5.79
CA LEU B 29 47.26 -16.66 6.84
C LEU B 29 47.69 -15.24 6.50
N ILE B 30 46.96 -14.27 7.05
CA ILE B 30 47.37 -12.88 7.01
C ILE B 30 48.49 -12.70 8.02
N THR B 31 49.58 -12.07 7.59
CA THR B 31 50.72 -11.90 8.50
C THR B 31 50.96 -10.46 8.94
N GLY B 32 50.41 -9.47 8.25
CA GLY B 32 50.66 -8.09 8.63
C GLY B 32 49.87 -7.13 7.76
N LEU B 33 49.74 -5.91 8.26
CA LEU B 33 49.03 -4.83 7.61
C LEU B 33 49.87 -3.56 7.66
N ARG B 34 50.14 -2.95 6.51
CA ARG B 34 50.90 -1.71 6.42
C ARG B 34 50.06 -0.68 5.68
N THR B 35 50.00 0.53 6.23
CA THR B 35 49.24 1.62 5.60
C THR B 35 50.12 2.85 5.47
N ARG B 36 49.94 3.56 4.36
CA ARG B 36 50.65 4.79 4.05
C ARG B 36 49.63 5.83 3.63
N ALA B 37 49.60 6.96 4.33
CA ALA B 37 48.71 8.06 4.01
C ALA B 37 49.42 9.07 3.12
N VAL B 38 48.79 9.41 2.01
CA VAL B 38 49.38 10.30 1.00
C VAL B 38 48.33 11.33 0.58
N ASN B 39 48.82 12.49 0.13
CA ASN B 39 48.02 13.49 -0.54
C ASN B 39 48.59 13.66 -1.94
N VAL B 40 47.83 13.22 -2.94
CA VAL B 40 48.39 13.09 -4.29
C VAL B 40 47.83 14.18 -5.19
N PRO B 41 48.60 14.68 -6.15
CA PRO B 41 48.13 15.77 -6.99
C PRO B 41 47.14 15.29 -8.05
N LEU B 42 46.23 16.19 -8.41
CA LEU B 42 45.26 15.94 -9.47
C LEU B 42 45.53 16.93 -10.60
N ALA B 43 45.68 16.41 -11.82
CA ALA B 43 45.87 17.27 -12.97
C ALA B 43 44.73 18.29 -13.08
N TYR B 44 43.50 17.86 -12.79
CA TYR B 44 42.36 18.76 -12.72
C TYR B 44 41.70 18.54 -11.36
N PRO B 45 41.60 19.56 -10.52
CA PRO B 45 40.83 19.41 -9.28
C PRO B 45 39.40 19.00 -9.59
N VAL B 46 38.81 18.22 -8.69
CA VAL B 46 37.42 17.79 -8.83
C VAL B 46 36.55 18.84 -8.13
N HIS B 47 36.20 19.90 -8.86
CA HIS B 47 35.21 20.85 -8.37
C HIS B 47 33.84 20.19 -8.37
N THR B 48 33.11 20.32 -7.25
CA THR B 48 31.71 19.92 -7.16
C THR B 48 30.90 21.09 -6.61
N ALA B 49 29.57 20.97 -6.67
CA ALA B 49 28.69 22.02 -6.18
C ALA B 49 28.76 22.19 -4.66
N VAL B 50 29.42 21.28 -3.94
CA VAL B 50 29.52 21.34 -2.49
C VAL B 50 30.97 21.46 -2.02
N GLY B 51 31.88 21.86 -2.90
CA GLY B 51 33.28 21.99 -2.58
C GLY B 51 34.18 21.28 -3.58
N THR B 52 35.46 21.59 -3.49
CA THR B 52 36.46 21.12 -4.44
C THR B 52 37.39 20.11 -3.78
N VAL B 53 37.68 19.02 -4.50
CA VAL B 53 38.74 18.09 -4.11
C VAL B 53 39.93 18.40 -5.00
N GLY B 54 40.89 19.16 -4.47
CA GLY B 54 42.03 19.62 -5.26
C GLY B 54 43.15 18.62 -5.31
N THR B 55 43.35 17.91 -4.20
CA THR B 55 44.27 16.78 -4.12
C THR B 55 43.53 15.61 -3.48
N ALA B 56 43.95 14.40 -3.82
CA ALA B 56 43.24 13.22 -3.34
C ALA B 56 43.92 12.68 -2.09
N PRO B 57 43.24 12.69 -0.93
CA PRO B 57 43.79 12.02 0.25
C PRO B 57 43.52 10.52 0.17
N LEU B 58 44.60 9.74 0.10
CA LEU B 58 44.51 8.29 -0.03
C LEU B 58 45.25 7.59 1.10
N VAL B 59 44.77 6.39 1.44
CA VAL B 59 45.49 5.46 2.30
C VAL B 59 45.83 4.24 1.45
N LEU B 60 47.13 3.98 1.26
CA LEU B 60 47.58 2.83 0.50
C LEU B 60 47.81 1.65 1.43
N ILE B 61 47.33 0.47 1.04
CA ILE B 61 47.22 -0.66 1.95
C ILE B 61 48.03 -1.83 1.40
N ASP B 62 48.88 -2.42 2.24
CA ASP B 62 49.59 -3.65 1.90
C ASP B 62 49.22 -4.71 2.92
N LEU B 63 48.72 -5.84 2.44
CA LEU B 63 48.29 -6.95 3.27
C LEU B 63 49.26 -8.10 3.06
N ALA B 64 50.08 -8.38 4.07
CA ALA B 64 51.10 -9.42 3.97
C ALA B 64 50.53 -10.78 4.37
N THR B 65 50.95 -11.84 3.68
CA THR B 65 50.42 -13.17 3.89
C THR B 65 51.55 -14.17 4.10
N SER B 66 51.19 -15.35 4.62
CA SER B 66 52.14 -16.44 4.78
C SER B 66 52.54 -17.10 3.46
N ALA B 67 51.98 -16.68 2.32
CA ALA B 67 52.22 -17.35 1.05
C ALA B 67 53.20 -16.58 0.16
N GLY B 68 53.89 -15.59 0.69
CA GLY B 68 54.83 -14.85 -0.11
C GLY B 68 54.23 -13.90 -1.12
N VAL B 69 52.96 -13.55 -0.97
CA VAL B 69 52.34 -12.52 -1.78
C VAL B 69 51.83 -11.44 -0.85
N VAL B 70 51.72 -10.22 -1.39
CA VAL B 70 51.17 -9.07 -0.66
C VAL B 70 49.98 -8.53 -1.45
N GLY B 71 48.84 -8.38 -0.77
CA GLY B 71 47.69 -7.73 -1.38
C GLY B 71 47.81 -6.21 -1.33
N HIS B 72 47.34 -5.56 -2.40
CA HIS B 72 47.32 -4.11 -2.49
C HIS B 72 45.91 -3.58 -2.70
N SER B 73 45.60 -2.49 -2.00
CA SER B 73 44.37 -1.74 -2.21
C SER B 73 44.60 -0.32 -1.73
N TYR B 74 43.60 0.54 -1.91
CA TYR B 74 43.69 1.88 -1.35
C TYR B 74 42.30 2.38 -1.02
N LEU B 75 42.25 3.35 -0.11
CA LEU B 75 41.02 4.04 0.26
C LEU B 75 41.11 5.51 -0.15
N PHE B 76 39.94 6.09 -0.46
CA PHE B 76 39.79 7.51 -0.76
C PHE B 76 39.12 8.17 0.44
N ALA B 77 39.84 9.08 1.11
CA ALA B 77 39.33 9.74 2.30
C ALA B 77 38.47 10.97 2.01
N TYR B 78 38.36 11.37 0.76
CA TYR B 78 37.50 12.48 0.34
C TYR B 78 38.01 13.84 0.83
N THR B 79 38.24 14.00 2.13
CA THR B 79 38.78 15.24 2.70
C THR B 79 40.03 14.93 3.53
N PRO B 80 41.06 15.76 3.43
CA PRO B 80 42.24 15.54 4.28
C PRO B 80 41.94 15.52 5.76
N VAL B 81 40.83 16.13 6.18
CA VAL B 81 40.41 16.12 7.59
C VAL B 81 40.23 14.70 8.12
N ALA B 82 39.83 13.75 7.27
CA ALA B 82 39.63 12.38 7.72
C ALA B 82 40.83 11.48 7.47
N LEU B 83 41.91 12.00 6.88
CA LEU B 83 42.96 11.13 6.33
C LEU B 83 43.73 10.43 7.44
N LYS B 84 44.32 11.20 8.37
CA LYS B 84 45.09 10.60 9.46
C LYS B 84 44.21 9.73 10.34
N SER B 85 42.95 10.14 10.56
CA SER B 85 42.02 9.32 11.33
C SER B 85 41.82 7.95 10.68
N LEU B 86 41.70 7.91 9.36
CA LEU B 86 41.46 6.65 8.67
C LEU B 86 42.69 5.75 8.72
N LYS B 87 43.89 6.33 8.55
CA LYS B 87 45.11 5.53 8.71
C LYS B 87 45.22 4.96 10.12
N GLN B 88 45.00 5.81 11.14
CA GLN B 88 45.10 5.36 12.52
C GLN B 88 44.13 4.21 12.80
N LEU B 89 42.91 4.33 12.27
CA LEU B 89 41.90 3.29 12.45
C LEU B 89 42.40 1.96 11.90
N LEU B 90 42.88 1.97 10.65
CA LEU B 90 43.37 0.74 10.02
C LEU B 90 44.54 0.14 10.79
N ASP B 91 45.46 0.97 11.29
CA ASP B 91 46.58 0.44 12.06
C ASP B 91 46.11 -0.20 13.35
N ASP B 92 45.08 0.36 13.97
CA ASP B 92 44.55 -0.23 15.19
C ASP B 92 43.68 -1.44 14.89
N MET B 93 43.27 -1.63 13.64
CA MET B 93 42.56 -2.84 13.25
C MET B 93 43.49 -3.98 12.88
N ALA B 94 44.80 -3.73 12.74
CA ALA B 94 45.70 -4.77 12.25
C ALA B 94 45.66 -6.02 13.12
N ALA B 95 45.57 -5.83 14.44
CA ALA B 95 45.59 -6.98 15.35
C ALA B 95 44.32 -7.82 15.24
N MET B 96 43.24 -7.26 14.69
CA MET B 96 42.03 -8.06 14.48
C MET B 96 42.19 -9.07 13.35
N ILE B 97 43.03 -8.77 12.35
CA ILE B 97 43.13 -9.62 11.18
C ILE B 97 44.43 -10.42 11.10
N VAL B 98 45.49 -9.99 11.78
CA VAL B 98 46.75 -10.72 11.68
C VAL B 98 46.60 -12.09 12.33
N ASN B 99 47.11 -13.12 11.64
CA ASN B 99 47.01 -14.55 11.95
C ASN B 99 45.65 -15.14 11.54
N GLU B 100 44.75 -14.36 10.96
CA GLU B 100 43.50 -14.92 10.45
C GLU B 100 43.71 -15.53 9.08
N PRO B 101 42.92 -16.54 8.72
CA PRO B 101 43.01 -17.09 7.37
C PRO B 101 42.71 -16.02 6.32
N LEU B 102 43.38 -16.15 5.18
CA LEU B 102 43.10 -15.29 4.01
C LEU B 102 41.79 -15.75 3.40
N ALA B 103 40.69 -15.34 4.04
CA ALA B 103 39.35 -15.74 3.61
C ALA B 103 38.47 -14.52 3.72
N PRO B 104 38.40 -13.71 2.66
CA PRO B 104 37.82 -12.36 2.80
C PRO B 104 36.37 -12.35 3.24
N VAL B 105 35.58 -13.31 2.77
CA VAL B 105 34.17 -13.37 3.17
C VAL B 105 34.05 -13.63 4.66
N SER B 106 34.82 -14.58 5.17
CA SER B 106 34.83 -14.86 6.60
C SER B 106 35.43 -13.69 7.39
N LEU B 107 36.46 -13.05 6.82
CA LEU B 107 37.02 -11.85 7.43
CA LEU B 107 37.02 -11.86 7.44
C LEU B 107 35.96 -10.76 7.58
N GLU B 108 35.17 -10.55 6.52
CA GLU B 108 34.15 -9.51 6.54
C GLU B 108 33.11 -9.78 7.63
N ALA B 109 32.70 -11.04 7.80
CA ALA B 109 31.72 -11.34 8.85
C ALA B 109 32.26 -11.07 10.24
N MET B 110 33.55 -11.38 10.45
CA MET B 110 34.15 -11.13 11.76
C MET B 110 34.20 -9.64 12.08
N LEU B 111 34.56 -8.81 11.09
CA LEU B 111 34.60 -7.37 11.32
C LEU B 111 33.21 -6.80 11.58
N ALA B 112 32.21 -7.23 10.78
CA ALA B 112 30.83 -6.80 11.01
C ALA B 112 30.41 -7.03 12.45
N LYS B 113 30.72 -8.20 13.00
CA LYS B 113 30.33 -8.50 14.36
C LYS B 113 31.13 -7.66 15.36
N ARG B 114 32.45 -7.57 15.18
CA ARG B 114 33.28 -6.83 16.14
C ARG B 114 32.88 -5.36 16.24
N PHE B 115 32.40 -4.77 15.16
CA PHE B 115 32.03 -3.35 15.15
C PHE B 115 30.53 -3.14 15.28
N CYS B 116 29.79 -4.18 15.68
CA CYS B 116 28.33 -4.12 15.76
CA CYS B 116 28.34 -4.02 15.68
C CYS B 116 27.85 -3.06 16.76
N LEU B 117 28.59 -2.87 17.84
CA LEU B 117 28.23 -1.84 18.82
C LEU B 117 28.69 -0.46 18.41
N ALA B 118 29.93 -0.35 17.91
CA ALA B 118 30.45 0.97 17.54
C ALA B 118 29.72 1.54 16.33
N GLY B 119 29.26 0.69 15.43
CA GLY B 119 28.61 1.19 14.22
C GLY B 119 29.38 0.84 12.96
N TYR B 120 28.95 -0.25 12.30
CA TYR B 120 29.66 -0.80 11.14
C TYR B 120 29.28 -0.01 9.89
N THR B 121 29.70 1.26 9.89
CA THR B 121 29.39 2.18 8.82
C THR B 121 30.46 3.25 8.78
N GLY B 122 30.33 4.19 7.84
CA GLY B 122 31.27 5.32 7.80
C GLY B 122 32.70 4.86 7.69
N LEU B 123 33.59 5.54 8.45
CA LEU B 123 35.03 5.31 8.33
C LEU B 123 35.39 3.87 8.68
N ILE B 124 34.71 3.30 9.67
CA ILE B 124 34.95 1.90 10.05
C ILE B 124 34.64 0.97 8.89
N ARG B 125 33.47 1.15 8.25
CA ARG B 125 33.12 0.31 7.12
C ARG B 125 34.08 0.53 5.94
N MET B 126 34.51 1.78 5.74
CA MET B 126 35.44 2.05 4.66
C MET B 126 36.77 1.34 4.92
N ALA B 127 37.22 1.34 6.18
CA ALA B 127 38.43 0.63 6.56
C ALA B 127 38.32 -0.87 6.29
N ALA B 128 37.18 -1.47 6.67
CA ALA B 128 37.00 -2.91 6.43
C ALA B 128 37.01 -3.21 4.94
N ALA B 129 36.41 -2.33 4.15
CA ALA B 129 36.43 -2.46 2.69
C ALA B 129 37.84 -2.42 2.13
N GLY B 130 38.69 -1.55 2.66
CA GLY B 130 40.08 -1.54 2.23
C GLY B 130 40.78 -2.86 2.51
N ILE B 131 40.52 -3.44 3.68
CA ILE B 131 41.06 -4.76 4.00
C ILE B 131 40.49 -5.81 3.05
N ASP B 132 39.19 -5.76 2.80
CA ASP B 132 38.57 -6.71 1.89
C ASP B 132 39.21 -6.67 0.51
N MET B 133 39.37 -5.46 -0.04
CA MET B 133 39.90 -5.31 -1.39
C MET B 133 41.35 -5.76 -1.48
N ALA B 134 42.15 -5.55 -0.44
CA ALA B 134 43.51 -6.09 -0.47
C ALA B 134 43.51 -7.60 -0.27
N ALA B 135 42.58 -8.14 0.52
CA ALA B 135 42.56 -9.57 0.73
C ALA B 135 42.21 -10.32 -0.56
N TRP B 136 41.25 -9.80 -1.32
CA TRP B 136 40.90 -10.45 -2.58
C TRP B 136 42.03 -10.33 -3.60
N ASP B 137 42.73 -9.19 -3.62
CA ASP B 137 43.91 -9.08 -4.46
C ASP B 137 44.92 -10.16 -4.12
N ALA B 138 45.22 -10.32 -2.82
CA ALA B 138 46.17 -11.34 -2.38
C ALA B 138 45.68 -12.75 -2.74
N LEU B 139 44.37 -12.99 -2.66
CA LEU B 139 43.86 -14.32 -2.98
C LEU B 139 43.99 -14.62 -4.47
N GLY B 140 43.75 -13.62 -5.31
CA GLY B 140 44.08 -13.78 -6.72
C GLY B 140 45.55 -14.12 -6.92
N LYS B 141 46.43 -13.47 -6.17
CA LYS B 141 47.86 -13.72 -6.29
C LYS B 141 48.22 -15.13 -5.84
N VAL B 142 47.63 -15.57 -4.72
CA VAL B 142 47.83 -16.94 -4.25
C VAL B 142 47.55 -17.93 -5.38
N HIS B 143 46.49 -17.70 -6.12
CA HIS B 143 46.07 -18.60 -7.20
C HIS B 143 46.58 -18.16 -8.57
N GLU B 144 47.47 -17.15 -8.61
CA GLU B 144 48.12 -16.72 -9.85
C GLU B 144 47.11 -16.48 -10.97
N THR B 145 46.07 -15.69 -10.67
CA THR B 145 44.99 -15.50 -11.64
C THR B 145 44.36 -14.12 -11.43
N PRO B 146 43.91 -13.46 -12.49
CA PRO B 146 43.27 -12.16 -12.31
C PRO B 146 42.00 -12.27 -11.45
N LEU B 147 41.64 -11.16 -10.80
CA LEU B 147 40.50 -11.19 -9.90
C LEU B 147 39.23 -11.65 -10.62
N VAL B 148 39.00 -11.11 -11.83
CA VAL B 148 37.79 -11.45 -12.57
C VAL B 148 37.68 -12.96 -12.79
N LYS B 149 38.82 -13.62 -13.05
CA LYS B 149 38.76 -15.06 -13.31
C LYS B 149 38.53 -15.84 -12.03
N LEU B 150 39.11 -15.38 -10.91
CA LEU B 150 38.84 -15.99 -9.61
C LEU B 150 37.37 -15.91 -9.25
N LEU B 151 36.68 -14.87 -9.70
CA LEU B 151 35.27 -14.72 -9.44
C LEU B 151 34.41 -15.49 -10.43
N GLY B 152 35.00 -16.23 -11.36
CA GLY B 152 34.26 -17.12 -12.23
C GLY B 152 33.79 -16.53 -13.54
N ALA B 153 34.29 -15.36 -13.91
CA ALA B 153 33.88 -14.67 -15.12
C ALA B 153 35.04 -14.51 -16.10
N ASN B 154 34.69 -14.28 -17.36
CA ASN B 154 35.68 -13.90 -18.35
C ASN B 154 35.98 -12.41 -18.25
N ALA B 155 37.25 -12.07 -18.40
CA ALA B 155 37.59 -10.67 -18.63
C ALA B 155 36.90 -10.21 -19.91
N ARG B 156 36.34 -9.00 -19.87
CA ARG B 156 35.70 -8.41 -21.03
C ARG B 156 35.97 -6.92 -20.97
N PRO B 157 36.06 -6.25 -22.11
CA PRO B 157 36.15 -4.78 -22.10
C PRO B 157 34.88 -4.19 -21.53
N VAL B 158 35.02 -3.09 -20.79
CA VAL B 158 33.90 -2.39 -20.17
CA VAL B 158 33.90 -2.39 -20.17
C VAL B 158 33.91 -0.95 -20.65
N GLN B 159 32.81 -0.52 -21.28
CA GLN B 159 32.71 0.87 -21.72
C GLN B 159 32.89 1.81 -20.54
N ALA B 160 33.65 2.88 -20.75
CA ALA B 160 33.98 3.83 -19.70
C ALA B 160 33.62 5.24 -20.13
N TYR B 161 33.17 6.07 -19.19
CA TYR B 161 32.99 7.49 -19.45
C TYR B 161 34.10 8.25 -18.74
N ASP B 162 34.61 9.30 -19.39
CA ASP B 162 35.62 10.16 -18.79
C ASP B 162 34.96 11.14 -17.84
N SER B 163 35.33 11.09 -16.56
CA SER B 163 34.65 11.83 -15.50
C SER B 163 35.39 13.13 -15.21
N HIS B 164 34.74 14.26 -15.46
CA HIS B 164 35.30 15.59 -15.25
C HIS B 164 34.66 16.21 -13.99
N SER B 165 34.52 17.53 -13.95
CA SER B 165 33.99 18.12 -12.73
C SER B 165 33.29 19.44 -13.05
N LEU B 166 33.08 20.27 -12.02
CA LEU B 166 32.39 21.56 -12.19
C LEU B 166 33.41 22.55 -12.72
N ASP B 167 33.64 22.46 -14.03
CA ASP B 167 34.82 23.06 -14.65
C ASP B 167 34.55 24.41 -15.30
N GLY B 168 33.30 24.84 -15.37
CA GLY B 168 32.96 26.01 -16.17
C GLY B 168 32.87 25.65 -17.65
N VAL B 169 32.12 26.49 -18.38
CA VAL B 169 31.75 26.12 -19.75
C VAL B 169 32.98 25.89 -20.62
N LYS B 170 34.03 26.69 -20.44
CA LYS B 170 35.18 26.63 -21.33
C LYS B 170 36.00 25.36 -21.10
N LEU B 171 36.42 25.11 -19.86
CA LEU B 171 37.19 23.90 -19.58
C LEU B 171 36.36 22.64 -19.80
N ALA B 172 35.07 22.68 -19.46
CA ALA B 172 34.22 21.49 -19.64
C ALA B 172 34.15 21.10 -21.11
N THR B 173 34.06 22.08 -21.99
CA THR B 173 34.00 21.78 -23.43
C THR B 173 35.34 21.25 -23.92
N GLU B 174 36.44 21.91 -23.53
CA GLU B 174 37.76 21.45 -23.93
C GLU B 174 38.01 20.01 -23.48
N ARG B 175 37.67 19.70 -22.24
CA ARG B 175 37.90 18.35 -21.73
C ARG B 175 37.00 17.33 -22.43
N ALA B 176 35.76 17.70 -22.75
CA ALA B 176 34.89 16.80 -23.48
C ALA B 176 35.46 16.47 -24.85
N VAL B 177 35.99 17.48 -25.55
CA VAL B 177 36.58 17.24 -26.87
C VAL B 177 37.79 16.33 -26.75
N THR B 178 38.67 16.61 -25.79
CA THR B 178 39.83 15.76 -25.56
C THR B 178 39.42 14.31 -25.32
N ALA B 179 38.41 14.09 -24.49
CA ALA B 179 37.96 12.73 -24.22
C ALA B 179 37.44 12.05 -25.48
N ALA B 180 36.72 12.79 -26.32
CA ALA B 180 36.26 12.22 -27.57
C ALA B 180 37.42 11.84 -28.47
N GLU B 181 38.44 12.70 -28.54
CA GLU B 181 39.64 12.39 -29.32
C GLU B 181 40.34 11.14 -28.80
N LEU B 182 40.30 10.90 -27.49
CA LEU B 182 40.92 9.71 -26.91
C LEU B 182 40.09 8.44 -27.10
N GLY B 183 38.87 8.56 -27.61
CA GLY B 183 38.05 7.40 -27.91
C GLY B 183 36.92 7.13 -26.94
N PHE B 184 36.78 7.92 -25.89
CA PHE B 184 35.63 7.77 -25.00
C PHE B 184 34.36 8.17 -25.72
N ARG B 185 33.28 7.43 -25.47
CA ARG B 185 31.98 7.71 -26.05
C ARG B 185 31.05 8.46 -25.09
N ALA B 186 31.57 8.91 -23.95
CA ALA B 186 30.75 9.62 -22.97
C ALA B 186 31.66 10.34 -21.99
N VAL B 187 31.13 11.40 -21.38
CA VAL B 187 31.80 12.12 -20.30
C VAL B 187 30.78 12.44 -19.23
N LYS B 188 31.26 12.65 -18.01
CA LYS B 188 30.43 13.18 -16.93
C LYS B 188 30.98 14.53 -16.49
N THR B 189 30.11 15.51 -16.41
CA THR B 189 30.43 16.81 -15.85
C THR B 189 29.62 17.00 -14.58
N LYS B 190 30.19 17.71 -13.62
CA LYS B 190 29.51 17.98 -12.38
C LYS B 190 28.87 19.36 -12.47
N ILE B 191 27.61 19.45 -12.09
CA ILE B 191 26.87 20.70 -12.27
C ILE B 191 26.24 21.10 -10.94
N GLY B 192 25.34 22.07 -10.96
CA GLY B 192 24.88 22.71 -9.75
C GLY B 192 25.47 24.09 -9.58
N TYR B 193 25.60 24.82 -10.70
CA TYR B 193 25.97 26.22 -10.67
C TYR B 193 24.87 27.04 -10.00
N PRO B 194 25.18 28.28 -9.60
CA PRO B 194 24.14 29.10 -8.97
C PRO B 194 22.84 29.19 -9.76
N ALA B 195 22.90 29.32 -11.08
CA ALA B 195 21.71 29.41 -11.91
C ALA B 195 21.53 28.16 -12.75
N LEU B 196 20.27 27.81 -13.03
CA LEU B 196 20.01 26.71 -13.95
C LEU B 196 20.57 27.01 -15.34
N ASP B 197 20.46 28.27 -15.78
CA ASP B 197 20.98 28.64 -17.09
C ASP B 197 22.47 28.32 -17.23
N GLN B 198 23.22 28.41 -16.13
CA GLN B 198 24.63 28.02 -16.18
C GLN B 198 24.80 26.51 -16.35
N ASP B 199 24.01 25.70 -15.63
CA ASP B 199 23.97 24.27 -15.87
C ASP B 199 23.72 23.97 -17.34
N LEU B 200 22.68 24.61 -17.91
CA LEU B 200 22.28 24.33 -19.29
C LEU B 200 23.33 24.78 -20.29
N ALA B 201 24.01 25.89 -19.99
CA ALA B 201 25.04 26.40 -20.91
C ALA B 201 26.20 25.42 -21.02
N VAL B 202 26.58 24.78 -19.92
CA VAL B 202 27.66 23.80 -19.96
C VAL B 202 27.26 22.58 -20.81
N VAL B 203 26.04 22.08 -20.59
CA VAL B 203 25.58 20.91 -21.34
C VAL B 203 25.48 21.23 -22.82
N ARG B 204 24.93 22.41 -23.16
CA ARG B 204 24.81 22.81 -24.56
C ARG B 204 26.17 22.90 -25.24
N SER B 205 27.14 23.55 -24.56
CA SER B 205 28.46 23.71 -25.17
C SER B 205 29.20 22.37 -25.27
N ILE B 206 28.93 21.42 -24.39
CA ILE B 206 29.52 20.11 -24.61
C ILE B 206 28.85 19.44 -25.81
N ARG B 207 27.52 19.56 -25.91
CA ARG B 207 26.78 18.91 -26.97
C ARG B 207 27.18 19.44 -28.35
N GLN B 208 27.32 20.77 -28.48
CA GLN B 208 27.81 21.33 -29.74
C GLN B 208 29.12 20.68 -30.16
N ALA B 209 30.02 20.41 -29.20
CA ALA B 209 31.37 20.00 -29.55
C ALA B 209 31.51 18.50 -29.76
N VAL B 210 30.68 17.66 -29.12
CA VAL B 210 30.80 16.21 -29.27
C VAL B 210 29.76 15.62 -30.20
N GLY B 211 28.65 16.31 -30.47
CA GLY B 211 27.63 15.80 -31.35
C GLY B 211 26.56 14.99 -30.64
N ASP B 212 25.59 14.53 -31.42
CA ASP B 212 24.40 13.88 -30.86
C ASP B 212 24.68 12.47 -30.36
N ASP B 213 25.59 11.74 -31.01
CA ASP B 213 25.84 10.34 -30.66
C ASP B 213 27.01 10.28 -29.68
N PHE B 214 26.72 10.66 -28.44
CA PHE B 214 27.72 10.85 -27.41
C PHE B 214 27.01 10.98 -26.07
N GLY B 215 27.55 10.37 -25.03
CA GLY B 215 26.92 10.41 -23.71
C GLY B 215 27.37 11.61 -22.89
N ILE B 216 26.40 12.32 -22.31
CA ILE B 216 26.68 13.40 -21.37
C ILE B 216 25.97 13.07 -20.07
N MET B 217 26.72 12.57 -19.10
CA MET B 217 26.20 12.36 -17.76
C MET B 217 26.44 13.62 -16.94
N VAL B 218 25.51 13.91 -16.03
CA VAL B 218 25.63 15.08 -15.16
C VAL B 218 25.45 14.66 -13.71
N ASP B 219 26.16 15.34 -12.82
CA ASP B 219 26.25 14.98 -11.40
C ASP B 219 26.01 16.23 -10.54
N TYR B 220 24.95 16.21 -9.74
CA TYR B 220 24.62 17.36 -8.90
C TYR B 220 25.27 17.32 -7.52
N ASN B 221 25.83 16.17 -7.13
CA ASN B 221 26.49 16.00 -5.83
C ASN B 221 25.63 16.52 -4.66
N GLN B 222 24.37 16.09 -4.66
CA GLN B 222 23.44 16.27 -3.55
C GLN B 222 23.06 17.73 -3.31
N SER B 223 23.29 18.61 -4.28
CA SER B 223 23.25 20.04 -4.01
C SER B 223 21.87 20.67 -4.12
N LEU B 224 20.84 19.93 -4.52
CA LEU B 224 19.52 20.50 -4.77
C LEU B 224 18.48 19.94 -3.80
N ASP B 225 17.50 20.77 -3.47
CA ASP B 225 16.31 20.26 -2.79
C ASP B 225 15.37 19.65 -3.82
N VAL B 226 14.37 18.92 -3.34
CA VAL B 226 13.54 18.11 -4.25
C VAL B 226 12.83 18.95 -5.30
N PRO B 227 12.15 20.05 -4.96
CA PRO B 227 11.55 20.87 -6.03
C PRO B 227 12.56 21.48 -7.00
N ALA B 228 13.71 21.97 -6.51
CA ALA B 228 14.73 22.46 -7.42
C ALA B 228 15.26 21.34 -8.31
N ALA B 229 15.36 20.13 -7.78
CA ALA B 229 15.84 19.01 -8.60
C ALA B 229 14.85 18.70 -9.71
N ILE B 230 13.55 18.75 -9.41
CA ILE B 230 12.54 18.47 -10.43
C ILE B 230 12.62 19.54 -11.52
N LYS B 231 12.66 20.81 -11.12
CA LYS B 231 12.74 21.89 -12.10
C LYS B 231 14.01 21.77 -12.96
N ARG B 232 15.17 21.62 -12.32
CA ARG B 232 16.41 21.54 -13.10
C ARG B 232 16.45 20.27 -13.95
N SER B 233 16.05 19.13 -13.37
CA SER B 233 16.15 17.87 -14.10
C SER B 233 15.23 17.84 -15.31
N GLN B 234 14.01 18.40 -15.19
CA GLN B 234 13.13 18.45 -16.35
C GLN B 234 13.69 19.35 -17.45
N ALA B 235 14.46 20.38 -17.08
CA ALA B 235 15.10 21.23 -18.09
C ALA B 235 16.28 20.52 -18.74
N LEU B 236 17.11 19.85 -17.95
CA LEU B 236 18.22 19.08 -18.51
C LEU B 236 17.71 17.97 -19.42
N GLN B 237 16.61 17.32 -19.02
CA GLN B 237 16.01 16.25 -19.81
C GLN B 237 15.62 16.72 -21.20
N GLN B 238 15.04 17.92 -21.30
CA GLN B 238 14.72 18.48 -22.61
C GLN B 238 15.98 18.73 -23.42
N GLU B 239 17.06 19.16 -22.75
CA GLU B 239 18.34 19.38 -23.41
C GLU B 239 18.92 18.08 -23.96
N GLY B 240 18.76 16.99 -23.23
CA GLY B 240 19.37 15.73 -23.61
C GLY B 240 20.60 15.41 -22.78
N VAL B 241 20.41 14.61 -21.72
CA VAL B 241 21.49 14.11 -20.89
C VAL B 241 21.29 12.60 -20.71
N THR B 242 22.36 11.93 -20.29
CA THR B 242 22.36 10.48 -20.23
C THR B 242 21.84 9.95 -18.90
N TRP B 243 22.17 10.63 -17.80
CA TRP B 243 21.57 10.35 -16.50
C TRP B 243 21.76 11.59 -15.63
N ILE B 244 21.02 11.63 -14.52
CA ILE B 244 21.09 12.72 -13.56
C ILE B 244 21.45 12.11 -12.21
N GLU B 245 22.66 12.40 -11.74
CA GLU B 245 23.27 11.71 -10.60
C GLU B 245 23.15 12.53 -9.32
N GLU B 246 22.77 11.87 -8.23
CA GLU B 246 22.61 12.45 -6.90
C GLU B 246 22.02 13.88 -6.89
N PRO B 247 20.80 14.05 -7.40
CA PRO B 247 20.18 15.38 -7.36
C PRO B 247 20.03 15.97 -5.95
N THR B 248 19.76 15.14 -4.94
CA THR B 248 19.52 15.65 -3.59
C THR B 248 20.34 14.88 -2.55
N LEU B 249 20.10 15.13 -1.27
CA LEU B 249 20.85 14.49 -0.18
C LEU B 249 20.89 12.98 -0.37
N GLN B 250 22.10 12.41 -0.24
CA GLN B 250 22.29 11.01 -0.63
C GLN B 250 21.40 10.06 0.18
N HIS B 251 21.16 10.37 1.46
CA HIS B 251 20.40 9.45 2.29
C HIS B 251 18.89 9.58 2.08
N ASP B 252 18.45 10.60 1.35
CA ASP B 252 17.02 10.84 1.12
C ASP B 252 16.56 9.99 -0.05
N TYR B 253 16.28 8.71 0.24
CA TYR B 253 15.82 7.82 -0.81
C TYR B 253 14.43 8.21 -1.29
N GLU B 254 13.54 8.56 -0.35
CA GLU B 254 12.19 8.96 -0.71
C GLU B 254 12.19 10.18 -1.61
N GLY B 255 13.01 11.19 -1.28
CA GLY B 255 13.11 12.35 -2.13
C GLY B 255 13.64 12.03 -3.52
N HIS B 256 14.59 11.09 -3.60
CA HIS B 256 15.08 10.67 -4.91
C HIS B 256 13.97 9.99 -5.71
N GLN B 257 13.14 9.17 -5.05
CA GLN B 257 12.00 8.58 -5.73
C GLN B 257 11.03 9.64 -6.23
N ARG B 258 10.73 10.65 -5.41
CA ARG B 258 9.84 11.73 -5.84
C ARG B 258 10.42 12.44 -7.07
N ILE B 259 11.72 12.68 -7.07
CA ILE B 259 12.37 13.30 -8.24
C ILE B 259 12.25 12.38 -9.45
N GLN B 260 12.62 11.11 -9.27
CA GLN B 260 12.57 10.15 -10.38
C GLN B 260 11.16 10.04 -10.93
N SER B 261 10.15 10.13 -10.06
CA SER B 261 8.75 10.02 -10.50
C SER B 261 8.36 11.10 -11.49
N LYS B 262 9.10 12.21 -11.54
CA LYS B 262 8.81 13.31 -12.47
C LYS B 262 9.65 13.26 -13.74
N LEU B 263 10.45 12.21 -13.94
CA LEU B 263 11.43 12.20 -15.01
C LEU B 263 11.29 10.97 -15.89
N ASN B 264 11.61 11.15 -17.17
CA ASN B 264 11.87 10.02 -18.06
C ASN B 264 13.33 9.59 -18.00
N VAL B 265 14.25 10.56 -18.04
CA VAL B 265 15.69 10.29 -17.89
C VAL B 265 15.93 9.58 -16.56
N PRO B 266 16.89 8.65 -16.47
CA PRO B 266 17.10 7.93 -15.20
C PRO B 266 17.81 8.79 -14.17
N VAL B 267 17.35 8.67 -12.93
CA VAL B 267 18.08 9.15 -11.76
C VAL B 267 19.14 8.11 -11.41
N GLN B 268 20.35 8.58 -11.12
CA GLN B 268 21.50 7.73 -10.87
C GLN B 268 22.05 8.03 -9.48
N MET B 269 22.35 6.99 -8.70
CA MET B 269 22.90 7.18 -7.37
C MET B 269 23.58 5.90 -6.91
N GLY B 270 24.23 5.98 -5.75
CA GLY B 270 24.76 4.79 -5.12
C GLY B 270 26.17 4.92 -4.58
N GLU B 271 26.92 5.91 -5.06
CA GLU B 271 28.31 6.06 -4.61
C GLU B 271 28.42 6.25 -3.11
N ASN B 272 27.36 6.66 -2.44
CA ASN B 272 27.41 6.92 -1.00
C ASN B 272 26.70 5.86 -0.16
N TRP B 273 26.20 4.80 -0.78
CA TRP B 273 25.73 3.65 -0.02
C TRP B 273 26.89 3.02 0.74
N LEU B 274 26.73 2.93 2.06
CA LEU B 274 27.70 2.26 2.91
C LEU B 274 27.15 0.87 3.17
N GLY B 275 27.54 -0.07 2.33
CA GLY B 275 27.11 -1.44 2.45
C GLY B 275 25.93 -1.76 1.55
N PRO B 276 25.80 -3.02 1.15
CA PRO B 276 24.66 -3.40 0.30
C PRO B 276 23.32 -3.18 0.97
N GLU B 277 23.30 -3.12 2.31
CA GLU B 277 22.05 -2.93 3.02
C GLU B 277 21.48 -1.54 2.76
N GLU B 278 22.33 -0.55 2.54
CA GLU B 278 21.84 0.77 2.17
CA GLU B 278 21.84 0.78 2.18
C GLU B 278 21.31 0.77 0.74
N MET B 279 22.02 0.09 -0.16
CA MET B 279 21.50 -0.09 -1.51
C MET B 279 20.14 -0.78 -1.48
N PHE B 280 19.97 -1.78 -0.59
CA PHE B 280 18.71 -2.50 -0.53
C PHE B 280 17.56 -1.59 -0.10
N LYS B 281 17.80 -0.70 0.86
CA LYS B 281 16.76 0.22 1.28
C LYS B 281 16.36 1.14 0.14
N ALA B 282 17.36 1.69 -0.56
CA ALA B 282 17.10 2.64 -1.64
C ALA B 282 16.34 1.97 -2.78
N LEU B 283 16.78 0.79 -3.20
CA LEU B 283 16.10 0.13 -4.32
C LEU B 283 14.70 -0.31 -3.93
N SER B 284 14.51 -0.73 -2.68
CA SER B 284 13.19 -1.22 -2.24
C SER B 284 12.12 -0.15 -2.37
N ILE B 285 12.47 1.12 -2.32
CA ILE B 285 11.46 2.16 -2.43
C ILE B 285 11.53 2.88 -3.78
N GLY B 286 12.38 2.42 -4.69
CA GLY B 286 12.38 2.96 -6.04
C GLY B 286 13.07 4.29 -6.19
N ALA B 287 14.18 4.50 -5.48
CA ALA B 287 14.83 5.80 -5.46
C ALA B 287 15.45 6.17 -6.80
N CYS B 288 15.75 5.19 -7.64
CA CYS B 288 16.59 5.44 -8.80
C CYS B 288 16.38 4.32 -9.81
N ARG B 289 16.59 4.63 -11.09
CA ARG B 289 16.54 3.60 -12.11
C ARG B 289 17.92 3.11 -12.53
N LEU B 290 18.99 3.76 -12.06
CA LEU B 290 20.35 3.29 -12.25
C LEU B 290 21.04 3.23 -10.89
N ALA B 291 22.07 2.37 -10.78
CA ALA B 291 22.89 2.30 -9.58
C ALA B 291 24.36 2.41 -9.95
N MET B 292 25.15 2.98 -9.03
CA MET B 292 26.62 3.02 -9.18
C MET B 292 27.28 2.92 -7.81
N PRO B 293 27.36 1.71 -7.25
CA PRO B 293 28.13 1.51 -6.02
C PRO B 293 29.57 1.96 -6.14
N ASP B 294 30.12 2.37 -5.01
CA ASP B 294 31.52 2.74 -4.86
C ASP B 294 32.25 1.54 -4.25
N ALA B 295 33.32 1.08 -4.91
CA ALA B 295 33.97 -0.16 -4.46
C ALA B 295 34.37 -0.08 -2.99
N MET B 296 34.80 1.10 -2.54
CA MET B 296 35.10 1.28 -1.12
C MET B 296 33.83 1.25 -0.29
N LYS B 297 32.90 2.17 -0.55
CA LYS B 297 31.80 2.32 0.41
C LYS B 297 30.88 1.10 0.41
N ILE B 298 30.75 0.39 -0.72
CA ILE B 298 29.82 -0.73 -0.76
C ILE B 298 30.32 -1.93 0.03
N GLY B 299 31.58 -1.94 0.44
CA GLY B 299 32.13 -3.06 1.17
C GLY B 299 33.18 -3.86 0.44
N GLY B 300 33.86 -3.29 -0.54
CA GLY B 300 34.89 -4.05 -1.20
C GLY B 300 34.30 -5.04 -2.19
N VAL B 301 35.12 -6.04 -2.55
CA VAL B 301 34.68 -7.08 -3.48
C VAL B 301 33.50 -7.83 -2.89
N THR B 302 33.61 -8.20 -1.61
CA THR B 302 32.55 -8.95 -0.94
C THR B 302 31.23 -8.18 -0.98
N GLY B 303 31.27 -6.87 -0.70
CA GLY B 303 30.05 -6.09 -0.79
C GLY B 303 29.59 -5.88 -2.21
N TRP B 304 30.55 -5.67 -3.13
CA TRP B 304 30.18 -5.50 -4.53
C TRP B 304 29.42 -6.70 -5.08
N ILE B 305 29.87 -7.91 -4.75
CA ILE B 305 29.21 -9.08 -5.34
C ILE B 305 27.77 -9.16 -4.84
N ARG B 306 27.54 -8.78 -3.58
CA ARG B 306 26.19 -8.74 -3.04
C ARG B 306 25.37 -7.63 -3.68
N ALA B 307 25.96 -6.45 -3.86
CA ALA B 307 25.27 -5.36 -4.55
C ALA B 307 24.88 -5.78 -5.97
N SER B 308 25.75 -6.52 -6.65
CA SER B 308 25.45 -6.98 -8.01
CA SER B 308 25.45 -6.97 -8.00
C SER B 308 24.25 -7.93 -8.02
N ALA B 309 24.17 -8.81 -7.02
CA ALA B 309 23.00 -9.68 -6.94
C ALA B 309 21.72 -8.87 -6.76
N LEU B 310 21.78 -7.80 -5.96
CA LEU B 310 20.59 -6.97 -5.74
C LEU B 310 20.19 -6.24 -7.01
N ALA B 311 21.16 -5.63 -7.70
CA ALA B 311 20.86 -4.88 -8.91
C ALA B 311 20.24 -5.77 -9.97
N GLN B 312 20.72 -7.01 -10.08
CA GLN B 312 20.15 -7.95 -11.05
C GLN B 312 18.68 -8.19 -10.77
N GLN B 313 18.34 -8.48 -9.51
CA GLN B 313 16.96 -8.84 -9.18
C GLN B 313 16.01 -7.64 -9.26
N PHE B 314 16.46 -6.46 -8.83
CA PHE B 314 15.69 -5.24 -8.98
C PHE B 314 15.69 -4.68 -10.39
N GLY B 315 16.42 -5.30 -11.32
CA GLY B 315 16.43 -4.84 -12.70
C GLY B 315 17.11 -3.48 -12.90
N ILE B 316 18.26 -3.28 -12.29
CA ILE B 316 18.95 -2.00 -12.25
C ILE B 316 20.30 -2.12 -12.96
N PRO B 317 20.51 -1.44 -14.08
CA PRO B 317 21.86 -1.38 -14.67
C PRO B 317 22.83 -0.73 -13.70
N MET B 318 23.99 -1.37 -13.52
CA MET B 318 24.88 -1.07 -12.41
C MET B 318 26.24 -0.61 -12.94
N SER B 319 26.61 0.62 -12.58
CA SER B 319 27.90 1.21 -12.92
C SER B 319 28.78 1.24 -11.68
N SER B 320 29.98 1.81 -11.84
CA SER B 320 30.93 1.99 -10.74
C SER B 320 31.15 3.46 -10.43
N HIS B 321 31.71 3.71 -9.25
CA HIS B 321 32.17 5.05 -8.85
CA HIS B 321 32.16 5.03 -8.84
C HIS B 321 33.59 4.92 -8.35
N LEU B 322 34.51 5.63 -9.01
CA LEU B 322 35.94 5.61 -8.66
C LEU B 322 36.50 4.19 -8.66
N PHE B 323 37.69 4.01 -8.08
CA PHE B 323 38.35 2.72 -7.99
C PHE B 323 38.31 1.96 -9.32
N GLN B 324 38.79 2.63 -10.37
CA GLN B 324 38.67 2.07 -11.71
C GLN B 324 39.53 0.81 -11.87
N GLU B 325 40.61 0.67 -11.10
CA GLU B 325 41.46 -0.52 -11.21
C GLU B 325 40.70 -1.78 -10.81
N ILE B 326 40.09 -1.79 -9.63
CA ILE B 326 39.35 -2.97 -9.23
C ILE B 326 37.99 -3.02 -9.92
N SER B 327 37.42 -1.86 -10.28
CA SER B 327 36.06 -1.84 -10.84
C SER B 327 36.01 -2.50 -12.20
N ALA B 328 37.11 -2.50 -12.95
CA ALA B 328 37.11 -3.20 -14.23
C ALA B 328 36.91 -4.70 -14.04
N HIS B 329 37.55 -5.27 -13.02
CA HIS B 329 37.34 -6.67 -12.68
C HIS B 329 35.90 -6.92 -12.24
N LEU B 330 35.40 -6.08 -11.32
CA LEU B 330 34.09 -6.32 -10.71
C LEU B 330 32.97 -6.24 -11.74
N LEU B 331 32.99 -5.21 -12.59
CA LEU B 331 31.92 -5.06 -13.58
C LEU B 331 31.90 -6.23 -14.55
N ALA B 332 33.07 -6.76 -14.90
CA ALA B 332 33.08 -7.93 -15.79
C ALA B 332 32.38 -9.13 -15.16
N ALA B 333 32.20 -9.16 -13.85
CA ALA B 333 31.42 -10.20 -13.19
C ALA B 333 30.02 -9.76 -12.80
N THR B 334 29.56 -8.60 -13.27
CA THR B 334 28.29 -8.02 -12.83
C THR B 334 27.23 -8.22 -13.89
N PRO B 335 26.16 -8.97 -13.62
CA PRO B 335 25.20 -9.28 -14.69
C PRO B 335 24.59 -8.05 -15.36
N THR B 336 24.35 -6.96 -14.63
CA THR B 336 23.78 -5.76 -15.22
C THR B 336 24.80 -4.64 -15.38
N ALA B 337 26.09 -5.00 -15.55
CA ALA B 337 27.15 -4.01 -15.69
C ALA B 337 26.80 -3.00 -16.77
N HIS B 338 27.01 -1.72 -16.47
CA HIS B 338 26.60 -0.62 -17.33
C HIS B 338 27.83 0.16 -17.79
N TRP B 339 28.29 1.11 -16.97
CA TRP B 339 29.45 1.93 -17.28
C TRP B 339 30.51 1.81 -16.19
N LEU B 340 31.77 2.01 -16.57
CA LEU B 340 32.86 2.22 -15.63
C LEU B 340 33.17 3.71 -15.57
N GLU B 341 33.35 4.25 -14.37
CA GLU B 341 33.75 5.65 -14.23
C GLU B 341 35.26 5.75 -14.32
N ARG B 342 35.75 6.48 -15.32
CA ARG B 342 37.17 6.76 -15.44
C ARG B 342 37.45 8.09 -14.74
N LEU B 343 38.05 8.00 -13.55
CA LEU B 343 38.51 9.17 -12.80
C LEU B 343 39.72 8.66 -12.02
N ASP B 344 40.91 9.00 -12.51
CA ASP B 344 42.14 8.31 -12.11
C ASP B 344 42.77 9.01 -10.89
N LEU B 345 42.14 8.81 -9.72
CA LEU B 345 42.60 9.48 -8.51
C LEU B 345 44.00 9.02 -8.11
N ALA B 346 44.29 7.74 -8.27
CA ALA B 346 45.52 7.14 -7.75
C ALA B 346 46.59 6.93 -8.82
N GLY B 347 46.43 7.55 -10.00
CA GLY B 347 47.36 7.32 -11.08
C GLY B 347 48.79 7.71 -10.76
N SER B 348 48.98 8.73 -9.92
CA SER B 348 50.34 9.16 -9.58
C SER B 348 51.09 8.13 -8.75
N VAL B 349 50.40 7.14 -8.16
CA VAL B 349 51.10 6.18 -7.31
C VAL B 349 50.84 4.73 -7.72
N ILE B 350 50.19 4.51 -8.86
CA ILE B 350 49.90 3.16 -9.35
C ILE B 350 50.27 3.07 -10.83
N GLU B 351 51.00 2.01 -11.18
CA GLU B 351 51.40 1.82 -12.58
C GLU B 351 50.16 1.71 -13.47
N PRO B 352 50.19 2.31 -14.64
CA PRO B 352 49.01 2.28 -15.53
C PRO B 352 48.85 0.95 -16.25
N THR B 353 48.62 -0.12 -15.48
CA THR B 353 48.39 -1.43 -16.09
C THR B 353 46.98 -1.54 -16.67
N LEU B 354 46.02 -0.80 -16.11
CA LEU B 354 44.71 -0.70 -16.75
C LEU B 354 44.81 0.21 -17.97
N THR B 355 44.23 -0.23 -19.09
CA THR B 355 44.28 0.52 -20.33
C THR B 355 42.88 0.73 -20.87
N PHE B 356 42.76 1.64 -21.83
CA PHE B 356 41.48 2.00 -22.43
C PHE B 356 41.61 1.96 -23.94
N GLU B 357 40.87 1.07 -24.58
CA GLU B 357 40.88 0.90 -26.03
C GLU B 357 39.49 1.20 -26.56
N GLY B 358 39.37 2.24 -27.39
CA GLY B 358 38.07 2.65 -27.90
C GLY B 358 37.10 3.05 -26.81
N GLY B 359 37.58 3.64 -25.73
CA GLY B 359 36.73 4.01 -24.62
C GLY B 359 36.40 2.89 -23.67
N ASN B 360 36.94 1.68 -23.89
CA ASN B 360 36.65 0.53 -23.05
C ASN B 360 37.82 0.26 -22.13
N ALA B 361 37.54 0.09 -20.84
CA ALA B 361 38.59 -0.35 -19.94
C ALA B 361 38.95 -1.79 -20.25
N VAL B 362 40.26 -2.07 -20.24
CA VAL B 362 40.80 -3.39 -20.58
C VAL B 362 41.56 -3.90 -19.36
N ILE B 363 41.06 -4.98 -18.77
CA ILE B 363 41.68 -5.56 -17.56
C ILE B 363 43.09 -6.05 -17.89
N PRO B 364 44.10 -5.76 -17.08
CA PRO B 364 45.45 -6.26 -17.39
C PRO B 364 45.57 -7.75 -17.09
N ASP B 365 46.45 -8.40 -17.85
CA ASP B 365 46.77 -9.80 -17.61
C ASP B 365 47.76 -9.87 -16.44
N LEU B 366 47.24 -9.64 -15.24
CA LEU B 366 48.01 -9.70 -14.01
C LEU B 366 47.17 -10.39 -12.94
N PRO B 367 47.81 -11.05 -11.98
CA PRO B 367 47.06 -11.73 -10.93
C PRO B 367 46.47 -10.75 -9.92
N GLY B 368 45.38 -11.16 -9.29
CA GLY B 368 44.69 -10.22 -8.44
C GLY B 368 44.17 -9.05 -9.23
N VAL B 369 44.30 -7.85 -8.68
CA VAL B 369 43.68 -6.66 -9.26
C VAL B 369 44.54 -6.03 -10.35
N GLY B 370 45.85 -6.29 -10.35
CA GLY B 370 46.74 -5.60 -11.27
C GLY B 370 47.31 -4.30 -10.74
N ILE B 371 47.34 -4.12 -9.42
CA ILE B 371 47.86 -2.91 -8.80
C ILE B 371 49.35 -3.12 -8.49
N ILE B 372 50.20 -2.22 -9.01
CA ILE B 372 51.63 -2.19 -8.70
C ILE B 372 51.97 -0.78 -8.24
N TRP B 373 52.54 -0.67 -7.03
CA TRP B 373 52.84 0.65 -6.47
C TRP B 373 53.97 1.33 -7.24
N ARG B 374 53.88 2.64 -7.40
CA ARG B 374 54.99 3.43 -7.93
C ARG B 374 55.82 3.89 -6.74
N GLU B 375 56.74 3.02 -6.30
CA GLU B 375 57.43 3.25 -5.03
C GLU B 375 58.29 4.51 -5.09
N LYS B 376 58.78 4.88 -6.26
CA LYS B 376 59.56 6.12 -6.36
C LYS B 376 58.68 7.35 -6.21
N GLU B 377 57.40 7.26 -6.62
CA GLU B 377 56.50 8.40 -6.53
C GLU B 377 55.86 8.55 -5.16
N ILE B 378 55.64 7.45 -4.43
CA ILE B 378 54.84 7.50 -3.21
C ILE B 378 55.49 8.39 -2.16
N GLY B 379 56.82 8.36 -2.07
CA GLY B 379 57.51 9.14 -1.06
C GLY B 379 57.28 10.63 -1.18
N LYS B 380 57.03 11.12 -2.41
CA LYS B 380 56.80 12.54 -2.60
C LYS B 380 55.53 13.04 -1.93
N TYR B 381 54.57 12.17 -1.64
CA TYR B 381 53.25 12.61 -1.19
C TYR B 381 52.90 12.13 0.22
N LEU B 382 53.83 11.51 0.94
CA LEU B 382 53.54 11.00 2.26
C LEU B 382 53.18 12.12 3.23
N VAL B 383 52.22 11.85 4.09
CA VAL B 383 51.70 12.82 5.04
C VAL B 383 52.71 13.13 6.14
N GLU C 27 41.85 -19.55 -21.29
CA GLU C 27 43.04 -20.22 -20.76
C GLU C 27 42.72 -21.66 -20.41
N VAL C 28 41.65 -21.89 -19.64
CA VAL C 28 41.13 -23.23 -19.42
C VAL C 28 39.79 -23.33 -20.15
N LEU C 29 39.67 -24.34 -21.00
CA LEU C 29 38.47 -24.54 -21.80
C LEU C 29 37.78 -25.84 -21.39
N ILE C 30 36.48 -25.90 -21.64
CA ILE C 30 35.73 -27.14 -21.54
C ILE C 30 36.03 -27.98 -22.77
N THR C 31 36.44 -29.23 -22.56
CA THR C 31 36.80 -30.10 -23.66
C THR C 31 35.85 -31.28 -23.86
N GLY C 32 34.94 -31.54 -22.92
CA GLY C 32 33.94 -32.57 -23.13
C GLY C 32 32.87 -32.49 -22.07
N LEU C 33 31.71 -33.06 -22.40
CA LEU C 33 30.61 -33.19 -21.46
C LEU C 33 30.06 -34.60 -21.56
N ARG C 34 30.03 -35.32 -20.44
CA ARG C 34 29.49 -36.67 -20.41
C ARG C 34 28.45 -36.81 -19.31
N THR C 35 27.34 -37.46 -19.65
CA THR C 35 26.22 -37.62 -18.71
C THR C 35 25.87 -39.10 -18.61
N ARG C 36 25.52 -39.54 -17.40
CA ARG C 36 25.09 -40.92 -17.16
C ARG C 36 23.79 -40.90 -16.37
N ALA C 37 22.75 -41.54 -16.90
CA ALA C 37 21.48 -41.63 -16.21
C ALA C 37 21.44 -42.90 -15.37
N VAL C 38 21.11 -42.74 -14.08
CA VAL C 38 21.06 -43.86 -13.16
C VAL C 38 19.76 -43.81 -12.37
N ASN C 39 19.32 -44.98 -11.93
CA ASN C 39 18.19 -45.16 -11.02
C ASN C 39 18.74 -45.90 -9.82
N VAL C 40 18.99 -45.16 -8.73
CA VAL C 40 19.83 -45.69 -7.66
C VAL C 40 18.98 -46.05 -6.44
N PRO C 41 19.43 -46.98 -5.60
CA PRO C 41 18.58 -47.47 -4.51
C PRO C 41 18.63 -46.58 -3.28
N LEU C 42 17.51 -46.56 -2.57
CA LEU C 42 17.38 -45.81 -1.33
C LEU C 42 17.06 -46.79 -0.20
N ALA C 43 17.85 -46.68 0.88
CA ALA C 43 17.57 -47.49 2.06
C ALA C 43 16.13 -47.33 2.52
N TYR C 44 15.62 -46.10 2.46
CA TYR C 44 14.22 -45.83 2.76
C TYR C 44 13.63 -45.02 1.62
N PRO C 45 12.57 -45.51 0.97
CA PRO C 45 11.83 -44.67 0.01
C PRO C 45 11.46 -43.35 0.65
N VAL C 46 11.44 -42.29 -0.17
CA VAL C 46 11.01 -40.98 0.31
C VAL C 46 9.51 -40.89 0.00
N HIS C 47 8.70 -41.35 0.96
CA HIS C 47 7.26 -41.14 0.91
C HIS C 47 6.92 -39.68 1.20
N THR C 48 6.00 -39.11 0.42
CA THR C 48 5.50 -37.77 0.64
C THR C 48 3.98 -37.78 0.53
N ALA C 49 3.34 -36.72 1.03
CA ALA C 49 1.89 -36.62 0.95
C ALA C 49 1.38 -36.67 -0.48
N VAL C 50 2.22 -36.40 -1.48
CA VAL C 50 1.78 -36.35 -2.85
C VAL C 50 2.41 -37.46 -3.70
N GLY C 51 2.92 -38.51 -3.07
CA GLY C 51 3.50 -39.63 -3.79
C GLY C 51 4.89 -39.97 -3.29
N THR C 52 5.35 -41.14 -3.71
CA THR C 52 6.58 -41.73 -3.18
C THR C 52 7.68 -41.69 -4.23
N VAL C 53 8.86 -41.25 -3.81
CA VAL C 53 10.10 -41.41 -4.56
C VAL C 53 10.76 -42.66 -4.01
N GLY C 54 10.67 -43.78 -4.75
CA GLY C 54 11.19 -45.06 -4.29
C GLY C 54 12.63 -45.29 -4.68
N THR C 55 13.03 -44.75 -5.83
CA THR C 55 14.41 -44.78 -6.28
C THR C 55 14.78 -43.36 -6.67
N ALA C 56 16.07 -43.08 -6.66
CA ALA C 56 16.50 -41.74 -7.03
C ALA C 56 16.92 -41.74 -8.49
N PRO C 57 16.16 -41.14 -9.39
CA PRO C 57 16.63 -40.98 -10.77
C PRO C 57 17.59 -39.81 -10.86
N LEU C 58 18.87 -40.10 -11.11
CA LEU C 58 19.92 -39.09 -11.16
C LEU C 58 20.58 -39.04 -12.54
N VAL C 59 21.07 -37.87 -12.90
CA VAL C 59 21.98 -37.72 -14.03
C VAL C 59 23.34 -37.29 -13.48
N LEU C 60 24.36 -38.13 -13.69
CA LEU C 60 25.73 -37.85 -13.28
C LEU C 60 26.46 -37.11 -14.40
N ILE C 61 27.17 -36.03 -14.05
CA ILE C 61 27.73 -35.11 -15.04
C ILE C 61 29.25 -35.06 -14.88
N ASP C 62 29.98 -35.25 -15.99
CA ASP C 62 31.43 -35.10 -16.05
C ASP C 62 31.80 -34.02 -17.05
N LEU C 63 32.50 -32.98 -16.58
CA LEU C 63 32.90 -31.84 -17.41
C LEU C 63 34.42 -31.88 -17.58
N ALA C 64 34.88 -32.38 -18.72
CA ALA C 64 36.31 -32.46 -18.99
C ALA C 64 36.84 -31.10 -19.41
N THR C 65 38.09 -30.80 -19.02
CA THR C 65 38.71 -29.52 -19.28
C THR C 65 40.09 -29.68 -19.90
N SER C 66 40.55 -28.60 -20.56
CA SER C 66 41.88 -28.52 -21.11
C SER C 66 42.97 -28.46 -20.04
N ALA C 67 42.59 -28.38 -18.75
CA ALA C 67 43.53 -28.50 -17.66
C ALA C 67 43.63 -29.93 -17.15
N GLY C 68 42.98 -30.87 -17.82
CA GLY C 68 43.01 -32.28 -17.43
C GLY C 68 42.02 -32.68 -16.33
N VAL C 69 41.79 -31.81 -15.35
CA VAL C 69 40.82 -32.12 -14.30
C VAL C 69 39.42 -32.21 -14.90
N VAL C 70 38.56 -33.01 -14.25
CA VAL C 70 37.18 -33.21 -14.66
C VAL C 70 36.25 -32.73 -13.55
N GLY C 71 35.34 -31.83 -13.89
CA GLY C 71 34.31 -31.42 -12.93
C GLY C 71 33.21 -32.47 -12.83
N HIS C 72 32.78 -32.73 -11.60
CA HIS C 72 31.70 -33.67 -11.33
C HIS C 72 30.53 -32.98 -10.65
N SER C 73 29.31 -33.34 -11.06
CA SER C 73 28.08 -32.92 -10.41
C SER C 73 27.00 -33.94 -10.75
N TYR C 74 25.81 -33.78 -10.17
CA TYR C 74 24.68 -34.59 -10.54
C TYR C 74 23.39 -33.80 -10.35
N LEU C 75 22.33 -34.26 -11.01
CA LEU C 75 20.99 -33.70 -10.91
C LEU C 75 20.03 -34.76 -10.41
N PHE C 76 18.96 -34.30 -9.77
CA PHE C 76 17.89 -35.15 -9.27
C PHE C 76 16.67 -34.89 -10.13
N ALA C 77 16.20 -35.92 -10.85
CA ALA C 77 15.09 -35.77 -11.78
C ALA C 77 13.73 -35.92 -11.11
N TYR C 78 13.69 -36.37 -9.85
CA TYR C 78 12.48 -36.46 -9.03
C TYR C 78 11.61 -37.63 -9.44
N THR C 79 11.24 -37.71 -10.72
CA THR C 79 10.49 -38.86 -11.22
C THR C 79 11.25 -39.51 -12.37
N PRO C 80 11.26 -40.84 -12.45
CA PRO C 80 11.90 -41.49 -13.60
C PRO C 80 11.30 -41.05 -14.94
N VAL C 81 10.07 -40.52 -14.94
CA VAL C 81 9.45 -40.05 -16.17
C VAL C 81 10.29 -38.98 -16.85
N ALA C 82 11.00 -38.17 -16.06
CA ALA C 82 11.81 -37.07 -16.60
C ALA C 82 13.27 -37.45 -16.83
N LEU C 83 13.67 -38.68 -16.53
CA LEU C 83 15.10 -38.99 -16.43
C LEU C 83 15.77 -39.01 -17.81
N LYS C 84 15.24 -39.78 -18.77
CA LYS C 84 15.87 -39.81 -20.09
C LYS C 84 15.79 -38.45 -20.78
N SER C 85 14.68 -37.73 -20.59
CA SER C 85 14.54 -36.40 -21.18
C SER C 85 15.62 -35.44 -20.69
N LEU C 86 15.91 -35.46 -19.39
CA LEU C 86 16.94 -34.58 -18.82
C LEU C 86 18.33 -34.91 -19.35
N LYS C 87 18.66 -36.21 -19.44
CA LYS C 87 19.95 -36.58 -20.01
C LYS C 87 20.03 -36.20 -21.49
N GLN C 88 18.94 -36.44 -22.24
CA GLN C 88 18.93 -36.07 -23.65
C GLN C 88 19.14 -34.57 -23.81
N LEU C 89 18.47 -33.77 -22.99
CA LEU C 89 18.65 -32.32 -23.00
C LEU C 89 20.11 -31.95 -22.78
N LEU C 90 20.74 -32.54 -21.76
CA LEU C 90 22.11 -32.20 -21.43
C LEU C 90 23.06 -32.56 -22.58
N ASP C 91 22.86 -33.73 -23.18
CA ASP C 91 23.71 -34.14 -24.30
C ASP C 91 23.59 -33.19 -25.48
N ASP C 92 22.39 -32.68 -25.75
CA ASP C 92 22.24 -31.73 -26.84
C ASP C 92 22.72 -30.32 -26.46
N MET C 93 22.89 -30.04 -25.17
CA MET C 93 23.49 -28.79 -24.73
C MET C 93 25.03 -28.81 -24.80
N ALA C 94 25.64 -30.00 -24.92
CA ALA C 94 27.10 -30.07 -24.97
C ALA C 94 27.68 -29.15 -26.03
N ALA C 95 27.01 -29.03 -27.18
CA ALA C 95 27.51 -28.18 -28.26
C ALA C 95 27.61 -26.72 -27.83
N MET C 96 26.81 -26.30 -26.86
CA MET C 96 26.86 -24.91 -26.43
C MET C 96 28.02 -24.61 -25.49
N ILE C 97 28.60 -25.61 -24.83
CA ILE C 97 29.60 -25.31 -23.82
C ILE C 97 30.98 -25.86 -24.15
N VAL C 98 31.06 -26.95 -24.92
CA VAL C 98 32.38 -27.48 -25.27
C VAL C 98 33.14 -26.42 -26.06
N ASN C 99 34.40 -26.21 -25.69
CA ASN C 99 35.32 -25.21 -26.25
C ASN C 99 35.05 -23.82 -25.68
N GLU C 100 34.11 -23.66 -24.74
CA GLU C 100 33.96 -22.39 -24.04
C GLU C 100 34.91 -22.32 -22.86
N PRO C 101 35.32 -21.10 -22.45
CA PRO C 101 36.15 -20.98 -21.24
C PRO C 101 35.45 -21.55 -20.03
N LEU C 102 36.25 -22.06 -19.09
CA LEU C 102 35.72 -22.58 -17.82
C LEU C 102 35.53 -21.40 -16.88
N ALA C 103 34.44 -20.67 -17.12
CA ALA C 103 34.11 -19.49 -16.33
C ALA C 103 32.62 -19.60 -16.05
N PRO C 104 32.26 -20.18 -14.90
CA PRO C 104 30.85 -20.53 -14.65
C PRO C 104 29.88 -19.37 -14.74
N VAL C 105 30.27 -18.20 -14.23
CA VAL C 105 29.37 -17.06 -14.23
C VAL C 105 29.10 -16.62 -15.67
N SER C 106 30.14 -16.59 -16.51
CA SER C 106 29.94 -16.23 -17.91
C SER C 106 29.17 -17.32 -18.64
N LEU C 107 29.44 -18.60 -18.30
CA LEU C 107 28.68 -19.67 -18.94
CA LEU C 107 28.68 -19.71 -18.87
C LEU C 107 27.19 -19.55 -18.60
N GLU C 108 26.85 -19.18 -17.36
CA GLU C 108 25.46 -19.03 -16.97
C GLU C 108 24.79 -17.91 -17.73
N ALA C 109 25.47 -16.77 -17.89
CA ALA C 109 24.89 -15.68 -18.67
C ALA C 109 24.59 -16.12 -20.09
N MET C 110 25.50 -16.90 -20.70
CA MET C 110 25.28 -17.38 -22.06
C MET C 110 24.08 -18.31 -22.14
N LEU C 111 23.98 -19.25 -21.19
CA LEU C 111 22.86 -20.18 -21.21
C LEU C 111 21.54 -19.45 -21.00
N ALA C 112 21.50 -18.51 -20.04
CA ALA C 112 20.29 -17.71 -19.82
C ALA C 112 19.82 -17.06 -21.12
N LYS C 113 20.75 -16.47 -21.87
CA LYS C 113 20.39 -15.79 -23.11
C LYS C 113 19.92 -16.77 -24.19
N ARG C 114 20.63 -17.89 -24.34
CA ARG C 114 20.28 -18.81 -25.41
C ARG C 114 18.93 -19.47 -25.19
N PHE C 115 18.48 -19.58 -23.94
CA PHE C 115 17.21 -20.22 -23.64
C PHE C 115 16.10 -19.24 -23.32
N CYS C 116 16.29 -17.95 -23.58
CA CYS C 116 15.30 -16.98 -23.13
C CYS C 116 14.00 -17.05 -23.93
N LEU C 117 14.00 -17.64 -25.12
CA LEU C 117 12.74 -17.81 -25.85
C LEU C 117 12.05 -19.11 -25.46
N ALA C 118 12.82 -20.18 -25.29
CA ALA C 118 12.26 -21.46 -24.91
C ALA C 118 11.74 -21.47 -23.47
N GLY C 119 12.30 -20.65 -22.60
CA GLY C 119 11.93 -20.67 -21.20
C GLY C 119 13.03 -21.20 -20.30
N TYR C 120 13.79 -20.28 -19.71
CA TYR C 120 14.95 -20.62 -18.88
C TYR C 120 14.47 -21.02 -17.48
N THR C 121 13.79 -22.16 -17.42
CA THR C 121 13.17 -22.65 -16.19
C THR C 121 13.03 -24.15 -16.31
N GLY C 122 12.44 -24.77 -15.29
CA GLY C 122 12.14 -26.18 -15.33
C GLY C 122 13.37 -27.02 -15.64
N LEU C 123 13.19 -28.00 -16.54
CA LEU C 123 14.25 -28.96 -16.83
C LEU C 123 15.45 -28.28 -17.47
N ILE C 124 15.21 -27.27 -18.32
CA ILE C 124 16.31 -26.54 -18.93
C ILE C 124 17.14 -25.83 -17.86
N ARG C 125 16.49 -25.21 -16.89
CA ARG C 125 17.23 -24.53 -15.83
C ARG C 125 17.98 -25.53 -14.95
N MET C 126 17.40 -26.71 -14.70
CA MET C 126 18.09 -27.70 -13.88
C MET C 126 19.34 -28.22 -14.60
N ALA C 127 19.25 -28.41 -15.91
CA ALA C 127 20.41 -28.80 -16.72
C ALA C 127 21.53 -27.78 -16.64
N ALA C 128 21.20 -26.49 -16.82
CA ALA C 128 22.21 -25.44 -16.69
C ALA C 128 22.81 -25.41 -15.29
N ALA C 129 22.00 -25.70 -14.27
CA ALA C 129 22.55 -25.80 -12.91
C ALA C 129 23.48 -26.99 -12.75
N GLY C 130 23.22 -28.09 -13.46
CA GLY C 130 24.15 -29.21 -13.38
C GLY C 130 25.48 -28.88 -14.02
N ILE C 131 25.44 -28.15 -15.14
CA ILE C 131 26.68 -27.67 -15.76
C ILE C 131 27.40 -26.71 -14.82
N ASP C 132 26.66 -25.76 -14.23
CA ASP C 132 27.29 -24.78 -13.35
C ASP C 132 28.03 -25.45 -12.20
N MET C 133 27.37 -26.43 -11.55
CA MET C 133 27.97 -27.09 -10.39
C MET C 133 29.19 -27.92 -10.79
N ALA C 134 29.15 -28.54 -11.97
CA ALA C 134 30.34 -29.24 -12.43
C ALA C 134 31.45 -28.26 -12.81
N ALA C 135 31.08 -27.11 -13.37
CA ALA C 135 32.11 -26.14 -13.77
C ALA C 135 32.83 -25.56 -12.56
N TRP C 136 32.08 -25.27 -11.49
CA TRP C 136 32.71 -24.76 -10.27
C TRP C 136 33.58 -25.82 -9.59
N ASP C 137 33.15 -27.09 -9.63
CA ASP C 137 34.00 -28.16 -9.11
C ASP C 137 35.32 -28.21 -9.86
N ALA C 138 35.25 -28.12 -11.20
CA ALA C 138 36.45 -28.12 -12.03
C ALA C 138 37.33 -26.92 -11.72
N LEU C 139 36.71 -25.74 -11.53
CA LEU C 139 37.50 -24.55 -11.25
C LEU C 139 38.22 -24.66 -9.92
N GLY C 140 37.57 -25.26 -8.91
CA GLY C 140 38.28 -25.54 -7.67
C GLY C 140 39.44 -26.50 -7.90
N LYS C 141 39.25 -27.47 -8.79
CA LYS C 141 40.32 -28.43 -9.08
C LYS C 141 41.48 -27.76 -9.81
N VAL C 142 41.18 -26.86 -10.75
CA VAL C 142 42.23 -26.08 -11.42
C VAL C 142 43.10 -25.38 -10.38
N HIS C 143 42.49 -24.81 -9.35
CA HIS C 143 43.21 -24.06 -8.34
C HIS C 143 43.57 -24.89 -7.11
N GLU C 144 43.40 -26.21 -7.18
CA GLU C 144 43.79 -27.14 -6.12
C GLU C 144 43.30 -26.68 -4.75
N THR C 145 42.03 -26.26 -4.70
CA THR C 145 41.49 -25.74 -3.45
C THR C 145 40.02 -26.12 -3.28
N PRO C 146 39.56 -26.40 -2.06
CA PRO C 146 38.14 -26.74 -1.88
C PRO C 146 37.27 -25.58 -2.30
N LEU C 147 36.06 -25.91 -2.77
CA LEU C 147 35.16 -24.88 -3.30
C LEU C 147 34.91 -23.77 -2.28
N VAL C 148 34.69 -24.13 -1.01
CA VAL C 148 34.41 -23.10 0.01
C VAL C 148 35.51 -22.05 0.04
N LYS C 149 36.77 -22.49 -0.07
CA LYS C 149 37.91 -21.57 -0.01
C LYS C 149 38.02 -20.74 -1.27
N LEU C 150 37.68 -21.33 -2.41
CA LEU C 150 37.66 -20.59 -3.67
C LEU C 150 36.63 -19.47 -3.61
N LEU C 151 35.54 -19.68 -2.89
CA LEU C 151 34.52 -18.66 -2.75
C LEU C 151 34.89 -17.63 -1.68
N GLY C 152 36.04 -17.78 -1.02
CA GLY C 152 36.53 -16.76 -0.12
C GLY C 152 36.18 -16.95 1.33
N ALA C 153 35.75 -18.14 1.73
CA ALA C 153 35.26 -18.40 3.07
C ALA C 153 36.06 -19.53 3.71
N ASN C 154 36.08 -19.55 5.05
CA ASN C 154 36.64 -20.69 5.75
C ASN C 154 35.64 -21.83 5.76
N ALA C 155 36.15 -23.05 5.66
CA ALA C 155 35.31 -24.20 5.94
C ALA C 155 34.92 -24.17 7.40
N ARG C 156 33.65 -24.42 7.67
CA ARG C 156 33.14 -24.47 9.03
C ARG C 156 32.13 -25.61 9.05
N PRO C 157 32.04 -26.35 10.15
CA PRO C 157 30.99 -27.38 10.24
C PRO C 157 29.63 -26.73 10.26
N VAL C 158 28.65 -27.39 9.66
CA VAL C 158 27.30 -26.86 9.61
C VAL C 158 26.34 -27.91 10.13
N GLN C 159 25.51 -27.50 11.09
CA GLN C 159 24.55 -28.39 11.71
C GLN C 159 23.63 -28.96 10.64
N ALA C 160 23.33 -30.24 10.77
CA ALA C 160 22.53 -30.95 9.79
C ALA C 160 21.39 -31.65 10.50
N TYR C 161 20.24 -31.71 9.83
CA TYR C 161 19.12 -32.51 10.32
C TYR C 161 19.00 -33.75 9.46
N ASP C 162 18.63 -34.87 10.10
CA ASP C 162 18.46 -36.12 9.38
C ASP C 162 17.05 -36.14 8.80
N SER C 163 16.95 -36.11 7.46
CA SER C 163 15.70 -35.90 6.77
C SER C 163 15.05 -37.24 6.45
N HIS C 164 13.85 -37.48 6.99
CA HIS C 164 13.11 -38.73 6.81
C HIS C 164 11.94 -38.49 5.86
N SER C 165 10.86 -39.25 6.01
CA SER C 165 9.75 -39.11 5.05
C SER C 165 8.43 -39.44 5.74
N LEU C 166 7.39 -39.69 4.94
CA LEU C 166 6.06 -39.98 5.47
C LEU C 166 6.04 -41.46 5.86
N ASP C 167 6.51 -41.73 7.08
CA ASP C 167 6.95 -43.07 7.44
C ASP C 167 5.97 -43.82 8.33
N GLY C 168 4.92 -43.16 8.81
CA GLY C 168 4.06 -43.74 9.83
C GLY C 168 4.71 -43.69 11.20
N VAL C 169 3.87 -43.84 12.22
CA VAL C 169 4.31 -43.63 13.61
C VAL C 169 5.53 -44.49 13.93
N LYS C 170 5.45 -45.78 13.64
CA LYS C 170 6.47 -46.72 14.11
C LYS C 170 7.83 -46.43 13.46
N LEU C 171 7.88 -46.39 12.13
CA LEU C 171 9.17 -46.18 11.47
C LEU C 171 9.71 -44.78 11.73
N ALA C 172 8.84 -43.77 11.71
CA ALA C 172 9.29 -42.41 11.97
C ALA C 172 9.97 -42.30 13.32
N THR C 173 9.43 -42.97 14.34
CA THR C 173 10.01 -42.92 15.67
C THR C 173 11.32 -43.70 15.72
N GLU C 174 11.36 -44.87 15.08
CA GLU C 174 12.60 -45.65 15.04
C GLU C 174 13.72 -44.87 14.35
N ARG C 175 13.40 -44.22 13.22
CA ARG C 175 14.41 -43.45 12.52
C ARG C 175 14.88 -42.25 13.34
N ALA C 176 13.96 -41.58 14.05
CA ALA C 176 14.38 -40.47 14.90
C ALA C 176 15.35 -40.93 15.98
N VAL C 177 15.08 -42.08 16.60
CA VAL C 177 15.97 -42.58 17.65
C VAL C 177 17.35 -42.88 17.06
N THR C 178 17.38 -43.55 15.91
CA THR C 178 18.65 -43.84 15.24
C THR C 178 19.39 -42.56 14.87
N ALA C 179 18.66 -41.55 14.37
CA ALA C 179 19.31 -40.29 14.04
C ALA C 179 19.93 -39.65 15.27
N ALA C 180 19.20 -39.63 16.40
CA ALA C 180 19.75 -39.06 17.62
C ALA C 180 20.98 -39.84 18.08
N GLU C 181 20.94 -41.17 17.95
CA GLU C 181 22.09 -41.98 18.31
C GLU C 181 23.31 -41.66 17.44
N LEU C 182 23.09 -41.27 16.19
CA LEU C 182 24.19 -40.90 15.29
C LEU C 182 24.72 -39.48 15.53
N GLY C 183 24.11 -38.70 16.41
CA GLY C 183 24.60 -37.38 16.76
C GLY C 183 23.81 -36.22 16.19
N PHE C 184 22.84 -36.46 15.31
CA PHE C 184 22.01 -35.37 14.81
C PHE C 184 21.20 -34.77 15.95
N ARG C 185 21.05 -33.45 15.93
CA ARG C 185 20.24 -32.76 16.93
C ARG C 185 18.86 -32.40 16.41
N ALA C 186 18.47 -32.92 15.25
CA ALA C 186 17.16 -32.61 14.68
C ALA C 186 16.86 -33.61 13.59
N VAL C 187 15.56 -33.83 13.35
CA VAL C 187 15.09 -34.62 12.22
C VAL C 187 13.97 -33.87 11.50
N LYS C 188 13.73 -34.26 10.26
CA LYS C 188 12.57 -33.77 9.54
C LYS C 188 11.75 -34.98 9.12
N THR C 189 10.46 -34.92 9.41
CA THR C 189 9.53 -35.93 8.94
C THR C 189 8.58 -35.26 7.96
N LYS C 190 8.07 -36.05 7.02
CA LYS C 190 7.13 -35.56 6.03
C LYS C 190 5.73 -35.98 6.45
N ILE C 191 4.79 -35.02 6.45
CA ILE C 191 3.45 -35.27 6.97
C ILE C 191 2.38 -34.86 5.97
N GLY C 192 1.13 -34.85 6.42
CA GLY C 192 0.04 -34.69 5.49
C GLY C 192 -0.70 -36.00 5.30
N TYR C 193 -0.86 -36.75 6.40
CA TYR C 193 -1.69 -37.95 6.43
C TYR C 193 -3.13 -37.51 6.21
N PRO C 194 -4.04 -38.45 5.91
CA PRO C 194 -5.45 -38.05 5.71
C PRO C 194 -6.04 -37.23 6.86
N ALA C 195 -5.71 -37.53 8.11
CA ALA C 195 -6.26 -36.85 9.27
C ALA C 195 -5.17 -36.05 9.99
N LEU C 196 -5.51 -34.85 10.44
CA LEU C 196 -4.58 -34.08 11.25
C LEU C 196 -4.14 -34.85 12.49
N ASP C 197 -5.05 -35.65 13.08
CA ASP C 197 -4.67 -36.44 14.26
C ASP C 197 -3.52 -37.39 13.96
N GLN C 198 -3.40 -37.84 12.71
CA GLN C 198 -2.29 -38.72 12.36
C GLN C 198 -0.97 -37.94 12.27
N ASP C 199 -1.00 -36.74 11.67
CA ASP C 199 0.15 -35.84 11.74
C ASP C 199 0.61 -35.69 13.17
N LEU C 200 -0.32 -35.39 14.07
CA LEU C 200 0.03 -35.07 15.44
C LEU C 200 0.57 -36.30 16.17
N ALA C 201 -0.01 -37.48 15.89
CA ALA C 201 0.44 -38.70 16.51
C ALA C 201 1.92 -38.99 16.19
N VAL C 202 2.32 -38.76 14.95
CA VAL C 202 3.71 -38.98 14.57
C VAL C 202 4.63 -38.01 15.30
N VAL C 203 4.28 -36.72 15.31
CA VAL C 203 5.12 -35.72 15.97
C VAL C 203 5.25 -36.03 17.45
N ARG C 204 4.15 -36.39 18.10
CA ARG C 204 4.19 -36.69 19.54
C ARG C 204 5.06 -37.89 19.84
N SER C 205 4.97 -38.93 19.00
CA SER C 205 5.77 -40.14 19.21
C SER C 205 7.25 -39.86 19.02
N ILE C 206 7.61 -39.11 17.97
CA ILE C 206 9.01 -38.68 17.80
C ILE C 206 9.47 -37.90 19.02
N ARG C 207 8.66 -36.91 19.45
CA ARG C 207 9.07 -36.03 20.54
C ARG C 207 9.33 -36.83 21.82
N GLN C 208 8.46 -37.77 22.15
CA GLN C 208 8.69 -38.64 23.31
C GLN C 208 10.03 -39.36 23.19
N ALA C 209 10.38 -39.83 21.99
CA ALA C 209 11.60 -40.61 21.81
C ALA C 209 12.87 -39.75 21.81
N VAL C 210 12.80 -38.47 21.44
CA VAL C 210 14.00 -37.65 21.27
C VAL C 210 14.16 -36.61 22.37
N GLY C 211 13.11 -36.29 23.12
CA GLY C 211 13.18 -35.30 24.18
C GLY C 211 12.90 -33.90 23.69
N ASP C 212 12.87 -32.97 24.66
CA ASP C 212 12.49 -31.59 24.39
C ASP C 212 13.61 -30.78 23.72
N ASP C 213 14.86 -31.14 23.95
CA ASP C 213 15.99 -30.38 23.40
C ASP C 213 16.44 -30.98 22.08
N PHE C 214 15.54 -30.92 21.09
CA PHE C 214 15.70 -31.64 19.84
C PHE C 214 14.78 -31.03 18.79
N GLY C 215 15.28 -30.85 17.57
CA GLY C 215 14.49 -30.23 16.52
C GLY C 215 13.65 -31.27 15.78
N ILE C 216 12.39 -30.91 15.51
CA ILE C 216 11.49 -31.71 14.68
C ILE C 216 10.95 -30.80 13.60
N MET C 217 11.51 -30.87 12.40
CA MET C 217 10.95 -30.17 11.25
C MET C 217 9.87 -31.05 10.62
N VAL C 218 8.86 -30.41 10.05
CA VAL C 218 7.79 -31.13 9.36
C VAL C 218 7.59 -30.50 7.98
N ASP C 219 7.15 -31.33 7.03
CA ASP C 219 7.11 -30.97 5.61
C ASP C 219 5.83 -31.55 5.01
N TYR C 220 4.95 -30.66 4.52
CA TYR C 220 3.67 -31.05 3.93
C TYR C 220 3.76 -31.30 2.44
N ASN C 221 4.89 -30.94 1.81
CA ASN C 221 5.09 -31.15 0.37
C ASN C 221 3.88 -30.66 -0.45
N GLN C 222 3.43 -29.42 -0.15
CA GLN C 222 2.42 -28.70 -0.91
C GLN C 222 1.03 -29.32 -0.80
N SER C 223 0.75 -30.14 0.20
CA SER C 223 -0.41 -30.99 0.11
C SER C 223 -1.70 -30.35 0.64
N LEU C 224 -1.65 -29.13 1.18
CA LEU C 224 -2.81 -28.52 1.81
C LEU C 224 -3.23 -27.25 1.10
N ASP C 225 -4.54 -26.97 1.12
CA ASP C 225 -5.01 -25.63 0.79
C ASP C 225 -4.79 -24.69 1.99
N VAL C 226 -4.93 -23.38 1.74
CA VAL C 226 -4.57 -22.37 2.75
C VAL C 226 -5.36 -22.55 4.05
N PRO C 227 -6.70 -22.70 4.05
CA PRO C 227 -7.40 -22.92 5.33
C PRO C 227 -6.97 -24.17 6.07
N ALA C 228 -6.79 -25.30 5.37
CA ALA C 228 -6.33 -26.52 6.03
C ALA C 228 -4.93 -26.32 6.61
N ALA C 229 -4.05 -25.64 5.87
CA ALA C 229 -2.70 -25.37 6.36
C ALA C 229 -2.74 -24.54 7.64
N ILE C 230 -3.57 -23.48 7.66
CA ILE C 230 -3.70 -22.67 8.88
C ILE C 230 -4.14 -23.55 10.05
N LYS C 231 -5.15 -24.39 9.82
CA LYS C 231 -5.68 -25.22 10.90
C LYS C 231 -4.67 -26.24 11.38
N ARG C 232 -4.06 -26.99 10.45
CA ARG C 232 -3.10 -28.00 10.86
C ARG C 232 -1.86 -27.35 11.48
N SER C 233 -1.40 -26.24 10.90
CA SER C 233 -0.17 -25.62 11.40
C SER C 233 -0.34 -25.06 12.81
N GLN C 234 -1.52 -24.51 13.12
CA GLN C 234 -1.71 -23.98 14.47
C GLN C 234 -1.77 -25.11 15.49
N ALA C 235 -2.29 -26.27 15.09
CA ALA C 235 -2.22 -27.44 15.96
C ALA C 235 -0.78 -27.90 16.14
N LEU C 236 -0.01 -27.95 15.04
CA LEU C 236 1.39 -28.37 15.13
C LEU C 236 2.20 -27.40 15.96
N GLN C 237 1.86 -26.12 15.89
CA GLN C 237 2.57 -25.11 16.66
C GLN C 237 2.34 -25.30 18.15
N GLN C 238 1.10 -25.62 18.53
CA GLN C 238 0.80 -25.94 19.93
C GLN C 238 1.58 -27.16 20.39
N GLU C 239 1.78 -28.14 19.49
CA GLU C 239 2.52 -29.33 19.83
C GLU C 239 4.00 -29.02 20.03
N GLY C 240 4.55 -28.13 19.21
CA GLY C 240 5.96 -27.80 19.25
C GLY C 240 6.75 -28.44 18.12
N VAL C 241 6.96 -27.67 17.05
CA VAL C 241 7.75 -28.12 15.90
C VAL C 241 8.72 -26.99 15.54
N THR C 242 9.74 -27.34 14.77
CA THR C 242 10.82 -26.41 14.45
C THR C 242 10.50 -25.50 13.26
N TRP C 243 9.89 -26.05 12.22
CA TRP C 243 9.36 -25.23 11.13
C TRP C 243 8.31 -26.05 10.38
N ILE C 244 7.52 -25.35 9.57
CA ILE C 244 6.49 -25.99 8.75
C ILE C 244 6.84 -25.70 7.30
N GLU C 245 7.17 -26.75 6.55
CA GLU C 245 7.74 -26.64 5.22
C GLU C 245 6.68 -26.88 4.14
N GLU C 246 6.69 -26.03 3.10
CA GLU C 246 5.78 -26.06 1.96
C GLU C 246 4.37 -26.52 2.33
N PRO C 247 3.65 -25.76 3.16
CA PRO C 247 2.29 -26.16 3.53
C PRO C 247 1.33 -26.23 2.33
N THR C 248 1.50 -25.36 1.31
CA THR C 248 0.58 -25.35 0.16
C THR C 248 1.36 -25.30 -1.15
N LEU C 249 0.66 -25.14 -2.28
CA LEU C 249 1.29 -25.16 -3.61
C LEU C 249 2.49 -24.24 -3.66
N GLN C 250 3.62 -24.76 -4.21
CA GLN C 250 4.90 -24.06 -4.05
C GLN C 250 4.89 -22.71 -4.74
N HIS C 251 4.16 -22.55 -5.83
CA HIS C 251 4.16 -21.28 -6.55
C HIS C 251 3.24 -20.24 -5.91
N ASP C 252 2.43 -20.63 -4.93
CA ASP C 252 1.47 -19.72 -4.30
C ASP C 252 2.16 -18.97 -3.16
N TYR C 253 2.95 -17.96 -3.53
CA TYR C 253 3.64 -17.17 -2.52
C TYR C 253 2.65 -16.38 -1.66
N GLU C 254 1.60 -15.85 -2.28
CA GLU C 254 0.58 -15.13 -1.53
C GLU C 254 -0.08 -16.02 -0.49
N GLY C 255 -0.43 -17.25 -0.89
CA GLY C 255 -1.06 -18.16 0.05
C GLY C 255 -0.15 -18.54 1.20
N HIS C 256 1.14 -18.68 0.92
CA HIS C 256 2.11 -18.95 1.99
C HIS C 256 2.22 -17.76 2.94
N GLN C 257 2.14 -16.54 2.41
CA GLN C 257 2.10 -15.36 3.27
C GLN C 257 0.89 -15.39 4.18
N ARG C 258 -0.29 -15.72 3.64
CA ARG C 258 -1.49 -15.78 4.47
C ARG C 258 -1.34 -16.85 5.55
N ILE C 259 -0.75 -17.98 5.21
CA ILE C 259 -0.51 -19.01 6.23
C ILE C 259 0.47 -18.50 7.29
N GLN C 260 1.57 -17.87 6.85
CA GLN C 260 2.55 -17.33 7.80
C GLN C 260 1.93 -16.26 8.70
N SER C 261 0.97 -15.47 8.18
CA SER C 261 0.32 -14.41 8.96
C SER C 261 -0.38 -14.94 10.21
N LYS C 262 -0.78 -16.21 10.21
CA LYS C 262 -1.52 -16.81 11.31
C LYS C 262 -0.64 -17.67 12.22
N LEU C 263 0.69 -17.58 12.09
CA LEU C 263 1.58 -18.49 12.82
C LEU C 263 2.70 -17.73 13.51
N ASN C 264 3.10 -18.23 14.67
CA ASN C 264 4.38 -17.86 15.26
C ASN C 264 5.53 -18.70 14.73
N VAL C 265 5.35 -20.02 14.64
CA VAL C 265 6.30 -20.95 14.04
C VAL C 265 6.62 -20.46 12.62
N PRO C 266 7.86 -20.56 12.15
CA PRO C 266 8.17 -20.09 10.78
C PRO C 266 7.66 -21.03 9.71
N VAL C 267 7.13 -20.44 8.63
CA VAL C 267 6.90 -21.17 7.40
C VAL C 267 8.22 -21.26 6.65
N GLN C 268 8.52 -22.44 6.12
CA GLN C 268 9.76 -22.73 5.42
C GLN C 268 9.44 -23.15 3.99
N MET C 269 10.20 -22.62 3.04
CA MET C 269 10.02 -22.99 1.64
C MET C 269 11.28 -22.61 0.86
N GLY C 270 11.30 -23.01 -0.41
CA GLY C 270 12.36 -22.61 -1.32
C GLY C 270 12.91 -23.73 -2.19
N GLU C 271 12.69 -24.99 -1.80
CA GLU C 271 13.28 -26.08 -2.58
C GLU C 271 12.81 -26.08 -4.02
N ASN C 272 11.70 -25.42 -4.32
CA ASN C 272 11.14 -25.43 -5.65
C ASN C 272 11.34 -24.11 -6.40
N TRP C 273 12.06 -23.13 -5.82
CA TRP C 273 12.40 -21.91 -6.54
C TRP C 273 13.34 -22.22 -7.69
N LEU C 274 12.93 -21.93 -8.90
CA LEU C 274 13.81 -22.11 -10.06
C LEU C 274 14.46 -20.75 -10.33
N GLY C 275 15.68 -20.59 -9.84
CA GLY C 275 16.44 -19.38 -10.01
C GLY C 275 16.23 -18.41 -8.87
N PRO C 276 17.21 -17.55 -8.60
CA PRO C 276 17.04 -16.53 -7.56
C PRO C 276 15.89 -15.57 -7.83
N GLU C 277 15.43 -15.49 -9.08
CA GLU C 277 14.32 -14.60 -9.41
C GLU C 277 13.01 -15.06 -8.78
N GLU C 278 12.81 -16.37 -8.64
CA GLU C 278 11.61 -16.84 -7.97
CA GLU C 278 11.61 -16.84 -7.97
C GLU C 278 11.71 -16.63 -6.47
N MET C 279 12.90 -16.82 -5.90
CA MET C 279 13.13 -16.50 -4.49
C MET C 279 12.85 -15.03 -4.22
N PHE C 280 13.31 -14.15 -5.11
CA PHE C 280 13.09 -12.71 -4.92
C PHE C 280 11.60 -12.38 -4.90
N LYS C 281 10.80 -13.03 -5.76
CA LYS C 281 9.37 -12.76 -5.77
C LYS C 281 8.72 -13.20 -4.47
N ALA C 282 9.12 -14.36 -3.95
CA ALA C 282 8.50 -14.90 -2.73
C ALA C 282 8.86 -14.08 -1.51
N LEU C 283 10.14 -13.71 -1.37
CA LEU C 283 10.56 -12.92 -0.21
C LEU C 283 9.96 -11.52 -0.24
N SER C 284 9.79 -10.96 -1.44
CA SER C 284 9.26 -9.61 -1.57
C SER C 284 7.85 -9.48 -1.01
N ILE C 285 7.07 -10.56 -1.02
CA ILE C 285 5.72 -10.47 -0.48
C ILE C 285 5.62 -11.15 0.88
N GLY C 286 6.73 -11.58 1.45
CA GLY C 286 6.73 -12.13 2.80
C GLY C 286 6.15 -13.52 2.89
N ALA C 287 6.48 -14.40 1.94
CA ALA C 287 5.88 -15.72 1.90
C ALA C 287 6.32 -16.58 3.08
N CYS C 288 7.50 -16.32 3.63
CA CYS C 288 8.10 -17.27 4.56
C CYS C 288 9.12 -16.55 5.43
N ARG C 289 9.28 -17.01 6.66
CA ARG C 289 10.34 -16.45 7.50
C ARG C 289 11.65 -17.26 7.43
N LEU C 290 11.64 -18.43 6.78
CA LEU C 290 12.84 -19.20 6.50
C LEU C 290 12.89 -19.55 5.02
N ALA C 291 14.10 -19.82 4.52
CA ALA C 291 14.31 -20.19 3.13
C ALA C 291 15.24 -21.39 3.06
N MET C 292 15.01 -22.27 2.08
CA MET C 292 15.89 -23.41 1.82
C MET C 292 16.01 -23.68 0.32
N PRO C 293 16.81 -22.90 -0.40
CA PRO C 293 17.02 -23.17 -1.82
C PRO C 293 17.64 -24.54 -2.03
N ASP C 294 17.33 -25.11 -3.18
CA ASP C 294 17.87 -26.36 -3.67
C ASP C 294 19.01 -26.05 -4.64
N ALA C 295 20.20 -26.61 -4.39
CA ALA C 295 21.38 -26.24 -5.16
C ALA C 295 21.16 -26.40 -6.66
N MET C 296 20.38 -27.39 -7.07
CA MET C 296 20.06 -27.57 -8.49
C MET C 296 19.04 -26.53 -8.97
N LYS C 297 17.86 -26.50 -8.34
CA LYS C 297 16.82 -25.61 -8.86
C LYS C 297 17.19 -24.13 -8.75
N ILE C 298 17.95 -23.74 -7.71
CA ILE C 298 18.31 -22.33 -7.55
C ILE C 298 19.33 -21.87 -8.59
N GLY C 299 19.94 -22.79 -9.36
CA GLY C 299 20.88 -22.39 -10.39
C GLY C 299 22.33 -22.72 -10.08
N GLY C 300 22.58 -23.79 -9.34
CA GLY C 300 23.97 -24.13 -9.09
C GLY C 300 24.64 -23.19 -8.08
N VAL C 301 25.97 -23.21 -8.07
CA VAL C 301 26.75 -22.32 -7.20
C VAL C 301 26.46 -20.88 -7.52
N THR C 302 26.50 -20.53 -8.82
CA THR C 302 26.25 -19.16 -9.23
C THR C 302 24.90 -18.66 -8.73
N GLY C 303 23.85 -19.47 -8.87
CA GLY C 303 22.55 -19.09 -8.35
C GLY C 303 22.49 -19.04 -6.83
N TRP C 304 23.14 -20.01 -6.17
CA TRP C 304 23.16 -20.03 -4.70
C TRP C 304 23.76 -18.76 -4.11
N ILE C 305 24.87 -18.28 -4.70
CA ILE C 305 25.53 -17.08 -4.18
C ILE C 305 24.61 -15.87 -4.29
N ARG C 306 23.90 -15.77 -5.41
CA ARG C 306 22.91 -14.69 -5.55
C ARG C 306 21.77 -14.88 -4.56
N ALA C 307 21.26 -16.11 -4.42
CA ALA C 307 20.25 -16.40 -3.40
C ALA C 307 20.75 -16.03 -2.00
N SER C 308 22.02 -16.32 -1.71
CA SER C 308 22.56 -16.00 -0.40
CA SER C 308 22.58 -16.00 -0.41
C SER C 308 22.53 -14.50 -0.14
N ALA C 309 22.85 -13.68 -1.14
CA ALA C 309 22.79 -12.23 -0.97
C ALA C 309 21.37 -11.75 -0.67
N LEU C 310 20.37 -12.35 -1.34
CA LEU C 310 18.98 -11.98 -1.08
C LEU C 310 18.57 -12.32 0.35
N ALA C 311 18.84 -13.56 0.78
CA ALA C 311 18.44 -13.98 2.12
C ALA C 311 19.03 -13.06 3.18
N GLN C 312 20.28 -12.62 2.98
CA GLN C 312 20.91 -11.71 3.93
C GLN C 312 20.14 -10.40 4.04
N GLN C 313 19.81 -9.79 2.91
CA GLN C 313 19.16 -8.47 2.95
C GLN C 313 17.73 -8.56 3.44
N PHE C 314 17.03 -9.64 3.11
CA PHE C 314 15.66 -9.84 3.59
C PHE C 314 15.61 -10.38 5.02
N GLY C 315 16.75 -10.66 5.63
CA GLY C 315 16.82 -11.14 7.00
C GLY C 315 16.23 -12.53 7.20
N ILE C 316 16.59 -13.44 6.30
CA ILE C 316 16.01 -14.78 6.23
C ILE C 316 17.12 -15.80 6.50
N PRO C 317 17.04 -16.58 7.58
CA PRO C 317 17.96 -17.71 7.76
C PRO C 317 17.77 -18.73 6.65
N MET C 318 18.88 -19.22 6.10
CA MET C 318 18.88 -19.94 4.84
C MET C 318 19.49 -21.32 5.02
N SER C 319 18.72 -22.34 4.69
CA SER C 319 19.10 -23.75 4.75
C SER C 319 19.20 -24.30 3.34
N SER C 320 19.58 -25.57 3.22
CA SER C 320 19.73 -26.24 1.93
C SER C 320 18.65 -27.31 1.76
N HIS C 321 18.43 -27.70 0.51
CA HIS C 321 17.57 -28.83 0.16
C HIS C 321 18.35 -29.77 -0.71
N LEU C 322 18.53 -31.02 -0.25
CA LEU C 322 19.24 -32.05 -1.00
C LEU C 322 20.67 -31.62 -1.32
N PHE C 323 21.36 -32.38 -2.18
CA PHE C 323 22.73 -32.05 -2.64
C PHE C 323 23.65 -31.72 -1.47
N GLN C 324 23.66 -32.61 -0.47
CA GLN C 324 24.45 -32.34 0.72
C GLN C 324 25.93 -32.13 0.41
N GLU C 325 26.46 -32.80 -0.62
CA GLU C 325 27.89 -32.72 -0.90
C GLU C 325 28.33 -31.29 -1.19
N ILE C 326 27.63 -30.61 -2.09
CA ILE C 326 28.01 -29.24 -2.43
C ILE C 326 27.43 -28.24 -1.42
N SER C 327 26.31 -28.59 -0.78
CA SER C 327 25.64 -27.66 0.15
C SER C 327 26.50 -27.40 1.39
N ALA C 328 27.34 -28.36 1.78
CA ALA C 328 28.27 -28.11 2.87
C ALA C 328 29.21 -26.96 2.54
N HIS C 329 29.72 -26.91 1.31
CA HIS C 329 30.55 -25.79 0.87
C HIS C 329 29.73 -24.50 0.83
N LEU C 330 28.55 -24.55 0.21
CA LEU C 330 27.81 -23.32 -0.07
C LEU C 330 27.32 -22.66 1.21
N LEU C 331 26.83 -23.44 2.16
CA LEU C 331 26.35 -22.88 3.42
C LEU C 331 27.49 -22.22 4.20
N ALA C 332 28.70 -22.78 4.12
CA ALA C 332 29.83 -22.17 4.83
C ALA C 332 30.14 -20.78 4.31
N ALA C 333 29.72 -20.46 3.07
CA ALA C 333 29.87 -19.14 2.49
C ALA C 333 28.59 -18.28 2.57
N THR C 334 27.55 -18.76 3.25
CA THR C 334 26.23 -18.11 3.29
C THR C 334 26.10 -17.29 4.57
N PRO C 335 25.98 -15.96 4.50
CA PRO C 335 25.90 -15.17 5.75
C PRO C 335 24.82 -15.61 6.73
N THR C 336 23.64 -16.04 6.28
CA THR C 336 22.56 -16.44 7.18
C THR C 336 22.36 -17.95 7.21
N ALA C 337 23.41 -18.72 6.98
CA ALA C 337 23.34 -20.18 6.98
C ALA C 337 22.64 -20.69 8.23
N HIS C 338 21.74 -21.64 8.02
CA HIS C 338 20.89 -22.13 9.10
C HIS C 338 21.12 -23.64 9.27
N TRP C 339 20.45 -24.49 8.47
CA TRP C 339 20.62 -25.94 8.56
C TRP C 339 21.02 -26.56 7.22
N LEU C 340 21.77 -27.66 7.28
CA LEU C 340 22.01 -28.51 6.11
C LEU C 340 21.04 -29.69 6.14
N GLU C 341 20.36 -29.94 5.02
CA GLU C 341 19.49 -31.11 4.95
C GLU C 341 20.34 -32.34 4.62
N ARG C 342 20.34 -33.31 5.52
CA ARG C 342 21.03 -34.58 5.29
C ARG C 342 20.02 -35.56 4.71
N LEU C 343 20.13 -35.80 3.41
CA LEU C 343 19.29 -36.78 2.71
C LEU C 343 20.15 -37.32 1.57
N ASP C 344 20.73 -38.50 1.76
CA ASP C 344 21.87 -38.96 0.96
C ASP C 344 21.39 -39.71 -0.30
N LEU C 345 20.84 -38.95 -1.24
CA LEU C 345 20.31 -39.55 -2.47
C LEU C 345 21.39 -40.24 -3.29
N ALA C 346 22.61 -39.71 -3.28
CA ALA C 346 23.66 -40.17 -4.18
C ALA C 346 24.73 -41.01 -3.49
N GLY C 347 24.48 -41.46 -2.25
CA GLY C 347 25.53 -42.16 -1.52
C GLY C 347 25.94 -43.48 -2.14
N SER C 348 25.06 -44.09 -2.95
CA SER C 348 25.40 -45.35 -3.60
C SER C 348 26.40 -45.16 -4.72
N VAL C 349 26.61 -43.94 -5.20
CA VAL C 349 27.50 -43.70 -6.34
C VAL C 349 28.57 -42.66 -6.05
N ILE C 350 28.61 -42.09 -4.85
CA ILE C 350 29.59 -41.07 -4.46
C ILE C 350 30.34 -41.56 -3.22
N GLU C 351 31.65 -41.37 -3.20
CA GLU C 351 32.44 -41.79 -2.04
C GLU C 351 32.06 -40.93 -0.83
N PRO C 352 31.97 -41.52 0.35
CA PRO C 352 31.52 -40.80 1.55
C PRO C 352 32.60 -39.90 2.15
N THR C 353 33.04 -38.92 1.37
CA THR C 353 34.08 -38.02 1.84
C THR C 353 33.50 -36.93 2.74
N LEU C 354 32.23 -36.58 2.54
CA LEU C 354 31.54 -35.72 3.49
C LEU C 354 31.18 -36.53 4.73
N THR C 355 31.58 -36.04 5.90
CA THR C 355 31.34 -36.73 7.17
C THR C 355 30.50 -35.86 8.11
N PHE C 356 30.02 -36.48 9.19
CA PHE C 356 29.16 -35.83 10.17
C PHE C 356 29.70 -36.07 11.56
N GLU C 357 30.08 -34.99 12.23
CA GLU C 357 30.61 -35.04 13.59
C GLU C 357 29.69 -34.26 14.50
N GLY C 358 29.09 -34.95 15.47
CA GLY C 358 28.19 -34.26 16.38
C GLY C 358 26.97 -33.68 15.71
N GLY C 359 26.51 -34.30 14.61
CA GLY C 359 25.42 -33.80 13.83
C GLY C 359 25.80 -32.70 12.84
N ASN C 360 27.08 -32.37 12.73
CA ASN C 360 27.53 -31.28 11.87
C ASN C 360 28.18 -31.86 10.63
N ALA C 361 27.81 -31.32 9.46
CA ALA C 361 28.48 -31.70 8.23
C ALA C 361 29.89 -31.13 8.21
N VAL C 362 30.86 -31.95 7.83
CA VAL C 362 32.29 -31.57 7.81
C VAL C 362 32.78 -31.67 6.37
N ILE C 363 33.14 -30.52 5.79
CA ILE C 363 33.65 -30.45 4.42
C ILE C 363 34.94 -31.27 4.31
N PRO C 364 35.09 -32.12 3.29
CA PRO C 364 36.35 -32.86 3.15
C PRO C 364 37.47 -31.96 2.63
N ASP C 365 38.70 -32.35 2.94
CA ASP C 365 39.89 -31.64 2.46
C ASP C 365 40.28 -32.18 1.09
N LEU C 366 39.51 -31.77 0.08
CA LEU C 366 39.66 -32.21 -1.30
C LEU C 366 39.37 -31.02 -2.20
N PRO C 367 39.99 -30.95 -3.39
CA PRO C 367 39.77 -29.80 -4.26
C PRO C 367 38.35 -29.79 -4.81
N GLY C 368 37.86 -28.58 -5.05
CA GLY C 368 36.49 -28.45 -5.53
C GLY C 368 35.50 -28.92 -4.50
N VAL C 369 34.50 -29.70 -4.96
CA VAL C 369 33.40 -30.11 -4.10
C VAL C 369 33.73 -31.32 -3.25
N GLY C 370 34.69 -32.14 -3.67
CA GLY C 370 34.99 -33.37 -2.96
C GLY C 370 34.18 -34.58 -3.40
N ILE C 371 33.67 -34.57 -4.63
CA ILE C 371 32.89 -35.69 -5.17
C ILE C 371 33.84 -36.66 -5.90
N ILE C 372 33.84 -37.92 -5.48
CA ILE C 372 34.58 -38.98 -6.16
C ILE C 372 33.59 -40.07 -6.52
N TRP C 373 33.47 -40.38 -7.81
CA TRP C 373 32.52 -41.40 -8.25
C TRP C 373 32.94 -42.77 -7.73
N ARG C 374 31.95 -43.58 -7.35
CA ARG C 374 32.16 -44.99 -7.10
C ARG C 374 31.92 -45.72 -8.42
N GLU C 375 32.97 -45.75 -9.24
CA GLU C 375 32.80 -46.15 -10.64
C GLU C 375 32.30 -47.58 -10.78
N LYS C 376 32.72 -48.48 -9.89
CA LYS C 376 32.25 -49.86 -9.95
C LYS C 376 30.77 -49.98 -9.60
N GLU C 377 30.23 -49.03 -8.84
CA GLU C 377 28.83 -49.06 -8.45
C GLU C 377 27.89 -48.44 -9.47
N ILE C 378 28.37 -47.41 -10.18
CA ILE C 378 27.52 -46.72 -11.15
C ILE C 378 27.01 -47.69 -12.21
N GLY C 379 27.84 -48.66 -12.61
CA GLY C 379 27.43 -49.61 -13.62
C GLY C 379 26.18 -50.39 -13.27
N LYS C 380 25.97 -50.68 -11.98
CA LYS C 380 24.81 -51.45 -11.57
C LYS C 380 23.49 -50.71 -11.79
N TYR C 381 23.51 -49.39 -11.91
CA TYR C 381 22.27 -48.62 -11.89
C TYR C 381 21.96 -47.89 -13.19
N LEU C 382 22.79 -48.05 -14.22
CA LEU C 382 22.63 -47.31 -15.46
C LEU C 382 21.28 -47.60 -16.12
N VAL C 383 20.69 -46.55 -16.68
CA VAL C 383 19.41 -46.63 -17.35
C VAL C 383 19.62 -46.52 -18.86
N GLU D 27 -16.62 -42.84 -20.81
CA GLU D 27 -16.60 -44.14 -21.47
C GLU D 27 -15.70 -44.13 -22.69
N VAL D 28 -15.14 -42.97 -23.03
CA VAL D 28 -14.11 -42.88 -24.07
C VAL D 28 -12.76 -42.82 -23.37
N LEU D 29 -11.91 -43.79 -23.65
CA LEU D 29 -10.60 -43.89 -23.02
C LEU D 29 -9.50 -43.49 -23.99
N ILE D 30 -8.43 -42.93 -23.43
CA ILE D 30 -7.18 -42.76 -24.16
C ILE D 30 -6.53 -44.14 -24.32
N THR D 31 -6.19 -44.49 -25.56
CA THR D 31 -5.57 -45.79 -25.80
C THR D 31 -4.10 -45.72 -26.19
N GLY D 32 -3.59 -44.56 -26.58
CA GLY D 32 -2.20 -44.50 -27.00
C GLY D 32 -1.76 -43.08 -27.27
N LEU D 33 -0.44 -42.89 -27.26
CA LEU D 33 0.20 -41.61 -27.53
C LEU D 33 1.37 -41.83 -28.49
N ARG D 34 1.38 -41.08 -29.59
CA ARG D 34 2.45 -41.17 -30.59
C ARG D 34 2.99 -39.79 -30.85
N THR D 35 4.32 -39.66 -30.86
CA THR D 35 4.96 -38.37 -31.12
C THR D 35 5.99 -38.50 -32.22
N ARG D 36 6.10 -37.44 -33.04
CA ARG D 36 7.10 -37.35 -34.09
C ARG D 36 7.80 -36.02 -33.98
N ALA D 37 9.13 -36.05 -33.90
CA ALA D 37 9.93 -34.83 -33.85
C ALA D 37 10.38 -34.45 -35.26
N VAL D 38 10.10 -33.22 -35.66
CA VAL D 38 10.46 -32.74 -36.98
C VAL D 38 11.14 -31.38 -36.84
N ASN D 39 11.94 -31.06 -37.85
CA ASN D 39 12.57 -29.75 -37.95
C ASN D 39 12.17 -29.20 -39.32
N VAL D 40 11.19 -28.29 -39.34
CA VAL D 40 10.52 -27.93 -40.59
C VAL D 40 11.04 -26.59 -41.12
N PRO D 41 11.00 -26.38 -42.43
CA PRO D 41 11.57 -25.14 -43.00
C PRO D 41 10.62 -23.97 -42.88
N LEU D 42 11.21 -22.79 -42.73
CA LEU D 42 10.47 -21.54 -42.65
C LEU D 42 10.77 -20.71 -43.88
N ALA D 43 9.71 -20.25 -44.57
CA ALA D 43 9.90 -19.39 -45.73
C ALA D 43 10.74 -18.19 -45.38
N TYR D 44 10.56 -17.64 -44.18
CA TYR D 44 11.40 -16.57 -43.69
C TYR D 44 11.87 -16.96 -42.30
N PRO D 45 13.17 -16.95 -42.04
CA PRO D 45 13.65 -17.14 -40.67
C PRO D 45 13.05 -16.09 -39.73
N VAL D 46 12.69 -16.53 -38.53
CA VAL D 46 12.21 -15.62 -37.49
C VAL D 46 13.46 -15.08 -36.78
N HIS D 47 14.05 -14.03 -37.34
CA HIS D 47 15.10 -13.30 -36.64
C HIS D 47 14.50 -12.53 -35.48
N THR D 48 15.19 -12.59 -34.33
CA THR D 48 14.83 -11.79 -33.17
C THR D 48 16.09 -11.14 -32.62
N ALA D 49 15.91 -10.17 -31.71
CA ALA D 49 17.04 -9.46 -31.13
C ALA D 49 17.94 -10.36 -30.27
N VAL D 50 17.50 -11.56 -29.92
CA VAL D 50 18.28 -12.46 -29.06
C VAL D 50 18.61 -13.77 -29.78
N GLY D 51 18.52 -13.81 -31.10
CA GLY D 51 18.82 -15.00 -31.88
C GLY D 51 17.72 -15.31 -32.89
N THR D 52 18.07 -16.19 -33.82
CA THR D 52 17.23 -16.49 -34.98
C THR D 52 16.66 -17.90 -34.89
N VAL D 53 15.37 -18.04 -35.18
CA VAL D 53 14.74 -19.33 -35.38
C VAL D 53 14.66 -19.55 -36.88
N GLY D 54 15.64 -20.28 -37.43
CA GLY D 54 15.71 -20.47 -38.87
C GLY D 54 14.84 -21.62 -39.37
N THR D 55 14.65 -22.63 -38.53
CA THR D 55 13.72 -23.72 -38.79
C THR D 55 12.92 -23.94 -37.52
N ALA D 56 11.73 -24.54 -37.66
CA ALA D 56 10.90 -24.74 -36.49
C ALA D 56 11.05 -26.16 -35.98
N PRO D 57 11.59 -26.37 -34.78
CA PRO D 57 11.56 -27.71 -34.16
C PRO D 57 10.19 -27.96 -33.56
N LEU D 58 9.45 -28.93 -34.13
CA LEU D 58 8.11 -29.26 -33.69
C LEU D 58 8.04 -30.72 -33.25
N VAL D 59 7.19 -30.98 -32.25
CA VAL D 59 6.77 -32.33 -31.89
C VAL D 59 5.30 -32.45 -32.26
N LEU D 60 5.01 -33.36 -33.20
CA LEU D 60 3.64 -33.63 -33.62
C LEU D 60 3.06 -34.76 -32.80
N ILE D 61 1.83 -34.58 -32.31
CA ILE D 61 1.25 -35.45 -31.30
C ILE D 61 -0.02 -36.09 -31.84
N ASP D 62 -0.14 -37.41 -31.70
CA ASP D 62 -1.36 -38.14 -31.99
C ASP D 62 -1.83 -38.82 -30.71
N LEU D 63 -3.09 -38.57 -30.32
CA LEU D 63 -3.69 -39.15 -29.13
C LEU D 63 -4.79 -40.13 -29.54
N ALA D 64 -4.49 -41.42 -29.49
CA ALA D 64 -5.45 -42.45 -29.89
C ALA D 64 -6.48 -42.71 -28.79
N THR D 65 -7.73 -42.95 -29.20
CA THR D 65 -8.82 -43.17 -28.26
C THR D 65 -9.58 -44.43 -28.59
N SER D 66 -10.31 -44.94 -27.59
CA SER D 66 -11.19 -46.08 -27.77
C SER D 66 -12.41 -45.78 -28.65
N ALA D 67 -12.63 -44.53 -29.03
CA ALA D 67 -13.80 -44.17 -29.81
C ALA D 67 -13.52 -44.04 -31.30
N GLY D 68 -12.38 -44.55 -31.77
CA GLY D 68 -12.05 -44.51 -33.18
C GLY D 68 -11.68 -43.16 -33.75
N VAL D 69 -11.36 -42.17 -32.92
CA VAL D 69 -10.84 -40.90 -33.42
C VAL D 69 -9.47 -40.68 -32.80
N VAL D 70 -8.69 -39.82 -33.46
CA VAL D 70 -7.32 -39.50 -33.04
C VAL D 70 -7.21 -37.99 -32.88
N GLY D 71 -6.84 -37.54 -31.69
CA GLY D 71 -6.60 -36.12 -31.49
C GLY D 71 -5.23 -35.72 -32.00
N HIS D 72 -5.17 -34.53 -32.59
CA HIS D 72 -3.92 -33.99 -33.09
C HIS D 72 -3.58 -32.67 -32.41
N SER D 73 -2.28 -32.50 -32.11
CA SER D 73 -1.73 -31.23 -31.64
C SER D 73 -0.25 -31.22 -31.97
N TYR D 74 0.41 -30.10 -31.68
CA TYR D 74 1.86 -30.05 -31.82
C TYR D 74 2.44 -29.07 -30.82
N LEU D 75 3.74 -29.22 -30.55
CA LEU D 75 4.48 -28.32 -29.68
C LEU D 75 5.59 -27.64 -30.48
N PHE D 76 5.95 -26.44 -30.02
CA PHE D 76 7.06 -25.66 -30.57
C PHE D 76 8.20 -25.68 -29.54
N ALA D 77 9.33 -26.27 -29.90
CA ALA D 77 10.45 -26.38 -28.97
C ALA D 77 11.38 -25.17 -28.99
N TYR D 78 11.15 -24.20 -29.87
CA TYR D 78 11.92 -22.94 -29.94
C TYR D 78 13.35 -23.16 -30.42
N THR D 79 14.10 -24.04 -29.75
CA THR D 79 15.44 -24.40 -30.21
C THR D 79 15.56 -25.90 -30.43
N PRO D 80 16.29 -26.33 -31.46
CA PRO D 80 16.50 -27.77 -31.65
C PRO D 80 17.18 -28.46 -30.47
N VAL D 81 17.88 -27.70 -29.63
CA VAL D 81 18.52 -28.27 -28.44
C VAL D 81 17.50 -28.96 -27.53
N ALA D 82 16.26 -28.48 -27.52
CA ALA D 82 15.22 -29.03 -26.64
C ALA D 82 14.35 -30.07 -27.33
N LEU D 83 14.55 -30.29 -28.63
CA LEU D 83 13.59 -31.05 -29.44
C LEU D 83 13.50 -32.50 -29.02
N LYS D 84 14.63 -33.23 -29.07
CA LYS D 84 14.61 -34.64 -28.71
C LYS D 84 14.23 -34.84 -27.25
N SER D 85 14.69 -33.94 -26.37
CA SER D 85 14.31 -34.02 -24.96
C SER D 85 12.79 -33.98 -24.80
N LEU D 86 12.14 -33.07 -25.52
CA LEU D 86 10.69 -32.91 -25.38
C LEU D 86 9.95 -34.12 -25.93
N LYS D 87 10.44 -34.70 -27.02
CA LYS D 87 9.85 -35.94 -27.51
C LYS D 87 10.02 -37.06 -26.48
N GLN D 88 11.26 -37.24 -25.97
CA GLN D 88 11.53 -38.29 -25.00
C GLN D 88 10.63 -38.16 -23.78
N LEU D 89 10.44 -36.92 -23.31
CA LEU D 89 9.56 -36.67 -22.17
C LEU D 89 8.14 -37.12 -22.45
N LEU D 90 7.58 -36.68 -23.58
CA LEU D 90 6.23 -37.06 -23.97
C LEU D 90 6.08 -38.57 -24.05
N ASP D 91 7.06 -39.26 -24.62
CA ASP D 91 6.95 -40.73 -24.74
C ASP D 91 6.94 -41.39 -23.37
N ASP D 92 7.72 -40.85 -22.42
CA ASP D 92 7.73 -41.41 -21.08
C ASP D 92 6.50 -41.01 -20.28
N MET D 93 5.75 -40.00 -20.74
CA MET D 93 4.49 -39.64 -20.11
C MET D 93 3.33 -40.48 -20.59
N ALA D 94 3.50 -41.22 -21.69
CA ALA D 94 2.37 -41.94 -22.27
C ALA D 94 1.73 -42.88 -21.26
N ALA D 95 2.54 -43.55 -20.44
CA ALA D 95 1.98 -44.48 -19.48
C ALA D 95 1.15 -43.78 -18.41
N MET D 96 1.35 -42.47 -18.21
CA MET D 96 0.51 -41.75 -17.25
C MET D 96 -0.91 -41.54 -17.76
N ILE D 97 -1.11 -41.49 -19.07
CA ILE D 97 -2.42 -41.14 -19.60
C ILE D 97 -3.14 -42.28 -20.31
N VAL D 98 -2.42 -43.33 -20.74
CA VAL D 98 -3.08 -44.42 -21.45
C VAL D 98 -3.99 -45.17 -20.49
N ASN D 99 -5.21 -45.46 -20.93
CA ASN D 99 -6.32 -46.04 -20.18
C ASN D 99 -7.02 -45.01 -19.29
N GLU D 100 -6.64 -43.71 -19.35
CA GLU D 100 -7.43 -42.74 -18.61
C GLU D 100 -8.61 -42.25 -19.44
N PRO D 101 -9.70 -41.81 -18.81
CA PRO D 101 -10.80 -41.24 -19.60
C PRO D 101 -10.34 -40.01 -20.37
N LEU D 102 -10.88 -39.86 -21.58
CA LEU D 102 -10.70 -38.63 -22.34
C LEU D 102 -11.44 -37.48 -21.67
N ALA D 103 -10.90 -36.99 -20.57
CA ALA D 103 -11.49 -35.88 -19.81
C ALA D 103 -10.35 -34.89 -19.56
N PRO D 104 -10.13 -33.95 -20.49
CA PRO D 104 -8.88 -33.17 -20.45
C PRO D 104 -8.69 -32.37 -19.18
N VAL D 105 -9.76 -31.83 -18.61
CA VAL D 105 -9.62 -31.06 -17.37
C VAL D 105 -9.19 -31.97 -16.22
N SER D 106 -9.83 -33.14 -16.11
CA SER D 106 -9.38 -34.11 -15.12
C SER D 106 -7.95 -34.58 -15.40
N LEU D 107 -7.62 -34.78 -16.68
CA LEU D 107 -6.26 -35.19 -17.03
C LEU D 107 -5.25 -34.13 -16.61
N GLU D 108 -5.60 -32.85 -16.78
CA GLU D 108 -4.68 -31.79 -16.41
C GLU D 108 -4.38 -31.81 -14.92
N ALA D 109 -5.41 -32.04 -14.10
CA ALA D 109 -5.21 -32.04 -12.65
C ALA D 109 -4.32 -33.21 -12.22
N MET D 110 -4.48 -34.37 -12.86
CA MET D 110 -3.63 -35.51 -12.53
C MET D 110 -2.17 -35.23 -12.88
N LEU D 111 -1.90 -34.61 -14.04
CA LEU D 111 -0.52 -34.28 -14.39
C LEU D 111 0.07 -33.23 -13.43
N ALA D 112 -0.70 -32.20 -13.10
CA ALA D 112 -0.25 -31.20 -12.14
C ALA D 112 0.24 -31.84 -10.85
N LYS D 113 -0.52 -32.81 -10.34
CA LYS D 113 -0.15 -33.47 -9.09
C LYS D 113 1.08 -34.35 -9.25
N ARG D 114 1.11 -35.18 -10.30
CA ARG D 114 2.24 -36.09 -10.49
C ARG D 114 3.56 -35.34 -10.65
N PHE D 115 3.53 -34.14 -11.22
CA PHE D 115 4.76 -33.37 -11.44
C PHE D 115 4.95 -32.27 -10.39
N CYS D 116 4.21 -32.33 -9.29
CA CYS D 116 4.28 -31.32 -8.24
CA CYS D 116 4.33 -31.23 -8.34
C CYS D 116 5.69 -31.23 -7.64
N LEU D 117 6.36 -32.38 -7.49
CA LEU D 117 7.71 -32.35 -6.92
C LEU D 117 8.74 -31.93 -7.95
N ALA D 118 8.68 -32.53 -9.14
CA ALA D 118 9.66 -32.22 -10.17
C ALA D 118 9.56 -30.77 -10.64
N GLY D 119 8.37 -30.18 -10.57
CA GLY D 119 8.22 -28.82 -11.07
C GLY D 119 7.34 -28.74 -12.31
N TYR D 120 6.07 -28.38 -12.11
CA TYR D 120 5.07 -28.37 -13.19
C TYR D 120 5.20 -27.10 -14.04
N THR D 121 6.35 -26.99 -14.71
CA THR D 121 6.66 -25.79 -15.48
C THR D 121 7.61 -26.19 -16.60
N GLY D 122 7.98 -25.20 -17.43
CA GLY D 122 8.97 -25.47 -18.47
C GLY D 122 8.53 -26.59 -19.39
N LEU D 123 9.48 -27.46 -19.76
CA LEU D 123 9.22 -28.52 -20.73
C LEU D 123 8.13 -29.48 -20.25
N ILE D 124 8.11 -29.78 -18.94
CA ILE D 124 7.08 -30.66 -18.41
C ILE D 124 5.70 -30.06 -18.65
N ARG D 125 5.54 -28.78 -18.34
CA ARG D 125 4.25 -28.11 -18.56
C ARG D 125 3.93 -28.02 -20.05
N MET D 126 4.94 -27.78 -20.89
CA MET D 126 4.70 -27.73 -22.33
C MET D 126 4.19 -29.06 -22.86
N ALA D 127 4.79 -30.16 -22.37
CA ALA D 127 4.35 -31.49 -22.74
C ALA D 127 2.91 -31.77 -22.30
N ALA D 128 2.57 -31.41 -21.06
CA ALA D 128 1.19 -31.58 -20.60
C ALA D 128 0.23 -30.77 -21.47
N ALA D 129 0.65 -29.58 -21.89
CA ALA D 129 -0.19 -28.75 -22.74
C ALA D 129 -0.38 -29.39 -24.12
N GLY D 130 0.65 -30.05 -24.64
CA GLY D 130 0.48 -30.78 -25.89
C GLY D 130 -0.55 -31.89 -25.77
N ILE D 131 -0.50 -32.65 -24.67
CA ILE D 131 -1.50 -33.66 -24.40
C ILE D 131 -2.89 -33.02 -24.29
N ASP D 132 -2.99 -31.90 -23.58
CA ASP D 132 -4.29 -31.25 -23.38
C ASP D 132 -4.91 -30.86 -24.71
N MET D 133 -4.13 -30.21 -25.58
CA MET D 133 -4.65 -29.74 -26.86
C MET D 133 -5.06 -30.89 -27.77
N ALA D 134 -4.36 -32.03 -27.71
CA ALA D 134 -4.78 -33.18 -28.48
C ALA D 134 -6.02 -33.83 -27.89
N ALA D 135 -6.14 -33.82 -26.56
CA ALA D 135 -7.32 -34.40 -25.93
C ALA D 135 -8.57 -33.61 -26.27
N TRP D 136 -8.49 -32.27 -26.26
CA TRP D 136 -9.65 -31.47 -26.63
C TRP D 136 -9.99 -31.64 -28.10
N ASP D 137 -8.97 -31.74 -28.97
CA ASP D 137 -9.25 -32.05 -30.38
C ASP D 137 -10.03 -33.36 -30.50
N ALA D 138 -9.57 -34.41 -29.79
CA ALA D 138 -10.26 -35.70 -29.82
C ALA D 138 -11.67 -35.60 -29.25
N LEU D 139 -11.86 -34.77 -28.22
CA LEU D 139 -13.18 -34.65 -27.61
C LEU D 139 -14.17 -33.98 -28.57
N GLY D 140 -13.72 -32.97 -29.30
CA GLY D 140 -14.55 -32.40 -30.35
C GLY D 140 -14.85 -33.40 -31.44
N LYS D 141 -13.88 -34.24 -31.78
CA LYS D 141 -14.11 -35.29 -32.76
C LYS D 141 -15.11 -36.31 -32.24
N VAL D 142 -15.00 -36.70 -30.97
CA VAL D 142 -15.97 -37.62 -30.39
C VAL D 142 -17.38 -37.07 -30.55
N HIS D 143 -17.55 -35.77 -30.35
CA HIS D 143 -18.85 -35.13 -30.45
C HIS D 143 -19.14 -34.55 -31.84
N GLU D 144 -18.28 -34.81 -32.82
CA GLU D 144 -18.49 -34.41 -34.22
C GLU D 144 -18.80 -32.92 -34.33
N THR D 145 -18.00 -32.09 -33.65
CA THR D 145 -18.29 -30.67 -33.62
C THR D 145 -16.99 -29.88 -33.50
N PRO D 146 -16.93 -28.67 -34.06
CA PRO D 146 -15.70 -27.87 -33.94
C PRO D 146 -15.45 -27.51 -32.48
N LEU D 147 -14.17 -27.33 -32.15
CA LEU D 147 -13.81 -27.03 -30.77
C LEU D 147 -14.57 -25.83 -30.24
N VAL D 148 -14.63 -24.75 -31.03
CA VAL D 148 -15.28 -23.52 -30.57
C VAL D 148 -16.71 -23.80 -30.12
N LYS D 149 -17.42 -24.65 -30.88
CA LYS D 149 -18.81 -24.98 -30.53
C LYS D 149 -18.86 -25.88 -29.28
N LEU D 150 -17.90 -26.78 -29.12
CA LEU D 150 -17.84 -27.61 -27.92
C LEU D 150 -17.67 -26.76 -26.67
N LEU D 151 -16.96 -25.65 -26.79
CA LEU D 151 -16.77 -24.70 -25.71
C LEU D 151 -17.97 -23.79 -25.53
N GLY D 152 -19.02 -23.94 -26.33
CA GLY D 152 -20.24 -23.20 -26.12
C GLY D 152 -20.31 -21.84 -26.77
N ALA D 153 -19.40 -21.53 -27.69
CA ALA D 153 -19.37 -20.26 -28.38
C ALA D 153 -19.69 -20.43 -29.86
N ASN D 154 -20.07 -19.33 -30.50
CA ASN D 154 -20.24 -19.32 -31.95
C ASN D 154 -18.90 -19.08 -32.62
N ALA D 155 -18.67 -19.77 -33.73
CA ALA D 155 -17.56 -19.40 -34.59
C ALA D 155 -17.73 -17.95 -35.03
N ARG D 156 -16.64 -17.20 -35.01
CA ARG D 156 -16.64 -15.84 -35.53
C ARG D 156 -15.26 -15.61 -36.13
N PRO D 157 -15.15 -14.79 -37.16
CA PRO D 157 -13.81 -14.43 -37.66
C PRO D 157 -13.12 -13.55 -36.64
N VAL D 158 -11.79 -13.69 -36.54
CA VAL D 158 -11.00 -12.87 -35.63
C VAL D 158 -9.90 -12.20 -36.44
N GLN D 159 -9.81 -10.88 -36.31
CA GLN D 159 -8.79 -10.11 -37.01
C GLN D 159 -7.40 -10.66 -36.68
N ALA D 160 -6.55 -10.70 -37.68
CA ALA D 160 -5.22 -11.26 -37.55
C ALA D 160 -4.20 -10.24 -38.01
N TYR D 161 -3.05 -10.20 -37.34
CA TYR D 161 -1.92 -9.46 -37.86
C TYR D 161 -0.90 -10.44 -38.41
N ASP D 162 -0.22 -10.02 -39.47
CA ASP D 162 0.81 -10.85 -40.08
C ASP D 162 2.14 -10.62 -39.34
N SER D 163 2.66 -11.68 -38.72
CA SER D 163 3.81 -11.57 -37.83
C SER D 163 5.09 -11.84 -38.60
N HIS D 164 5.98 -10.85 -38.66
CA HIS D 164 7.25 -10.90 -39.36
C HIS D 164 8.38 -11.00 -38.32
N SER D 165 9.56 -10.51 -38.66
CA SER D 165 10.67 -10.71 -37.72
C SER D 165 11.65 -9.54 -37.85
N LEU D 166 12.87 -9.74 -37.34
CA LEU D 166 13.92 -8.72 -37.37
C LEU D 166 14.56 -8.78 -38.74
N ASP D 167 13.91 -8.13 -39.70
CA ASP D 167 14.11 -8.39 -41.12
C ASP D 167 14.96 -7.33 -41.83
N GLY D 168 15.29 -6.24 -41.16
CA GLY D 168 15.93 -5.12 -41.82
C GLY D 168 14.92 -4.27 -42.59
N VAL D 169 15.31 -3.02 -42.85
CA VAL D 169 14.36 -2.05 -43.38
C VAL D 169 13.78 -2.53 -44.71
N LYS D 170 14.60 -3.11 -45.59
CA LYS D 170 14.12 -3.45 -46.92
C LYS D 170 13.10 -4.58 -46.88
N LEU D 171 13.49 -5.73 -46.33
CA LEU D 171 12.57 -6.87 -46.29
C LEU D 171 11.35 -6.57 -45.41
N ALA D 172 11.55 -5.83 -44.31
CA ALA D 172 10.42 -5.52 -43.43
C ALA D 172 9.36 -4.72 -44.16
N THR D 173 9.78 -3.79 -45.01
CA THR D 173 8.83 -2.98 -45.75
C THR D 173 8.16 -3.80 -46.85
N GLU D 174 8.92 -4.68 -47.51
CA GLU D 174 8.35 -5.53 -48.54
C GLU D 174 7.29 -6.46 -47.97
N ARG D 175 7.60 -7.12 -46.86
CA ARG D 175 6.62 -8.04 -46.26
C ARG D 175 5.40 -7.30 -45.75
N ALA D 176 5.57 -6.06 -45.28
CA ALA D 176 4.41 -5.27 -44.87
C ALA D 176 3.51 -4.96 -46.06
N VAL D 177 4.10 -4.60 -47.21
CA VAL D 177 3.29 -4.31 -48.39
C VAL D 177 2.55 -5.55 -48.85
N THR D 178 3.25 -6.70 -48.90
CA THR D 178 2.60 -7.94 -49.28
C THR D 178 1.45 -8.28 -48.34
N ALA D 179 1.67 -8.09 -47.03
CA ALA D 179 0.63 -8.34 -46.04
C ALA D 179 -0.61 -7.48 -46.32
N ALA D 180 -0.41 -6.18 -46.54
CA ALA D 180 -1.54 -5.32 -46.88
C ALA D 180 -2.21 -5.78 -48.17
N GLU D 181 -1.42 -6.29 -49.13
CA GLU D 181 -2.00 -6.80 -50.37
C GLU D 181 -2.82 -8.07 -50.13
N LEU D 182 -2.45 -8.87 -49.13
CA LEU D 182 -3.25 -10.04 -48.79
C LEU D 182 -4.49 -9.69 -47.97
N GLY D 183 -4.64 -8.43 -47.56
CA GLY D 183 -5.81 -7.99 -46.84
C GLY D 183 -5.66 -7.87 -45.33
N PHE D 184 -4.47 -8.12 -44.80
CA PHE D 184 -4.24 -7.91 -43.37
C PHE D 184 -4.25 -6.42 -43.05
N ARG D 185 -4.80 -6.08 -41.89
CA ARG D 185 -4.86 -4.70 -41.42
C ARG D 185 -3.79 -4.36 -40.40
N ALA D 186 -2.90 -5.29 -40.09
CA ALA D 186 -1.78 -5.03 -39.18
C ALA D 186 -0.67 -6.03 -39.46
N VAL D 187 0.55 -5.63 -39.07
CA VAL D 187 1.70 -6.52 -39.09
C VAL D 187 2.49 -6.31 -37.79
N LYS D 188 3.25 -7.34 -37.42
CA LYS D 188 4.20 -7.22 -36.32
C LYS D 188 5.61 -7.42 -36.87
N THR D 189 6.50 -6.51 -36.53
CA THR D 189 7.91 -6.62 -36.84
C THR D 189 8.67 -6.76 -35.52
N LYS D 190 9.78 -7.46 -35.56
CA LYS D 190 10.59 -7.67 -34.37
C LYS D 190 11.77 -6.72 -34.43
N ILE D 191 11.97 -5.95 -33.35
CA ILE D 191 13.00 -4.93 -33.32
C ILE D 191 13.95 -5.17 -32.16
N GLY D 192 14.74 -4.17 -31.79
CA GLY D 192 15.89 -4.38 -30.96
C GLY D 192 17.20 -4.39 -31.71
N TYR D 193 17.32 -3.61 -32.79
CA TYR D 193 18.59 -3.42 -33.47
C TYR D 193 19.61 -2.77 -32.55
N PRO D 194 20.91 -2.82 -32.91
CA PRO D 194 21.92 -2.17 -32.06
C PRO D 194 21.59 -0.74 -31.68
N ALA D 195 21.06 0.06 -32.59
CA ALA D 195 20.74 1.45 -32.30
C ALA D 195 19.23 1.68 -32.34
N LEU D 196 18.77 2.65 -31.55
CA LEU D 196 17.36 3.03 -31.60
C LEU D 196 16.99 3.57 -32.98
N ASP D 197 17.88 4.34 -33.61
CA ASP D 197 17.60 4.87 -34.93
C ASP D 197 17.26 3.77 -35.93
N GLN D 198 17.85 2.60 -35.77
CA GLN D 198 17.54 1.48 -36.65
C GLN D 198 16.13 0.96 -36.39
N ASP D 199 15.72 0.88 -35.12
CA ASP D 199 14.31 0.58 -34.79
C ASP D 199 13.39 1.59 -35.46
N LEU D 200 13.69 2.89 -35.29
CA LEU D 200 12.82 3.93 -35.82
C LEU D 200 12.79 3.92 -37.35
N ALA D 201 13.92 3.64 -38.00
CA ALA D 201 13.94 3.62 -39.47
C ALA D 201 13.05 2.50 -40.03
N VAL D 202 12.98 1.36 -39.35
CA VAL D 202 12.13 0.27 -39.82
C VAL D 202 10.66 0.65 -39.70
N VAL D 203 10.27 1.20 -38.54
CA VAL D 203 8.87 1.55 -38.32
C VAL D 203 8.43 2.65 -39.28
N ARG D 204 9.29 3.66 -39.48
CA ARG D 204 9.00 4.74 -40.41
C ARG D 204 8.80 4.22 -41.83
N SER D 205 9.68 3.32 -42.28
CA SER D 205 9.59 2.82 -43.65
C SER D 205 8.34 1.99 -43.86
N ILE D 206 7.97 1.16 -42.88
CA ILE D 206 6.72 0.41 -42.96
C ILE D 206 5.54 1.38 -43.01
N ARG D 207 5.56 2.40 -42.15
CA ARG D 207 4.42 3.31 -42.06
C ARG D 207 4.16 4.03 -43.37
N GLN D 208 5.23 4.50 -44.02
CA GLN D 208 5.07 5.18 -45.31
C GLN D 208 4.46 4.25 -46.36
N ALA D 209 4.84 2.97 -46.35
CA ALA D 209 4.33 2.04 -47.35
C ALA D 209 2.89 1.60 -47.07
N VAL D 210 2.45 1.55 -45.81
CA VAL D 210 1.11 1.06 -45.49
C VAL D 210 0.13 2.17 -45.12
N GLY D 211 0.61 3.36 -44.74
CA GLY D 211 -0.28 4.44 -44.37
C GLY D 211 -0.71 4.40 -42.91
N ASP D 212 -1.50 5.41 -42.54
CA ASP D 212 -1.80 5.65 -41.13
C ASP D 212 -2.88 4.72 -40.58
N ASP D 213 -3.82 4.28 -41.40
CA ASP D 213 -4.87 3.36 -40.96
C ASP D 213 -4.42 1.92 -41.13
N PHE D 214 -3.39 1.58 -40.36
CA PHE D 214 -2.75 0.27 -40.42
C PHE D 214 -2.07 0.02 -39.08
N GLY D 215 -2.11 -1.22 -38.61
CA GLY D 215 -1.47 -1.58 -37.35
C GLY D 215 -0.02 -1.96 -37.55
N ILE D 216 0.86 -1.37 -36.74
CA ILE D 216 2.27 -1.77 -36.68
C ILE D 216 2.59 -2.16 -35.25
N MET D 217 2.64 -3.45 -34.98
CA MET D 217 3.07 -3.96 -33.67
C MET D 217 4.57 -4.20 -33.71
N VAL D 218 5.23 -3.99 -32.56
CA VAL D 218 6.67 -4.21 -32.47
C VAL D 218 6.99 -5.07 -31.26
N ASP D 219 8.03 -5.90 -31.40
CA ASP D 219 8.38 -6.93 -30.43
C ASP D 219 9.88 -6.86 -30.17
N TYR D 220 10.27 -6.62 -28.91
CA TYR D 220 11.67 -6.53 -28.53
C TYR D 220 12.28 -7.84 -28.07
N ASN D 221 11.45 -8.88 -27.88
CA ASN D 221 11.90 -10.19 -27.39
C ASN D 221 12.87 -10.07 -26.22
N GLN D 222 12.44 -9.32 -25.20
CA GLN D 222 13.12 -9.23 -23.90
C GLN D 222 14.52 -8.61 -24.01
N SER D 223 14.83 -7.88 -25.08
CA SER D 223 16.23 -7.53 -25.30
C SER D 223 16.70 -6.29 -24.54
N LEU D 224 15.81 -5.53 -23.90
CA LEU D 224 16.20 -4.24 -23.31
C LEU D 224 16.18 -4.29 -21.78
N ASP D 225 17.05 -3.50 -21.15
CA ASP D 225 16.87 -3.21 -19.73
C ASP D 225 15.82 -2.13 -19.56
N VAL D 226 15.38 -1.91 -18.30
CA VAL D 226 14.22 -1.04 -18.06
C VAL D 226 14.47 0.40 -18.52
N PRO D 227 15.58 1.05 -18.15
CA PRO D 227 15.81 2.40 -18.70
C PRO D 227 15.90 2.44 -20.21
N ALA D 228 16.58 1.46 -20.83
CA ALA D 228 16.61 1.41 -22.29
C ALA D 228 15.22 1.24 -22.88
N ALA D 229 14.39 0.42 -22.23
CA ALA D 229 13.05 0.18 -22.75
C ALA D 229 12.21 1.46 -22.67
N ILE D 230 12.36 2.22 -21.59
CA ILE D 230 11.60 3.46 -21.46
C ILE D 230 12.01 4.45 -22.56
N LYS D 231 13.31 4.56 -22.81
CA LYS D 231 13.79 5.51 -23.81
C LYS D 231 13.33 5.12 -25.21
N ARG D 232 13.57 3.86 -25.60
CA ARG D 232 13.14 3.42 -26.93
C ARG D 232 11.62 3.44 -27.06
N SER D 233 10.90 3.02 -26.01
CA SER D 233 9.45 2.95 -26.10
C SER D 233 8.83 4.34 -26.24
N GLN D 234 9.37 5.34 -25.54
CA GLN D 234 8.83 6.68 -25.72
C GLN D 234 9.10 7.23 -27.12
N ALA D 235 10.22 6.84 -27.73
CA ALA D 235 10.49 7.23 -29.11
C ALA D 235 9.53 6.55 -30.08
N LEU D 236 9.35 5.23 -29.91
CA LEU D 236 8.41 4.50 -30.77
C LEU D 236 6.99 5.05 -30.61
N GLN D 237 6.64 5.45 -29.39
CA GLN D 237 5.29 5.95 -29.13
C GLN D 237 5.04 7.26 -29.87
N GLN D 238 6.07 8.11 -29.97
CA GLN D 238 5.95 9.32 -30.78
C GLN D 238 5.82 8.98 -32.26
N GLU D 239 6.51 7.92 -32.70
CA GLU D 239 6.41 7.49 -34.09
C GLU D 239 5.00 6.99 -34.41
N GLY D 240 4.37 6.28 -33.48
CA GLY D 240 3.08 5.69 -33.73
C GLY D 240 3.18 4.20 -33.99
N VAL D 241 3.01 3.39 -32.93
CA VAL D 241 2.98 1.94 -33.02
C VAL D 241 1.75 1.46 -32.26
N THR D 242 1.35 0.22 -32.54
CA THR D 242 0.14 -0.36 -32.00
C THR D 242 0.33 -0.95 -30.62
N TRP D 243 1.48 -1.60 -30.36
CA TRP D 243 1.82 -2.03 -29.01
C TRP D 243 3.32 -2.31 -28.96
N ILE D 244 3.82 -2.44 -27.75
CA ILE D 244 5.24 -2.70 -27.50
C ILE D 244 5.32 -3.99 -26.71
N GLU D 245 5.85 -5.04 -27.33
CA GLU D 245 5.78 -6.41 -26.82
C GLU D 245 7.10 -6.82 -26.19
N GLU D 246 7.02 -7.44 -25.01
CA GLU D 246 8.13 -7.92 -24.19
C GLU D 246 9.37 -7.03 -24.27
N PRO D 247 9.29 -5.78 -23.78
CA PRO D 247 10.46 -4.92 -23.83
C PRO D 247 11.63 -5.45 -23.01
N THR D 248 11.40 -6.17 -21.92
CA THR D 248 12.49 -6.61 -21.06
C THR D 248 12.27 -8.08 -20.68
N LEU D 249 13.13 -8.60 -19.78
CA LEU D 249 13.09 -10.00 -19.38
C LEU D 249 11.68 -10.43 -19.00
N GLN D 250 11.27 -11.61 -19.50
CA GLN D 250 9.85 -11.98 -19.45
C GLN D 250 9.36 -12.16 -18.02
N HIS D 251 10.22 -12.71 -17.13
CA HIS D 251 9.78 -12.96 -15.76
C HIS D 251 9.74 -11.68 -14.92
N ASP D 252 10.27 -10.56 -15.43
CA ASP D 252 10.39 -9.34 -14.64
C ASP D 252 9.10 -8.54 -14.79
N TYR D 253 8.09 -8.96 -14.03
CA TYR D 253 6.81 -8.28 -14.10
C TYR D 253 6.91 -6.85 -13.57
N GLU D 254 7.62 -6.66 -12.45
CA GLU D 254 7.78 -5.32 -11.88
CA GLU D 254 7.74 -5.32 -11.89
C GLU D 254 8.43 -4.37 -12.87
N GLY D 255 9.47 -4.83 -13.56
CA GLY D 255 10.10 -4.01 -14.57
C GLY D 255 9.17 -3.64 -15.71
N HIS D 256 8.37 -4.60 -16.18
CA HIS D 256 7.36 -4.28 -17.18
C HIS D 256 6.37 -3.24 -16.65
N GLN D 257 5.98 -3.36 -15.38
CA GLN D 257 5.12 -2.34 -14.78
C GLN D 257 5.78 -0.96 -14.82
N ARG D 258 7.05 -0.89 -14.41
CA ARG D 258 7.76 0.39 -14.42
C ARG D 258 7.82 0.97 -15.83
N ILE D 259 8.09 0.12 -16.84
CA ILE D 259 8.10 0.58 -18.22
C ILE D 259 6.71 1.07 -18.62
N GLN D 260 5.67 0.27 -18.34
CA GLN D 260 4.31 0.66 -18.70
C GLN D 260 3.90 1.97 -18.03
N SER D 261 4.39 2.20 -16.81
CA SER D 261 4.05 3.41 -16.08
C SER D 261 4.54 4.67 -16.78
N LYS D 262 5.51 4.55 -17.69
CA LYS D 262 6.02 5.70 -18.42
C LYS D 262 5.43 5.82 -19.83
N LEU D 263 4.41 5.03 -20.16
CA LEU D 263 3.92 4.94 -21.52
C LEU D 263 2.43 5.17 -21.61
N ASN D 264 2.02 5.80 -22.71
CA ASN D 264 0.62 5.76 -23.14
C ASN D 264 0.32 4.51 -23.96
N VAL D 265 1.19 4.17 -24.90
CA VAL D 265 1.03 2.99 -25.74
C VAL D 265 1.00 1.77 -24.83
N PRO D 266 0.22 0.74 -25.14
CA PRO D 266 0.15 -0.43 -24.24
C PRO D 266 1.38 -1.32 -24.35
N VAL D 267 1.84 -1.78 -23.19
CA VAL D 267 2.87 -2.82 -23.12
C VAL D 267 2.18 -4.17 -23.24
N GLN D 268 2.75 -5.05 -24.08
CA GLN D 268 2.15 -6.33 -24.44
C GLN D 268 3.06 -7.47 -24.01
N MET D 269 2.50 -8.51 -23.41
CA MET D 269 3.29 -9.64 -22.97
C MET D 269 2.39 -10.84 -22.73
N GLY D 270 3.01 -11.99 -22.49
CA GLY D 270 2.28 -13.17 -22.07
C GLY D 270 2.72 -14.45 -22.74
N GLU D 271 3.37 -14.33 -23.89
CA GLU D 271 3.75 -15.54 -24.63
C GLU D 271 4.62 -16.47 -23.82
N ASN D 272 5.30 -15.99 -22.78
CA ASN D 272 6.18 -16.85 -22.00
C ASN D 272 5.62 -17.22 -20.64
N TRP D 273 4.37 -16.84 -20.34
CA TRP D 273 3.72 -17.30 -19.13
C TRP D 273 3.52 -18.81 -19.18
N LEU D 274 4.08 -19.52 -18.20
CA LEU D 274 3.90 -20.96 -18.10
C LEU D 274 2.78 -21.20 -17.10
N GLY D 275 1.57 -21.33 -17.63
CA GLY D 275 0.40 -21.54 -16.81
C GLY D 275 -0.28 -20.24 -16.45
N PRO D 276 -1.59 -20.30 -16.22
CA PRO D 276 -2.33 -19.08 -15.84
C PRO D 276 -1.90 -18.52 -14.50
N GLU D 277 -1.22 -19.32 -13.67
CA GLU D 277 -0.71 -18.80 -12.40
C GLU D 277 0.37 -17.76 -12.64
N GLU D 278 1.15 -17.90 -13.71
CA GLU D 278 2.11 -16.85 -14.03
CA GLU D 278 2.12 -16.86 -14.04
C GLU D 278 1.42 -15.62 -14.57
N MET D 279 0.41 -15.80 -15.42
CA MET D 279 -0.39 -14.66 -15.86
C MET D 279 -0.99 -13.91 -14.68
N PHE D 280 -1.53 -14.65 -13.71
CA PHE D 280 -2.14 -14.02 -12.54
C PHE D 280 -1.15 -13.12 -11.80
N LYS D 281 0.08 -13.59 -11.62
CA LYS D 281 1.08 -12.78 -10.93
C LYS D 281 1.38 -11.50 -11.70
N ALA D 282 1.53 -11.60 -13.03
CA ALA D 282 1.88 -10.42 -13.82
C ALA D 282 0.75 -9.39 -13.80
N LEU D 283 -0.49 -9.84 -14.02
CA LEU D 283 -1.62 -8.92 -14.02
C LEU D 283 -1.85 -8.32 -12.64
N SER D 284 -1.60 -9.09 -11.58
CA SER D 284 -1.84 -8.61 -10.22
C SER D 284 -1.01 -7.36 -9.90
N ILE D 285 0.19 -7.25 -10.47
CA ILE D 285 1.00 -6.07 -10.20
C ILE D 285 0.95 -5.05 -11.34
N GLY D 286 0.19 -5.33 -12.40
CA GLY D 286 0.01 -4.33 -13.43
C GLY D 286 1.13 -4.26 -14.46
N ALA D 287 1.69 -5.42 -14.83
CA ALA D 287 2.83 -5.44 -15.74
C ALA D 287 2.51 -4.93 -17.14
N CYS D 288 1.25 -4.99 -17.57
CA CYS D 288 0.92 -4.80 -18.97
C CYS D 288 -0.54 -4.43 -19.09
N ARG D 289 -0.87 -3.69 -20.14
CA ARG D 289 -2.26 -3.37 -20.43
C ARG D 289 -2.83 -4.27 -21.53
N LEU D 290 -2.02 -5.14 -22.12
CA LEU D 290 -2.47 -6.13 -23.08
C LEU D 290 -1.89 -7.49 -22.70
N ALA D 291 -2.58 -8.57 -23.07
CA ALA D 291 -2.06 -9.90 -22.83
C ALA D 291 -2.12 -10.73 -24.12
N MET D 292 -1.15 -11.63 -24.29
CA MET D 292 -1.16 -12.59 -25.40
C MET D 292 -0.60 -13.93 -24.95
N PRO D 293 -1.40 -14.73 -24.25
CA PRO D 293 -0.97 -16.09 -23.89
C PRO D 293 -0.64 -16.94 -25.11
N ASP D 294 0.26 -17.89 -24.89
CA ASP D 294 0.68 -18.88 -25.88
C ASP D 294 -0.06 -20.18 -25.57
N ALA D 295 -0.78 -20.70 -26.57
CA ALA D 295 -1.63 -21.87 -26.35
C ALA D 295 -0.87 -23.03 -25.73
N MET D 296 0.40 -23.21 -26.12
CA MET D 296 1.24 -24.21 -25.50
C MET D 296 1.59 -23.82 -24.05
N LYS D 297 2.29 -22.71 -23.87
CA LYS D 297 2.83 -22.42 -22.54
C LYS D 297 1.73 -22.12 -21.52
N ILE D 298 0.59 -21.56 -21.95
CA ILE D 298 -0.46 -21.24 -20.98
C ILE D 298 -1.13 -22.49 -20.43
N GLY D 299 -0.93 -23.65 -21.06
CA GLY D 299 -1.53 -24.88 -20.57
C GLY D 299 -2.59 -25.47 -21.49
N GLY D 300 -2.52 -25.22 -22.79
CA GLY D 300 -3.48 -25.83 -23.69
C GLY D 300 -4.83 -25.13 -23.61
N VAL D 301 -5.87 -25.84 -24.09
CA VAL D 301 -7.22 -25.30 -24.05
C VAL D 301 -7.64 -25.06 -22.61
N THR D 302 -7.34 -26.00 -21.72
CA THR D 302 -7.72 -25.88 -20.32
C THR D 302 -7.08 -24.65 -19.68
N GLY D 303 -5.78 -24.45 -19.90
CA GLY D 303 -5.14 -23.26 -19.37
C GLY D 303 -5.64 -22.00 -20.04
N TRP D 304 -5.89 -22.05 -21.35
CA TRP D 304 -6.40 -20.88 -22.06
C TRP D 304 -7.72 -20.40 -21.47
N ILE D 305 -8.65 -21.32 -21.19
CA ILE D 305 -9.96 -20.89 -20.71
C ILE D 305 -9.82 -20.20 -19.37
N ARG D 306 -8.90 -20.67 -18.53
CA ARG D 306 -8.66 -20.01 -17.25
C ARG D 306 -8.02 -18.64 -17.46
N ALA D 307 -7.05 -18.55 -18.37
CA ALA D 307 -6.42 -17.27 -18.70
C ALA D 307 -7.44 -16.26 -19.20
N SER D 308 -8.39 -16.70 -20.03
CA SER D 308 -9.40 -15.78 -20.55
C SER D 308 -10.31 -15.26 -19.44
N ALA D 309 -10.62 -16.10 -18.45
CA ALA D 309 -11.38 -15.62 -17.30
C ALA D 309 -10.61 -14.53 -16.54
N LEU D 310 -9.28 -14.72 -16.40
CA LEU D 310 -8.46 -13.72 -15.71
C LEU D 310 -8.44 -12.41 -16.47
N ALA D 311 -8.18 -12.48 -17.78
CA ALA D 311 -8.10 -11.26 -18.59
C ALA D 311 -9.42 -10.50 -18.58
N GLN D 312 -10.54 -11.24 -18.56
CA GLN D 312 -11.84 -10.58 -18.44
C GLN D 312 -11.93 -9.77 -17.16
N GLN D 313 -11.52 -10.35 -16.03
CA GLN D 313 -11.74 -9.67 -14.76
C GLN D 313 -10.75 -8.53 -14.54
N PHE D 314 -9.54 -8.65 -15.07
CA PHE D 314 -8.54 -7.58 -14.99
C PHE D 314 -8.71 -6.52 -16.07
N GLY D 315 -9.68 -6.69 -16.98
CA GLY D 315 -9.89 -5.72 -18.03
C GLY D 315 -8.77 -5.66 -19.06
N ILE D 316 -8.26 -6.81 -19.49
CA ILE D 316 -7.12 -6.92 -20.40
C ILE D 316 -7.59 -7.51 -21.72
N PRO D 317 -7.50 -6.77 -22.82
CA PRO D 317 -7.72 -7.39 -24.14
C PRO D 317 -6.66 -8.45 -24.43
N MET D 318 -7.11 -9.62 -24.89
CA MET D 318 -6.30 -10.82 -24.90
C MET D 318 -6.13 -11.32 -26.32
N SER D 319 -4.87 -11.38 -26.77
CA SER D 319 -4.51 -11.89 -28.08
C SER D 319 -3.84 -13.25 -27.92
N SER D 320 -3.37 -13.82 -29.03
CA SER D 320 -2.69 -15.12 -29.01
C SER D 320 -1.24 -14.97 -29.47
N HIS D 321 -0.44 -15.99 -29.16
CA HIS D 321 0.93 -16.12 -29.67
CA HIS D 321 0.92 -16.13 -29.65
C HIS D 321 1.06 -17.50 -30.29
N LEU D 322 1.37 -17.52 -31.60
CA LEU D 322 1.55 -18.76 -32.35
C LEU D 322 0.33 -19.67 -32.28
N PHE D 323 0.47 -20.91 -32.73
CA PHE D 323 -0.60 -21.91 -32.69
C PHE D 323 -1.90 -21.35 -33.29
N GLN D 324 -1.77 -20.79 -34.49
CA GLN D 324 -2.90 -20.09 -35.09
C GLN D 324 -4.07 -21.03 -35.34
N GLU D 325 -3.80 -22.33 -35.54
CA GLU D 325 -4.87 -23.28 -35.84
C GLU D 325 -5.82 -23.40 -34.65
N ILE D 326 -5.29 -23.63 -33.46
CA ILE D 326 -6.17 -23.74 -32.30
C ILE D 326 -6.59 -22.36 -31.78
N SER D 327 -5.76 -21.33 -31.98
CA SER D 327 -6.06 -20.03 -31.38
C SER D 327 -7.28 -19.39 -32.00
N ALA D 328 -7.60 -19.72 -33.25
CA ALA D 328 -8.82 -19.18 -33.86
C ALA D 328 -10.06 -19.70 -33.13
N HIS D 329 -10.06 -20.96 -32.73
CA HIS D 329 -11.15 -21.49 -31.89
C HIS D 329 -11.16 -20.80 -30.53
N LEU D 330 -9.99 -20.71 -29.89
CA LEU D 330 -9.91 -20.22 -28.51
C LEU D 330 -10.31 -18.76 -28.40
N LEU D 331 -9.82 -17.91 -29.31
CA LEU D 331 -10.19 -16.51 -29.25
C LEU D 331 -11.68 -16.31 -29.44
N ALA D 332 -12.31 -17.14 -30.30
CA ALA D 332 -13.74 -17.04 -30.50
C ALA D 332 -14.51 -17.26 -29.21
N ALA D 333 -13.95 -17.99 -28.25
CA ALA D 333 -14.59 -18.18 -26.95
C ALA D 333 -14.05 -17.25 -25.87
N THR D 334 -13.25 -16.24 -26.22
CA THR D 334 -12.58 -15.40 -25.24
C THR D 334 -13.29 -14.07 -25.12
N PRO D 335 -13.82 -13.70 -23.96
CA PRO D 335 -14.61 -12.45 -23.88
C PRO D 335 -13.86 -11.19 -24.30
N THR D 336 -12.56 -11.08 -24.01
CA THR D 336 -11.79 -9.89 -24.38
C THR D 336 -10.86 -10.14 -25.57
N ALA D 337 -11.26 -11.06 -26.46
CA ALA D 337 -10.42 -11.42 -27.61
C ALA D 337 -10.02 -10.18 -28.41
N HIS D 338 -8.74 -10.12 -28.78
CA HIS D 338 -8.18 -8.93 -29.39
C HIS D 338 -7.67 -9.26 -30.79
N TRP D 339 -6.43 -9.75 -30.91
CA TRP D 339 -5.88 -10.14 -32.20
C TRP D 339 -5.44 -11.61 -32.17
N LEU D 340 -5.45 -12.24 -33.35
CA LEU D 340 -4.79 -13.52 -33.58
C LEU D 340 -3.44 -13.25 -34.23
N GLU D 341 -2.38 -13.93 -33.75
CA GLU D 341 -1.08 -13.84 -34.41
C GLU D 341 -1.01 -14.84 -35.55
N ARG D 342 -0.84 -14.33 -36.77
CA ARG D 342 -0.62 -15.17 -37.94
C ARG D 342 0.89 -15.36 -38.12
N LEU D 343 1.37 -16.54 -37.79
CA LEU D 343 2.77 -16.93 -37.98
C LEU D 343 2.74 -18.45 -38.13
N ASP D 344 2.82 -18.92 -39.38
CA ASP D 344 2.44 -20.29 -39.72
C ASP D 344 3.65 -21.20 -39.62
N LEU D 345 4.00 -21.56 -38.38
CA LEU D 345 5.17 -22.40 -38.16
C LEU D 345 4.98 -23.80 -38.70
N ALA D 346 3.74 -24.32 -38.67
CA ALA D 346 3.46 -25.70 -39.00
C ALA D 346 2.81 -25.87 -40.37
N GLY D 347 2.81 -24.82 -41.21
CA GLY D 347 2.13 -24.91 -42.49
C GLY D 347 2.65 -26.02 -43.39
N SER D 348 3.93 -26.37 -43.26
CA SER D 348 4.49 -27.40 -44.11
C SER D 348 4.00 -28.80 -43.77
N VAL D 349 3.40 -29.01 -42.61
CA VAL D 349 2.96 -30.34 -42.18
C VAL D 349 1.49 -30.39 -41.80
N ILE D 350 0.74 -29.29 -41.93
CA ILE D 350 -0.68 -29.24 -41.61
C ILE D 350 -1.44 -28.68 -42.82
N GLU D 351 -2.56 -29.31 -43.16
CA GLU D 351 -3.37 -28.85 -44.27
C GLU D 351 -3.90 -27.45 -43.99
N PRO D 352 -3.92 -26.56 -44.99
CA PRO D 352 -4.36 -25.18 -44.77
C PRO D 352 -5.88 -25.06 -44.68
N THR D 353 -6.47 -25.71 -43.66
CA THR D 353 -7.91 -25.60 -43.47
C THR D 353 -8.30 -24.30 -42.81
N LEU D 354 -7.39 -23.69 -42.03
CA LEU D 354 -7.61 -22.33 -41.54
C LEU D 354 -7.32 -21.35 -42.68
N THR D 355 -8.27 -20.43 -42.92
CA THR D 355 -8.17 -19.48 -44.01
C THR D 355 -8.34 -18.06 -43.46
N PHE D 356 -7.99 -17.07 -44.28
CA PHE D 356 -8.05 -15.67 -43.89
C PHE D 356 -8.81 -14.89 -44.94
N GLU D 357 -9.88 -14.22 -44.52
CA GLU D 357 -10.72 -13.39 -45.38
C GLU D 357 -10.71 -11.97 -44.84
N GLY D 358 -10.23 -11.02 -45.64
CA GLY D 358 -10.13 -9.64 -45.18
C GLY D 358 -9.23 -9.47 -43.98
N GLY D 359 -8.21 -10.32 -43.84
CA GLY D 359 -7.34 -10.28 -42.67
C GLY D 359 -7.89 -10.99 -41.44
N ASN D 360 -9.05 -11.62 -41.53
CA ASN D 360 -9.67 -12.31 -40.41
C ASN D 360 -9.49 -13.82 -40.55
N ALA D 361 -9.00 -14.47 -39.50
CA ALA D 361 -8.94 -15.92 -39.50
C ALA D 361 -10.34 -16.50 -39.42
N VAL D 362 -10.58 -17.55 -40.21
CA VAL D 362 -11.90 -18.17 -40.35
C VAL D 362 -11.77 -19.63 -39.94
N ILE D 363 -12.47 -20.00 -38.87
CA ILE D 363 -12.42 -21.37 -38.35
C ILE D 363 -12.98 -22.35 -39.38
N PRO D 364 -12.32 -23.46 -39.67
CA PRO D 364 -12.89 -24.41 -40.64
C PRO D 364 -14.06 -25.20 -40.06
N ASP D 365 -15.02 -25.52 -40.92
CA ASP D 365 -16.13 -26.39 -40.52
C ASP D 365 -15.61 -27.82 -40.47
N LEU D 366 -14.86 -28.11 -39.41
CA LEU D 366 -14.28 -29.42 -39.17
C LEU D 366 -14.41 -29.75 -37.69
N PRO D 367 -14.48 -31.03 -37.33
CA PRO D 367 -14.59 -31.39 -35.92
C PRO D 367 -13.27 -31.15 -35.20
N GLY D 368 -13.38 -30.79 -33.93
CA GLY D 368 -12.16 -30.50 -33.17
C GLY D 368 -11.52 -29.23 -33.69
N VAL D 369 -10.18 -29.24 -33.73
CA VAL D 369 -9.41 -28.07 -34.11
C VAL D 369 -9.36 -27.85 -35.63
N GLY D 370 -9.56 -28.92 -36.41
CA GLY D 370 -9.40 -28.82 -37.85
C GLY D 370 -8.00 -29.09 -38.34
N ILE D 371 -7.17 -29.78 -37.56
CA ILE D 371 -5.80 -30.12 -37.94
C ILE D 371 -5.82 -31.42 -38.72
N ILE D 372 -5.26 -31.41 -39.93
CA ILE D 372 -5.07 -32.60 -40.74
C ILE D 372 -3.61 -32.66 -41.17
N TRP D 373 -2.91 -33.73 -40.80
CA TRP D 373 -1.49 -33.86 -41.10
C TRP D 373 -1.26 -33.98 -42.60
N ARG D 374 -0.17 -33.38 -43.07
CA ARG D 374 0.32 -33.61 -44.43
C ARG D 374 1.32 -34.77 -44.37
N GLU D 375 0.78 -35.99 -44.33
CA GLU D 375 1.59 -37.17 -44.07
C GLU D 375 2.68 -37.37 -45.11
N LYS D 376 2.43 -36.98 -46.36
CA LYS D 376 3.47 -37.08 -47.37
C LYS D 376 4.60 -36.10 -47.14
N GLU D 377 4.35 -34.98 -46.45
CA GLU D 377 5.39 -33.98 -46.19
C GLU D 377 6.16 -34.25 -44.90
N ILE D 378 5.57 -34.96 -43.93
CA ILE D 378 6.17 -35.08 -42.61
C ILE D 378 7.47 -35.87 -42.68
N GLY D 379 7.51 -36.91 -43.52
CA GLY D 379 8.69 -37.75 -43.58
C GLY D 379 9.96 -37.01 -43.99
N LYS D 380 9.80 -35.93 -44.76
CA LYS D 380 10.95 -35.16 -45.22
C LYS D 380 11.68 -34.46 -44.07
N TYR D 381 11.03 -34.26 -42.92
CA TYR D 381 11.58 -33.41 -41.87
C TYR D 381 11.83 -34.16 -40.56
N LEU D 382 11.65 -35.48 -40.54
CA LEU D 382 11.81 -36.24 -39.32
C LEU D 382 13.22 -36.14 -38.77
N VAL D 383 13.33 -36.15 -37.45
CA VAL D 383 14.62 -36.03 -36.78
C VAL D 383 15.49 -37.29 -36.93
N GLU E 27 -26.47 -23.81 -36.26
CA GLU E 27 -26.78 -25.18 -36.61
C GLU E 27 -27.85 -25.76 -35.68
N VAL E 28 -27.68 -25.60 -34.37
CA VAL E 28 -28.78 -25.82 -33.43
C VAL E 28 -29.26 -24.46 -32.95
N LEU E 29 -30.55 -24.21 -33.11
CA LEU E 29 -31.16 -22.94 -32.72
C LEU E 29 -32.13 -23.15 -31.57
N ILE E 30 -32.31 -22.08 -30.79
CA ILE E 30 -33.38 -22.04 -29.79
C ILE E 30 -34.70 -21.80 -30.51
N THR E 31 -35.69 -22.64 -30.23
CA THR E 31 -36.99 -22.48 -30.88
C THR E 31 -38.11 -22.03 -29.94
N GLY E 32 -37.87 -21.96 -28.63
CA GLY E 32 -38.90 -21.52 -27.72
C GLY E 32 -38.37 -21.38 -26.32
N LEU E 33 -39.05 -20.54 -25.55
CA LEU E 33 -38.77 -20.39 -24.12
C LEU E 33 -40.10 -20.43 -23.39
N ARG E 34 -40.26 -21.38 -22.48
CA ARG E 34 -41.43 -21.44 -21.62
C ARG E 34 -41.02 -21.35 -20.15
N THR E 35 -41.76 -20.54 -19.38
CA THR E 35 -41.54 -20.42 -17.94
C THR E 35 -42.82 -20.71 -17.18
N ARG E 36 -42.66 -21.28 -15.98
CA ARG E 36 -43.76 -21.56 -15.07
C ARG E 36 -43.38 -21.09 -13.67
N ALA E 37 -44.20 -20.22 -13.09
CA ALA E 37 -43.98 -19.73 -11.73
C ALA E 37 -44.68 -20.63 -10.74
N VAL E 38 -43.94 -21.13 -9.75
CA VAL E 38 -44.51 -22.02 -8.74
C VAL E 38 -44.12 -21.54 -7.35
N ASN E 39 -44.92 -21.96 -6.37
CA ASN E 39 -44.66 -21.76 -4.95
C ASN E 39 -44.71 -23.15 -4.32
N VAL E 40 -43.55 -23.76 -4.09
CA VAL E 40 -43.50 -25.18 -3.76
C VAL E 40 -43.31 -25.37 -2.26
N PRO E 41 -43.75 -26.49 -1.70
CA PRO E 41 -43.67 -26.68 -0.25
C PRO E 41 -42.29 -27.16 0.16
N LEU E 42 -41.91 -26.76 1.37
CA LEU E 42 -40.68 -27.21 2.00
C LEU E 42 -41.04 -28.01 3.25
N ALA E 43 -40.40 -29.16 3.41
CA ALA E 43 -40.59 -29.95 4.63
C ALA E 43 -40.27 -29.13 5.88
N TYR E 44 -39.27 -28.25 5.79
CA TYR E 44 -38.91 -27.36 6.88
C TYR E 44 -38.76 -25.96 6.32
N PRO E 45 -39.52 -24.99 6.82
CA PRO E 45 -39.27 -23.60 6.44
C PRO E 45 -37.83 -23.24 6.73
N VAL E 46 -37.23 -22.44 5.83
CA VAL E 46 -35.84 -21.98 6.03
C VAL E 46 -35.91 -20.66 6.79
N HIS E 47 -35.92 -20.78 8.12
CA HIS E 47 -35.79 -19.62 8.98
C HIS E 47 -34.37 -19.06 8.94
N THR E 48 -34.23 -17.75 8.83
CA THR E 48 -32.94 -17.10 8.96
C THR E 48 -33.06 -15.94 9.94
N ALA E 49 -31.90 -15.37 10.31
CA ALA E 49 -31.89 -14.26 11.24
C ALA E 49 -32.55 -13.01 10.67
N VAL E 50 -32.76 -12.94 9.36
CA VAL E 50 -33.35 -11.78 8.70
C VAL E 50 -34.70 -12.10 8.07
N GLY E 51 -35.33 -13.21 8.47
CA GLY E 51 -36.64 -13.56 7.93
C GLY E 51 -36.74 -15.00 7.48
N THR E 52 -37.96 -15.50 7.31
CA THR E 52 -38.21 -16.91 7.02
C THR E 52 -38.63 -17.08 5.57
N VAL E 53 -37.97 -18.00 4.86
CA VAL E 53 -38.43 -18.49 3.56
C VAL E 53 -39.28 -19.73 3.83
N GLY E 54 -40.59 -19.55 3.88
CA GLY E 54 -41.50 -20.64 4.25
C GLY E 54 -41.89 -21.53 3.09
N THR E 55 -41.94 -20.97 1.89
CA THR E 55 -42.16 -21.71 0.66
C THR E 55 -41.07 -21.29 -0.32
N ALA E 56 -40.82 -22.14 -1.30
CA ALA E 56 -39.81 -21.79 -2.29
C ALA E 56 -40.50 -21.25 -3.52
N PRO E 57 -40.42 -19.94 -3.79
CA PRO E 57 -40.93 -19.40 -5.06
C PRO E 57 -39.92 -19.63 -6.17
N LEU E 58 -40.26 -20.51 -7.12
CA LEU E 58 -39.36 -20.90 -8.20
C LEU E 58 -39.96 -20.53 -9.56
N VAL E 59 -39.09 -20.25 -10.53
CA VAL E 59 -39.48 -20.17 -11.93
C VAL E 59 -38.81 -21.33 -12.67
N LEU E 60 -39.61 -22.23 -13.21
CA LEU E 60 -39.10 -23.36 -13.99
C LEU E 60 -39.01 -22.97 -15.46
N ILE E 61 -37.88 -23.30 -16.09
CA ILE E 61 -37.53 -22.80 -17.41
C ILE E 61 -37.38 -23.98 -18.38
N ASP E 62 -38.04 -23.89 -19.55
CA ASP E 62 -37.93 -24.88 -20.62
C ASP E 62 -37.47 -24.17 -21.90
N LEU E 63 -36.30 -24.55 -22.40
CA LEU E 63 -35.68 -23.96 -23.59
C LEU E 63 -35.77 -24.98 -24.72
N ALA E 64 -36.74 -24.80 -25.62
CA ALA E 64 -36.89 -25.67 -26.79
C ALA E 64 -35.84 -25.33 -27.84
N THR E 65 -35.38 -26.38 -28.55
CA THR E 65 -34.33 -26.23 -29.56
C THR E 65 -34.73 -26.89 -30.87
N SER E 66 -34.07 -26.46 -31.95
CA SER E 66 -34.25 -27.09 -33.26
C SER E 66 -33.68 -28.50 -33.31
N ALA E 67 -33.04 -28.98 -32.24
CA ALA E 67 -32.62 -30.38 -32.13
C ALA E 67 -33.66 -31.23 -31.41
N GLY E 68 -34.81 -30.66 -31.05
CA GLY E 68 -35.83 -31.47 -30.42
C GLY E 68 -35.69 -31.57 -28.91
N VAL E 69 -34.45 -31.69 -28.43
CA VAL E 69 -34.21 -31.71 -26.98
C VAL E 69 -34.65 -30.38 -26.37
N VAL E 70 -35.05 -30.43 -25.10
CA VAL E 70 -35.46 -29.25 -24.35
C VAL E 70 -34.51 -29.08 -23.16
N GLY E 71 -33.93 -27.88 -23.03
CA GLY E 71 -33.14 -27.57 -21.84
C GLY E 71 -34.03 -27.20 -20.66
N HIS E 72 -33.65 -27.70 -19.49
CA HIS E 72 -34.38 -27.43 -18.24
C HIS E 72 -33.46 -26.76 -17.22
N SER E 73 -34.02 -25.76 -16.53
CA SER E 73 -33.35 -25.12 -15.40
C SER E 73 -34.44 -24.49 -14.55
N TYR E 74 -34.06 -23.98 -13.37
CA TYR E 74 -35.00 -23.18 -12.59
C TYR E 74 -34.25 -22.08 -11.87
N LEU E 75 -35.03 -21.09 -11.39
CA LEU E 75 -34.53 -19.97 -10.63
C LEU E 75 -35.22 -19.93 -9.27
N PHE E 76 -34.55 -19.33 -8.29
CA PHE E 76 -35.06 -19.17 -6.94
C PHE E 76 -35.27 -17.68 -6.69
N ALA E 77 -36.52 -17.28 -6.43
CA ALA E 77 -36.89 -15.87 -6.28
C ALA E 77 -36.68 -15.33 -4.87
N TYR E 78 -36.40 -16.20 -3.90
CA TYR E 78 -36.16 -15.86 -2.49
C TYR E 78 -37.43 -15.40 -1.79
N THR E 79 -38.10 -14.37 -2.31
CA THR E 79 -39.37 -13.93 -1.74
C THR E 79 -40.46 -14.00 -2.81
N PRO E 80 -41.68 -14.37 -2.44
CA PRO E 80 -42.77 -14.36 -3.44
C PRO E 80 -43.04 -12.99 -4.03
N VAL E 81 -42.62 -11.91 -3.35
CA VAL E 81 -42.78 -10.56 -3.86
C VAL E 81 -42.13 -10.40 -5.24
N ALA E 82 -41.05 -11.13 -5.50
CA ALA E 82 -40.32 -11.03 -6.77
C ALA E 82 -40.70 -12.10 -7.78
N LEU E 83 -41.60 -13.03 -7.44
CA LEU E 83 -41.82 -14.21 -8.28
C LEU E 83 -42.45 -13.85 -9.62
N LYS E 84 -43.58 -13.12 -9.61
CA LYS E 84 -44.23 -12.79 -10.88
C LYS E 84 -43.38 -11.84 -11.72
N SER E 85 -42.65 -10.93 -11.07
CA SER E 85 -41.79 -10.00 -11.80
C SER E 85 -40.67 -10.74 -12.54
N LEU E 86 -40.10 -11.77 -11.91
CA LEU E 86 -39.05 -12.54 -12.56
C LEU E 86 -39.59 -13.34 -13.75
N LYS E 87 -40.75 -13.96 -13.60
CA LYS E 87 -41.33 -14.68 -14.74
C LYS E 87 -41.66 -13.72 -15.88
N GLN E 88 -42.29 -12.58 -15.53
CA GLN E 88 -42.61 -11.56 -16.54
C GLN E 88 -41.34 -11.10 -17.26
N LEU E 89 -40.27 -10.89 -16.49
CA LEU E 89 -38.99 -10.50 -17.09
C LEU E 89 -38.51 -11.55 -18.08
N LEU E 90 -38.54 -12.82 -17.69
CA LEU E 90 -38.05 -13.88 -18.57
C LEU E 90 -38.89 -13.97 -19.84
N ASP E 91 -40.20 -13.82 -19.71
CA ASP E 91 -41.08 -13.93 -20.88
C ASP E 91 -40.82 -12.81 -21.87
N ASP E 92 -40.50 -11.61 -21.38
CA ASP E 92 -40.18 -10.52 -22.29
C ASP E 92 -38.77 -10.66 -22.87
N MET E 93 -37.91 -11.47 -22.24
CA MET E 93 -36.58 -11.75 -22.78
C MET E 93 -36.60 -12.81 -23.88
N ALA E 94 -37.68 -13.60 -23.98
CA ALA E 94 -37.74 -14.65 -25.00
C ALA E 94 -37.39 -14.11 -26.37
N ALA E 95 -37.92 -12.94 -26.74
CA ALA E 95 -37.66 -12.37 -28.06
C ALA E 95 -36.16 -12.18 -28.31
N MET E 96 -35.36 -12.01 -27.25
CA MET E 96 -33.93 -11.83 -27.43
C MET E 96 -33.21 -13.13 -27.75
N ILE E 97 -33.78 -14.29 -27.46
CA ILE E 97 -32.99 -15.51 -27.60
C ILE E 97 -33.60 -16.53 -28.56
N VAL E 98 -34.93 -16.52 -28.73
CA VAL E 98 -35.54 -17.42 -29.70
C VAL E 98 -34.95 -17.14 -31.08
N ASN E 99 -34.55 -18.20 -31.78
CA ASN E 99 -33.92 -18.18 -33.10
C ASN E 99 -32.42 -17.85 -33.00
N GLU E 100 -31.87 -17.72 -31.79
CA GLU E 100 -30.42 -17.58 -31.68
C GLU E 100 -29.76 -18.95 -31.59
N PRO E 101 -28.51 -19.09 -32.03
CA PRO E 101 -27.81 -20.36 -31.85
C PRO E 101 -27.74 -20.76 -30.37
N LEU E 102 -27.72 -22.07 -30.15
CA LEU E 102 -27.57 -22.64 -28.80
C LEU E 102 -26.09 -22.66 -28.44
N ALA E 103 -25.56 -21.46 -28.21
CA ALA E 103 -24.17 -21.26 -27.82
C ALA E 103 -24.23 -20.43 -26.54
N PRO E 104 -24.19 -21.08 -25.37
CA PRO E 104 -24.41 -20.36 -24.11
C PRO E 104 -23.43 -19.22 -23.89
N VAL E 105 -22.17 -19.41 -24.26
CA VAL E 105 -21.16 -18.38 -24.03
C VAL E 105 -21.44 -17.16 -24.89
N SER E 106 -21.83 -17.37 -26.15
CA SER E 106 -22.18 -16.25 -27.01
C SER E 106 -23.50 -15.63 -26.58
N LEU E 107 -24.45 -16.46 -26.16
CA LEU E 107 -25.73 -15.93 -25.64
C LEU E 107 -25.50 -15.00 -24.46
N GLU E 108 -24.61 -15.40 -23.54
CA GLU E 108 -24.36 -14.58 -22.35
C GLU E 108 -23.72 -13.26 -22.69
N ALA E 109 -22.76 -13.27 -23.63
CA ALA E 109 -22.18 -12.02 -24.10
C ALA E 109 -23.23 -11.08 -24.67
N MET E 110 -24.22 -11.63 -25.39
CA MET E 110 -25.26 -10.80 -25.98
C MET E 110 -26.14 -10.18 -24.90
N LEU E 111 -26.53 -10.97 -23.89
CA LEU E 111 -27.40 -10.46 -22.83
C LEU E 111 -26.70 -9.39 -22.00
N ALA E 112 -25.43 -9.63 -21.63
CA ALA E 112 -24.62 -8.62 -20.96
C ALA E 112 -24.63 -7.30 -21.72
N LYS E 113 -24.44 -7.36 -23.04
CA LYS E 113 -24.41 -6.12 -23.83
C LYS E 113 -25.79 -5.47 -23.89
N ARG E 114 -26.83 -6.26 -24.15
CA ARG E 114 -28.16 -5.66 -24.28
C ARG E 114 -28.63 -5.01 -22.98
N PHE E 115 -28.16 -5.50 -21.83
CA PHE E 115 -28.60 -4.96 -20.55
C PHE E 115 -27.58 -4.03 -19.90
N CYS E 116 -26.57 -3.59 -20.65
CA CYS E 116 -25.51 -2.76 -20.10
CA CYS E 116 -25.53 -2.80 -20.00
C CYS E 116 -26.03 -1.42 -19.57
N LEU E 117 -27.12 -0.93 -20.15
CA LEU E 117 -27.66 0.36 -19.72
C LEU E 117 -28.61 0.20 -18.55
N ALA E 118 -29.49 -0.80 -18.63
CA ALA E 118 -30.44 -1.09 -17.56
C ALA E 118 -29.74 -1.52 -16.28
N GLY E 119 -28.63 -2.24 -16.38
CA GLY E 119 -27.98 -2.81 -15.21
C GLY E 119 -28.00 -4.32 -15.23
N TYR E 120 -26.89 -4.92 -15.65
CA TYR E 120 -26.78 -6.38 -15.79
C TYR E 120 -26.50 -7.01 -14.42
N THR E 121 -27.51 -6.96 -13.56
CA THR E 121 -27.38 -7.39 -12.19
C THR E 121 -28.77 -7.73 -11.66
N GLY E 122 -28.83 -8.16 -10.40
CA GLY E 122 -30.11 -8.39 -9.75
C GLY E 122 -31.00 -9.35 -10.52
N LEU E 123 -32.30 -9.04 -10.59
CA LEU E 123 -33.25 -9.92 -11.26
C LEU E 123 -32.87 -10.14 -12.72
N ILE E 124 -32.37 -9.11 -13.40
CA ILE E 124 -32.00 -9.26 -14.81
C ILE E 124 -30.90 -10.31 -14.96
N ARG E 125 -29.85 -10.21 -14.14
CA ARG E 125 -28.75 -11.18 -14.19
C ARG E 125 -29.23 -12.58 -13.81
N MET E 126 -30.12 -12.68 -12.83
CA MET E 126 -30.63 -13.98 -12.42
C MET E 126 -31.40 -14.65 -13.56
N ALA E 127 -32.22 -13.87 -14.28
CA ALA E 127 -32.95 -14.37 -15.44
C ALA E 127 -31.98 -14.87 -16.51
N ALA E 128 -30.94 -14.09 -16.83
CA ALA E 128 -29.96 -14.52 -17.81
C ALA E 128 -29.24 -15.80 -17.39
N ALA E 129 -29.00 -15.94 -16.08
CA ALA E 129 -28.42 -17.17 -15.56
C ALA E 129 -29.35 -18.37 -15.74
N GLY E 130 -30.65 -18.16 -15.53
CA GLY E 130 -31.60 -19.25 -15.77
C GLY E 130 -31.59 -19.71 -17.21
N ILE E 131 -31.48 -18.75 -18.14
CA ILE E 131 -31.34 -19.09 -19.56
C ILE E 131 -30.05 -19.86 -19.78
N ASP E 132 -28.94 -19.38 -19.20
CA ASP E 132 -27.66 -20.04 -19.38
C ASP E 132 -27.70 -21.49 -18.91
N MET E 133 -28.30 -21.73 -17.73
CA MET E 133 -28.32 -23.08 -17.18
C MET E 133 -29.17 -24.01 -18.03
N ALA E 134 -30.25 -23.50 -18.61
CA ALA E 134 -31.06 -24.32 -19.50
C ALA E 134 -30.35 -24.55 -20.82
N ALA E 135 -29.62 -23.55 -21.32
CA ALA E 135 -28.92 -23.72 -22.59
C ALA E 135 -27.82 -24.77 -22.48
N TRP E 136 -27.08 -24.77 -21.37
CA TRP E 136 -26.05 -25.79 -21.18
C TRP E 136 -26.66 -27.18 -20.99
N ASP E 137 -27.78 -27.28 -20.26
CA ASP E 137 -28.50 -28.55 -20.19
C ASP E 137 -28.90 -29.03 -21.57
N ALA E 138 -29.42 -28.12 -22.41
CA ALA E 138 -29.78 -28.49 -23.78
C ALA E 138 -28.56 -28.92 -24.57
N LEU E 139 -27.43 -28.23 -24.40
CA LEU E 139 -26.22 -28.56 -25.15
C LEU E 139 -25.69 -29.94 -24.76
N GLY E 140 -25.78 -30.29 -23.48
CA GLY E 140 -25.43 -31.65 -23.08
C GLY E 140 -26.35 -32.68 -23.72
N LYS E 141 -27.64 -32.34 -23.84
CA LYS E 141 -28.60 -33.23 -24.48
C LYS E 141 -28.31 -33.37 -25.97
N VAL E 142 -27.93 -32.27 -26.63
CA VAL E 142 -27.58 -32.33 -28.04
C VAL E 142 -26.45 -33.33 -28.26
N HIS E 143 -25.50 -33.38 -27.35
CA HIS E 143 -24.34 -34.26 -27.47
C HIS E 143 -24.50 -35.56 -26.68
N GLU E 144 -25.68 -35.81 -26.11
CA GLU E 144 -25.99 -37.06 -25.40
C GLU E 144 -24.95 -37.37 -24.33
N THR E 145 -24.60 -36.36 -23.53
CA THR E 145 -23.54 -36.56 -22.56
C THR E 145 -23.86 -35.75 -21.30
N PRO E 146 -23.50 -36.26 -20.12
CA PRO E 146 -23.70 -35.47 -18.89
C PRO E 146 -22.90 -34.17 -18.95
N LEU E 147 -23.46 -33.13 -18.33
CA LEU E 147 -22.82 -31.80 -18.39
C LEU E 147 -21.36 -31.86 -17.92
N VAL E 148 -21.09 -32.59 -16.83
CA VAL E 148 -19.71 -32.64 -16.33
C VAL E 148 -18.74 -33.10 -17.42
N LYS E 149 -19.13 -34.12 -18.18
CA LYS E 149 -18.27 -34.64 -19.24
C LYS E 149 -18.16 -33.66 -20.40
N LEU E 150 -19.25 -32.96 -20.72
CA LEU E 150 -19.20 -31.94 -21.76
C LEU E 150 -18.21 -30.85 -21.39
N LEU E 151 -18.07 -30.57 -20.09
CA LEU E 151 -17.10 -29.58 -19.62
C LEU E 151 -15.68 -30.15 -19.56
N GLY E 152 -15.49 -31.41 -19.91
CA GLY E 152 -14.15 -31.96 -20.01
C GLY E 152 -13.63 -32.62 -18.75
N ALA E 153 -14.50 -32.98 -17.81
CA ALA E 153 -14.10 -33.50 -16.50
C ALA E 153 -14.78 -34.83 -16.24
N ASN E 154 -14.15 -35.65 -15.41
CA ASN E 154 -14.79 -36.88 -14.98
C ASN E 154 -15.82 -36.58 -13.90
N ALA E 155 -16.93 -37.30 -13.93
CA ALA E 155 -17.82 -37.31 -12.78
C ALA E 155 -17.07 -37.83 -11.56
N ARG E 156 -17.27 -37.17 -10.43
CA ARG E 156 -16.74 -37.64 -9.17
C ARG E 156 -17.80 -37.29 -8.13
N PRO E 157 -17.99 -38.13 -7.11
CA PRO E 157 -18.88 -37.74 -6.01
C PRO E 157 -18.26 -36.59 -5.25
N VAL E 158 -19.11 -35.75 -4.67
CA VAL E 158 -18.63 -34.59 -3.91
C VAL E 158 -19.32 -34.58 -2.55
N GLN E 159 -18.52 -34.41 -1.51
CA GLN E 159 -19.06 -34.38 -0.15
C GLN E 159 -20.09 -33.27 -0.02
N ALA E 160 -21.19 -33.58 0.67
CA ALA E 160 -22.30 -32.67 0.86
C ALA E 160 -22.56 -32.50 2.34
N TYR E 161 -22.94 -31.29 2.73
CA TYR E 161 -23.45 -31.07 4.08
C TYR E 161 -24.96 -30.87 4.00
N ASP E 162 -25.68 -31.38 4.98
CA ASP E 162 -27.12 -31.19 5.05
C ASP E 162 -27.40 -29.82 5.65
N SER E 163 -28.05 -28.96 4.87
CA SER E 163 -28.19 -27.55 5.21
C SER E 163 -29.54 -27.33 5.89
N HIS E 164 -29.52 -26.84 7.13
CA HIS E 164 -30.72 -26.65 7.93
C HIS E 164 -31.01 -25.14 8.06
N SER E 165 -31.65 -24.73 9.16
CA SER E 165 -31.96 -23.30 9.24
C SER E 165 -31.98 -22.86 10.71
N LEU E 166 -32.58 -21.70 10.97
CA LEU E 166 -32.64 -21.13 12.32
C LEU E 166 -33.76 -21.81 13.07
N ASP E 167 -33.45 -23.01 13.59
CA ASP E 167 -34.46 -23.99 13.96
C ASP E 167 -34.75 -24.07 15.45
N GLY E 168 -34.00 -23.37 16.28
CA GLY E 168 -34.06 -23.58 17.71
C GLY E 168 -33.32 -24.86 18.11
N VAL E 169 -32.91 -24.90 19.39
CA VAL E 169 -32.01 -25.96 19.84
C VAL E 169 -32.61 -27.34 19.60
N LYS E 170 -33.89 -27.52 19.95
CA LYS E 170 -34.46 -28.87 19.88
C LYS E 170 -34.51 -29.39 18.45
N LEU E 171 -35.10 -28.61 17.54
CA LEU E 171 -35.20 -29.09 16.15
C LEU E 171 -33.83 -29.14 15.47
N ALA E 172 -32.97 -28.15 15.76
CA ALA E 172 -31.63 -28.19 15.18
C ALA E 172 -30.92 -29.48 15.53
N THR E 173 -31.05 -29.92 16.79
CA THR E 173 -30.39 -31.15 17.22
C THR E 173 -31.03 -32.37 16.57
N GLU E 174 -32.36 -32.41 16.52
CA GLU E 174 -33.04 -33.54 15.89
C GLU E 174 -32.62 -33.68 14.43
N ARG E 175 -32.58 -32.55 13.70
CA ARG E 175 -32.25 -32.62 12.28
C ARG E 175 -30.79 -33.03 12.08
N ALA E 176 -29.90 -32.61 12.97
CA ALA E 176 -28.50 -33.03 12.86
C ALA E 176 -28.36 -34.54 13.08
N VAL E 177 -29.11 -35.09 14.06
CA VAL E 177 -29.06 -36.53 14.26
C VAL E 177 -29.55 -37.26 13.02
N THR E 178 -30.64 -36.77 12.42
CA THR E 178 -31.18 -37.43 11.24
C THR E 178 -30.21 -37.35 10.07
N ALA E 179 -29.57 -36.19 9.88
CA ALA E 179 -28.57 -36.06 8.83
C ALA E 179 -27.44 -37.05 9.00
N ALA E 180 -26.93 -37.19 10.22
CA ALA E 180 -25.88 -38.16 10.45
C ALA E 180 -26.38 -39.57 10.15
N GLU E 181 -27.63 -39.87 10.52
CA GLU E 181 -28.19 -41.17 10.22
C GLU E 181 -28.26 -41.41 8.71
N LEU E 182 -28.53 -40.37 7.93
CA LEU E 182 -28.59 -40.48 6.48
C LEU E 182 -27.23 -40.59 5.81
N GLY E 183 -26.13 -40.44 6.57
CA GLY E 183 -24.79 -40.57 6.02
C GLY E 183 -24.05 -39.26 5.83
N PHE E 184 -24.67 -38.10 6.04
CA PHE E 184 -23.96 -36.84 5.88
C PHE E 184 -22.89 -36.71 6.96
N ARG E 185 -21.75 -36.11 6.60
CA ARG E 185 -20.65 -35.91 7.53
C ARG E 185 -20.58 -34.48 8.06
N ALA E 186 -21.56 -33.64 7.73
CA ALA E 186 -21.59 -32.28 8.26
C ALA E 186 -22.99 -31.72 8.08
N VAL E 187 -23.35 -30.78 8.94
CA VAL E 187 -24.58 -30.01 8.79
C VAL E 187 -24.22 -28.54 8.81
N LYS E 188 -25.14 -27.72 8.31
CA LYS E 188 -25.05 -26.29 8.45
C LYS E 188 -26.32 -25.81 9.14
N THR E 189 -26.16 -25.01 10.17
CA THR E 189 -27.30 -24.43 10.87
C THR E 189 -27.21 -22.92 10.71
N LYS E 190 -28.36 -22.27 10.67
CA LYS E 190 -28.40 -20.83 10.52
C LYS E 190 -28.58 -20.23 11.90
N ILE E 191 -27.73 -19.26 12.25
CA ILE E 191 -27.74 -18.67 13.58
C ILE E 191 -27.87 -17.15 13.50
N GLY E 192 -27.73 -16.48 14.64
CA GLY E 192 -28.05 -15.07 14.73
C GLY E 192 -29.26 -14.84 15.61
N TYR E 193 -29.42 -15.69 16.64
CA TYR E 193 -30.43 -15.47 17.67
C TYR E 193 -30.15 -14.17 18.40
N PRO E 194 -31.14 -13.64 19.15
CA PRO E 194 -30.91 -12.36 19.85
C PRO E 194 -29.69 -12.37 20.75
N ALA E 195 -29.40 -13.48 21.43
CA ALA E 195 -28.23 -13.59 22.30
C ALA E 195 -27.19 -14.53 21.69
N LEU E 196 -25.92 -14.21 21.89
CA LEU E 196 -24.84 -15.11 21.50
C LEU E 196 -24.90 -16.42 22.30
N ASP E 197 -25.35 -16.36 23.56
CA ASP E 197 -25.50 -17.60 24.32
C ASP E 197 -26.47 -18.57 23.63
N GLN E 198 -27.47 -18.04 22.91
CA GLN E 198 -28.38 -18.91 22.16
C GLN E 198 -27.70 -19.51 20.94
N ASP E 199 -26.87 -18.73 20.23
CA ASP E 199 -26.05 -19.30 19.16
C ASP E 199 -25.22 -20.46 19.71
N LEU E 200 -24.57 -20.25 20.86
CA LEU E 200 -23.71 -21.28 21.44
C LEU E 200 -24.51 -22.47 21.94
N ALA E 201 -25.70 -22.23 22.48
CA ALA E 201 -26.52 -23.33 22.94
C ALA E 201 -26.86 -24.28 21.79
N VAL E 202 -27.14 -23.73 20.61
CA VAL E 202 -27.50 -24.56 19.46
C VAL E 202 -26.31 -25.39 18.99
N VAL E 203 -25.14 -24.74 18.78
CA VAL E 203 -24.01 -25.48 18.21
C VAL E 203 -23.51 -26.53 19.20
N ARG E 204 -23.52 -26.21 20.50
CA ARG E 204 -23.06 -27.16 21.50
C ARG E 204 -24.00 -28.36 21.59
N SER E 205 -25.31 -28.11 21.50
CA SER E 205 -26.27 -29.21 21.50
C SER E 205 -26.10 -30.11 20.28
N ILE E 206 -25.86 -29.51 19.11
CA ILE E 206 -25.58 -30.31 17.92
C ILE E 206 -24.34 -31.16 18.13
N ARG E 207 -23.28 -30.55 18.67
CA ARG E 207 -22.02 -31.27 18.86
C ARG E 207 -22.19 -32.45 19.78
N GLN E 208 -22.90 -32.26 20.90
CA GLN E 208 -23.17 -33.38 21.81
C GLN E 208 -23.89 -34.51 21.09
N ALA E 209 -24.78 -34.18 20.14
CA ALA E 209 -25.57 -35.22 19.49
C ALA E 209 -24.85 -35.93 18.36
N VAL E 210 -23.84 -35.31 17.75
CA VAL E 210 -23.19 -35.90 16.58
C VAL E 210 -21.77 -36.40 16.87
N GLY E 211 -21.15 -35.97 17.95
CA GLY E 211 -19.78 -36.37 18.23
C GLY E 211 -18.76 -35.42 17.65
N ASP E 212 -17.49 -35.73 17.89
CA ASP E 212 -16.40 -34.82 17.56
C ASP E 212 -15.93 -34.93 16.11
N ASP E 213 -16.20 -36.03 15.43
CA ASP E 213 -15.75 -36.20 14.04
C ASP E 213 -16.88 -35.87 13.08
N PHE E 214 -17.26 -34.60 13.06
CA PHE E 214 -18.46 -34.18 12.33
C PHE E 214 -18.43 -32.67 12.12
N GLY E 215 -18.72 -32.22 10.90
CA GLY E 215 -18.66 -30.80 10.60
C GLY E 215 -19.93 -30.06 10.99
N ILE E 216 -19.77 -28.90 11.64
CA ILE E 216 -20.87 -27.98 11.94
C ILE E 216 -20.52 -26.64 11.31
N MET E 217 -21.22 -26.30 10.22
CA MET E 217 -21.11 -24.99 9.60
C MET E 217 -22.21 -24.08 10.16
N VAL E 218 -21.91 -22.78 10.25
CA VAL E 218 -22.91 -21.82 10.75
C VAL E 218 -23.02 -20.65 9.79
N ASP E 219 -24.23 -20.10 9.70
CA ASP E 219 -24.61 -19.07 8.72
C ASP E 219 -25.39 -17.97 9.42
N TYR E 220 -24.84 -16.76 9.44
CA TYR E 220 -25.48 -15.60 10.08
C TYR E 220 -26.42 -14.84 9.15
N ASN E 221 -26.36 -15.11 7.85
CA ASN E 221 -27.24 -14.45 6.88
C ASN E 221 -27.20 -12.93 7.04
N GLN E 222 -25.97 -12.39 7.13
CA GLN E 222 -25.70 -10.95 7.09
C GLN E 222 -26.22 -10.19 8.30
N SER E 223 -26.50 -10.84 9.42
CA SER E 223 -27.30 -10.21 10.46
C SER E 223 -26.49 -9.43 11.49
N LEU E 224 -25.16 -9.47 11.45
CA LEU E 224 -24.33 -8.84 12.46
C LEU E 224 -23.57 -7.64 11.91
N ASP E 225 -23.36 -6.63 12.75
CA ASP E 225 -22.35 -5.63 12.42
C ASP E 225 -20.94 -6.20 12.68
N VAL E 226 -19.92 -5.45 12.25
CA VAL E 226 -18.55 -5.96 12.28
C VAL E 226 -18.05 -6.25 13.69
N PRO E 227 -18.22 -5.34 14.67
CA PRO E 227 -17.80 -5.71 16.05
C PRO E 227 -18.55 -6.90 16.61
N ALA E 228 -19.87 -6.97 16.41
CA ALA E 228 -20.64 -8.12 16.85
C ALA E 228 -20.17 -9.40 16.17
N ALA E 229 -19.85 -9.32 14.89
CA ALA E 229 -19.38 -10.50 14.17
C ALA E 229 -18.05 -10.99 14.74
N ILE E 230 -17.15 -10.06 15.09
CA ILE E 230 -15.87 -10.44 15.67
C ILE E 230 -16.08 -11.12 17.03
N LYS E 231 -16.97 -10.55 17.85
CA LYS E 231 -17.21 -11.09 19.19
C LYS E 231 -17.86 -12.47 19.12
N ARG E 232 -18.93 -12.61 18.34
CA ARG E 232 -19.59 -13.90 18.25
C ARG E 232 -18.71 -14.93 17.55
N SER E 233 -17.97 -14.50 16.52
CA SER E 233 -17.17 -15.45 15.75
C SER E 233 -16.01 -15.99 16.57
N GLN E 234 -15.41 -15.15 17.41
CA GLN E 234 -14.33 -15.65 18.25
C GLN E 234 -14.87 -16.59 19.32
N ALA E 235 -16.11 -16.39 19.76
CA ALA E 235 -16.74 -17.38 20.64
C ALA E 235 -17.01 -18.68 19.88
N LEU E 236 -17.57 -18.59 18.67
CA LEU E 236 -17.85 -19.80 17.89
C LEU E 236 -16.58 -20.55 17.54
N GLN E 237 -15.49 -19.82 17.30
CA GLN E 237 -14.21 -20.43 16.96
C GLN E 237 -13.70 -21.34 18.07
N GLN E 238 -13.98 -20.97 19.33
CA GLN E 238 -13.62 -21.82 20.46
C GLN E 238 -14.37 -23.15 20.47
N GLU E 239 -15.52 -23.22 19.82
CA GLU E 239 -16.27 -24.46 19.68
C GLU E 239 -15.83 -25.28 18.47
N GLY E 240 -14.93 -24.75 17.65
CA GLY E 240 -14.44 -25.50 16.50
C GLY E 240 -15.45 -25.70 15.38
N VAL E 241 -16.32 -24.71 15.15
CA VAL E 241 -17.21 -24.76 13.97
C VAL E 241 -16.36 -24.78 12.70
N THR E 242 -16.97 -25.25 11.61
CA THR E 242 -16.23 -25.48 10.36
C THR E 242 -16.03 -24.19 9.57
N TRP E 243 -17.04 -23.32 9.50
CA TRP E 243 -16.85 -22.00 8.90
C TRP E 243 -17.93 -21.06 9.41
N ILE E 244 -17.69 -19.76 9.21
CA ILE E 244 -18.65 -18.74 9.59
C ILE E 244 -19.10 -18.04 8.32
N GLU E 245 -20.37 -18.20 7.99
CA GLU E 245 -20.91 -17.80 6.70
C GLU E 245 -21.65 -16.47 6.80
N GLU E 246 -21.39 -15.58 5.83
CA GLU E 246 -21.96 -14.22 5.74
C GLU E 246 -22.21 -13.58 7.09
N PRO E 247 -21.16 -13.29 7.88
CA PRO E 247 -21.39 -12.65 9.18
C PRO E 247 -22.01 -11.26 9.10
N THR E 248 -21.73 -10.48 8.05
CA THR E 248 -22.29 -9.11 7.95
C THR E 248 -22.85 -8.85 6.55
N LEU E 249 -23.18 -7.58 6.25
CA LEU E 249 -23.83 -7.25 4.97
C LEU E 249 -23.03 -7.78 3.79
N GLN E 250 -23.73 -8.44 2.84
CA GLN E 250 -23.04 -9.24 1.83
C GLN E 250 -22.16 -8.39 0.94
N HIS E 251 -22.59 -7.17 0.63
CA HIS E 251 -21.79 -6.30 -0.23
C HIS E 251 -20.62 -5.66 0.52
N ASP E 252 -20.52 -5.82 1.83
CA ASP E 252 -19.45 -5.14 2.58
C ASP E 252 -18.22 -6.05 2.61
N TYR E 253 -17.45 -6.04 1.52
CA TYR E 253 -16.28 -6.91 1.43
C TYR E 253 -15.18 -6.46 2.40
N GLU E 254 -14.98 -5.15 2.55
CA GLU E 254 -13.99 -4.64 3.51
C GLU E 254 -14.32 -5.08 4.92
N GLY E 255 -15.60 -5.02 5.28
CA GLY E 255 -15.99 -5.44 6.63
C GLY E 255 -15.77 -6.93 6.86
N HIS E 256 -16.07 -7.75 5.85
CA HIS E 256 -15.73 -9.17 5.92
C HIS E 256 -14.23 -9.39 6.06
N GLN E 257 -13.43 -8.58 5.38
CA GLN E 257 -11.97 -8.67 5.58
C GLN E 257 -11.60 -8.37 7.03
N ARG E 258 -12.22 -7.35 7.63
CA ARG E 258 -11.87 -7.00 9.01
C ARG E 258 -12.29 -8.10 9.98
N ILE E 259 -13.44 -8.70 9.76
CA ILE E 259 -13.84 -9.86 10.56
C ILE E 259 -12.84 -11.01 10.38
N GLN E 260 -12.55 -11.38 9.12
CA GLN E 260 -11.62 -12.48 8.87
C GLN E 260 -10.26 -12.24 9.51
N SER E 261 -9.82 -10.97 9.54
CA SER E 261 -8.50 -10.63 10.09
C SER E 261 -8.38 -10.96 11.57
N LYS E 262 -9.50 -11.08 12.29
CA LYS E 262 -9.52 -11.40 13.71
C LYS E 262 -9.80 -12.88 13.98
N LEU E 263 -9.77 -13.74 12.96
CA LEU E 263 -10.20 -15.11 13.10
C LEU E 263 -9.18 -16.10 12.55
N ASN E 264 -9.13 -17.28 13.19
CA ASN E 264 -8.51 -18.46 12.60
C ASN E 264 -9.50 -19.23 11.74
N VAL E 265 -10.70 -19.47 12.25
CA VAL E 265 -11.79 -20.09 11.49
C VAL E 265 -12.00 -19.30 10.19
N PRO E 266 -12.28 -19.97 9.06
CA PRO E 266 -12.45 -19.23 7.80
C PRO E 266 -13.80 -18.52 7.72
N VAL E 267 -13.79 -17.31 7.20
CA VAL E 267 -15.04 -16.64 6.82
C VAL E 267 -15.46 -17.16 5.45
N GLN E 268 -16.74 -17.48 5.32
CA GLN E 268 -17.32 -18.05 4.12
C GLN E 268 -18.36 -17.08 3.58
N MET E 269 -18.33 -16.86 2.27
CA MET E 269 -19.32 -16.01 1.62
C MET E 269 -19.37 -16.35 0.13
N GLY E 270 -20.28 -15.69 -0.59
CA GLY E 270 -20.30 -15.80 -2.03
C GLY E 270 -21.68 -16.00 -2.63
N GLU E 271 -22.64 -16.45 -1.82
CA GLU E 271 -23.94 -16.79 -2.39
C GLU E 271 -24.65 -15.58 -2.99
N ASN E 272 -24.28 -14.37 -2.60
CA ASN E 272 -24.93 -13.18 -3.12
C ASN E 272 -24.09 -12.42 -4.14
N TRP E 273 -22.93 -12.97 -4.54
CA TRP E 273 -22.17 -12.39 -5.64
C TRP E 273 -22.98 -12.51 -6.92
N LEU E 274 -23.28 -11.38 -7.55
CA LEU E 274 -23.97 -11.36 -8.83
C LEU E 274 -22.91 -11.22 -9.90
N GLY E 275 -22.52 -12.36 -10.48
CA GLY E 275 -21.49 -12.40 -11.50
C GLY E 275 -20.09 -12.58 -10.91
N PRO E 276 -19.19 -13.20 -11.67
CA PRO E 276 -17.81 -13.36 -11.18
C PRO E 276 -17.11 -12.04 -10.95
N GLU E 277 -17.65 -10.94 -11.50
CA GLU E 277 -17.01 -9.65 -11.27
C GLU E 277 -17.17 -9.21 -9.82
N GLU E 278 -18.26 -9.59 -9.14
CA GLU E 278 -18.37 -9.25 -7.74
CA GLU E 278 -18.40 -9.26 -7.73
C GLU E 278 -17.49 -10.16 -6.89
N MET E 279 -17.36 -11.43 -7.27
CA MET E 279 -16.44 -12.32 -6.60
C MET E 279 -15.00 -11.81 -6.71
N PHE E 280 -14.64 -11.29 -7.89
CA PHE E 280 -13.28 -10.78 -8.11
C PHE E 280 -12.99 -9.62 -7.17
N LYS E 281 -13.96 -8.71 -6.99
CA LYS E 281 -13.74 -7.58 -6.07
C LYS E 281 -13.58 -8.05 -4.63
N ALA E 282 -14.35 -9.07 -4.21
CA ALA E 282 -14.25 -9.52 -2.83
C ALA E 282 -12.95 -10.28 -2.58
N LEU E 283 -12.58 -11.20 -3.49
CA LEU E 283 -11.31 -11.91 -3.30
C LEU E 283 -10.12 -10.97 -3.38
N SER E 284 -10.23 -9.90 -4.15
CA SER E 284 -9.11 -8.97 -4.32
C SER E 284 -8.75 -8.26 -3.02
N ILE E 285 -9.69 -8.09 -2.09
CA ILE E 285 -9.33 -7.42 -0.86
C ILE E 285 -9.28 -8.39 0.32
N GLY E 286 -9.35 -9.70 0.05
CA GLY E 286 -9.26 -10.69 1.12
C GLY E 286 -10.49 -10.77 2.00
N ALA E 287 -11.68 -10.73 1.39
CA ALA E 287 -12.89 -10.69 2.20
C ALA E 287 -13.10 -12.00 2.96
N CYS E 288 -12.57 -13.11 2.45
CA CYS E 288 -12.95 -14.43 2.94
C CYS E 288 -11.89 -15.45 2.52
N ARG E 289 -11.71 -16.49 3.35
CA ARG E 289 -10.80 -17.56 2.97
C ARG E 289 -11.50 -18.73 2.28
N LEU E 290 -12.84 -18.72 2.25
CA LEU E 290 -13.65 -19.70 1.53
C LEU E 290 -14.63 -18.94 0.64
N ALA E 291 -15.08 -19.60 -0.42
CA ALA E 291 -16.09 -19.02 -1.32
C ALA E 291 -17.14 -20.07 -1.66
N MET E 292 -18.38 -19.62 -1.87
CA MET E 292 -19.48 -20.50 -2.25
C MET E 292 -20.43 -19.78 -3.21
N PRO E 293 -20.05 -19.68 -4.48
CA PRO E 293 -20.97 -19.09 -5.46
C PRO E 293 -22.29 -19.85 -5.54
N ASP E 294 -23.32 -19.10 -5.88
CA ASP E 294 -24.67 -19.61 -6.16
C ASP E 294 -24.80 -19.73 -7.67
N ALA E 295 -25.10 -20.94 -8.17
CA ALA E 295 -25.12 -21.17 -9.62
C ALA E 295 -26.00 -20.16 -10.36
N MET E 296 -27.08 -19.70 -9.73
CA MET E 296 -27.92 -18.69 -10.35
C MET E 296 -27.26 -17.31 -10.31
N LYS E 297 -26.89 -16.82 -9.12
CA LYS E 297 -26.40 -15.44 -9.04
C LYS E 297 -25.03 -15.26 -9.71
N ILE E 298 -24.18 -16.29 -9.69
CA ILE E 298 -22.85 -16.17 -10.30
C ILE E 298 -22.91 -16.13 -11.82
N GLY E 299 -24.05 -16.46 -12.42
CA GLY E 299 -24.16 -16.36 -13.87
C GLY E 299 -24.31 -17.71 -14.55
N GLY E 300 -24.89 -18.68 -13.84
CA GLY E 300 -25.09 -19.94 -14.55
C GLY E 300 -23.79 -20.73 -14.68
N VAL E 301 -23.81 -21.74 -15.56
CA VAL E 301 -22.61 -22.52 -15.86
C VAL E 301 -21.49 -21.62 -16.33
N THR E 302 -21.80 -20.74 -17.29
CA THR E 302 -20.79 -19.84 -17.85
C THR E 302 -20.14 -18.99 -16.75
N GLY E 303 -20.96 -18.42 -15.87
CA GLY E 303 -20.39 -17.67 -14.75
C GLY E 303 -19.65 -18.54 -13.76
N TRP E 304 -20.14 -19.76 -13.53
CA TRP E 304 -19.47 -20.65 -12.58
C TRP E 304 -18.07 -21.00 -13.05
N ILE E 305 -17.91 -21.30 -14.34
CA ILE E 305 -16.59 -21.67 -14.84
C ILE E 305 -15.61 -20.52 -14.63
N ARG E 306 -16.06 -19.28 -14.86
CA ARG E 306 -15.18 -18.15 -14.65
C ARG E 306 -14.84 -18.00 -13.17
N ALA E 307 -15.85 -18.16 -12.31
CA ALA E 307 -15.62 -18.13 -10.86
C ALA E 307 -14.64 -19.21 -10.41
N SER E 308 -14.70 -20.39 -11.02
CA SER E 308 -13.79 -21.44 -10.58
C SER E 308 -12.35 -21.12 -10.96
N ALA E 309 -12.14 -20.44 -12.09
CA ALA E 309 -10.80 -19.99 -12.42
C ALA E 309 -10.27 -18.99 -11.40
N LEU E 310 -11.12 -18.08 -10.93
CA LEU E 310 -10.72 -17.10 -9.94
C LEU E 310 -10.34 -17.78 -8.63
N ALA E 311 -11.23 -18.63 -8.13
CA ALA E 311 -10.98 -19.31 -6.86
C ALA E 311 -9.69 -20.10 -6.91
N GLN E 312 -9.39 -20.73 -8.05
CA GLN E 312 -8.13 -21.44 -8.18
C GLN E 312 -6.93 -20.51 -8.01
N GLN E 313 -6.95 -19.35 -8.66
CA GLN E 313 -5.77 -18.50 -8.61
C GLN E 313 -5.62 -17.78 -7.28
N PHE E 314 -6.73 -17.39 -6.64
CA PHE E 314 -6.69 -16.78 -5.32
C PHE E 314 -6.50 -17.79 -4.18
N GLY E 315 -6.42 -19.08 -4.48
CA GLY E 315 -6.25 -20.11 -3.45
C GLY E 315 -7.44 -20.28 -2.52
N ILE E 316 -8.64 -20.33 -3.08
CA ILE E 316 -9.87 -20.36 -2.29
C ILE E 316 -10.63 -21.66 -2.53
N PRO E 317 -10.78 -22.51 -1.51
CA PRO E 317 -11.67 -23.67 -1.65
C PRO E 317 -13.10 -23.22 -1.90
N MET E 318 -13.72 -23.80 -2.93
CA MET E 318 -14.96 -23.27 -3.49
C MET E 318 -16.07 -24.30 -3.34
N SER E 319 -17.15 -23.89 -2.67
CA SER E 319 -18.34 -24.69 -2.42
C SER E 319 -19.50 -24.11 -3.23
N SER E 320 -20.67 -24.77 -3.13
CA SER E 320 -21.87 -24.34 -3.83
C SER E 320 -22.87 -23.78 -2.83
N HIS E 321 -23.85 -23.04 -3.36
CA HIS E 321 -25.01 -22.57 -2.61
C HIS E 321 -26.24 -22.93 -3.41
N LEU E 322 -27.13 -23.74 -2.82
CA LEU E 322 -28.37 -24.15 -3.46
C LEU E 322 -28.11 -24.85 -4.80
N PHE E 323 -29.17 -25.09 -5.57
CA PHE E 323 -29.06 -25.67 -6.91
C PHE E 323 -28.19 -26.93 -6.92
N GLN E 324 -28.50 -27.85 -6.01
CA GLN E 324 -27.70 -29.06 -5.89
C GLN E 324 -27.65 -29.87 -7.19
N GLU E 325 -28.71 -29.82 -8.01
CA GLU E 325 -28.74 -30.63 -9.23
C GLU E 325 -27.61 -30.26 -10.18
N ILE E 326 -27.46 -28.97 -10.51
CA ILE E 326 -26.40 -28.59 -11.44
C ILE E 326 -25.06 -28.45 -10.70
N SER E 327 -25.09 -28.16 -9.40
CA SER E 327 -23.84 -27.94 -8.65
C SER E 327 -23.01 -29.20 -8.53
N ALA E 328 -23.64 -30.37 -8.53
CA ALA E 328 -22.89 -31.63 -8.55
C ALA E 328 -22.02 -31.72 -9.80
N HIS E 329 -22.55 -31.37 -10.98
CA HIS E 329 -21.75 -31.33 -12.19
C HIS E 329 -20.64 -30.28 -12.08
N LEU E 330 -21.01 -29.06 -11.68
CA LEU E 330 -20.05 -27.95 -11.72
C LEU E 330 -18.90 -28.15 -10.75
N LEU E 331 -19.18 -28.66 -9.55
CA LEU E 331 -18.09 -28.88 -8.60
C LEU E 331 -17.11 -29.93 -9.13
N ALA E 332 -17.62 -30.93 -9.88
CA ALA E 332 -16.73 -31.95 -10.42
C ALA E 332 -15.71 -31.36 -11.40
N ALA E 333 -16.02 -30.21 -11.99
CA ALA E 333 -15.14 -29.51 -12.90
C ALA E 333 -14.36 -28.37 -12.22
N THR E 334 -14.48 -28.22 -10.90
CA THR E 334 -13.91 -27.07 -10.19
C THR E 334 -12.61 -27.46 -9.51
N PRO E 335 -11.46 -26.88 -9.92
CA PRO E 335 -10.18 -27.32 -9.33
C PRO E 335 -10.12 -27.26 -7.80
N THR E 336 -10.76 -26.28 -7.15
CA THR E 336 -10.70 -26.16 -5.70
C THR E 336 -12.01 -26.55 -5.03
N ALA E 337 -12.79 -27.43 -5.67
CA ALA E 337 -14.06 -27.90 -5.12
C ALA E 337 -13.94 -28.32 -3.66
N HIS E 338 -14.90 -27.87 -2.86
CA HIS E 338 -14.86 -28.07 -1.41
C HIS E 338 -16.09 -28.85 -0.96
N TRP E 339 -17.24 -28.17 -0.74
CA TRP E 339 -18.47 -28.86 -0.36
C TRP E 339 -19.63 -28.54 -1.30
N LEU E 340 -20.59 -29.46 -1.39
CA LEU E 340 -21.88 -29.21 -2.00
C LEU E 340 -22.92 -28.95 -0.92
N GLU E 341 -23.69 -27.87 -1.05
CA GLU E 341 -24.78 -27.62 -0.12
C GLU E 341 -26.01 -28.42 -0.54
N ARG E 342 -26.47 -29.31 0.33
CA ARG E 342 -27.71 -30.06 0.10
C ARG E 342 -28.86 -29.31 0.77
N LEU E 343 -29.67 -28.65 -0.04
CA LEU E 343 -30.87 -27.97 0.42
C LEU E 343 -31.84 -28.08 -0.75
N ASP E 344 -32.78 -29.02 -0.65
CA ASP E 344 -33.52 -29.52 -1.81
C ASP E 344 -34.79 -28.70 -2.02
N LEU E 345 -34.59 -27.47 -2.52
CA LEU E 345 -35.72 -26.55 -2.74
C LEU E 345 -36.68 -27.05 -3.80
N ALA E 346 -36.18 -27.73 -4.82
CA ALA E 346 -37.02 -28.12 -5.96
C ALA E 346 -37.41 -29.59 -5.94
N GLY E 347 -37.19 -30.29 -4.83
CA GLY E 347 -37.44 -31.72 -4.80
C GLY E 347 -38.89 -32.09 -5.09
N SER E 348 -39.82 -31.19 -4.82
CA SER E 348 -41.23 -31.49 -5.06
C SER E 348 -41.58 -31.47 -6.55
N VAL E 349 -40.73 -30.91 -7.40
CA VAL E 349 -41.02 -30.79 -8.82
C VAL E 349 -39.96 -31.41 -9.72
N ILE E 350 -38.89 -31.98 -9.16
CA ILE E 350 -37.78 -32.55 -9.93
C ILE E 350 -37.56 -33.99 -9.48
N GLU E 351 -37.40 -34.91 -10.43
CA GLU E 351 -37.22 -36.32 -10.09
C GLU E 351 -35.90 -36.50 -9.34
N PRO E 352 -35.87 -37.34 -8.31
CA PRO E 352 -34.67 -37.48 -7.48
C PRO E 352 -33.58 -38.32 -8.13
N THR E 353 -33.08 -37.85 -9.28
CA THR E 353 -32.01 -38.57 -9.97
C THR E 353 -30.65 -38.31 -9.34
N LEU E 354 -30.47 -37.15 -8.71
CA LEU E 354 -29.30 -36.93 -7.88
C LEU E 354 -29.44 -37.74 -6.58
N THR E 355 -28.47 -38.59 -6.29
CA THR E 355 -28.48 -39.42 -5.10
C THR E 355 -27.29 -39.09 -4.21
N PHE E 356 -27.34 -39.58 -2.96
CA PHE E 356 -26.30 -39.33 -1.97
C PHE E 356 -25.85 -40.65 -1.39
N GLU E 357 -24.56 -40.95 -1.53
CA GLU E 357 -23.94 -42.17 -1.02
C GLU E 357 -22.83 -41.77 -0.05
N GLY E 358 -22.99 -42.18 1.20
CA GLY E 358 -22.02 -41.83 2.23
C GLY E 358 -21.84 -40.34 2.41
N GLY E 359 -22.92 -39.57 2.26
CA GLY E 359 -22.86 -38.12 2.32
C GLY E 359 -22.31 -37.45 1.08
N ASN E 360 -21.94 -38.20 0.04
CA ASN E 360 -21.44 -37.61 -1.19
C ASN E 360 -22.54 -37.54 -2.24
N ALA E 361 -22.65 -36.41 -2.93
CA ALA E 361 -23.57 -36.31 -4.06
C ALA E 361 -23.03 -37.08 -5.26
N VAL E 362 -23.90 -37.83 -5.93
CA VAL E 362 -23.53 -38.69 -7.05
C VAL E 362 -24.29 -38.22 -8.28
N ILE E 363 -23.56 -37.76 -9.30
CA ILE E 363 -24.13 -37.25 -10.54
C ILE E 363 -24.90 -38.37 -11.25
N PRO E 364 -26.14 -38.15 -11.69
CA PRO E 364 -26.84 -39.22 -12.42
C PRO E 364 -26.26 -39.43 -13.80
N ASP E 365 -26.41 -40.65 -14.31
CA ASP E 365 -25.96 -40.98 -15.66
C ASP E 365 -27.09 -40.58 -16.63
N LEU E 366 -27.15 -39.28 -16.91
CA LEU E 366 -28.18 -38.69 -17.74
C LEU E 366 -27.56 -37.56 -18.54
N PRO E 367 -28.09 -37.26 -19.71
CA PRO E 367 -27.53 -36.16 -20.50
C PRO E 367 -27.85 -34.83 -19.87
N GLY E 368 -26.96 -33.87 -20.11
CA GLY E 368 -27.11 -32.56 -19.50
C GLY E 368 -27.01 -32.68 -18.00
N VAL E 369 -27.89 -31.95 -17.31
CA VAL E 369 -27.85 -31.82 -15.85
C VAL E 369 -28.51 -33.00 -15.14
N GLY E 370 -29.42 -33.71 -15.81
CA GLY E 370 -30.19 -34.75 -15.16
C GLY E 370 -31.48 -34.29 -14.53
N ILE E 371 -32.05 -33.17 -14.99
CA ILE E 371 -33.30 -32.65 -14.45
C ILE E 371 -34.46 -33.23 -15.27
N ILE E 372 -35.37 -33.92 -14.59
CA ILE E 372 -36.60 -34.41 -15.18
C ILE E 372 -37.76 -33.84 -14.36
N TRP E 373 -38.63 -33.08 -15.02
CA TRP E 373 -39.76 -32.47 -14.32
C TRP E 373 -40.72 -33.54 -13.79
N ARG E 374 -41.31 -33.27 -12.63
CA ARG E 374 -42.44 -34.06 -12.14
C ARG E 374 -43.71 -33.36 -12.60
N GLU E 375 -44.11 -33.64 -13.85
CA GLU E 375 -45.12 -32.83 -14.51
C GLU E 375 -46.45 -32.87 -13.77
N LYS E 376 -46.83 -34.02 -13.22
CA LYS E 376 -48.08 -34.10 -12.49
C LYS E 376 -48.05 -33.29 -11.19
N GLU E 377 -46.87 -33.07 -10.62
CA GLU E 377 -46.74 -32.32 -9.36
C GLU E 377 -46.69 -30.81 -9.57
N ILE E 378 -46.09 -30.38 -10.67
CA ILE E 378 -45.93 -28.95 -10.94
C ILE E 378 -47.29 -28.26 -10.95
N GLY E 379 -48.32 -28.93 -11.47
CA GLY E 379 -49.62 -28.29 -11.58
C GLY E 379 -50.21 -27.90 -10.24
N LYS E 380 -49.89 -28.65 -9.19
CA LYS E 380 -50.42 -28.36 -7.86
C LYS E 380 -49.90 -27.03 -7.29
N TYR E 381 -48.80 -26.49 -7.83
CA TYR E 381 -48.13 -25.37 -7.19
C TYR E 381 -48.10 -24.11 -8.04
N LEU E 382 -48.66 -24.13 -9.25
CA LEU E 382 -48.59 -22.98 -10.15
C LEU E 382 -49.27 -21.76 -9.53
N VAL E 383 -48.68 -20.59 -9.75
CA VAL E 383 -49.26 -19.35 -9.24
C VAL E 383 -50.07 -18.65 -10.31
N GLU F 27 -49.12 9.04 12.49
CA GLU F 27 -49.67 10.35 12.14
C GLU F 27 -50.12 10.39 10.69
N VAL F 28 -49.19 10.24 9.74
CA VAL F 28 -49.52 10.10 8.33
C VAL F 28 -49.08 8.72 7.86
N LEU F 29 -50.02 7.94 7.34
CA LEU F 29 -49.73 6.59 6.87
C LEU F 29 -49.82 6.54 5.36
N ILE F 30 -49.06 5.63 4.77
CA ILE F 30 -49.24 5.29 3.37
C ILE F 30 -50.50 4.46 3.24
N THR F 31 -51.38 4.85 2.32
CA THR F 31 -52.65 4.15 2.15
C THR F 31 -52.76 3.34 0.88
N GLY F 32 -51.92 3.58 -0.12
CA GLY F 32 -52.01 2.81 -1.35
C GLY F 32 -50.90 3.19 -2.33
N LEU F 33 -50.71 2.31 -3.30
CA LEU F 33 -49.67 2.47 -4.33
C LEU F 33 -50.28 2.12 -5.68
N ARG F 34 -50.19 3.04 -6.63
CA ARG F 34 -50.68 2.81 -7.98
C ARG F 34 -49.54 3.03 -8.96
N THR F 35 -49.43 2.12 -9.94
CA THR F 35 -48.39 2.20 -10.97
C THR F 35 -49.01 2.10 -12.34
N ARG F 36 -48.47 2.87 -13.29
CA ARG F 36 -48.89 2.86 -14.68
C ARG F 36 -47.65 2.75 -15.57
N ALA F 37 -47.57 1.67 -16.34
CA ALA F 37 -46.47 1.46 -17.28
C ALA F 37 -46.77 2.12 -18.63
N VAL F 38 -45.85 2.96 -19.10
CA VAL F 38 -46.01 3.70 -20.35
C VAL F 38 -44.75 3.58 -21.19
N ASN F 39 -44.93 3.74 -22.50
CA ASN F 39 -43.84 3.85 -23.45
C ASN F 39 -44.01 5.19 -24.17
N VAL F 40 -43.22 6.18 -23.82
CA VAL F 40 -43.51 7.55 -24.25
C VAL F 40 -42.58 7.95 -25.41
N PRO F 41 -43.00 8.85 -26.28
CA PRO F 41 -42.17 9.18 -27.44
C PRO F 41 -41.07 10.18 -27.08
N LEU F 42 -39.97 10.08 -27.82
CA LEU F 42 -38.86 11.02 -27.71
C LEU F 42 -38.71 11.74 -29.02
N ALA F 43 -38.72 13.08 -28.97
CA ALA F 43 -38.50 13.87 -30.17
C ALA F 43 -37.17 13.53 -30.83
N TYR F 44 -36.17 13.14 -30.05
CA TYR F 44 -34.91 12.65 -30.58
C TYR F 44 -34.61 11.33 -29.86
N PRO F 45 -34.45 10.22 -30.58
CA PRO F 45 -34.01 8.99 -29.92
C PRO F 45 -32.68 9.22 -29.24
N VAL F 46 -32.45 8.55 -28.11
CA VAL F 46 -31.15 8.57 -27.44
C VAL F 46 -30.34 7.42 -28.03
N HIS F 47 -29.62 7.72 -29.11
CA HIS F 47 -28.64 6.78 -29.64
C HIS F 47 -27.42 6.77 -28.73
N THR F 48 -26.94 5.56 -28.40
CA THR F 48 -25.68 5.37 -27.70
C THR F 48 -24.81 4.39 -28.48
N ALA F 49 -23.54 4.28 -28.08
CA ALA F 49 -22.62 3.35 -28.71
C ALA F 49 -23.00 1.88 -28.49
N VAL F 50 -23.91 1.58 -27.56
CA VAL F 50 -24.29 0.22 -27.23
C VAL F 50 -25.76 -0.07 -27.52
N GLY F 51 -26.43 0.81 -28.27
CA GLY F 51 -27.84 0.63 -28.57
C GLY F 51 -28.64 1.92 -28.49
N THR F 52 -29.86 1.93 -29.02
CA THR F 52 -30.68 3.13 -29.12
C THR F 52 -31.89 3.03 -28.20
N VAL F 53 -32.16 4.10 -27.46
CA VAL F 53 -33.38 4.21 -26.67
C VAL F 53 -34.31 5.13 -27.45
N GLY F 54 -35.24 4.54 -28.20
CA GLY F 54 -36.07 5.30 -29.12
C GLY F 54 -37.36 5.79 -28.48
N THR F 55 -37.83 5.05 -27.48
CA THR F 55 -38.92 5.46 -26.62
C THR F 55 -38.45 5.34 -25.18
N ALA F 56 -39.13 6.02 -24.27
CA ALA F 56 -38.79 5.91 -22.87
C ALA F 56 -39.80 5.00 -22.18
N PRO F 57 -39.43 3.79 -21.76
CA PRO F 57 -40.34 2.99 -20.93
C PRO F 57 -40.28 3.47 -19.48
N LEU F 58 -41.39 4.03 -19.00
CA LEU F 58 -41.48 4.61 -17.68
C LEU F 58 -42.55 3.89 -16.87
N VAL F 59 -42.34 3.81 -15.56
CA VAL F 59 -43.38 3.43 -14.62
C VAL F 59 -43.72 4.69 -13.83
N LEU F 60 -44.97 5.13 -13.91
CA LEU F 60 -45.45 6.30 -13.18
C LEU F 60 -46.06 5.85 -11.86
N ILE F 61 -45.66 6.50 -10.76
CA ILE F 61 -45.96 6.03 -9.42
C ILE F 61 -46.81 7.06 -8.70
N ASP F 62 -47.89 6.60 -8.04
CA ASP F 62 -48.70 7.44 -7.17
C ASP F 62 -48.75 6.78 -5.79
N LEU F 63 -48.33 7.51 -4.77
CA LEU F 63 -48.31 7.03 -3.40
C LEU F 63 -49.40 7.75 -2.61
N ALA F 64 -50.46 7.04 -2.25
CA ALA F 64 -51.57 7.63 -1.53
C ALA F 64 -51.31 7.62 -0.03
N THR F 65 -51.79 8.67 0.65
CA THR F 65 -51.55 8.85 2.08
C THR F 65 -52.84 9.15 2.82
N SER F 66 -52.82 8.92 4.13
CA SER F 66 -53.97 9.26 4.96
C SER F 66 -54.14 10.76 5.16
N ALA F 67 -53.26 11.58 4.59
CA ALA F 67 -53.31 13.02 4.77
C ALA F 67 -53.86 13.74 3.55
N GLY F 68 -54.54 13.03 2.67
CA GLY F 68 -55.16 13.65 1.53
C GLY F 68 -54.21 14.18 0.47
N VAL F 69 -52.93 13.86 0.54
CA VAL F 69 -52.02 14.18 -0.54
C VAL F 69 -51.54 12.88 -1.16
N VAL F 70 -51.08 12.98 -2.41
CA VAL F 70 -50.56 11.83 -3.17
C VAL F 70 -49.18 12.20 -3.67
N GLY F 71 -48.18 11.39 -3.30
CA GLY F 71 -46.83 11.59 -3.83
C GLY F 71 -46.70 11.03 -5.24
N HIS F 72 -45.91 11.72 -6.07
CA HIS F 72 -45.64 11.30 -7.43
C HIS F 72 -44.15 11.09 -7.67
N SER F 73 -43.82 10.08 -8.47
CA SER F 73 -42.47 9.84 -8.96
C SER F 73 -42.58 8.96 -10.20
N TYR F 74 -41.44 8.73 -10.85
CA TYR F 74 -41.42 7.79 -11.95
C TYR F 74 -40.07 7.09 -12.01
N LEU F 75 -40.08 5.90 -12.64
CA LEU F 75 -38.88 5.12 -12.91
C LEU F 75 -38.66 5.01 -14.40
N PHE F 76 -37.39 4.89 -14.79
CA PHE F 76 -36.96 4.70 -16.17
C PHE F 76 -36.45 3.27 -16.30
N ALA F 77 -37.13 2.47 -17.12
CA ALA F 77 -36.77 1.05 -17.26
C ALA F 77 -35.65 0.80 -18.25
N TYR F 78 -35.24 1.81 -19.02
CA TYR F 78 -34.13 1.73 -19.98
C TYR F 78 -34.49 0.89 -21.21
N THR F 79 -35.08 -0.30 -21.02
CA THR F 79 -35.54 -1.11 -22.14
C THR F 79 -36.95 -1.62 -21.89
N PRO F 80 -37.79 -1.65 -22.92
CA PRO F 80 -39.15 -2.21 -22.74
C PRO F 80 -39.17 -3.63 -22.20
N VAL F 81 -38.09 -4.39 -22.38
CA VAL F 81 -38.00 -5.76 -21.90
C VAL F 81 -38.19 -5.82 -20.38
N ALA F 82 -37.73 -4.80 -19.66
CA ALA F 82 -37.87 -4.78 -18.20
C ALA F 82 -39.11 -4.03 -17.72
N LEU F 83 -39.88 -3.42 -18.63
CA LEU F 83 -40.94 -2.49 -18.22
C LEU F 83 -42.05 -3.19 -17.43
N LYS F 84 -42.69 -4.21 -18.03
CA LYS F 84 -43.77 -4.92 -17.35
C LYS F 84 -43.28 -5.58 -16.06
N SER F 85 -42.08 -6.17 -16.09
CA SER F 85 -41.52 -6.77 -14.89
C SER F 85 -41.40 -5.75 -13.75
N LEU F 86 -40.99 -4.52 -14.06
CA LEU F 86 -40.79 -3.52 -13.01
C LEU F 86 -42.12 -3.06 -12.43
N LYS F 87 -43.14 -2.90 -13.27
CA LYS F 87 -44.47 -2.60 -12.75
C LYS F 87 -44.97 -3.73 -11.85
N GLN F 88 -44.83 -4.97 -12.32
CA GLN F 88 -45.33 -6.11 -11.53
C GLN F 88 -44.64 -6.17 -10.18
N LEU F 89 -43.32 -5.93 -10.16
CA LEU F 89 -42.56 -5.90 -8.92
C LEU F 89 -43.12 -4.85 -7.96
N LEU F 90 -43.34 -3.64 -8.47
CA LEU F 90 -43.86 -2.55 -7.64
C LEU F 90 -45.23 -2.89 -7.07
N ASP F 91 -46.10 -3.48 -7.92
CA ASP F 91 -47.45 -3.82 -7.44
C ASP F 91 -47.39 -4.89 -6.36
N ASP F 92 -46.47 -5.85 -6.48
CA ASP F 92 -46.35 -6.85 -5.43
C ASP F 92 -45.63 -6.32 -4.21
N MET F 93 -44.96 -5.17 -4.32
CA MET F 93 -44.37 -4.54 -3.14
C MET F 93 -45.37 -3.70 -2.35
N ALA F 94 -46.52 -3.36 -2.95
CA ALA F 94 -47.43 -2.42 -2.31
C ALA F 94 -47.80 -2.87 -0.89
N ALA F 95 -48.01 -4.17 -0.71
CA ALA F 95 -48.38 -4.68 0.60
C ALA F 95 -47.27 -4.48 1.64
N MET F 96 -46.03 -4.30 1.21
CA MET F 96 -44.95 -4.03 2.15
C MET F 96 -45.02 -2.63 2.74
N ILE F 97 -45.60 -1.67 2.01
CA ILE F 97 -45.57 -0.29 2.45
C ILE F 97 -46.93 0.25 2.88
N VAL F 98 -48.04 -0.35 2.44
CA VAL F 98 -49.36 0.15 2.81
C VAL F 98 -49.57 -0.02 4.31
N ASN F 99 -50.09 1.02 4.96
CA ASN F 99 -50.27 1.16 6.41
C ASN F 99 -48.96 1.47 7.12
N GLU F 100 -47.88 1.69 6.40
CA GLU F 100 -46.68 2.13 7.10
C GLU F 100 -46.65 3.65 7.21
N PRO F 101 -46.01 4.18 8.26
CA PRO F 101 -45.86 5.64 8.35
C PRO F 101 -45.12 6.18 7.14
N LEU F 102 -45.53 7.39 6.72
CA LEU F 102 -44.84 8.14 5.67
C LEU F 102 -43.54 8.68 6.26
N ALA F 103 -42.57 7.78 6.37
CA ALA F 103 -41.26 8.11 6.93
C ALA F 103 -40.23 7.48 6.00
N PRO F 104 -39.78 8.22 4.98
CA PRO F 104 -39.06 7.56 3.87
C PRO F 104 -37.75 6.91 4.27
N VAL F 105 -37.03 7.47 5.24
CA VAL F 105 -35.77 6.88 5.69
C VAL F 105 -36.03 5.56 6.39
N SER F 106 -37.08 5.50 7.23
CA SER F 106 -37.43 4.25 7.88
C SER F 106 -37.99 3.24 6.88
N LEU F 107 -38.75 3.74 5.90
CA LEU F 107 -39.24 2.88 4.82
C LEU F 107 -38.07 2.21 4.10
N GLU F 108 -37.02 2.97 3.78
CA GLU F 108 -35.88 2.46 3.03
C GLU F 108 -35.16 1.37 3.81
N ALA F 109 -34.98 1.55 5.12
CA ALA F 109 -34.33 0.53 5.95
C ALA F 109 -35.15 -0.75 6.00
N MET F 110 -36.48 -0.63 6.03
CA MET F 110 -37.33 -1.82 6.01
C MET F 110 -37.18 -2.59 4.70
N LEU F 111 -37.15 -1.89 3.56
CA LEU F 111 -37.00 -2.56 2.28
C LEU F 111 -35.61 -3.20 2.14
N ALA F 112 -34.57 -2.51 2.60
CA ALA F 112 -33.22 -3.06 2.54
C ALA F 112 -33.14 -4.39 3.26
N LYS F 113 -33.82 -4.51 4.40
CA LYS F 113 -33.77 -5.75 5.15
C LYS F 113 -34.64 -6.84 4.53
N ARG F 114 -35.84 -6.48 4.05
CA ARG F 114 -36.72 -7.50 3.48
C ARG F 114 -36.14 -8.10 2.21
N PHE F 115 -35.36 -7.33 1.45
CA PHE F 115 -34.75 -7.81 0.21
C PHE F 115 -33.29 -8.23 0.39
N CYS F 116 -32.85 -8.41 1.63
CA CYS F 116 -31.45 -8.72 1.93
CA CYS F 116 -31.42 -8.67 1.81
C CYS F 116 -31.03 -10.07 1.36
N LEU F 117 -31.96 -11.02 1.27
CA LEU F 117 -31.64 -12.32 0.72
C LEU F 117 -31.77 -12.34 -0.79
N ALA F 118 -32.85 -11.76 -1.31
CA ALA F 118 -33.04 -11.74 -2.76
C ALA F 118 -31.97 -10.93 -3.46
N GLY F 119 -31.45 -9.89 -2.81
CA GLY F 119 -30.51 -9.01 -3.47
C GLY F 119 -31.03 -7.61 -3.64
N TYR F 120 -30.64 -6.71 -2.74
CA TYR F 120 -31.16 -5.34 -2.72
C TYR F 120 -30.46 -4.48 -3.78
N THR F 121 -30.61 -4.89 -5.04
CA THR F 121 -29.92 -4.25 -6.14
C THR F 121 -30.79 -4.36 -7.38
N GLY F 122 -30.33 -3.76 -8.48
CA GLY F 122 -31.03 -3.95 -9.74
C GLY F 122 -32.46 -3.43 -9.69
N LEU F 123 -33.36 -4.15 -10.38
CA LEU F 123 -34.76 -3.73 -10.46
C LEU F 123 -35.38 -3.56 -9.08
N ILE F 124 -35.02 -4.42 -8.13
CA ILE F 124 -35.57 -4.32 -6.78
C ILE F 124 -35.17 -3.00 -6.15
N ARG F 125 -33.88 -2.65 -6.26
CA ARG F 125 -33.41 -1.37 -5.73
C ARG F 125 -34.04 -0.20 -6.48
N MET F 126 -34.24 -0.35 -7.80
CA MET F 126 -34.87 0.71 -8.58
C MET F 126 -36.32 0.92 -8.14
N ALA F 127 -37.03 -0.17 -7.87
CA ALA F 127 -38.40 -0.07 -7.37
C ALA F 127 -38.45 0.63 -6.00
N ALA F 128 -37.55 0.26 -5.08
CA ALA F 128 -37.47 0.91 -3.78
C ALA F 128 -37.23 2.41 -3.92
N ALA F 129 -36.38 2.79 -4.87
CA ALA F 129 -36.11 4.20 -5.11
C ALA F 129 -37.34 4.93 -5.63
N GLY F 130 -38.13 4.28 -6.49
CA GLY F 130 -39.36 4.92 -6.94
C GLY F 130 -40.29 5.22 -5.79
N ILE F 131 -40.41 4.28 -4.85
CA ILE F 131 -41.19 4.52 -3.64
C ILE F 131 -40.60 5.64 -2.80
N ASP F 132 -39.27 5.62 -2.60
CA ASP F 132 -38.62 6.69 -1.84
C ASP F 132 -38.94 8.06 -2.44
N MET F 133 -38.77 8.21 -3.75
CA MET F 133 -38.95 9.50 -4.40
C MET F 133 -40.41 9.97 -4.32
N ALA F 134 -41.36 9.05 -4.42
CA ALA F 134 -42.75 9.45 -4.24
C ALA F 134 -43.04 9.79 -2.78
N ALA F 135 -42.41 9.08 -1.84
CA ALA F 135 -42.68 9.32 -0.42
C ALA F 135 -42.18 10.70 0.00
N TRP F 136 -41.01 11.09 -0.50
CA TRP F 136 -40.51 12.41 -0.17
C TRP F 136 -41.34 13.50 -0.84
N ASP F 137 -41.85 13.25 -2.06
CA ASP F 137 -42.80 14.18 -2.66
C ASP F 137 -44.01 14.37 -1.75
N ALA F 138 -44.62 13.25 -1.33
CA ALA F 138 -45.76 13.31 -0.41
C ALA F 138 -45.44 14.07 0.86
N LEU F 139 -44.24 13.85 1.42
CA LEU F 139 -43.90 14.49 2.70
C LEU F 139 -43.73 16.00 2.54
N GLY F 140 -43.16 16.44 1.42
CA GLY F 140 -43.16 17.87 1.13
C GLY F 140 -44.57 18.42 0.98
N LYS F 141 -45.47 17.61 0.41
CA LYS F 141 -46.86 18.04 0.28
C LYS F 141 -47.55 18.10 1.62
N VAL F 142 -47.28 17.13 2.50
CA VAL F 142 -47.81 17.17 3.87
C VAL F 142 -47.44 18.48 4.54
N HIS F 143 -46.18 18.90 4.38
CA HIS F 143 -45.70 20.13 5.00
C HIS F 143 -45.86 21.35 4.11
N GLU F 144 -46.49 21.20 2.94
CA GLU F 144 -46.81 22.32 2.04
C GLU F 144 -45.56 23.14 1.72
N THR F 145 -44.48 22.46 1.35
CA THR F 145 -43.22 23.14 1.14
C THR F 145 -42.45 22.41 0.04
N PRO F 146 -41.68 23.12 -0.77
CA PRO F 146 -40.88 22.44 -1.79
C PRO F 146 -39.89 21.48 -1.16
N LEU F 147 -39.53 20.43 -1.91
CA LEU F 147 -38.61 19.42 -1.39
C LEU F 147 -37.30 20.05 -0.90
N VAL F 148 -36.68 20.89 -1.75
CA VAL F 148 -35.39 21.49 -1.38
C VAL F 148 -35.47 22.18 -0.02
N LYS F 149 -36.61 22.82 0.28
CA LYS F 149 -36.74 23.49 1.58
C LYS F 149 -36.98 22.50 2.71
N LEU F 150 -37.69 21.41 2.44
CA LEU F 150 -37.84 20.38 3.47
C LEU F 150 -36.49 19.76 3.82
N LEU F 151 -35.55 19.77 2.89
CA LEU F 151 -34.21 19.25 3.14
C LEU F 151 -33.31 20.28 3.83
N GLY F 152 -33.81 21.48 4.09
CA GLY F 152 -33.05 22.47 4.83
C GLY F 152 -32.19 23.40 4.01
N ALA F 153 -32.40 23.46 2.70
CA ALA F 153 -31.59 24.26 1.80
C ALA F 153 -32.46 25.30 1.09
N ASN F 154 -31.81 26.36 0.61
CA ASN F 154 -32.49 27.35 -0.21
C ASN F 154 -32.56 26.88 -1.65
N ALA F 155 -33.67 27.17 -2.30
CA ALA F 155 -33.73 26.99 -3.74
C ALA F 155 -32.67 27.87 -4.38
N ARG F 156 -31.93 27.32 -5.32
CA ARG F 156 -30.97 28.07 -6.11
C ARG F 156 -31.04 27.53 -7.52
N PRO F 157 -30.81 28.38 -8.52
CA PRO F 157 -30.69 27.86 -9.88
C PRO F 157 -29.46 26.98 -10.00
N VAL F 158 -29.54 25.93 -10.83
CA VAL F 158 -28.39 25.07 -11.05
C VAL F 158 -28.14 24.99 -12.55
N GLN F 159 -26.89 25.26 -12.95
CA GLN F 159 -26.52 25.23 -14.35
C GLN F 159 -26.79 23.86 -14.94
N ALA F 160 -27.31 23.85 -16.16
CA ALA F 160 -27.73 22.64 -16.84
C ALA F 160 -27.01 22.52 -18.17
N TYR F 161 -26.63 21.31 -18.53
CA TYR F 161 -26.17 21.05 -19.89
C TYR F 161 -27.27 20.34 -20.64
N ASP F 162 -27.40 20.65 -21.93
CA ASP F 162 -28.40 20.00 -22.78
C ASP F 162 -27.82 18.68 -23.29
N SER F 163 -28.49 17.58 -22.98
CA SER F 163 -27.94 16.24 -23.18
C SER F 163 -28.51 15.64 -24.47
N HIS F 164 -27.64 15.40 -25.45
CA HIS F 164 -27.98 14.88 -26.75
C HIS F 164 -27.54 13.41 -26.84
N SER F 165 -27.27 12.91 -28.04
CA SER F 165 -26.98 11.48 -28.14
C SER F 165 -26.02 11.26 -29.32
N LEU F 166 -25.90 10.01 -29.75
CA LEU F 166 -24.99 9.64 -30.83
C LEU F 166 -25.69 10.00 -32.14
N ASP F 167 -25.57 11.28 -32.50
CA ASP F 167 -26.45 11.90 -33.48
C ASP F 167 -25.84 12.02 -34.87
N GLY F 168 -24.55 11.76 -35.01
CA GLY F 168 -23.86 12.09 -36.23
C GLY F 168 -23.55 13.58 -36.29
N VAL F 169 -22.55 13.92 -37.11
CA VAL F 169 -21.97 15.26 -37.06
C VAL F 169 -23.00 16.32 -37.40
N LYS F 170 -23.85 16.06 -38.40
CA LYS F 170 -24.79 17.09 -38.84
C LYS F 170 -25.79 17.43 -37.74
N LEU F 171 -26.53 16.42 -37.26
CA LEU F 171 -27.53 16.68 -36.23
C LEU F 171 -26.89 17.14 -34.92
N ALA F 172 -25.72 16.59 -34.58
CA ALA F 172 -25.07 16.99 -33.34
C ALA F 172 -24.74 18.47 -33.34
N THR F 173 -24.26 18.98 -34.47
CA THR F 173 -23.96 20.40 -34.57
C THR F 173 -25.23 21.24 -34.52
N GLU F 174 -26.27 20.80 -35.23
CA GLU F 174 -27.55 21.51 -35.23
C GLU F 174 -28.13 21.59 -33.82
N ARG F 175 -28.14 20.47 -33.11
CA ARG F 175 -28.66 20.47 -31.74
C ARG F 175 -27.79 21.34 -30.83
N ALA F 176 -26.47 21.30 -31.01
CA ALA F 176 -25.62 22.15 -30.18
C ALA F 176 -25.89 23.62 -30.44
N VAL F 177 -26.16 23.99 -31.70
CA VAL F 177 -26.48 25.38 -32.02
C VAL F 177 -27.81 25.77 -31.39
N THR F 178 -28.84 24.93 -31.54
CA THR F 178 -30.12 25.20 -30.93
C THR F 178 -30.01 25.36 -29.42
N ALA F 179 -29.23 24.49 -28.77
CA ALA F 179 -29.06 24.57 -27.32
C ALA F 179 -28.40 25.90 -26.91
N ALA F 180 -27.38 26.32 -27.64
CA ALA F 180 -26.75 27.60 -27.32
C ALA F 180 -27.74 28.75 -27.49
N GLU F 181 -28.61 28.67 -28.51
CA GLU F 181 -29.62 29.70 -28.71
C GLU F 181 -30.63 29.72 -27.58
N LEU F 182 -30.97 28.55 -27.03
CA LEU F 182 -31.86 28.47 -25.88
C LEU F 182 -31.19 28.91 -24.58
N GLY F 183 -29.90 29.21 -24.60
CA GLY F 183 -29.21 29.75 -23.43
C GLY F 183 -28.39 28.77 -22.64
N PHE F 184 -28.33 27.50 -23.03
CA PHE F 184 -27.46 26.57 -22.32
C PHE F 184 -26.00 26.90 -22.58
N ARG F 185 -25.16 26.71 -21.57
CA ARG F 185 -23.73 26.96 -21.69
C ARG F 185 -22.92 25.70 -21.95
N ALA F 186 -23.57 24.54 -22.07
CA ALA F 186 -22.87 23.30 -22.40
C ALA F 186 -23.86 22.32 -22.99
N VAL F 187 -23.33 21.35 -23.73
CA VAL F 187 -24.10 20.23 -24.23
C VAL F 187 -23.30 18.96 -23.95
N LYS F 188 -24.00 17.84 -23.91
CA LYS F 188 -23.36 16.53 -23.92
C LYS F 188 -23.76 15.80 -25.19
N THR F 189 -22.78 15.17 -25.84
CA THR F 189 -23.03 14.30 -26.98
C THR F 189 -22.53 12.91 -26.62
N LYS F 190 -23.13 11.89 -27.21
CA LYS F 190 -22.71 10.52 -26.97
C LYS F 190 -21.87 10.07 -28.14
N ILE F 191 -20.69 9.52 -27.83
CA ILE F 191 -19.73 9.12 -28.85
C ILE F 191 -19.36 7.65 -28.68
N GLY F 192 -18.34 7.20 -29.41
CA GLY F 192 -18.10 5.79 -29.53
C GLY F 192 -18.47 5.30 -30.92
N TYR F 193 -18.22 6.14 -31.92
CA TYR F 193 -18.36 5.73 -33.30
C TYR F 193 -17.33 4.65 -33.65
N PRO F 194 -17.52 3.94 -34.77
CA PRO F 194 -16.53 2.90 -35.14
C PRO F 194 -15.10 3.39 -35.16
N ALA F 195 -14.84 4.61 -35.62
CA ALA F 195 -13.48 5.14 -35.69
C ALA F 195 -13.32 6.33 -34.74
N LEU F 196 -12.11 6.48 -34.21
CA LEU F 196 -11.83 7.63 -33.34
C LEU F 196 -11.97 8.94 -34.12
N ASP F 197 -11.60 8.94 -35.39
CA ASP F 197 -11.70 10.16 -36.19
C ASP F 197 -13.14 10.64 -36.33
N GLN F 198 -14.10 9.72 -36.27
CA GLN F 198 -15.51 10.12 -36.26
C GLN F 198 -15.88 10.79 -34.92
N ASP F 199 -15.37 10.26 -33.81
CA ASP F 199 -15.53 10.93 -32.52
C ASP F 199 -15.01 12.36 -32.59
N LEU F 200 -13.80 12.54 -33.11
CA LEU F 200 -13.18 13.86 -33.16
C LEU F 200 -13.94 14.79 -34.10
N ALA F 201 -14.45 14.25 -35.23
CA ALA F 201 -15.15 15.10 -36.19
C ALA F 201 -16.43 15.69 -35.61
N VAL F 202 -17.11 14.95 -34.73
CA VAL F 202 -18.31 15.49 -34.09
C VAL F 202 -17.94 16.59 -33.10
N VAL F 203 -16.97 16.34 -32.23
CA VAL F 203 -16.55 17.35 -31.26
C VAL F 203 -16.04 18.59 -31.97
N ARG F 204 -15.20 18.41 -33.01
CA ARG F 204 -14.67 19.55 -33.75
C ARG F 204 -15.77 20.38 -34.37
N SER F 205 -16.77 19.72 -34.97
CA SER F 205 -17.85 20.44 -35.61
C SER F 205 -18.71 21.19 -34.59
N ILE F 206 -19.03 20.55 -33.47
CA ILE F 206 -19.74 21.25 -32.39
C ILE F 206 -18.93 22.46 -31.94
N ARG F 207 -17.63 22.28 -31.73
CA ARG F 207 -16.78 23.34 -31.19
C ARG F 207 -16.77 24.56 -32.11
N GLN F 208 -16.65 24.35 -33.42
CA GLN F 208 -16.65 25.45 -34.36
C GLN F 208 -17.96 26.22 -34.32
N ALA F 209 -19.08 25.54 -34.10
CA ALA F 209 -20.38 26.22 -34.09
C ALA F 209 -20.67 26.92 -32.77
N VAL F 210 -20.17 26.42 -31.64
CA VAL F 210 -20.49 27.05 -30.35
C VAL F 210 -19.37 27.94 -29.82
N GLY F 211 -18.14 27.78 -30.30
CA GLY F 211 -17.04 28.60 -29.83
C GLY F 211 -16.32 28.01 -28.62
N ASP F 212 -15.33 28.76 -28.13
CA ASP F 212 -14.42 28.23 -27.12
C ASP F 212 -14.99 28.28 -25.71
N ASP F 213 -15.78 29.30 -25.38
CA ASP F 213 -16.34 29.44 -24.04
C ASP F 213 -17.70 28.74 -23.99
N PHE F 214 -17.63 27.41 -24.03
CA PHE F 214 -18.80 26.56 -24.13
C PHE F 214 -18.39 25.13 -23.76
N GLY F 215 -19.24 24.46 -23.01
CA GLY F 215 -18.93 23.11 -22.54
C GLY F 215 -19.37 22.05 -23.53
N ILE F 216 -18.49 21.08 -23.78
CA ILE F 216 -18.79 19.91 -24.59
C ILE F 216 -18.43 18.68 -23.74
N MET F 217 -19.44 18.06 -23.16
CA MET F 217 -19.21 16.81 -22.45
C MET F 217 -19.43 15.66 -23.42
N VAL F 218 -18.69 14.57 -23.22
CA VAL F 218 -18.82 13.40 -24.09
C VAL F 218 -19.03 12.14 -23.24
N ASP F 219 -19.75 11.19 -23.82
CA ASP F 219 -20.22 9.99 -23.12
C ASP F 219 -20.00 8.78 -24.03
N TYR F 220 -19.17 7.83 -23.58
CA TYR F 220 -18.90 6.62 -24.34
C TYR F 220 -19.83 5.45 -23.99
N ASN F 221 -20.67 5.60 -22.97
CA ASN F 221 -21.63 4.57 -22.54
C ASN F 221 -20.98 3.19 -22.48
N GLN F 222 -19.86 3.11 -21.76
CA GLN F 222 -19.20 1.86 -21.42
C GLN F 222 -18.60 1.13 -22.62
N SER F 223 -18.43 1.80 -23.75
CA SER F 223 -18.23 1.07 -25.00
C SER F 223 -16.76 0.74 -25.31
N LEU F 224 -15.79 1.21 -24.53
CA LEU F 224 -14.38 1.01 -24.85
C LEU F 224 -13.70 0.09 -23.84
N ASP F 225 -12.72 -0.69 -24.31
CA ASP F 225 -11.83 -1.31 -23.34
C ASP F 225 -10.84 -0.27 -22.83
N VAL F 226 -10.05 -0.63 -21.81
CA VAL F 226 -9.19 0.37 -21.15
C VAL F 226 -8.12 0.93 -22.09
N PRO F 227 -7.36 0.11 -22.82
CA PRO F 227 -6.39 0.72 -23.76
C PRO F 227 -7.06 1.58 -24.84
N ALA F 228 -8.20 1.16 -25.39
CA ALA F 228 -8.91 2.04 -26.33
C ALA F 228 -9.34 3.33 -25.66
N ALA F 229 -9.83 3.23 -24.42
CA ALA F 229 -10.28 4.42 -23.71
C ALA F 229 -9.14 5.41 -23.52
N ILE F 230 -7.94 4.90 -23.21
CA ILE F 230 -6.79 5.78 -23.02
C ILE F 230 -6.44 6.48 -24.32
N LYS F 231 -6.42 5.74 -25.43
CA LYS F 231 -6.05 6.35 -26.71
C LYS F 231 -7.09 7.37 -27.15
N ARG F 232 -8.38 6.99 -27.13
CA ARG F 232 -9.43 7.92 -27.54
C ARG F 232 -9.50 9.12 -26.60
N SER F 233 -9.41 8.87 -25.28
CA SER F 233 -9.55 9.97 -24.32
C SER F 233 -8.42 10.98 -24.45
N GLN F 234 -7.19 10.52 -24.69
CA GLN F 234 -6.09 11.47 -24.82
C GLN F 234 -6.22 12.29 -26.11
N ALA F 235 -6.81 11.71 -27.15
CA ALA F 235 -7.08 12.49 -28.36
C ALA F 235 -8.17 13.52 -28.13
N LEU F 236 -9.25 13.12 -27.45
CA LEU F 236 -10.31 14.07 -27.10
C LEU F 236 -9.80 15.16 -26.17
N GLN F 237 -8.87 14.81 -25.28
CA GLN F 237 -8.32 15.78 -24.35
C GLN F 237 -7.55 16.87 -25.08
N GLN F 238 -6.78 16.48 -26.09
CA GLN F 238 -6.10 17.46 -26.95
C GLN F 238 -7.10 18.35 -27.66
N GLU F 239 -8.25 17.78 -28.04
CA GLU F 239 -9.27 18.54 -28.75
C GLU F 239 -9.98 19.52 -27.84
N GLY F 240 -10.03 19.25 -26.54
CA GLY F 240 -10.73 20.10 -25.61
C GLY F 240 -12.16 19.67 -25.37
N VAL F 241 -12.38 18.87 -24.33
CA VAL F 241 -13.72 18.47 -23.91
C VAL F 241 -13.84 18.70 -22.41
N THR F 242 -15.09 18.76 -21.93
CA THR F 242 -15.35 19.13 -20.55
C THR F 242 -15.25 17.95 -19.59
N TRP F 243 -15.69 16.77 -20.01
CA TRP F 243 -15.42 15.54 -19.25
C TRP F 243 -15.59 14.35 -20.18
N ILE F 244 -15.10 13.20 -19.73
CA ILE F 244 -15.20 11.95 -20.48
C ILE F 244 -15.95 10.97 -19.59
N GLU F 245 -17.16 10.59 -20.01
CA GLU F 245 -18.11 9.88 -19.16
C GLU F 245 -18.20 8.41 -19.55
N GLU F 246 -18.21 7.54 -18.54
CA GLU F 246 -18.27 6.08 -18.68
C GLU F 246 -17.48 5.54 -19.88
N PRO F 247 -16.16 5.75 -19.91
CA PRO F 247 -15.37 5.22 -21.02
C PRO F 247 -15.42 3.70 -21.13
N THR F 248 -15.52 2.98 -20.00
CA THR F 248 -15.51 1.52 -20.06
C THR F 248 -16.61 0.93 -19.20
N LEU F 249 -16.63 -0.40 -19.05
CA LEU F 249 -17.65 -1.10 -18.27
C LEU F 249 -17.89 -0.43 -16.93
N GLN F 250 -19.18 -0.17 -16.61
CA GLN F 250 -19.52 0.70 -15.48
C GLN F 250 -19.01 0.12 -14.16
N HIS F 251 -19.00 -1.21 -14.02
CA HIS F 251 -18.62 -1.86 -12.77
C HIS F 251 -17.11 -1.96 -12.61
N ASP F 252 -16.34 -1.65 -13.66
CA ASP F 252 -14.87 -1.77 -13.63
C ASP F 252 -14.30 -0.50 -13.05
N TYR F 253 -14.35 -0.39 -11.73
CA TYR F 253 -13.81 0.81 -11.08
C TYR F 253 -12.30 0.89 -11.26
N GLU F 254 -11.61 -0.25 -11.14
CA GLU F 254 -10.16 -0.27 -11.32
CA GLU F 254 -10.16 -0.24 -11.31
C GLU F 254 -9.78 0.17 -12.72
N GLY F 255 -10.53 -0.29 -13.73
CA GLY F 255 -10.26 0.11 -15.09
C GLY F 255 -10.46 1.59 -15.29
N HIS F 256 -11.49 2.16 -14.66
CA HIS F 256 -11.72 3.60 -14.75
C HIS F 256 -10.57 4.36 -14.10
N GLN F 257 -10.06 3.83 -12.98
CA GLN F 257 -8.90 4.47 -12.33
C GLN F 257 -7.68 4.48 -13.26
N ARG F 258 -7.40 3.35 -13.92
CA ARG F 258 -6.27 3.30 -14.85
C ARG F 258 -6.43 4.30 -15.99
N ILE F 259 -7.63 4.36 -16.58
CA ILE F 259 -7.91 5.39 -17.59
C ILE F 259 -7.67 6.78 -17.01
N GLN F 260 -8.27 7.06 -15.84
CA GLN F 260 -8.14 8.40 -15.26
C GLN F 260 -6.68 8.71 -14.94
N SER F 261 -5.90 7.71 -14.58
CA SER F 261 -4.49 7.92 -14.27
C SER F 261 -3.71 8.44 -15.48
N LYS F 262 -4.22 8.27 -16.69
CA LYS F 262 -3.52 8.72 -17.89
C LYS F 262 -4.06 10.04 -18.43
N LEU F 263 -4.91 10.75 -17.67
CA LEU F 263 -5.66 11.88 -18.20
C LEU F 263 -5.57 13.08 -17.27
N ASN F 264 -5.58 14.27 -17.88
CA ASN F 264 -5.84 15.51 -17.15
C ASN F 264 -7.33 15.82 -17.09
N VAL F 265 -8.02 15.66 -18.21
CA VAL F 265 -9.47 15.86 -18.26
C VAL F 265 -10.13 14.90 -17.28
N PRO F 266 -11.20 15.30 -16.61
CA PRO F 266 -11.82 14.41 -15.61
C PRO F 266 -12.62 13.28 -16.24
N VAL F 267 -12.44 12.09 -15.69
CA VAL F 267 -13.31 10.95 -15.98
C VAL F 267 -14.55 11.11 -15.12
N GLN F 268 -15.71 10.93 -15.74
CA GLN F 268 -17.01 11.13 -15.12
C GLN F 268 -17.80 9.83 -15.15
N MET F 269 -18.44 9.48 -14.02
CA MET F 269 -19.22 8.25 -13.96
C MET F 269 -20.19 8.35 -12.78
N GLY F 270 -21.09 7.37 -12.72
CA GLY F 270 -21.92 7.18 -11.55
C GLY F 270 -23.38 6.92 -11.84
N GLU F 271 -23.80 7.13 -13.09
CA GLU F 271 -25.22 6.91 -13.39
C GLU F 271 -25.65 5.48 -13.13
N ASN F 272 -24.71 4.53 -13.11
CA ASN F 272 -25.05 3.13 -12.94
C ASN F 272 -24.74 2.58 -11.54
N TRP F 273 -24.31 3.43 -10.62
CA TRP F 273 -24.17 3.01 -9.22
C TRP F 273 -25.53 2.71 -8.63
N LEU F 274 -25.71 1.48 -8.15
CA LEU F 274 -26.95 1.07 -7.51
C LEU F 274 -26.71 1.18 -6.01
N GLY F 275 -27.09 2.32 -5.45
CA GLY F 275 -26.91 2.57 -4.04
C GLY F 275 -25.62 3.30 -3.75
N PRO F 276 -25.60 4.09 -2.68
CA PRO F 276 -24.36 4.80 -2.31
C PRO F 276 -23.20 3.88 -2.01
N GLU F 277 -23.48 2.60 -1.71
CA GLU F 277 -22.40 1.66 -1.39
C GLU F 277 -21.56 1.38 -2.62
N GLU F 278 -22.16 1.41 -3.80
CA GLU F 278 -21.36 1.26 -5.02
CA GLU F 278 -21.36 1.26 -5.02
C GLU F 278 -20.56 2.52 -5.30
N MET F 279 -21.18 3.70 -5.10
CA MET F 279 -20.42 4.93 -5.19
C MET F 279 -19.21 4.90 -4.25
N PHE F 280 -19.40 4.40 -3.03
CA PHE F 280 -18.33 4.38 -2.06
C PHE F 280 -17.16 3.52 -2.54
N LYS F 281 -17.46 2.35 -3.13
CA LYS F 281 -16.39 1.49 -3.64
C LYS F 281 -15.61 2.19 -4.76
N ALA F 282 -16.32 2.81 -5.70
CA ALA F 282 -15.66 3.48 -6.83
C ALA F 282 -14.76 4.63 -6.34
N LEU F 283 -15.31 5.51 -5.50
CA LEU F 283 -14.51 6.63 -5.00
C LEU F 283 -13.33 6.17 -4.16
N SER F 284 -13.50 5.08 -3.40
CA SER F 284 -12.42 4.61 -2.52
C SER F 284 -11.17 4.22 -3.30
N ILE F 285 -11.32 3.80 -4.55
CA ILE F 285 -10.16 3.42 -5.33
C ILE F 285 -9.78 4.49 -6.34
N GLY F 286 -10.46 5.63 -6.35
CA GLY F 286 -10.07 6.70 -7.25
C GLY F 286 -10.49 6.52 -8.69
N ALA F 287 -11.70 5.98 -8.92
CA ALA F 287 -12.13 5.65 -10.28
C ALA F 287 -12.36 6.87 -11.15
N CYS F 288 -12.69 8.01 -10.54
CA CYS F 288 -13.20 9.16 -11.27
C CYS F 288 -12.93 10.41 -10.48
N ARG F 289 -12.69 11.52 -11.18
CA ARG F 289 -12.63 12.80 -10.50
C ARG F 289 -13.96 13.56 -10.50
N LEU F 290 -14.97 13.08 -11.23
CA LEU F 290 -16.32 13.62 -11.17
C LEU F 290 -17.30 12.49 -10.87
N ALA F 291 -18.46 12.84 -10.32
CA ALA F 291 -19.52 11.89 -10.05
C ALA F 291 -20.86 12.44 -10.52
N MET F 292 -21.72 11.54 -10.99
CA MET F 292 -23.08 11.91 -11.40
C MET F 292 -24.05 10.79 -11.05
N PRO F 293 -24.45 10.68 -9.79
CA PRO F 293 -25.48 9.70 -9.42
C PRO F 293 -26.78 9.93 -10.16
N ASP F 294 -27.51 8.84 -10.36
CA ASP F 294 -28.83 8.80 -10.98
C ASP F 294 -29.85 8.70 -9.86
N ALA F 295 -30.81 9.64 -9.81
CA ALA F 295 -31.73 9.69 -8.67
C ALA F 295 -32.43 8.36 -8.43
N MET F 296 -32.76 7.64 -9.50
CA MET F 296 -33.36 6.32 -9.35
C MET F 296 -32.33 5.33 -8.81
N LYS F 297 -31.23 5.13 -9.52
CA LYS F 297 -30.36 4.01 -9.15
C LYS F 297 -29.63 4.27 -7.84
N ILE F 298 -29.31 5.53 -7.52
CA ILE F 298 -28.61 5.82 -6.28
C ILE F 298 -29.48 5.55 -5.06
N GLY F 299 -30.79 5.40 -5.22
CA GLY F 299 -31.63 5.13 -4.06
C GLY F 299 -32.64 6.21 -3.72
N GLY F 300 -32.96 7.08 -4.68
CA GLY F 300 -33.95 8.11 -4.44
C GLY F 300 -33.35 9.27 -3.65
N VAL F 301 -34.23 10.03 -2.99
CA VAL F 301 -33.75 11.15 -2.19
C VAL F 301 -32.86 10.66 -1.05
N THR F 302 -33.29 9.60 -0.38
CA THR F 302 -32.52 9.07 0.74
C THR F 302 -31.13 8.64 0.31
N GLY F 303 -31.02 7.92 -0.81
CA GLY F 303 -29.70 7.54 -1.29
C GLY F 303 -28.90 8.72 -1.81
N TRP F 304 -29.59 9.68 -2.46
CA TRP F 304 -28.90 10.88 -2.94
C TRP F 304 -28.25 11.67 -1.81
N ILE F 305 -28.94 11.82 -0.67
CA ILE F 305 -28.38 12.61 0.42
C ILE F 305 -27.12 11.95 0.96
N ARG F 306 -27.13 10.62 1.05
CA ARG F 306 -25.94 9.87 1.46
C ARG F 306 -24.82 10.00 0.42
N ALA F 307 -25.16 9.90 -0.87
CA ALA F 307 -24.18 10.10 -1.94
C ALA F 307 -23.55 11.48 -1.89
N SER F 308 -24.34 12.52 -1.60
CA SER F 308 -23.79 13.87 -1.54
C SER F 308 -22.83 14.04 -0.36
N ALA F 309 -23.09 13.36 0.76
CA ALA F 309 -22.14 13.40 1.86
C ALA F 309 -20.83 12.71 1.47
N LEU F 310 -20.91 11.62 0.70
CA LEU F 310 -19.71 10.93 0.25
C LEU F 310 -18.90 11.81 -0.70
N ALA F 311 -19.57 12.43 -1.69
CA ALA F 311 -18.85 13.26 -2.65
C ALA F 311 -18.17 14.43 -1.96
N GLN F 312 -18.83 15.01 -0.96
CA GLN F 312 -18.21 16.08 -0.18
C GLN F 312 -16.89 15.64 0.44
N GLN F 313 -16.87 14.49 1.11
CA GLN F 313 -15.67 14.11 1.84
C GLN F 313 -14.56 13.68 0.89
N PHE F 314 -14.91 13.03 -0.22
CA PHE F 314 -13.92 12.61 -1.21
C PHE F 314 -13.50 13.74 -2.13
N GLY F 315 -14.08 14.92 -1.99
CA GLY F 315 -13.73 16.05 -2.83
C GLY F 315 -14.11 15.90 -4.30
N ILE F 316 -15.35 15.46 -4.57
CA ILE F 316 -15.82 15.14 -5.92
C ILE F 316 -16.98 16.06 -6.29
N PRO F 317 -16.83 16.92 -7.30
CA PRO F 317 -17.99 17.66 -7.82
C PRO F 317 -19.04 16.70 -8.36
N MET F 318 -20.29 16.94 -8.00
CA MET F 318 -21.35 15.95 -8.16
C MET F 318 -22.47 16.51 -9.02
N SER F 319 -22.76 15.83 -10.12
CA SER F 319 -23.82 16.16 -11.06
C SER F 319 -24.93 15.13 -10.95
N SER F 320 -25.99 15.30 -11.75
CA SER F 320 -27.12 14.38 -11.81
C SER F 320 -27.17 13.65 -13.16
N HIS F 321 -27.88 12.53 -13.18
CA HIS F 321 -28.18 11.81 -14.42
CA HIS F 321 -28.17 11.80 -14.40
C HIS F 321 -29.68 11.61 -14.50
N LEU F 322 -30.29 12.16 -15.54
CA LEU F 322 -31.74 12.07 -15.75
C LEU F 322 -32.53 12.61 -14.55
N PHE F 323 -33.84 12.35 -14.53
CA PHE F 323 -34.72 12.76 -13.44
C PHE F 323 -34.53 14.24 -13.10
N GLN F 324 -34.57 15.07 -14.15
CA GLN F 324 -34.26 16.49 -13.97
C GLN F 324 -35.22 17.17 -13.00
N GLU F 325 -36.46 16.68 -12.89
CA GLU F 325 -37.45 17.32 -12.04
C GLU F 325 -37.06 17.24 -10.57
N ILE F 326 -36.66 16.06 -10.10
CA ILE F 326 -36.24 15.97 -8.71
C ILE F 326 -34.79 16.36 -8.52
N SER F 327 -33.96 16.26 -9.57
CA SER F 327 -32.53 16.56 -9.42
C SER F 327 -32.31 18.05 -9.19
N ALA F 328 -33.22 18.90 -9.66
CA ALA F 328 -33.08 20.32 -9.38
C ALA F 328 -33.16 20.60 -7.89
N HIS F 329 -34.10 19.95 -7.19
CA HIS F 329 -34.17 20.05 -5.73
C HIS F 329 -32.93 19.45 -5.09
N LEU F 330 -32.51 18.27 -5.56
CA LEU F 330 -31.44 17.55 -4.89
C LEU F 330 -30.11 18.27 -5.02
N LEU F 331 -29.79 18.79 -6.20
CA LEU F 331 -28.53 19.50 -6.38
C LEU F 331 -28.48 20.77 -5.53
N ALA F 332 -29.62 21.44 -5.35
CA ALA F 332 -29.62 22.63 -4.49
C ALA F 332 -29.22 22.32 -3.05
N ALA F 333 -29.37 21.07 -2.61
CA ALA F 333 -28.96 20.66 -1.27
C ALA F 333 -27.63 19.91 -1.26
N THR F 334 -26.89 19.90 -2.36
CA THR F 334 -25.68 19.10 -2.49
C THR F 334 -24.46 20.00 -2.36
N PRO F 335 -23.61 19.82 -1.35
CA PRO F 335 -22.49 20.77 -1.16
C PRO F 335 -21.56 20.89 -2.37
N THR F 336 -21.31 19.82 -3.14
CA THR F 336 -20.43 19.90 -4.30
C THR F 336 -21.20 19.87 -5.62
N ALA F 337 -22.44 20.37 -5.62
CA ALA F 337 -23.26 20.36 -6.82
C ALA F 337 -22.53 20.97 -8.01
N HIS F 338 -22.62 20.29 -9.14
CA HIS F 338 -21.86 20.66 -10.33
C HIS F 338 -22.81 21.02 -11.47
N TRP F 339 -23.28 20.03 -12.23
CA TRP F 339 -24.17 20.24 -13.35
C TRP F 339 -25.45 19.43 -13.19
N LEU F 340 -26.54 19.96 -13.73
CA LEU F 340 -27.78 19.21 -13.89
C LEU F 340 -27.88 18.72 -15.33
N GLU F 341 -28.21 17.44 -15.51
CA GLU F 341 -28.39 16.90 -16.86
C GLU F 341 -29.81 17.19 -17.36
N ARG F 342 -29.91 17.98 -18.42
CA ARG F 342 -31.19 18.25 -19.05
C ARG F 342 -31.43 17.22 -20.16
N LEU F 343 -32.32 16.26 -19.88
CA LEU F 343 -32.75 15.26 -20.85
C LEU F 343 -34.14 14.86 -20.42
N ASP F 344 -35.15 15.42 -21.10
CA ASP F 344 -36.53 15.43 -20.61
C ASP F 344 -37.25 14.16 -21.06
N LEU F 345 -36.95 13.04 -20.39
CA LEU F 345 -37.56 11.77 -20.76
C LEU F 345 -39.06 11.75 -20.51
N ALA F 346 -39.52 12.41 -19.44
CA ALA F 346 -40.91 12.32 -19.03
C ALA F 346 -41.73 13.55 -19.41
N GLY F 347 -41.21 14.42 -20.29
CA GLY F 347 -41.90 15.66 -20.61
C GLY F 347 -43.28 15.47 -21.22
N SER F 348 -43.48 14.37 -21.94
CA SER F 348 -44.79 14.17 -22.56
C SER F 348 -45.88 13.85 -21.55
N VAL F 349 -45.53 13.49 -20.31
CA VAL F 349 -46.52 13.14 -19.30
C VAL F 349 -46.40 13.94 -18.02
N ILE F 350 -45.50 14.92 -17.95
CA ILE F 350 -45.33 15.76 -16.76
C ILE F 350 -45.44 17.22 -17.18
N GLU F 351 -46.22 18.00 -16.42
CA GLU F 351 -46.36 19.42 -16.73
C GLU F 351 -44.99 20.12 -16.62
N PRO F 352 -44.70 21.05 -17.52
CA PRO F 352 -43.36 21.68 -17.53
C PRO F 352 -43.23 22.78 -16.48
N THR F 353 -43.31 22.39 -15.20
CA THR F 353 -43.18 23.37 -14.15
C THR F 353 -41.73 23.72 -13.86
N LEU F 354 -40.80 22.80 -14.17
CA LEU F 354 -39.37 23.11 -14.11
C LEU F 354 -39.01 23.95 -15.34
N THR F 355 -38.28 25.05 -15.12
CA THR F 355 -37.97 25.98 -16.20
C THR F 355 -36.46 26.22 -16.24
N PHE F 356 -36.00 26.84 -17.33
CA PHE F 356 -34.58 27.06 -17.57
C PHE F 356 -34.35 28.50 -17.98
N GLU F 357 -33.64 29.25 -17.14
CA GLU F 357 -33.34 30.66 -17.36
C GLU F 357 -31.84 30.80 -17.49
N GLY F 358 -31.37 31.24 -18.65
CA GLY F 358 -29.93 31.38 -18.86
C GLY F 358 -29.17 30.08 -18.73
N GLY F 359 -29.80 28.95 -19.05
CA GLY F 359 -29.16 27.67 -18.94
C GLY F 359 -29.24 27.02 -17.57
N ASN F 360 -29.87 27.68 -16.60
CA ASN F 360 -30.01 27.17 -15.24
C ASN F 360 -31.40 26.60 -15.03
N ALA F 361 -31.47 25.44 -14.40
CA ALA F 361 -32.76 24.92 -13.98
C ALA F 361 -33.29 25.74 -12.82
N VAL F 362 -34.59 26.05 -12.86
CA VAL F 362 -35.23 26.87 -11.84
C VAL F 362 -36.32 26.04 -11.18
N ILE F 363 -36.13 25.74 -9.90
CA ILE F 363 -37.09 24.93 -9.13
C ILE F 363 -38.44 25.64 -9.09
N PRO F 364 -39.55 24.97 -9.36
CA PRO F 364 -40.86 25.62 -9.28
C PRO F 364 -41.31 25.83 -7.83
N ASP F 365 -42.10 26.89 -7.64
CA ASP F 365 -42.68 27.19 -6.34
C ASP F 365 -43.92 26.31 -6.12
N LEU F 366 -43.65 25.04 -5.87
CA LEU F 366 -44.68 24.03 -5.68
C LEU F 366 -44.25 23.11 -4.54
N PRO F 367 -45.19 22.52 -3.80
CA PRO F 367 -44.80 21.64 -2.71
C PRO F 367 -44.25 20.33 -3.24
N GLY F 368 -43.41 19.69 -2.43
CA GLY F 368 -42.78 18.47 -2.89
C GLY F 368 -41.89 18.73 -4.08
N VAL F 369 -41.93 17.82 -5.06
CA VAL F 369 -41.02 17.88 -6.19
C VAL F 369 -41.50 18.83 -7.28
N GLY F 370 -42.81 19.11 -7.36
CA GLY F 370 -43.34 19.88 -8.46
C GLY F 370 -43.83 19.07 -9.64
N ILE F 371 -44.12 17.80 -9.45
CA ILE F 371 -44.57 16.91 -10.52
C ILE F 371 -46.10 16.95 -10.57
N ILE F 372 -46.65 17.30 -11.73
CA ILE F 372 -48.08 17.25 -11.99
C ILE F 372 -48.28 16.45 -13.28
N TRP F 373 -49.05 15.36 -13.18
CA TRP F 373 -49.26 14.48 -14.34
C TRP F 373 -50.07 15.20 -15.41
N ARG F 374 -49.73 14.92 -16.68
CA ARG F 374 -50.58 15.32 -17.80
C ARG F 374 -51.54 14.15 -18.08
N GLU F 375 -52.64 14.13 -17.33
CA GLU F 375 -53.53 12.98 -17.35
C GLU F 375 -54.20 12.80 -18.71
N LYS F 376 -54.35 13.87 -19.49
CA LYS F 376 -54.90 13.70 -20.83
C LYS F 376 -53.89 13.04 -21.77
N GLU F 377 -52.61 13.06 -21.43
CA GLU F 377 -51.59 12.49 -22.31
C GLU F 377 -51.21 11.05 -21.93
N ILE F 378 -51.33 10.69 -20.66
CA ILE F 378 -50.82 9.40 -20.17
C ILE F 378 -51.54 8.24 -20.88
N GLY F 379 -52.85 8.37 -21.10
CA GLY F 379 -53.61 7.30 -21.71
C GLY F 379 -53.14 6.93 -23.10
N LYS F 380 -52.54 7.89 -23.82
CA LYS F 380 -52.05 7.62 -25.17
C LYS F 380 -50.91 6.60 -25.18
N TYR F 381 -50.16 6.49 -24.08
CA TYR F 381 -48.91 5.73 -24.08
C TYR F 381 -48.95 4.49 -23.20
N LEU F 382 -50.09 4.20 -22.57
CA LEU F 382 -50.19 3.07 -21.65
C LEU F 382 -49.89 1.76 -22.37
N VAL F 383 -49.15 0.89 -21.70
CA VAL F 383 -48.73 -0.37 -22.28
C VAL F 383 -49.89 -1.37 -22.38
N GLU G 27 -41.43 32.30 2.93
CA GLU G 27 -40.02 32.35 3.33
C GLU G 27 -39.87 32.74 4.78
N VAL G 28 -39.23 31.88 5.58
CA VAL G 28 -38.97 32.17 6.98
C VAL G 28 -37.56 32.73 7.11
N LEU G 29 -37.43 33.83 7.86
CA LEU G 29 -36.14 34.46 8.10
C LEU G 29 -35.79 34.35 9.58
N ILE G 30 -34.49 34.39 9.86
CA ILE G 30 -34.01 34.57 11.22
C ILE G 30 -34.17 36.03 11.61
N THR G 31 -34.78 36.29 12.76
CA THR G 31 -35.00 37.68 13.17
C THR G 31 -34.23 38.07 14.43
N GLY G 32 -33.50 37.16 15.05
CA GLY G 32 -32.71 37.54 16.22
C GLY G 32 -31.98 36.34 16.79
N LEU G 33 -30.89 36.64 17.49
CA LEU G 33 -30.08 35.62 18.15
C LEU G 33 -29.76 36.09 19.57
N ARG G 34 -30.13 35.29 20.56
CA ARG G 34 -29.83 35.60 21.95
C ARG G 34 -29.05 34.46 22.58
N THR G 35 -28.00 34.80 23.33
CA THR G 35 -27.17 33.80 24.00
C THR G 35 -27.09 34.14 25.48
N ARG G 36 -27.13 33.11 26.32
CA ARG G 36 -26.97 33.25 27.77
C ARG G 36 -25.91 32.27 28.24
N ALA G 37 -24.88 32.79 28.90
CA ALA G 37 -23.82 31.94 29.44
C ALA G 37 -24.17 31.57 30.87
N VAL G 38 -24.14 30.27 31.17
CA VAL G 38 -24.48 29.77 32.50
C VAL G 38 -23.40 28.78 32.96
N ASN G 39 -23.33 28.64 34.28
CA ASN G 39 -22.47 27.65 34.94
CA ASN G 39 -22.46 27.66 34.94
C ASN G 39 -23.38 26.81 35.82
N VAL G 40 -23.81 25.66 35.33
CA VAL G 40 -24.90 24.95 36.01
C VAL G 40 -24.37 23.85 36.92
N PRO G 41 -25.12 23.46 37.95
CA PRO G 41 -24.62 22.44 38.87
C PRO G 41 -24.81 21.04 38.33
N LEU G 42 -23.91 20.16 38.76
CA LEU G 42 -23.97 18.75 38.43
C LEU G 42 -24.08 17.96 39.72
N ALA G 43 -25.05 17.04 39.76
CA ALA G 43 -25.18 16.16 40.92
C ALA G 43 -23.88 15.43 41.22
N TYR G 44 -23.21 14.94 40.18
CA TYR G 44 -21.89 14.34 40.32
C TYR G 44 -20.90 15.04 39.40
N PRO G 45 -19.82 15.62 39.92
CA PRO G 45 -18.78 16.17 39.03
C PRO G 45 -18.33 15.11 38.04
N VAL G 46 -17.96 15.54 36.84
CA VAL G 46 -17.40 14.63 35.83
C VAL G 46 -15.90 14.65 36.02
N HIS G 47 -15.42 13.79 36.93
CA HIS G 47 -13.99 13.55 37.06
C HIS G 47 -13.47 12.76 35.86
N THR G 48 -12.32 13.16 35.32
CA THR G 48 -11.63 12.39 34.29
C THR G 48 -10.15 12.25 34.65
N ALA G 49 -9.46 11.39 33.91
CA ALA G 49 -8.03 11.20 34.11
C ALA G 49 -7.22 12.44 33.74
N VAL G 50 -7.81 13.42 33.07
CA VAL G 50 -7.10 14.63 32.69
C VAL G 50 -7.70 15.86 33.38
N GLY G 51 -8.46 15.68 34.46
CA GLY G 51 -9.05 16.79 35.17
C GLY G 51 -10.56 16.64 35.31
N THR G 52 -11.11 17.47 36.19
CA THR G 52 -12.49 17.35 36.63
C THR G 52 -13.36 18.48 36.10
N VAL G 53 -14.53 18.13 35.56
CA VAL G 53 -15.57 19.10 35.21
C VAL G 53 -16.58 19.08 36.36
N GLY G 54 -16.47 20.05 37.27
CA GLY G 54 -17.31 20.10 38.46
C GLY G 54 -18.66 20.76 38.24
N THR G 55 -18.69 21.79 37.38
CA THR G 55 -19.93 22.41 36.95
C THR G 55 -19.88 22.51 35.43
N ALA G 56 -21.04 22.67 34.81
CA ALA G 56 -21.10 22.65 33.35
C ALA G 56 -21.20 24.07 32.83
N PRO G 57 -20.21 24.56 32.09
CA PRO G 57 -20.34 25.88 31.46
C PRO G 57 -21.03 25.74 30.12
N LEU G 58 -22.21 26.33 30.00
CA LEU G 58 -23.04 26.19 28.82
C LEU G 58 -23.38 27.56 28.24
N VAL G 59 -23.58 27.60 26.93
CA VAL G 59 -24.19 28.75 26.26
C VAL G 59 -25.53 28.30 25.73
N LEU G 60 -26.61 28.93 26.22
CA LEU G 60 -27.96 28.67 25.74
C LEU G 60 -28.31 29.62 24.60
N ILE G 61 -28.93 29.09 23.56
CA ILE G 61 -29.09 29.79 22.28
C ILE G 61 -30.57 29.86 21.92
N ASP G 62 -31.04 31.08 21.60
CA ASP G 62 -32.40 31.33 21.15
C ASP G 62 -32.35 31.99 19.76
N LEU G 63 -32.91 31.31 18.77
CA LEU G 63 -32.90 31.78 17.38
C LEU G 63 -34.33 32.18 17.01
N ALA G 64 -34.60 33.49 17.04
CA ALA G 64 -35.93 34.01 16.74
C ALA G 64 -36.15 34.08 15.24
N THR G 65 -37.39 33.83 14.81
CA THR G 65 -37.70 33.76 13.40
C THR G 65 -38.92 34.60 13.05
N SER G 66 -39.03 34.93 11.76
CA SER G 66 -40.20 35.62 11.24
C SER G 66 -41.45 34.76 11.29
N ALA G 67 -41.35 33.49 11.68
CA ALA G 67 -42.54 32.66 11.90
C ALA G 67 -43.00 32.68 13.35
N GLY G 68 -42.37 33.47 14.21
CA GLY G 68 -42.78 33.51 15.60
C GLY G 68 -42.11 32.48 16.48
N VAL G 69 -41.94 31.26 15.97
CA VAL G 69 -41.28 30.22 16.75
C VAL G 69 -39.83 30.63 17.02
N VAL G 70 -39.29 30.12 18.12
CA VAL G 70 -37.89 30.36 18.49
C VAL G 70 -37.19 29.00 18.54
N GLY G 71 -36.08 28.89 17.80
CA GLY G 71 -35.23 27.70 17.92
C GLY G 71 -34.37 27.79 19.17
N HIS G 72 -34.23 26.66 19.86
CA HIS G 72 -33.43 26.54 21.07
C HIS G 72 -32.33 25.50 20.87
N SER G 73 -31.15 25.79 21.44
CA SER G 73 -30.05 24.83 21.49
C SER G 73 -29.09 25.31 22.56
N TYR G 74 -28.09 24.47 22.87
CA TYR G 74 -27.04 24.90 23.78
C TYR G 74 -25.72 24.29 23.37
N LEU G 75 -24.64 24.87 23.90
CA LEU G 75 -23.28 24.43 23.67
C LEU G 75 -22.63 24.13 25.03
N PHE G 76 -21.72 23.16 25.01
CA PHE G 76 -20.92 22.80 26.18
C PHE G 76 -19.52 23.33 25.95
N ALA G 77 -19.07 24.23 26.84
CA ALA G 77 -17.75 24.86 26.68
C ALA G 77 -16.62 24.07 27.32
N TYR G 78 -16.92 22.99 28.05
CA TYR G 78 -15.94 22.10 28.68
C TYR G 78 -15.21 22.75 29.85
N THR G 79 -14.61 23.92 29.64
CA THR G 79 -13.95 24.64 30.73
C THR G 79 -14.53 26.05 30.86
N PRO G 80 -14.72 26.55 32.09
CA PRO G 80 -15.16 27.96 32.22
C PRO G 80 -14.22 28.94 31.56
N VAL G 81 -12.96 28.56 31.31
CA VAL G 81 -11.99 29.44 30.66
C VAL G 81 -12.47 29.85 29.27
N ALA G 82 -13.22 28.99 28.59
CA ALA G 82 -13.71 29.28 27.25
C ALA G 82 -15.12 29.86 27.21
N LEU G 83 -15.78 29.99 28.37
CA LEU G 83 -17.21 30.28 28.39
C LEU G 83 -17.53 31.66 27.82
N LYS G 84 -16.94 32.73 28.37
CA LYS G 84 -17.27 34.07 27.88
C LYS G 84 -16.81 34.27 26.44
N SER G 85 -15.69 33.64 26.06
CA SER G 85 -15.19 33.78 24.70
C SER G 85 -16.18 33.19 23.70
N LEU G 86 -16.75 32.03 24.02
CA LEU G 86 -17.72 31.40 23.13
C LEU G 86 -18.99 32.24 22.99
N LYS G 87 -19.49 32.80 24.10
CA LYS G 87 -20.68 33.66 24.02
C LYS G 87 -20.40 34.92 23.23
N GLN G 88 -19.24 35.54 23.46
CA GLN G 88 -18.84 36.73 22.70
C GLN G 88 -18.79 36.42 21.21
N LEU G 89 -18.17 35.29 20.86
CA LEU G 89 -18.10 34.88 19.46
C LEU G 89 -19.49 34.76 18.84
N LEU G 90 -20.41 34.10 19.56
CA LEU G 90 -21.76 33.92 19.03
C LEU G 90 -22.48 35.26 18.86
N ASP G 91 -22.28 36.16 19.81
CA ASP G 91 -22.93 37.48 19.72
C ASP G 91 -22.40 38.26 18.52
N ASP G 92 -21.10 38.13 18.23
CA ASP G 92 -20.54 38.80 17.06
C ASP G 92 -20.88 38.08 15.76
N MET G 93 -21.29 36.81 15.83
CA MET G 93 -21.79 36.11 14.66
C MET G 93 -23.23 36.43 14.33
N ALA G 94 -23.97 37.06 15.26
CA ALA G 94 -25.36 37.38 15.01
C ALA G 94 -25.55 38.13 13.69
N ALA G 95 -24.62 39.06 13.38
CA ALA G 95 -24.75 39.86 12.17
C ALA G 95 -24.68 39.02 10.89
N MET G 96 -24.07 37.83 10.95
CA MET G 96 -23.98 37.00 9.76
C MET G 96 -25.25 36.22 9.48
N ILE G 97 -26.14 36.06 10.47
CA ILE G 97 -27.27 35.16 10.26
C ILE G 97 -28.61 35.87 10.39
N VAL G 98 -28.68 36.98 11.14
CA VAL G 98 -29.96 37.69 11.22
C VAL G 98 -30.33 38.18 9.83
N ASN G 99 -31.62 38.00 9.49
CA ASN G 99 -32.22 38.30 8.19
C ASN G 99 -31.84 37.29 7.12
N GLU G 100 -31.11 36.19 7.49
CA GLU G 100 -30.91 35.13 6.50
C GLU G 100 -32.09 34.15 6.54
N PRO G 101 -32.38 33.48 5.42
CA PRO G 101 -33.41 32.43 5.46
C PRO G 101 -33.09 31.37 6.49
N LEU G 102 -34.15 30.76 7.04
CA LEU G 102 -34.03 29.65 7.98
C LEU G 102 -33.90 28.35 7.19
N ALA G 103 -32.72 28.19 6.60
CA ALA G 103 -32.37 27.01 5.81
C ALA G 103 -31.04 26.55 6.38
N PRO G 104 -31.04 25.61 7.33
CA PRO G 104 -29.80 25.28 8.06
C PRO G 104 -28.65 24.85 7.18
N VAL G 105 -28.94 24.10 6.11
CA VAL G 105 -27.87 23.57 5.27
C VAL G 105 -27.20 24.70 4.50
N SER G 106 -28.01 25.65 3.99
CA SER G 106 -27.44 26.80 3.30
C SER G 106 -26.72 27.72 4.27
N LEU G 107 -27.27 27.86 5.49
CA LEU G 107 -26.60 28.63 6.54
C LEU G 107 -25.22 28.05 6.84
N GLU G 108 -25.13 26.73 6.98
CA GLU G 108 -23.85 26.09 7.29
C GLU G 108 -22.84 26.31 6.18
N ALA G 109 -23.27 26.21 4.92
CA ALA G 109 -22.35 26.47 3.81
C ALA G 109 -21.80 27.89 3.89
N MET G 110 -22.67 28.87 4.21
CA MET G 110 -22.23 30.26 4.28
C MET G 110 -21.20 30.45 5.39
N LEU G 111 -21.45 29.85 6.56
CA LEU G 111 -20.52 29.99 7.67
C LEU G 111 -19.18 29.33 7.37
N ALA G 112 -19.20 28.13 6.77
CA ALA G 112 -17.97 27.47 6.34
C ALA G 112 -17.13 28.38 5.45
N LYS G 113 -17.78 29.07 4.51
CA LYS G 113 -17.03 29.96 3.62
C LYS G 113 -16.55 31.21 4.37
N ARG G 114 -17.37 31.77 5.24
CA ARG G 114 -16.96 33.02 5.88
C ARG G 114 -15.78 32.81 6.82
N PHE G 115 -15.69 31.66 7.49
CA PHE G 115 -14.59 31.37 8.42
C PHE G 115 -13.48 30.54 7.77
N CYS G 116 -13.46 30.44 6.45
CA CYS G 116 -12.49 29.61 5.77
CA CYS G 116 -12.47 29.58 5.83
C CYS G 116 -11.06 30.12 5.98
N LEU G 117 -10.89 31.42 6.24
CA LEU G 117 -9.55 31.94 6.48
C LEU G 117 -9.14 31.85 7.94
N ALA G 118 -10.07 32.17 8.85
CA ALA G 118 -9.79 32.12 10.27
C ALA G 118 -9.54 30.69 10.76
N GLY G 119 -10.17 29.71 10.12
CA GLY G 119 -10.11 28.34 10.58
C GLY G 119 -11.47 27.88 11.05
N TYR G 120 -12.15 27.11 10.20
CA TYR G 120 -13.52 26.64 10.49
C TYR G 120 -13.44 25.40 11.37
N THR G 121 -13.00 25.62 12.60
CA THR G 121 -12.75 24.54 13.56
C THR G 121 -12.83 25.14 14.96
N GLY G 122 -12.61 24.29 15.97
CA GLY G 122 -12.52 24.76 17.34
C GLY G 122 -13.78 25.51 17.76
N LEU G 123 -13.58 26.61 18.49
CA LEU G 123 -14.69 27.36 19.04
C LEU G 123 -15.60 27.92 17.95
N ILE G 124 -15.01 28.35 16.83
CA ILE G 124 -15.81 28.84 15.71
C ILE G 124 -16.74 27.75 15.18
N ARG G 125 -16.21 26.53 15.01
CA ARG G 125 -17.05 25.44 14.53
C ARG G 125 -18.12 25.06 15.55
N MET G 126 -17.78 25.09 16.84
CA MET G 126 -18.79 24.77 17.85
C MET G 126 -19.90 25.80 17.85
N ALA G 127 -19.55 27.08 17.65
CA ALA G 127 -20.56 28.13 17.54
C ALA G 127 -21.47 27.92 16.34
N ALA G 128 -20.90 27.58 15.18
CA ALA G 128 -21.74 27.29 14.02
C ALA G 128 -22.67 26.12 14.28
N ALA G 129 -22.20 25.11 15.02
CA ALA G 129 -23.05 23.97 15.34
C ALA G 129 -24.21 24.36 16.25
N GLY G 130 -23.97 25.28 17.20
CA GLY G 130 -25.06 25.73 18.05
C GLY G 130 -26.14 26.45 17.27
N ILE G 131 -25.73 27.25 16.28
CA ILE G 131 -26.68 27.89 15.39
C ILE G 131 -27.43 26.85 14.56
N ASP G 132 -26.71 25.86 14.04
CA ASP G 132 -27.35 24.81 13.25
C ASP G 132 -28.39 24.06 14.06
N MET G 133 -28.05 23.67 15.30
CA MET G 133 -28.99 22.92 16.11
C MET G 133 -30.21 23.76 16.49
N ALA G 134 -30.03 25.06 16.70
CA ALA G 134 -31.17 25.94 16.94
C ALA G 134 -32.02 26.10 15.68
N ALA G 135 -31.36 26.23 14.53
CA ALA G 135 -32.09 26.42 13.27
C ALA G 135 -32.95 25.20 12.94
N TRP G 136 -32.42 23.98 13.14
CA TRP G 136 -33.22 22.80 12.86
C TRP G 136 -34.39 22.66 13.84
N ASP G 137 -34.18 23.00 15.10
CA ASP G 137 -35.30 22.99 16.05
C ASP G 137 -36.38 23.95 15.62
N ALA G 138 -35.98 25.15 15.17
CA ALA G 138 -36.93 26.13 14.65
C ALA G 138 -37.63 25.61 13.40
N LEU G 139 -36.91 24.90 12.53
CA LEU G 139 -37.54 24.39 11.31
C LEU G 139 -38.56 23.32 11.64
N GLY G 140 -38.25 22.45 12.61
CA GLY G 140 -39.25 21.51 13.08
C GLY G 140 -40.48 22.22 13.64
N LYS G 141 -40.25 23.35 14.30
CA LYS G 141 -41.35 24.11 14.89
C LYS G 141 -42.19 24.77 13.81
N VAL G 142 -41.55 25.32 12.76
CA VAL G 142 -42.30 25.86 11.63
C VAL G 142 -43.25 24.82 11.08
N HIS G 143 -42.79 23.58 10.96
CA HIS G 143 -43.62 22.53 10.40
C HIS G 143 -44.37 21.74 11.46
N GLU G 144 -44.35 22.18 12.71
CA GLU G 144 -45.15 21.57 13.77
C GLU G 144 -44.92 20.06 13.83
N THR G 145 -43.64 19.67 13.78
CA THR G 145 -43.35 18.25 13.73
C THR G 145 -42.05 17.95 14.48
N PRO G 146 -41.96 16.81 15.17
CA PRO G 146 -40.69 16.48 15.84
C PRO G 146 -39.55 16.40 14.84
N LEU G 147 -38.35 16.76 15.30
CA LEU G 147 -37.19 16.78 14.43
C LEU G 147 -36.99 15.43 13.71
N VAL G 148 -37.13 14.32 14.45
CA VAL G 148 -36.90 13.00 13.82
C VAL G 148 -37.81 12.83 12.61
N LYS G 149 -39.08 13.23 12.73
CA LYS G 149 -40.01 13.09 11.61
C LYS G 149 -39.67 14.04 10.47
N LEU G 150 -39.18 15.24 10.80
CA LEU G 150 -38.72 16.18 9.77
C LEU G 150 -37.60 15.57 8.94
N LEU G 151 -36.74 14.78 9.58
CA LEU G 151 -35.64 14.13 8.88
C LEU G 151 -36.08 12.88 8.14
N GLY G 152 -37.35 12.50 8.23
CA GLY G 152 -37.88 11.40 7.45
C GLY G 152 -37.86 10.04 8.13
N ALA G 153 -37.72 10.00 9.45
CA ALA G 153 -37.61 8.74 10.19
C ALA G 153 -38.73 8.63 11.22
N ASN G 154 -39.07 7.40 11.57
CA ASN G 154 -39.95 7.20 12.71
C ASN G 154 -39.19 7.39 14.01
N ALA G 155 -39.87 7.95 15.02
CA ALA G 155 -39.32 7.89 16.36
C ALA G 155 -39.26 6.44 16.81
N ARG G 156 -38.18 6.10 17.50
CA ARG G 156 -38.03 4.78 18.10
C ARG G 156 -37.25 4.96 19.38
N PRO G 157 -37.51 4.13 20.40
CA PRO G 157 -36.67 4.19 21.60
C PRO G 157 -35.24 3.85 21.25
N VAL G 158 -34.29 4.50 21.91
CA VAL G 158 -32.86 4.30 21.66
CA VAL G 158 -32.88 4.28 21.65
C VAL G 158 -32.22 3.85 22.96
N GLN G 159 -31.56 2.69 22.93
CA GLN G 159 -30.89 2.20 24.13
C GLN G 159 -29.84 3.20 24.60
N ALA G 160 -29.81 3.42 25.90
CA ALA G 160 -28.95 4.44 26.51
C ALA G 160 -28.13 3.80 27.60
N TYR G 161 -26.88 4.25 27.74
CA TYR G 161 -26.06 3.84 28.85
C TYR G 161 -25.94 5.01 29.81
N ASP G 162 -25.99 4.71 31.10
CA ASP G 162 -25.83 5.76 32.11
C ASP G 162 -24.35 6.06 32.28
N SER G 163 -23.96 7.31 32.02
CA SER G 163 -22.56 7.70 31.86
C SER G 163 -22.05 8.36 33.16
N HIS G 164 -21.07 7.73 33.79
CA HIS G 164 -20.54 8.19 35.07
C HIS G 164 -19.14 8.80 34.85
N SER G 165 -18.26 8.72 35.85
CA SER G 165 -16.95 9.37 35.70
C SER G 165 -15.89 8.64 36.53
N LEU G 166 -14.76 9.31 36.78
CA LEU G 166 -13.63 8.70 37.50
C LEU G 166 -13.94 8.80 39.00
N ASP G 167 -14.73 7.84 39.48
CA ASP G 167 -15.48 7.97 40.72
C ASP G 167 -14.87 7.20 41.89
N GLY G 168 -13.88 6.36 41.65
CA GLY G 168 -13.41 5.45 42.69
C GLY G 168 -14.32 4.24 42.81
N VAL G 169 -13.75 3.18 43.39
CA VAL G 169 -14.43 1.88 43.42
CA VAL G 169 -14.43 1.86 43.43
C VAL G 169 -15.80 1.99 44.07
N LYS G 170 -15.88 2.65 45.22
CA LYS G 170 -17.12 2.66 46.00
C LYS G 170 -18.24 3.41 45.29
N LEU G 171 -17.98 4.65 44.86
CA LEU G 171 -19.02 5.42 44.20
C LEU G 171 -19.32 4.88 42.81
N ALA G 172 -18.30 4.41 42.09
CA ALA G 172 -18.57 3.80 40.78
C ALA G 172 -19.55 2.64 40.92
N THR G 173 -19.34 1.78 41.92
CA THR G 173 -20.21 0.61 42.06
C THR G 173 -21.61 1.04 42.50
N GLU G 174 -21.72 2.07 43.34
CA GLU G 174 -23.03 2.53 43.78
C GLU G 174 -23.82 3.12 42.63
N ARG G 175 -23.17 3.95 41.80
CA ARG G 175 -23.86 4.55 40.66
C ARG G 175 -24.25 3.48 39.63
N ALA G 176 -23.40 2.47 39.44
CA ALA G 176 -23.78 1.40 38.52
C ALA G 176 -25.00 0.64 39.05
N VAL G 177 -25.04 0.36 40.36
CA VAL G 177 -26.21 -0.34 40.93
C VAL G 177 -27.46 0.51 40.76
N THR G 178 -27.36 1.81 41.02
CA THR G 178 -28.51 2.69 40.86
C THR G 178 -28.96 2.73 39.40
N ALA G 179 -28.02 2.81 38.46
CA ALA G 179 -28.38 2.82 37.05
C ALA G 179 -29.12 1.54 36.68
N ALA G 180 -28.65 0.39 37.16
CA ALA G 180 -29.33 -0.86 36.84
C ALA G 180 -30.75 -0.87 37.39
N GLU G 181 -30.94 -0.34 38.60
CA GLU G 181 -32.28 -0.27 39.19
C GLU G 181 -33.20 0.66 38.40
N LEU G 182 -32.66 1.74 37.85
CA LEU G 182 -33.45 2.64 37.02
C LEU G 182 -33.81 2.07 35.65
N GLY G 183 -33.28 0.91 35.27
CA GLY G 183 -33.61 0.28 34.00
C GLY G 183 -32.51 0.27 32.95
N PHE G 184 -31.42 0.99 33.15
CA PHE G 184 -30.34 0.97 32.16
C PHE G 184 -29.69 -0.40 32.11
N ARG G 185 -29.27 -0.80 30.91
CA ARG G 185 -28.60 -2.07 30.70
C ARG G 185 -27.11 -1.93 30.50
N ALA G 186 -26.55 -0.74 30.73
CA ALA G 186 -25.12 -0.53 30.57
C ALA G 186 -24.75 0.78 31.24
N VAL G 187 -23.51 0.86 31.72
CA VAL G 187 -22.96 2.09 32.26
C VAL G 187 -21.60 2.34 31.62
N LYS G 188 -21.15 3.58 31.72
CA LYS G 188 -19.79 3.94 31.35
C LYS G 188 -19.12 4.56 32.56
N THR G 189 -17.92 4.09 32.88
CA THR G 189 -17.10 4.70 33.90
C THR G 189 -15.86 5.27 33.23
N LYS G 190 -15.28 6.31 33.84
CA LYS G 190 -14.09 6.94 33.29
C LYS G 190 -12.89 6.44 34.09
N ILE G 191 -11.85 5.99 33.39
CA ILE G 191 -10.71 5.35 34.05
C ILE G 191 -9.38 5.97 33.61
N GLY G 192 -8.28 5.34 33.99
CA GLY G 192 -6.98 5.97 33.89
C GLY G 192 -6.45 6.45 35.24
N TYR G 193 -6.68 5.64 36.28
CA TYR G 193 -6.07 5.87 37.60
C TYR G 193 -4.57 5.72 37.50
N PRO G 194 -3.81 6.15 38.51
CA PRO G 194 -2.34 5.95 38.46
C PRO G 194 -1.89 4.54 38.14
N ALA G 195 -2.53 3.52 38.71
CA ALA G 195 -2.14 2.13 38.49
C ALA G 195 -3.19 1.42 37.65
N LEU G 196 -2.73 0.52 36.77
CA LEU G 196 -3.66 -0.32 36.03
C LEU G 196 -4.53 -1.13 36.99
N ASP G 197 -3.95 -1.58 38.10
CA ASP G 197 -4.71 -2.37 39.08
C ASP G 197 -5.94 -1.63 39.58
N GLN G 198 -5.88 -0.30 39.63
CA GLN G 198 -7.05 0.48 40.05
C GLN G 198 -8.11 0.54 38.97
N ASP G 199 -7.70 0.68 37.69
CA ASP G 199 -8.66 0.52 36.61
C ASP G 199 -9.41 -0.80 36.77
N LEU G 200 -8.66 -1.89 36.96
CA LEU G 200 -9.27 -3.22 37.02
C LEU G 200 -10.18 -3.37 38.24
N ALA G 201 -9.79 -2.80 39.38
CA ALA G 201 -10.62 -2.92 40.58
C ALA G 201 -11.99 -2.29 40.39
N VAL G 202 -12.05 -1.15 39.72
CA VAL G 202 -13.34 -0.50 39.47
C VAL G 202 -14.21 -1.36 38.57
N VAL G 203 -13.63 -1.90 37.49
CA VAL G 203 -14.40 -2.71 36.53
C VAL G 203 -14.90 -3.99 37.20
N ARG G 204 -14.04 -4.64 37.99
CA ARG G 204 -14.43 -5.87 38.68
C ARG G 204 -15.52 -5.61 39.71
N SER G 205 -15.39 -4.53 40.49
CA SER G 205 -16.41 -4.20 41.47
C SER G 205 -17.75 -3.93 40.81
N ILE G 206 -17.76 -3.17 39.72
CA ILE G 206 -19.01 -2.93 39.00
C ILE G 206 -19.59 -4.25 38.50
N ARG G 207 -18.74 -5.08 37.88
CA ARG G 207 -19.19 -6.32 37.27
C ARG G 207 -19.82 -7.26 38.29
N GLN G 208 -19.20 -7.41 39.46
CA GLN G 208 -19.82 -8.22 40.49
C GLN G 208 -21.22 -7.70 40.82
N ALA G 209 -21.37 -6.38 40.88
CA ALA G 209 -22.63 -5.79 41.31
C ALA G 209 -23.70 -5.85 40.23
N VAL G 210 -23.34 -5.77 38.94
CA VAL G 210 -24.36 -5.70 37.88
C VAL G 210 -24.54 -7.01 37.12
N GLY G 211 -23.62 -7.97 37.25
CA GLY G 211 -23.78 -9.24 36.57
C GLY G 211 -23.15 -9.24 35.18
N ASP G 212 -23.20 -10.42 34.55
CA ASP G 212 -22.52 -10.64 33.29
C ASP G 212 -23.30 -10.07 32.10
N ASP G 213 -24.62 -10.04 32.19
CA ASP G 213 -25.48 -9.57 31.11
C ASP G 213 -25.73 -8.06 31.29
N PHE G 214 -24.66 -7.29 31.11
CA PHE G 214 -24.69 -5.86 31.42
C PHE G 214 -23.48 -5.21 30.77
N GLY G 215 -23.67 -4.04 30.17
CA GLY G 215 -22.58 -3.36 29.49
C GLY G 215 -21.77 -2.49 30.44
N ILE G 216 -20.44 -2.59 30.34
CA ILE G 216 -19.52 -1.73 31.07
C ILE G 216 -18.60 -1.09 30.05
N MET G 217 -18.90 0.15 29.67
CA MET G 217 -18.02 0.94 28.84
C MET G 217 -17.00 1.64 29.72
N VAL G 218 -15.78 1.82 29.18
CA VAL G 218 -14.72 2.48 29.91
C VAL G 218 -14.09 3.55 29.00
N ASP G 219 -13.68 4.66 29.61
CA ASP G 219 -13.24 5.87 28.90
C ASP G 219 -11.95 6.39 29.54
N TYR G 220 -10.85 6.40 28.77
CA TYR G 220 -9.56 6.87 29.27
C TYR G 220 -9.34 8.37 29.05
N ASN G 221 -10.21 9.02 28.28
CA ASN G 221 -10.11 10.45 28.01
C ASN G 221 -8.67 10.84 27.61
N GLN G 222 -8.12 10.10 26.65
CA GLN G 222 -6.85 10.42 25.99
C GLN G 222 -5.64 10.33 26.92
N SER G 223 -5.76 9.65 28.05
CA SER G 223 -4.74 9.77 29.09
C SER G 223 -3.52 8.85 28.89
N LEU G 224 -3.54 7.93 27.93
CA LEU G 224 -2.46 6.94 27.80
C LEU G 224 -1.65 7.17 26.54
N ASP G 225 -0.36 6.83 26.61
CA ASP G 225 0.39 6.68 25.37
C ASP G 225 0.05 5.31 24.72
N VAL G 226 0.51 5.12 23.49
CA VAL G 226 0.12 3.93 22.73
C VAL G 226 0.55 2.63 23.41
N PRO G 227 1.81 2.46 23.84
CA PRO G 227 2.16 1.20 24.52
C PRO G 227 1.40 0.96 25.82
N ALA G 228 1.13 2.01 26.59
CA ALA G 228 0.38 1.84 27.83
C ALA G 228 -1.08 1.54 27.53
N ALA G 229 -1.62 2.14 26.47
CA ALA G 229 -2.98 1.80 26.04
C ALA G 229 -3.08 0.32 25.66
N ILE G 230 -2.09 -0.20 24.95
CA ILE G 230 -2.12 -1.61 24.55
C ILE G 230 -2.08 -2.52 25.79
N LYS G 231 -1.19 -2.21 26.73
CA LYS G 231 -1.07 -3.03 27.94
C LYS G 231 -2.33 -2.94 28.80
N ARG G 232 -2.83 -1.74 29.05
CA ARG G 232 -4.02 -1.63 29.89
C ARG G 232 -5.24 -2.22 29.18
N SER G 233 -5.35 -1.97 27.87
CA SER G 233 -6.53 -2.43 27.14
C SER G 233 -6.59 -3.95 27.04
N GLN G 234 -5.45 -4.61 26.86
CA GLN G 234 -5.47 -6.07 26.83
C GLN G 234 -5.82 -6.65 28.19
N ALA G 235 -5.41 -5.99 29.27
CA ALA G 235 -5.86 -6.43 30.60
C ALA G 235 -7.36 -6.21 30.76
N LEU G 236 -7.86 -5.05 30.31
CA LEU G 236 -9.30 -4.78 30.42
C LEU G 236 -10.09 -5.77 29.59
N GLN G 237 -9.60 -6.10 28.39
CA GLN G 237 -10.33 -7.02 27.52
C GLN G 237 -10.46 -8.40 28.15
N GLN G 238 -9.46 -8.83 28.92
CA GLN G 238 -9.55 -10.10 29.65
C GLN G 238 -10.60 -10.04 30.75
N GLU G 239 -10.74 -8.90 31.42
CA GLU G 239 -11.81 -8.74 32.41
C GLU G 239 -13.18 -8.82 31.73
N GLY G 240 -13.30 -8.20 30.57
CA GLY G 240 -14.58 -8.11 29.88
C GLY G 240 -15.14 -6.71 30.01
N VAL G 241 -14.98 -5.89 28.97
CA VAL G 241 -15.59 -4.56 28.89
C VAL G 241 -16.28 -4.45 27.54
N THR G 242 -17.14 -3.44 27.42
CA THR G 242 -17.95 -3.28 26.22
C THR G 242 -17.22 -2.50 25.13
N TRP G 243 -16.48 -1.46 25.51
CA TRP G 243 -15.59 -0.78 24.57
C TRP G 243 -14.57 0.03 25.36
N ILE G 244 -13.54 0.46 24.65
CA ILE G 244 -12.47 1.26 25.23
C ILE G 244 -12.41 2.56 24.45
N GLU G 245 -12.71 3.66 25.14
CA GLU G 245 -12.95 4.95 24.52
C GLU G 245 -11.75 5.87 24.70
N GLU G 246 -11.36 6.55 23.61
CA GLU G 246 -10.24 7.49 23.55
C GLU G 246 -9.06 7.04 24.42
N PRO G 247 -8.43 5.91 24.11
CA PRO G 247 -7.25 5.49 24.88
C PRO G 247 -6.10 6.47 24.82
N THR G 248 -5.88 7.15 23.68
CA THR G 248 -4.76 8.10 23.54
C THR G 248 -5.20 9.46 22.99
N LEU G 249 -4.25 10.33 22.67
CA LEU G 249 -4.54 11.67 22.14
C LEU G 249 -5.55 11.62 20.99
N GLN G 250 -6.59 12.45 21.10
CA GLN G 250 -7.76 12.30 20.21
C GLN G 250 -7.38 12.50 18.75
N HIS G 251 -6.43 13.40 18.46
CA HIS G 251 -6.05 13.63 17.06
C HIS G 251 -5.11 12.55 16.52
N ASP G 252 -4.60 11.65 17.36
CA ASP G 252 -3.67 10.62 16.90
C ASP G 252 -4.46 9.41 16.37
N TYR G 253 -4.98 9.56 15.14
CA TYR G 253 -5.75 8.47 14.55
C TYR G 253 -4.88 7.26 14.26
N GLU G 254 -3.64 7.48 13.78
CA GLU G 254 -2.71 6.38 13.54
C GLU G 254 -2.41 5.60 14.83
N GLY G 255 -2.19 6.31 15.93
CA GLY G 255 -1.97 5.63 17.20
C GLY G 255 -3.16 4.83 17.66
N HIS G 256 -4.37 5.36 17.43
CA HIS G 256 -5.58 4.59 17.74
C HIS G 256 -5.69 3.35 16.86
N GLN G 257 -5.30 3.47 15.59
CA GLN G 257 -5.23 2.28 14.74
C GLN G 257 -4.27 1.25 15.30
N ARG G 258 -3.08 1.68 15.75
CA ARG G 258 -2.13 0.73 16.32
C ARG G 258 -2.69 0.08 17.58
N ILE G 259 -3.38 0.86 18.42
CA ILE G 259 -4.01 0.28 19.61
C ILE G 259 -5.08 -0.73 19.20
N GLN G 260 -5.95 -0.35 18.25
CA GLN G 260 -7.01 -1.24 17.80
C GLN G 260 -6.45 -2.51 17.19
N SER G 261 -5.26 -2.43 16.55
CA SER G 261 -4.66 -3.60 15.90
C SER G 261 -4.33 -4.71 16.88
N LYS G 262 -4.18 -4.39 18.18
CA LYS G 262 -3.81 -5.34 19.21
C LYS G 262 -4.99 -5.78 20.07
N LEU G 263 -6.23 -5.47 19.68
CA LEU G 263 -7.40 -5.70 20.50
C LEU G 263 -8.49 -6.44 19.73
N ASN G 264 -9.21 -7.31 20.43
CA ASN G 264 -10.51 -7.79 19.94
C ASN G 264 -11.63 -6.82 20.31
N VAL G 265 -11.65 -6.37 21.57
CA VAL G 265 -12.59 -5.33 22.03
C VAL G 265 -12.49 -4.11 21.13
N PRO G 266 -13.60 -3.44 20.82
CA PRO G 266 -13.52 -2.27 19.93
C PRO G 266 -12.96 -1.03 20.63
N VAL G 267 -12.13 -0.30 19.90
CA VAL G 267 -11.74 1.05 20.29
C VAL G 267 -12.83 2.00 19.84
N GLN G 268 -13.22 2.91 20.73
CA GLN G 268 -14.33 3.82 20.49
C GLN G 268 -13.79 5.24 20.56
N MET G 269 -14.17 6.08 19.61
CA MET G 269 -13.75 7.48 19.61
C MET G 269 -14.76 8.28 18.80
N GLY G 270 -14.58 9.60 18.84
CA GLY G 270 -15.39 10.47 17.98
C GLY G 270 -15.83 11.76 18.62
N GLU G 271 -15.89 11.79 19.95
CA GLU G 271 -16.46 12.95 20.61
C GLU G 271 -15.68 14.22 20.31
N ASN G 272 -14.44 14.10 19.84
CA ASN G 272 -13.62 15.28 19.59
C ASN G 272 -13.41 15.58 18.12
N TRP G 273 -14.02 14.81 17.21
CA TRP G 273 -14.01 15.15 15.79
C TRP G 273 -14.73 16.46 15.56
N LEU G 274 -14.02 17.44 15.01
CA LEU G 274 -14.62 18.73 14.68
C LEU G 274 -15.01 18.68 13.21
N GLY G 275 -16.28 18.39 12.94
CA GLY G 275 -16.74 18.22 11.59
C GLY G 275 -16.60 16.79 11.08
N PRO G 276 -17.48 16.41 10.15
CA PRO G 276 -17.39 15.06 9.57
C PRO G 276 -16.10 14.82 8.81
N GLU G 277 -15.40 15.89 8.43
CA GLU G 277 -14.13 15.72 7.73
C GLU G 277 -13.07 15.11 8.63
N GLU G 278 -13.10 15.39 9.95
CA GLU G 278 -12.16 14.72 10.83
CA GLU G 278 -12.17 14.73 10.86
C GLU G 278 -12.54 13.25 11.03
N MET G 279 -13.84 12.97 11.13
CA MET G 279 -14.30 11.58 11.16
C MET G 279 -13.85 10.83 9.91
N PHE G 280 -13.95 11.48 8.74
CA PHE G 280 -13.54 10.81 7.51
C PHE G 280 -12.07 10.42 7.54
N LYS G 281 -11.20 11.30 8.08
CA LYS G 281 -9.77 10.97 8.17
C LYS G 281 -9.53 9.81 9.12
N ALA G 282 -10.24 9.78 10.24
CA ALA G 282 -10.03 8.74 11.23
C ALA G 282 -10.52 7.39 10.71
N LEU G 283 -11.72 7.37 10.13
CA LEU G 283 -12.25 6.11 9.60
C LEU G 283 -11.43 5.63 8.42
N SER G 284 -10.93 6.56 7.60
CA SER G 284 -10.16 6.18 6.42
C SER G 284 -8.90 5.38 6.77
N ILE G 285 -8.31 5.60 7.95
CA ILE G 285 -7.13 4.83 8.32
C ILE G 285 -7.44 3.72 9.33
N GLY G 286 -8.71 3.51 9.66
CA GLY G 286 -9.07 2.44 10.58
C GLY G 286 -8.74 2.71 12.05
N ALA G 287 -8.95 3.95 12.51
CA ALA G 287 -8.59 4.30 13.87
C ALA G 287 -9.42 3.56 14.91
N CYS G 288 -10.64 3.13 14.55
CA CYS G 288 -11.58 2.63 15.55
C CYS G 288 -12.61 1.74 14.86
N ARG G 289 -13.19 0.81 15.63
CA ARG G 289 -14.32 0.01 15.10
C ARG G 289 -15.68 0.53 15.56
N LEU G 290 -15.71 1.50 16.48
CA LEU G 290 -16.93 2.20 16.88
C LEU G 290 -16.69 3.70 16.72
N ALA G 291 -17.78 4.45 16.57
CA ALA G 291 -17.71 5.91 16.52
C ALA G 291 -18.82 6.50 17.40
N MET G 292 -18.55 7.67 17.97
CA MET G 292 -19.53 8.41 18.78
C MET G 292 -19.37 9.92 18.59
N PRO G 293 -19.86 10.45 17.46
CA PRO G 293 -19.79 11.91 17.26
C PRO G 293 -20.53 12.66 18.36
N ASP G 294 -20.05 13.86 18.61
CA ASP G 294 -20.65 14.82 19.54
C ASP G 294 -21.49 15.78 18.71
N ALA G 295 -22.81 15.87 19.00
CA ALA G 295 -23.71 16.69 18.19
C ALA G 295 -23.18 18.10 17.97
N MET G 296 -22.51 18.66 18.99
CA MET G 296 -21.90 19.99 18.83
C MET G 296 -20.67 19.92 17.95
N LYS G 297 -19.67 19.11 18.32
CA LYS G 297 -18.40 19.19 17.60
C LYS G 297 -18.52 18.71 16.17
N ILE G 298 -19.38 17.73 15.91
CA ILE G 298 -19.54 17.19 14.56
C ILE G 298 -20.20 18.19 13.60
N GLY G 299 -20.77 19.29 14.11
CA GLY G 299 -21.42 20.26 13.24
C GLY G 299 -22.94 20.29 13.31
N GLY G 300 -23.51 19.99 14.48
CA GLY G 300 -24.96 20.08 14.57
C GLY G 300 -25.67 18.96 13.82
N VAL G 301 -26.97 19.18 13.56
CA VAL G 301 -27.77 18.23 12.80
C VAL G 301 -27.16 18.01 11.43
N THR G 302 -26.85 19.11 10.74
CA THR G 302 -26.31 19.03 9.40
C THR G 302 -25.06 18.18 9.34
N GLY G 303 -24.12 18.41 10.26
CA GLY G 303 -22.93 17.57 10.31
C GLY G 303 -23.21 16.14 10.74
N TRP G 304 -24.16 15.96 11.67
CA TRP G 304 -24.48 14.62 12.13
C TRP G 304 -24.97 13.74 10.99
N ILE G 305 -25.86 14.27 10.15
CA ILE G 305 -26.41 13.50 9.05
C ILE G 305 -25.31 13.07 8.09
N ARG G 306 -24.35 13.97 7.85
CA ARG G 306 -23.22 13.60 7.02
C ARG G 306 -22.35 12.54 7.71
N ALA G 307 -22.09 12.71 9.01
CA ALA G 307 -21.38 11.70 9.78
C ALA G 307 -22.08 10.34 9.74
N SER G 308 -23.42 10.34 9.76
CA SER G 308 -24.14 9.06 9.75
C SER G 308 -24.01 8.35 8.41
N ALA G 309 -23.97 9.11 7.30
CA ALA G 309 -23.70 8.48 6.00
C ALA G 309 -22.31 7.85 5.96
N LEU G 310 -21.32 8.49 6.59
CA LEU G 310 -19.97 7.93 6.62
C LEU G 310 -19.94 6.62 7.42
N ALA G 311 -20.51 6.65 8.63
CA ALA G 311 -20.50 5.47 9.48
C ALA G 311 -21.15 4.28 8.80
N GLN G 312 -22.25 4.53 8.07
CA GLN G 312 -22.92 3.47 7.32
C GLN G 312 -21.99 2.84 6.29
N GLN G 313 -21.30 3.66 5.48
CA GLN G 313 -20.48 3.11 4.41
C GLN G 313 -19.22 2.43 4.94
N PHE G 314 -18.63 2.97 6.01
CA PHE G 314 -17.48 2.36 6.67
C PHE G 314 -17.86 1.19 7.59
N GLY G 315 -19.15 0.91 7.77
CA GLY G 315 -19.56 -0.22 8.62
C GLY G 315 -19.28 -0.02 10.09
N ILE G 316 -19.55 1.17 10.61
CA ILE G 316 -19.18 1.58 11.96
C ILE G 316 -20.47 1.81 12.75
N PRO G 317 -20.75 1.03 13.80
CA PRO G 317 -21.88 1.37 14.68
C PRO G 317 -21.63 2.70 15.36
N MET G 318 -22.63 3.57 15.33
CA MET G 318 -22.45 4.99 15.66
C MET G 318 -23.30 5.35 16.87
N SER G 319 -22.64 5.83 17.92
CA SER G 319 -23.30 6.27 19.14
C SER G 319 -23.20 7.79 19.22
N SER G 320 -23.71 8.35 20.32
CA SER G 320 -23.67 9.78 20.55
C SER G 320 -22.75 10.11 21.72
N HIS G 321 -22.34 11.37 21.79
CA HIS G 321 -21.63 11.91 22.95
C HIS G 321 -22.37 13.16 23.41
N LEU G 322 -22.88 13.12 24.63
CA LEU G 322 -23.57 14.28 25.22
C LEU G 322 -24.79 14.69 24.40
N PHE G 323 -25.33 15.87 24.70
CA PHE G 323 -26.49 16.42 23.99
C PHE G 323 -27.59 15.36 23.80
N GLN G 324 -28.01 14.77 24.93
CA GLN G 324 -28.98 13.68 24.86
C GLN G 324 -30.33 14.12 24.29
N GLU G 325 -30.72 15.39 24.49
CA GLU G 325 -32.02 15.85 24.01
C GLU G 325 -32.14 15.71 22.49
N ILE G 326 -31.17 16.26 21.76
CA ILE G 326 -31.23 16.14 20.30
C ILE G 326 -30.66 14.82 19.79
N SER G 327 -29.79 14.16 20.57
CA SER G 327 -29.20 12.90 20.11
C SER G 327 -30.24 11.79 20.01
N ALA G 328 -31.31 11.86 20.81
CA ALA G 328 -32.38 10.89 20.65
C ALA G 328 -33.04 11.01 19.27
N HIS G 329 -33.26 12.24 18.81
CA HIS G 329 -33.77 12.43 17.45
C HIS G 329 -32.76 11.95 16.41
N LEU G 330 -31.50 12.33 16.56
CA LEU G 330 -30.52 12.05 15.50
C LEU G 330 -30.26 10.56 15.36
N LEU G 331 -30.18 9.83 16.48
CA LEU G 331 -29.91 8.41 16.41
C LEU G 331 -31.08 7.65 15.77
N ALA G 332 -32.31 8.09 16.02
CA ALA G 332 -33.46 7.44 15.38
C ALA G 332 -33.38 7.54 13.85
N ALA G 333 -32.63 8.51 13.32
CA ALA G 333 -32.42 8.67 11.89
C ALA G 333 -31.10 8.08 11.40
N THR G 334 -30.32 7.43 12.26
CA THR G 334 -28.95 7.01 11.92
C THR G 334 -28.95 5.53 11.57
N PRO G 335 -28.58 5.16 10.34
CA PRO G 335 -28.69 3.74 9.96
C PRO G 335 -27.91 2.77 10.86
N THR G 336 -26.74 3.14 11.36
CA THR G 336 -25.98 2.22 12.21
C THR G 336 -26.04 2.63 13.68
N ALA G 337 -27.14 3.27 14.09
CA ALA G 337 -27.29 3.77 15.46
C ALA G 337 -26.99 2.68 16.49
N HIS G 338 -26.21 3.03 17.51
CA HIS G 338 -25.72 2.04 18.47
C HIS G 338 -26.23 2.37 19.87
N TRP G 339 -25.56 3.27 20.61
CA TRP G 339 -25.98 3.68 21.95
C TRP G 339 -26.18 5.19 22.03
N LEU G 340 -27.05 5.62 22.95
CA LEU G 340 -27.17 7.02 23.35
C LEU G 340 -26.48 7.22 24.70
N GLU G 341 -25.62 8.23 24.81
CA GLU G 341 -24.98 8.54 26.08
C GLU G 341 -25.92 9.39 26.93
N ARG G 342 -26.34 8.87 28.07
CA ARG G 342 -27.10 9.64 29.05
C ARG G 342 -26.13 10.29 30.02
N LEU G 343 -25.98 11.61 29.90
CA LEU G 343 -25.16 12.40 30.81
C LEU G 343 -25.78 13.78 30.78
N ASP G 344 -26.61 14.08 31.80
CA ASP G 344 -27.60 15.14 31.71
C ASP G 344 -27.01 16.48 32.17
N LEU G 345 -26.19 17.07 31.29
CA LEU G 345 -25.49 18.31 31.65
C LEU G 345 -26.45 19.49 31.83
N ALA G 346 -27.57 19.50 31.12
CA ALA G 346 -28.44 20.66 31.08
C ALA G 346 -29.77 20.46 31.81
N GLY G 347 -29.90 19.39 32.59
CA GLY G 347 -31.17 19.10 33.23
C GLY G 347 -31.61 20.18 34.20
N SER G 348 -30.66 20.96 34.72
CA SER G 348 -31.02 22.04 35.63
C SER G 348 -31.72 23.19 34.92
N VAL G 349 -31.60 23.29 33.60
CA VAL G 349 -32.16 24.40 32.84
C VAL G 349 -33.10 23.96 31.73
N ILE G 350 -33.31 22.66 31.52
CA ILE G 350 -34.18 22.14 30.46
C ILE G 350 -35.23 21.23 31.08
N GLU G 351 -36.49 21.43 30.69
CA GLU G 351 -37.57 20.60 31.19
C GLU G 351 -37.34 19.15 30.79
N PRO G 352 -37.63 18.20 31.67
CA PRO G 352 -37.34 16.78 31.40
C PRO G 352 -38.37 16.13 30.49
N THR G 353 -38.44 16.60 29.25
CA THR G 353 -39.39 16.02 28.31
C THR G 353 -38.84 14.73 27.69
N LEU G 354 -37.52 14.60 27.61
CA LEU G 354 -36.89 13.34 27.23
C LEU G 354 -36.97 12.39 28.43
N THR G 355 -37.56 11.22 28.23
CA THR G 355 -37.72 10.23 29.29
C THR G 355 -36.97 8.94 28.92
N PHE G 356 -36.80 8.07 29.92
CA PHE G 356 -36.11 6.79 29.74
C PHE G 356 -37.00 5.66 30.26
N GLU G 357 -37.37 4.74 29.37
CA GLU G 357 -38.19 3.58 29.69
C GLU G 357 -37.38 2.32 29.39
N GLY G 358 -37.14 1.50 30.42
CA GLY G 358 -36.35 0.29 30.24
C GLY G 358 -34.95 0.56 29.73
N GLY G 359 -34.35 1.68 30.10
CA GLY G 359 -33.03 2.05 29.62
C GLY G 359 -33.01 2.68 28.25
N ASN G 360 -34.16 2.86 27.62
CA ASN G 360 -34.26 3.43 26.28
C ASN G 360 -34.70 4.88 26.35
N ALA G 361 -34.01 5.76 25.63
CA ALA G 361 -34.47 7.14 25.51
C ALA G 361 -35.72 7.21 24.63
N VAL G 362 -36.73 7.96 25.06
CA VAL G 362 -38.00 8.09 24.36
C VAL G 362 -38.17 9.54 23.95
N ILE G 363 -38.23 9.78 22.64
CA ILE G 363 -38.36 11.13 22.08
C ILE G 363 -39.70 11.72 22.51
N PRO G 364 -39.75 12.96 22.99
CA PRO G 364 -41.05 13.53 23.39
C PRO G 364 -41.89 13.92 22.17
N ASP G 365 -43.21 13.91 22.37
CA ASP G 365 -44.15 14.29 21.31
C ASP G 365 -44.28 15.81 21.31
N LEU G 366 -43.24 16.46 20.80
CA LEU G 366 -43.09 17.91 20.79
C LEU G 366 -42.44 18.30 19.47
N PRO G 367 -42.71 19.50 18.98
CA PRO G 367 -42.11 19.93 17.72
C PRO G 367 -40.63 20.23 17.85
N GLY G 368 -39.91 20.04 16.76
CA GLY G 368 -38.46 20.26 16.79
C GLY G 368 -37.82 19.27 17.74
N VAL G 369 -36.92 19.78 18.60
CA VAL G 369 -36.13 18.90 19.46
C VAL G 369 -36.83 18.57 20.77
N GLY G 370 -37.78 19.39 21.21
CA GLY G 370 -38.43 19.17 22.49
C GLY G 370 -37.74 19.85 23.66
N ILE G 371 -36.92 20.86 23.40
CA ILE G 371 -36.27 21.64 24.46
C ILE G 371 -37.21 22.75 24.90
N ILE G 372 -37.51 22.79 26.21
CA ILE G 372 -38.25 23.86 26.84
C ILE G 372 -37.40 24.40 28.00
N TRP G 373 -37.07 25.69 27.95
CA TRP G 373 -36.23 26.28 28.99
C TRP G 373 -36.94 26.27 30.34
N ARG G 374 -36.18 26.04 31.41
CA ARG G 374 -36.67 26.30 32.76
C ARG G 374 -36.29 27.73 33.11
N GLU G 375 -37.11 28.67 32.65
CA GLU G 375 -36.70 30.08 32.64
C GLU G 375 -36.42 30.63 34.04
N LYS G 376 -37.12 30.14 35.05
CA LYS G 376 -36.87 30.61 36.42
C LYS G 376 -35.65 29.96 37.05
N GLU G 377 -35.09 28.91 36.45
CA GLU G 377 -33.84 28.34 36.93
C GLU G 377 -32.62 28.94 36.27
N ILE G 378 -32.74 29.31 34.99
CA ILE G 378 -31.59 29.86 34.27
C ILE G 378 -31.06 31.09 35.00
N GLY G 379 -31.96 31.90 35.57
CA GLY G 379 -31.52 33.10 36.26
C GLY G 379 -30.49 32.84 37.36
N LYS G 380 -30.58 31.68 38.01
CA LYS G 380 -29.69 31.40 39.12
C LYS G 380 -28.25 31.14 38.69
N TYR G 381 -28.01 30.83 37.41
CA TYR G 381 -26.70 30.35 36.97
C TYR G 381 -26.00 31.28 35.99
N LEU G 382 -26.57 32.45 35.69
CA LEU G 382 -25.98 33.35 34.71
C LEU G 382 -24.59 33.81 35.17
N VAL G 383 -23.68 33.96 34.22
CA VAL G 383 -22.32 34.38 34.54
C VAL G 383 -22.24 35.90 34.64
N GLU H 27 13.40 30.63 38.25
CA GLU H 27 13.71 31.86 38.96
C GLU H 27 13.09 33.08 38.28
N VAL H 28 12.65 32.93 37.03
CA VAL H 28 11.91 33.99 36.34
C VAL H 28 10.46 33.52 36.17
N LEU H 29 9.54 34.21 36.82
CA LEU H 29 8.13 33.87 36.78
C LEU H 29 7.36 34.83 35.89
N ILE H 30 6.29 34.32 35.29
CA ILE H 30 5.30 35.16 34.63
C ILE H 30 4.47 35.86 35.70
N THR H 31 4.36 37.18 35.59
CA THR H 31 3.65 37.95 36.59
C THR H 31 2.31 38.49 36.11
N GLY H 32 2.03 38.48 34.82
CA GLY H 32 0.76 39.01 34.35
C GLY H 32 0.66 38.97 32.85
N LEU H 33 -0.58 39.14 32.37
CA LEU H 33 -0.90 39.12 30.95
C LEU H 33 -1.84 40.28 30.65
N ARG H 34 -1.51 41.05 29.62
CA ARG H 34 -2.33 42.18 29.19
C ARG H 34 -2.53 42.07 27.69
N THR H 35 -3.77 42.24 27.25
CA THR H 35 -4.12 42.15 25.84
C THR H 35 -4.87 43.39 25.42
N ARG H 36 -4.64 43.80 24.17
CA ARG H 36 -5.32 44.95 23.58
C ARG H 36 -5.79 44.55 22.19
N ALA H 37 -7.10 44.69 21.95
CA ALA H 37 -7.70 44.36 20.66
C ALA H 37 -7.77 45.62 19.81
N VAL H 38 -7.20 45.56 18.60
CA VAL H 38 -7.13 46.69 17.69
C VAL H 38 -7.64 46.27 16.32
N ASN H 39 -8.19 47.23 15.58
CA ASN H 39 -8.49 47.10 14.17
C ASN H 39 -7.64 48.10 13.42
N VAL H 40 -6.62 47.61 12.71
CA VAL H 40 -5.60 48.52 12.19
C VAL H 40 -5.76 48.68 10.68
N PRO H 41 -5.43 49.84 10.12
CA PRO H 41 -5.65 50.05 8.70
C PRO H 41 -4.56 49.43 7.84
N LEU H 42 -4.95 49.10 6.62
CA LEU H 42 -4.04 48.50 5.65
C LEU H 42 -3.90 49.44 4.46
N ALA H 43 -2.65 49.71 4.05
CA ALA H 43 -2.43 50.50 2.83
C ALA H 43 -3.19 49.93 1.66
N TYR H 44 -3.23 48.60 1.55
CA TYR H 44 -4.02 47.93 0.53
C TYR H 44 -4.79 46.81 1.20
N PRO H 45 -6.12 46.76 1.06
CA PRO H 45 -6.87 45.60 1.57
C PRO H 45 -6.33 44.32 0.95
N VAL H 46 -6.42 43.23 1.70
CA VAL H 46 -6.02 41.91 1.20
C VAL H 46 -7.29 41.29 0.61
N HIS H 47 -7.51 41.55 -0.68
CA HIS H 47 -8.56 40.84 -1.40
C HIS H 47 -8.12 39.41 -1.68
N THR H 48 -8.97 38.45 -1.35
CA THR H 48 -8.79 37.05 -1.71
C THR H 48 -10.02 36.56 -2.47
N ALA H 49 -9.90 35.37 -3.07
CA ALA H 49 -11.01 34.80 -3.80
C ALA H 49 -12.21 34.46 -2.92
N VAL H 50 -12.04 34.46 -1.59
CA VAL H 50 -13.11 34.07 -0.69
C VAL H 50 -13.49 35.21 0.25
N GLY H 51 -13.06 36.43 -0.06
CA GLY H 51 -13.41 37.60 0.72
C GLY H 51 -12.22 38.52 0.92
N THR H 52 -12.50 39.73 1.39
CA THR H 52 -11.51 40.78 1.54
C THR H 52 -11.21 41.03 3.01
N VAL H 53 -9.93 41.17 3.34
CA VAL H 53 -9.49 41.62 4.66
C VAL H 53 -9.05 43.07 4.51
N GLY H 54 -9.96 44.01 4.82
CA GLY H 54 -9.68 45.43 4.63
C GLY H 54 -8.97 46.08 5.79
N THR H 55 -9.18 45.58 7.00
CA THR H 55 -8.42 45.97 8.17
C THR H 55 -7.91 44.70 8.83
N ALA H 56 -6.81 44.82 9.57
CA ALA H 56 -6.32 43.67 10.31
C ALA H 56 -6.86 43.74 11.74
N PRO H 57 -7.73 42.82 12.16
CA PRO H 57 -8.06 42.70 13.58
C PRO H 57 -6.91 41.97 14.28
N LEU H 58 -6.25 42.66 15.21
CA LEU H 58 -5.12 42.10 15.94
C LEU H 58 -5.39 42.13 17.44
N VAL H 59 -4.82 41.17 18.14
CA VAL H 59 -4.73 41.21 19.61
C VAL H 59 -3.26 41.36 19.95
N LEU H 60 -2.90 42.48 20.58
CA LEU H 60 -1.52 42.74 21.00
C LEU H 60 -1.32 42.22 22.41
N ILE H 61 -0.20 41.56 22.65
CA ILE H 61 0.02 40.79 23.87
C ILE H 61 1.25 41.31 24.60
N ASP H 62 1.12 41.56 25.91
CA ASP H 62 2.23 41.91 26.79
C ASP H 62 2.30 40.89 27.92
N LEU H 63 3.44 40.20 28.04
CA LEU H 63 3.66 39.19 29.06
C LEU H 63 4.64 39.74 30.09
N ALA H 64 4.12 40.07 31.28
CA ALA H 64 4.94 40.64 32.33
C ALA H 64 5.66 39.53 33.10
N THR H 65 6.90 39.81 33.51
CA THR H 65 7.72 38.82 34.21
C THR H 65 8.34 39.43 35.47
N SER H 66 8.77 38.54 36.37
CA SER H 66 9.44 38.99 37.58
C SER H 66 10.84 39.53 37.33
N ALA H 67 11.33 39.50 36.10
CA ALA H 67 12.70 39.91 35.79
C ALA H 67 12.79 41.30 35.19
N GLY H 68 11.72 42.10 35.28
CA GLY H 68 11.76 43.43 34.72
C GLY H 68 11.76 43.52 33.22
N VAL H 69 11.40 42.44 32.53
CA VAL H 69 11.22 42.51 31.08
C VAL H 69 9.78 42.12 30.78
N VAL H 70 9.29 42.61 29.66
CA VAL H 70 7.94 42.34 29.18
C VAL H 70 8.06 41.72 27.79
N GLY H 71 7.43 40.57 27.60
CA GLY H 71 7.40 39.95 26.28
C GLY H 71 6.25 40.50 25.44
N HIS H 72 6.54 40.70 24.15
CA HIS H 72 5.53 41.19 23.21
C HIS H 72 5.28 40.17 22.11
N SER H 73 4.00 40.05 21.74
CA SER H 73 3.61 39.29 20.57
C SER H 73 2.25 39.80 20.14
N TYR H 74 1.77 39.31 19.00
CA TYR H 74 0.42 39.66 18.58
C TYR H 74 -0.20 38.48 17.82
N LEU H 75 -1.53 38.50 17.73
CA LEU H 75 -2.29 37.52 16.98
C LEU H 75 -3.11 38.21 15.90
N PHE H 76 -3.33 37.48 14.80
CA PHE H 76 -4.18 37.91 13.69
C PHE H 76 -5.48 37.15 13.78
N ALA H 77 -6.59 37.86 13.92
CA ALA H 77 -7.90 37.21 14.07
C ALA H 77 -8.60 36.96 12.74
N TYR H 78 -8.01 37.39 11.63
CA TYR H 78 -8.55 37.20 10.27
C TYR H 78 -9.85 37.94 10.02
N THR H 79 -10.85 37.79 10.90
CA THR H 79 -12.10 38.53 10.76
C THR H 79 -12.44 39.23 12.07
N PRO H 80 -12.96 40.46 12.00
CA PRO H 80 -13.36 41.15 13.24
C PRO H 80 -14.40 40.38 14.04
N VAL H 81 -15.10 39.44 13.41
CA VAL H 81 -16.09 38.63 14.12
C VAL H 81 -15.46 37.82 15.24
N ALA H 82 -14.19 37.44 15.09
CA ALA H 82 -13.51 36.65 16.11
C ALA H 82 -12.63 37.49 17.04
N LEU H 83 -12.56 38.81 16.83
CA LEU H 83 -11.56 39.63 17.54
C LEU H 83 -11.85 39.69 19.04
N LYS H 84 -13.06 40.09 19.43
CA LYS H 84 -13.34 40.26 20.85
C LYS H 84 -13.35 38.93 21.58
N SER H 85 -13.83 37.87 20.92
CA SER H 85 -13.81 36.53 21.50
C SER H 85 -12.38 36.09 21.80
N LEU H 86 -11.43 36.42 20.91
CA LEU H 86 -10.05 35.99 21.12
C LEU H 86 -9.40 36.75 22.28
N LYS H 87 -9.65 38.05 22.39
CA LYS H 87 -9.16 38.78 23.55
C LYS H 87 -9.74 38.20 24.85
N GLN H 88 -11.06 37.98 24.87
CA GLN H 88 -11.72 37.47 26.07
C GLN H 88 -11.13 36.14 26.49
N LEU H 89 -10.82 35.28 25.50
CA LEU H 89 -10.20 33.99 25.75
C LEU H 89 -8.85 34.16 26.41
N LEU H 90 -7.98 35.00 25.82
CA LEU H 90 -6.66 35.24 26.41
C LEU H 90 -6.77 35.77 27.82
N ASP H 91 -7.67 36.73 28.06
CA ASP H 91 -7.78 37.31 29.40
C ASP H 91 -8.23 36.27 30.42
N ASP H 92 -9.11 35.36 30.01
CA ASP H 92 -9.53 34.28 30.90
C ASP H 92 -8.44 33.22 31.05
N MET H 93 -7.45 33.21 30.16
CA MET H 93 -6.33 32.28 30.28
C MET H 93 -5.22 32.81 31.19
N ALA H 94 -5.27 34.09 31.56
CA ALA H 94 -4.15 34.67 32.31
C ALA H 94 -3.91 33.92 33.60
N ALA H 95 -4.97 33.54 34.32
CA ALA H 95 -4.82 32.82 35.57
C ALA H 95 -4.15 31.46 35.37
N MET H 96 -4.16 30.91 34.16
CA MET H 96 -3.46 29.65 33.93
C MET H 96 -1.96 29.81 33.92
N ILE H 97 -1.44 30.96 33.49
CA ILE H 97 0.00 31.12 33.30
C ILE H 97 0.64 32.02 34.36
N VAL H 98 -0.12 32.83 35.08
CA VAL H 98 0.49 33.76 36.04
C VAL H 98 1.05 32.97 37.21
N ASN H 99 2.28 33.30 37.61
CA ASN H 99 3.09 32.64 38.63
C ASN H 99 3.74 31.37 38.09
N GLU H 100 3.57 31.02 36.81
CA GLU H 100 4.32 29.89 36.26
C GLU H 100 5.71 30.36 35.84
N PRO H 101 6.70 29.47 35.86
CA PRO H 101 8.03 29.82 35.34
C PRO H 101 7.96 30.25 33.89
N LEU H 102 8.89 31.13 33.50
CA LEU H 102 9.04 31.53 32.10
C LEU H 102 9.77 30.42 31.34
N ALA H 103 9.03 29.34 31.10
CA ALA H 103 9.56 28.14 30.43
C ALA H 103 8.58 27.77 29.33
N PRO H 104 8.77 28.31 28.12
CA PRO H 104 7.70 28.25 27.11
C PRO H 104 7.36 26.84 26.67
N VAL H 105 8.35 25.94 26.59
CA VAL H 105 8.06 24.56 26.22
C VAL H 105 7.19 23.90 27.28
N SER H 106 7.52 24.12 28.55
CA SER H 106 6.71 23.58 29.65
C SER H 106 5.34 24.23 29.71
N LEU H 107 5.28 25.55 29.51
CA LEU H 107 4.00 26.24 29.43
C LEU H 107 3.12 25.62 28.34
N GLU H 108 3.70 25.31 27.17
CA GLU H 108 2.91 24.77 26.07
C GLU H 108 2.32 23.41 26.43
N ALA H 109 3.12 22.53 27.06
CA ALA H 109 2.58 21.24 27.46
C ALA H 109 1.44 21.39 28.46
N MET H 110 1.54 22.37 29.37
CA MET H 110 0.48 22.59 30.34
C MET H 110 -0.82 23.00 29.66
N LEU H 111 -0.76 23.94 28.72
CA LEU H 111 -1.95 24.37 28.00
C LEU H 111 -2.53 23.24 27.15
N ALA H 112 -1.66 22.44 26.52
CA ALA H 112 -2.12 21.32 25.72
C ALA H 112 -2.98 20.37 26.53
N LYS H 113 -2.53 20.07 27.75
CA LYS H 113 -3.28 19.14 28.60
C LYS H 113 -4.53 19.80 29.16
N ARG H 114 -4.46 21.08 29.55
CA ARG H 114 -5.62 21.73 30.12
C ARG H 114 -6.76 21.85 29.13
N PHE H 115 -6.45 22.05 27.85
CA PHE H 115 -7.49 22.19 26.82
C PHE H 115 -7.76 20.89 26.07
N CYS H 116 -7.37 19.75 26.63
CA CYS H 116 -7.48 18.46 25.96
CA CYS H 116 -7.49 18.54 25.83
C CYS H 116 -8.94 18.07 25.70
N LEU H 117 -9.84 18.44 26.61
CA LEU H 117 -11.25 18.08 26.46
C LEU H 117 -11.98 19.08 25.56
N ALA H 118 -11.71 20.37 25.75
CA ALA H 118 -12.39 21.38 24.95
C ALA H 118 -11.92 21.39 23.51
N GLY H 119 -10.67 21.00 23.26
CA GLY H 119 -10.14 20.98 21.90
C GLY H 119 -9.01 21.96 21.68
N TYR H 120 -7.78 21.46 21.68
CA TYR H 120 -6.58 22.29 21.58
C TYR H 120 -6.31 22.63 20.12
N THR H 121 -7.22 23.40 19.54
CA THR H 121 -7.14 23.81 18.14
C THR H 121 -7.87 25.14 17.99
N GLY H 122 -7.91 25.66 16.76
CA GLY H 122 -8.69 26.88 16.53
C GLY H 122 -8.24 28.03 17.40
N LEU H 123 -9.21 28.86 17.82
CA LEU H 123 -8.93 30.05 18.63
C LEU H 123 -8.11 29.70 19.86
N ILE H 124 -8.44 28.58 20.52
CA ILE H 124 -7.72 28.19 21.72
C ILE H 124 -6.24 27.98 21.43
N ARG H 125 -5.94 27.24 20.38
CA ARG H 125 -4.54 27.03 20.00
C ARG H 125 -3.89 28.32 19.57
N MET H 126 -4.61 29.18 18.85
CA MET H 126 -4.06 30.48 18.45
C MET H 126 -3.71 31.33 19.67
N ALA H 127 -4.55 31.27 20.72
CA ALA H 127 -4.24 32.00 21.94
C ALA H 127 -2.98 31.46 22.61
N ALA H 128 -2.87 30.13 22.72
CA ALA H 128 -1.67 29.54 23.33
C ALA H 128 -0.42 29.93 22.56
N ALA H 129 -0.53 29.97 21.22
CA ALA H 129 0.58 30.41 20.38
C ALA H 129 0.97 31.86 20.62
N GLY H 130 0.00 32.74 20.86
CA GLY H 130 0.34 34.11 21.22
C GLY H 130 1.10 34.20 22.52
N ILE H 131 0.65 33.44 23.53
CA ILE H 131 1.38 33.36 24.79
C ILE H 131 2.78 32.81 24.56
N ASP H 132 2.89 31.75 23.75
CA ASP H 132 4.20 31.16 23.46
C ASP H 132 5.14 32.17 22.85
N MET H 133 4.65 32.93 21.87
CA MET H 133 5.51 33.88 21.16
C MET H 133 5.94 35.03 22.04
N ALA H 134 5.09 35.45 22.98
CA ALA H 134 5.50 36.49 23.92
C ALA H 134 6.46 35.95 24.97
N ALA H 135 6.30 34.69 25.36
CA ALA H 135 7.20 34.11 26.34
C ALA H 135 8.59 33.96 25.77
N TRP H 136 8.71 33.53 24.52
CA TRP H 136 10.04 33.42 23.94
C TRP H 136 10.67 34.80 23.78
N ASP H 137 9.90 35.80 23.38
CA ASP H 137 10.43 37.16 23.34
C ASP H 137 10.99 37.57 24.69
N ALA H 138 10.22 37.31 25.77
CA ALA H 138 10.67 37.65 27.11
C ALA H 138 11.93 36.88 27.49
N LEU H 139 11.99 35.59 27.14
CA LEU H 139 13.17 34.80 27.48
C LEU H 139 14.42 35.35 26.78
N GLY H 140 14.28 35.71 25.51
CA GLY H 140 15.37 36.40 24.83
C GLY H 140 15.79 37.68 25.55
N LYS H 141 14.81 38.45 26.04
CA LYS H 141 15.12 39.65 26.79
C LYS H 141 15.84 39.33 28.09
N VAL H 142 15.36 38.33 28.84
CA VAL H 142 16.04 37.89 30.06
C VAL H 142 17.52 37.67 29.78
N HIS H 143 17.85 37.02 28.67
CA HIS H 143 19.24 36.72 28.36
C HIS H 143 19.89 37.76 27.46
N GLU H 144 19.21 38.89 27.22
CA GLU H 144 19.76 40.01 26.45
C GLU H 144 20.32 39.56 25.11
N THR H 145 19.53 38.80 24.36
CA THR H 145 20.06 38.24 23.13
C THR H 145 18.90 38.08 22.13
N PRO H 146 19.16 38.27 20.83
CA PRO H 146 18.09 38.06 19.85
C PRO H 146 17.58 36.63 19.91
N LEU H 147 16.31 36.46 19.50
CA LEU H 147 15.68 35.15 19.52
C LEU H 147 16.52 34.13 18.76
N VAL H 148 16.96 34.49 17.56
CA VAL H 148 17.69 33.56 16.70
C VAL H 148 18.94 33.04 17.39
N LYS H 149 19.64 33.90 18.14
CA LYS H 149 20.83 33.46 18.84
C LYS H 149 20.48 32.57 20.03
N LEU H 150 19.36 32.87 20.72
CA LEU H 150 18.91 32.01 21.82
C LEU H 150 18.57 30.61 21.33
N LEU H 151 18.11 30.50 20.10
CA LEU H 151 17.82 29.21 19.50
C LEU H 151 19.07 28.52 18.95
N GLY H 152 20.24 29.11 19.11
CA GLY H 152 21.47 28.44 18.74
C GLY H 152 21.91 28.63 17.30
N ALA H 153 21.29 29.55 16.57
CA ALA H 153 21.66 29.80 15.18
C ALA H 153 22.23 31.21 15.02
N ASN H 154 22.93 31.41 13.91
CA ASN H 154 23.36 32.75 13.54
C ASN H 154 22.22 33.48 12.84
N ALA H 155 22.18 34.79 13.02
CA ALA H 155 21.35 35.62 12.17
C ALA H 155 21.87 35.55 10.75
N ARG H 156 20.96 35.45 9.80
CA ARG H 156 21.29 35.52 8.38
C ARG H 156 20.16 36.26 7.69
N PRO H 157 20.46 37.00 6.62
CA PRO H 157 19.38 37.55 5.80
C PRO H 157 18.57 36.42 5.17
N VAL H 158 17.25 36.63 5.08
CA VAL H 158 16.33 35.66 4.49
CA VAL H 158 16.36 35.65 4.47
C VAL H 158 15.62 36.33 3.33
N GLN H 159 15.71 35.72 2.14
CA GLN H 159 15.01 36.28 0.99
C GLN H 159 13.52 36.35 1.29
N ALA H 160 12.90 37.44 0.85
CA ALA H 160 11.50 37.72 1.13
C ALA H 160 10.79 38.03 -0.17
N TYR H 161 9.55 37.58 -0.31
CA TYR H 161 8.71 38.02 -1.42
C TYR H 161 7.69 39.03 -0.92
N ASP H 162 7.37 40.00 -1.77
CA ASP H 162 6.37 41.01 -1.43
C ASP H 162 4.97 40.45 -1.72
N SER H 163 4.16 40.29 -0.68
CA SER H 163 2.88 39.60 -0.79
C SER H 163 1.78 40.62 -1.08
N HIS H 164 1.11 40.49 -2.22
CA HIS H 164 0.03 41.38 -2.63
C HIS H 164 -1.30 40.64 -2.49
N SER H 165 -2.28 40.98 -3.33
CA SER H 165 -3.59 40.37 -3.12
C SER H 165 -4.32 40.29 -4.46
N LEU H 166 -5.63 40.02 -4.39
CA LEU H 166 -6.46 39.89 -5.59
C LEU H 166 -6.80 41.30 -6.06
N ASP H 167 -5.84 41.90 -6.78
CA ASP H 167 -5.79 43.34 -6.99
C ASP H 167 -6.29 43.78 -8.36
N GLY H 168 -6.51 42.85 -9.28
CA GLY H 168 -6.83 43.24 -10.64
C GLY H 168 -5.57 43.54 -11.43
N VAL H 169 -5.63 43.34 -12.76
CA VAL H 169 -4.41 43.36 -13.57
C VAL H 169 -3.66 44.67 -13.39
N LYS H 170 -4.38 45.79 -13.32
CA LYS H 170 -3.72 47.10 -13.30
C LYS H 170 -2.91 47.29 -12.02
N LEU H 171 -3.56 47.24 -10.86
CA LEU H 171 -2.83 47.43 -9.61
C LEU H 171 -1.83 46.31 -9.36
N ALA H 172 -2.13 45.08 -9.78
CA ALA H 172 -1.19 43.99 -9.57
C ALA H 172 0.12 44.24 -10.31
N THR H 173 0.03 44.77 -11.53
CA THR H 173 1.24 45.09 -12.26
C THR H 173 1.98 46.26 -11.62
N GLU H 174 1.23 47.26 -11.15
CA GLU H 174 1.85 48.43 -10.51
C GLU H 174 2.59 48.02 -9.24
N ARG H 175 1.93 47.26 -8.37
CA ARG H 175 2.59 46.83 -7.13
C ARG H 175 3.77 45.90 -7.40
N ALA H 176 3.70 45.10 -8.46
CA ALA H 176 4.83 44.26 -8.84
C ALA H 176 6.04 45.10 -9.25
N VAL H 177 5.80 46.16 -10.03
CA VAL H 177 6.91 47.02 -10.45
C VAL H 177 7.53 47.75 -9.27
N THR H 178 6.68 48.29 -8.38
CA THR H 178 7.20 48.93 -7.17
C THR H 178 8.02 47.96 -6.34
N ALA H 179 7.54 46.73 -6.18
CA ALA H 179 8.28 45.72 -5.43
C ALA H 179 9.66 45.48 -6.02
N ALA H 180 9.74 45.35 -7.34
CA ALA H 180 11.04 45.14 -7.97
C ALA H 180 11.93 46.37 -7.78
N GLU H 181 11.33 47.57 -7.80
CA GLU H 181 12.08 48.79 -7.58
C GLU H 181 12.66 48.86 -6.17
N LEU H 182 11.96 48.33 -5.18
CA LEU H 182 12.46 48.25 -3.81
C LEU H 182 13.46 47.12 -3.61
N GLY H 183 13.68 46.27 -4.60
CA GLY H 183 14.71 45.25 -4.54
C GLY H 183 14.24 43.84 -4.19
N PHE H 184 12.94 43.61 -4.06
CA PHE H 184 12.44 42.25 -3.92
C PHE H 184 12.62 41.47 -5.21
N ARG H 185 12.95 40.18 -5.09
CA ARG H 185 13.14 39.32 -6.25
C ARG H 185 11.92 38.46 -6.56
N ALA H 186 10.82 38.64 -5.84
CA ALA H 186 9.60 37.87 -6.09
C ALA H 186 8.40 38.59 -5.48
N VAL H 187 7.22 38.31 -6.02
CA VAL H 187 5.97 38.80 -5.47
C VAL H 187 4.95 37.67 -5.48
N LYS H 188 3.98 37.75 -4.56
CA LYS H 188 2.85 36.83 -4.57
C LYS H 188 1.58 37.62 -4.86
N THR H 189 0.81 37.16 -5.83
CA THR H 189 -0.50 37.72 -6.08
C THR H 189 -1.54 36.67 -5.72
N LYS H 190 -2.71 37.12 -5.31
CA LYS H 190 -3.80 36.21 -4.97
C LYS H 190 -4.75 36.15 -6.15
N ILE H 191 -5.06 34.93 -6.60
CA ILE H 191 -5.90 34.76 -7.78
C ILE H 191 -7.11 33.89 -7.46
N GLY H 192 -7.81 33.40 -8.49
CA GLY H 192 -9.12 32.84 -8.29
C GLY H 192 -10.22 33.78 -8.76
N TYR H 193 -9.96 34.53 -9.83
CA TYR H 193 -10.99 35.33 -10.49
C TYR H 193 -12.05 34.42 -11.10
N PRO H 194 -13.22 34.99 -11.44
CA PRO H 194 -14.27 34.16 -12.05
C PRO H 194 -13.80 33.31 -13.23
N ALA H 195 -12.98 33.85 -14.13
CA ALA H 195 -12.50 33.08 -15.28
C ALA H 195 -11.01 32.75 -15.13
N LEU H 196 -10.61 31.60 -15.68
CA LEU H 196 -9.19 31.27 -15.75
C LEU H 196 -8.41 32.31 -16.54
N ASP H 197 -9.02 32.84 -17.61
CA ASP H 197 -8.35 33.82 -18.45
C ASP H 197 -8.02 35.09 -17.67
N GLN H 198 -8.78 35.38 -16.60
CA GLN H 198 -8.45 36.52 -15.74
C GLN H 198 -7.23 36.22 -14.86
N ASP H 199 -7.15 35.01 -14.30
CA ASP H 199 -5.94 34.59 -13.60
C ASP H 199 -4.72 34.73 -14.52
N LEU H 200 -4.84 34.23 -15.75
CA LEU H 200 -3.72 34.25 -16.69
C LEU H 200 -3.34 35.68 -17.08
N ALA H 201 -4.33 36.55 -17.29
CA ALA H 201 -4.01 37.92 -17.70
C ALA H 201 -3.23 38.66 -16.61
N VAL H 202 -3.54 38.37 -15.34
CA VAL H 202 -2.82 39.01 -14.25
C VAL H 202 -1.37 38.53 -14.20
N VAL H 203 -1.18 37.21 -14.29
CA VAL H 203 0.18 36.66 -14.26
C VAL H 203 0.99 37.14 -15.45
N ARG H 204 0.37 37.18 -16.63
CA ARG H 204 1.08 37.61 -17.84
C ARG H 204 1.50 39.08 -17.74
N SER H 205 0.62 39.93 -17.20
CA SER H 205 0.95 41.34 -17.09
C SER H 205 2.10 41.57 -16.11
N ILE H 206 2.08 40.91 -14.96
CA ILE H 206 3.19 41.02 -14.01
C ILE H 206 4.47 40.54 -14.68
N ARG H 207 4.40 39.40 -15.38
CA ARG H 207 5.58 38.81 -15.98
C ARG H 207 6.24 39.76 -16.98
N GLN H 208 5.43 40.40 -17.84
CA GLN H 208 5.98 41.32 -18.81
C GLN H 208 6.61 42.55 -18.14
N ALA H 209 6.15 42.92 -16.94
CA ALA H 209 6.67 44.08 -16.25
C ALA H 209 7.92 43.78 -15.41
N VAL H 210 8.12 42.54 -14.97
CA VAL H 210 9.26 42.21 -14.13
C VAL H 210 10.34 41.42 -14.86
N GLY H 211 10.03 40.82 -16.00
CA GLY H 211 11.01 40.00 -16.69
C GLY H 211 11.00 38.55 -16.22
N ASP H 212 11.78 37.73 -16.92
CA ASP H 212 11.79 36.29 -16.67
C ASP H 212 12.50 35.94 -15.37
N ASP H 213 13.50 36.72 -14.96
CA ASP H 213 14.31 36.38 -13.79
C ASP H 213 13.68 36.97 -12.52
N PHE H 214 12.48 36.50 -12.23
CA PHE H 214 11.69 37.09 -11.15
C PHE H 214 10.65 36.07 -10.70
N GLY H 215 10.38 36.04 -9.40
CA GLY H 215 9.44 35.08 -8.85
C GLY H 215 8.03 35.63 -8.84
N ILE H 216 7.08 34.84 -9.34
CA ILE H 216 5.67 35.14 -9.25
C ILE H 216 4.99 33.95 -8.57
N MET H 217 4.70 34.09 -7.29
CA MET H 217 3.90 33.10 -6.57
C MET H 217 2.43 33.47 -6.68
N VAL H 218 1.56 32.45 -6.70
CA VAL H 218 0.12 32.69 -6.77
C VAL H 218 -0.58 31.88 -5.69
N ASP H 219 -1.67 32.46 -5.17
CA ASP H 219 -2.39 31.94 -4.00
C ASP H 219 -3.88 31.93 -4.34
N TYR H 220 -4.49 30.73 -4.36
CA TYR H 220 -5.91 30.58 -4.66
C TYR H 220 -6.81 30.68 -3.43
N ASN H 221 -6.24 30.69 -2.22
CA ASN H 221 -6.98 30.75 -0.96
C ASN H 221 -8.16 29.78 -0.93
N GLN H 222 -7.88 28.51 -1.23
CA GLN H 222 -8.80 27.39 -1.08
C GLN H 222 -10.01 27.48 -2.00
N SER H 223 -9.94 28.26 -3.09
CA SER H 223 -11.17 28.62 -3.79
C SER H 223 -11.58 27.64 -4.89
N LEU H 224 -10.78 26.62 -5.23
CA LEU H 224 -11.07 25.72 -6.34
C LEU H 224 -11.42 24.32 -5.86
N ASP H 225 -12.29 23.63 -6.60
CA ASP H 225 -12.42 22.19 -6.39
C ASP H 225 -11.27 21.49 -7.12
N VAL H 226 -11.12 20.19 -6.85
CA VAL H 226 -9.91 19.48 -7.32
C VAL H 226 -9.78 19.47 -8.83
N PRO H 227 -10.82 19.13 -9.61
CA PRO H 227 -10.67 19.23 -11.08
C PRO H 227 -10.40 20.64 -11.57
N ALA H 228 -11.04 21.67 -11.00
CA ALA H 228 -10.74 23.04 -11.40
C ALA H 228 -9.30 23.40 -11.06
N ALA H 229 -8.81 22.94 -9.92
CA ALA H 229 -7.43 23.21 -9.54
C ALA H 229 -6.45 22.61 -10.53
N ILE H 230 -6.73 21.39 -11.01
CA ILE H 230 -5.83 20.78 -11.98
C ILE H 230 -5.83 21.56 -13.28
N LYS H 231 -7.00 21.98 -13.75
CA LYS H 231 -7.08 22.70 -15.02
C LYS H 231 -6.42 24.07 -14.94
N ARG H 232 -6.75 24.87 -13.91
CA ARG H 232 -6.10 26.18 -13.78
C ARG H 232 -4.60 26.04 -13.51
N SER H 233 -4.21 25.09 -12.66
CA SER H 233 -2.79 24.97 -12.31
C SER H 233 -1.94 24.57 -13.50
N GLN H 234 -2.40 23.60 -14.30
CA GLN H 234 -1.64 23.23 -15.50
C GLN H 234 -1.55 24.40 -16.47
N ALA H 235 -2.58 25.25 -16.53
CA ALA H 235 -2.52 26.46 -17.34
C ALA H 235 -1.50 27.44 -16.78
N LEU H 236 -1.57 27.72 -15.47
CA LEU H 236 -0.58 28.59 -14.85
C LEU H 236 0.83 28.05 -14.99
N GLN H 237 0.97 26.72 -14.89
CA GLN H 237 2.28 26.08 -15.01
C GLN H 237 2.89 26.35 -16.38
N GLN H 238 2.06 26.35 -17.42
CA GLN H 238 2.54 26.70 -18.75
C GLN H 238 3.00 28.15 -18.82
N GLU H 239 2.29 29.05 -18.14
CA GLU H 239 2.68 30.46 -18.15
C GLU H 239 4.02 30.66 -17.47
N GLY H 240 4.26 29.98 -16.36
CA GLY H 240 5.46 30.19 -15.57
C GLY H 240 5.16 30.90 -14.26
N VAL H 241 4.96 30.10 -13.19
CA VAL H 241 4.78 30.62 -11.85
C VAL H 241 5.71 29.84 -10.92
N THR H 242 5.98 30.43 -9.76
CA THR H 242 6.94 29.93 -8.80
C THR H 242 6.35 28.87 -7.87
N TRP H 243 5.10 29.03 -7.44
CA TRP H 243 4.39 27.98 -6.73
C TRP H 243 2.89 28.28 -6.80
N ILE H 244 2.10 27.26 -6.47
CA ILE H 244 0.64 27.37 -6.47
C ILE H 244 0.16 27.04 -5.05
N GLU H 245 -0.42 28.04 -4.39
CA GLU H 245 -0.68 28.01 -2.96
C GLU H 245 -2.15 27.77 -2.68
N GLU H 246 -2.44 26.87 -1.74
CA GLU H 246 -3.77 26.44 -1.31
C GLU H 246 -4.79 26.43 -2.45
N PRO H 247 -4.62 25.57 -3.45
CA PRO H 247 -5.62 25.52 -4.54
C PRO H 247 -7.02 25.12 -4.08
N THR H 248 -7.14 24.29 -3.05
CA THR H 248 -8.45 23.77 -2.62
C THR H 248 -8.54 23.84 -1.10
N LEU H 249 -9.63 23.31 -0.54
CA LEU H 249 -9.89 23.39 0.90
C LEU H 249 -8.67 22.95 1.71
N GLN H 250 -8.33 23.75 2.73
CA GLN H 250 -7.05 23.59 3.42
C GLN H 250 -6.94 22.23 4.10
N HIS H 251 -8.05 21.72 4.65
CA HIS H 251 -8.01 20.44 5.36
C HIS H 251 -7.98 19.24 4.42
N ASP H 252 -8.22 19.44 3.12
CA ASP H 252 -8.29 18.34 2.16
C ASP H 252 -6.89 17.99 1.68
N TYR H 253 -6.15 17.28 2.54
CA TYR H 253 -4.79 16.91 2.18
C TYR H 253 -4.78 15.94 1.00
N GLU H 254 -5.74 15.01 0.97
CA GLU H 254 -5.78 14.05 -0.14
CA GLU H 254 -5.78 14.05 -0.14
C GLU H 254 -6.01 14.74 -1.47
N GLY H 255 -6.92 15.72 -1.50
CA GLY H 255 -7.18 16.45 -2.73
C GLY H 255 -5.99 17.28 -3.17
N HIS H 256 -5.28 17.87 -2.21
CA HIS H 256 -4.03 18.56 -2.53
C HIS H 256 -3.01 17.60 -3.12
N GLN H 257 -2.91 16.40 -2.56
CA GLN H 257 -2.04 15.38 -3.15
C GLN H 257 -2.45 15.08 -4.59
N ARG H 258 -3.75 14.90 -4.84
CA ARG H 258 -4.21 14.61 -6.20
C ARG H 258 -3.88 15.76 -7.16
N ILE H 259 -4.04 17.00 -6.70
CA ILE H 259 -3.66 18.14 -7.53
C ILE H 259 -2.17 18.12 -7.81
N GLN H 260 -1.36 17.98 -6.75
CA GLN H 260 0.10 17.96 -6.91
C GLN H 260 0.54 16.83 -7.83
N SER H 261 -0.16 15.69 -7.80
CA SER H 261 0.20 14.56 -8.65
C SER H 261 0.10 14.90 -10.13
N LYS H 262 -0.67 15.93 -10.50
CA LYS H 262 -0.82 16.29 -11.90
C LYS H 262 0.07 17.47 -12.30
N LEU H 263 1.01 17.87 -11.44
CA LEU H 263 1.77 19.10 -11.66
C LEU H 263 3.26 18.88 -11.51
N ASN H 264 4.03 19.65 -12.27
CA ASN H 264 5.46 19.81 -12.05
C ASN H 264 5.75 20.95 -11.06
N VAL H 265 5.08 22.09 -11.23
CA VAL H 265 5.23 23.23 -10.31
C VAL H 265 4.83 22.78 -8.90
N PRO H 266 5.49 23.27 -7.85
CA PRO H 266 5.14 22.81 -6.50
C PRO H 266 3.82 23.36 -6.01
N VAL H 267 3.03 22.48 -5.40
CA VAL H 267 1.89 22.90 -4.59
C VAL H 267 2.43 23.33 -3.24
N GLN H 268 1.94 24.47 -2.75
CA GLN H 268 2.40 25.10 -1.52
C GLN H 268 1.22 25.23 -0.58
N MET H 269 1.43 24.89 0.70
CA MET H 269 0.36 25.03 1.68
C MET H 269 0.97 25.09 3.07
N GLY H 270 0.11 25.33 4.07
CA GLY H 270 0.49 25.16 5.46
C GLY H 270 0.06 26.27 6.40
N GLU H 271 -0.33 27.42 5.84
CA GLU H 271 -0.68 28.55 6.68
C GLU H 271 -1.86 28.24 7.60
N ASN H 272 -2.67 27.24 7.26
CA ASN H 272 -3.83 26.91 8.07
C ASN H 272 -3.64 25.67 8.92
N TRP H 273 -2.42 25.11 8.97
CA TRP H 273 -2.13 24.01 9.86
C TRP H 273 -2.17 24.49 11.30
N LEU H 274 -3.09 23.92 12.10
CA LEU H 274 -3.16 24.26 13.51
C LEU H 274 -2.35 23.20 14.26
N GLY H 275 -1.08 23.53 14.50
CA GLY H 275 -0.19 22.63 15.20
C GLY H 275 0.61 21.75 14.26
N PRO H 276 1.81 21.36 14.69
CA PRO H 276 2.66 20.51 13.83
C PRO H 276 2.06 19.15 13.55
N GLU H 277 1.09 18.72 14.38
CA GLU H 277 0.41 17.45 14.13
C GLU H 277 -0.40 17.51 12.85
N GLU H 278 -0.98 18.67 12.53
CA GLU H 278 -1.68 18.77 11.26
CA GLU H 278 -1.69 18.79 11.25
C GLU H 278 -0.71 18.80 10.10
N MET H 279 0.42 19.50 10.25
CA MET H 279 1.48 19.45 9.24
C MET H 279 1.94 18.00 9.01
N PHE H 280 2.07 17.23 10.08
CA PHE H 280 2.53 15.85 9.97
C PHE H 280 1.54 15.02 9.15
N LYS H 281 0.25 15.22 9.35
CA LYS H 281 -0.75 14.48 8.58
C LYS H 281 -0.64 14.82 7.10
N ALA H 282 -0.46 16.10 6.78
CA ALA H 282 -0.42 16.53 5.39
C ALA H 282 0.83 15.99 4.68
N LEU H 283 2.01 16.20 5.28
CA LEU H 283 3.25 15.70 4.69
C LEU H 283 3.25 14.17 4.56
N SER H 284 2.63 13.47 5.52
CA SER H 284 2.65 12.01 5.48
C SER H 284 1.98 11.47 4.22
N ILE H 285 0.98 12.15 3.68
CA ILE H 285 0.34 11.65 2.48
C ILE H 285 0.78 12.40 1.23
N GLY H 286 1.78 13.27 1.34
CA GLY H 286 2.31 13.92 0.13
C GLY H 286 1.43 15.03 -0.43
N ALA H 287 0.81 15.82 0.44
CA ALA H 287 -0.10 16.87 -0.01
C ALA H 287 0.58 17.97 -0.81
N CYS H 288 1.88 18.17 -0.62
CA CYS H 288 2.53 19.37 -1.13
C CYS H 288 4.02 19.12 -1.18
N ARG H 289 4.69 19.79 -2.12
CA ARG H 289 6.14 19.76 -2.17
C ARG H 289 6.78 20.96 -1.47
N LEU H 290 5.98 21.95 -1.08
CA LEU H 290 6.46 23.09 -0.30
C LEU H 290 5.58 23.25 0.94
N ALA H 291 6.14 23.85 1.99
CA ALA H 291 5.38 24.12 3.21
C ALA H 291 5.61 25.57 3.66
N MET H 292 4.57 26.19 4.22
CA MET H 292 4.67 27.53 4.80
C MET H 292 3.82 27.62 6.05
N PRO H 293 4.32 27.13 7.19
CA PRO H 293 3.59 27.29 8.45
C PRO H 293 3.40 28.76 8.80
N ASP H 294 2.37 28.98 9.62
CA ASP H 294 2.01 30.29 10.15
C ASP H 294 2.45 30.33 11.60
N ALA H 295 3.29 31.32 11.95
CA ALA H 295 3.86 31.32 13.30
C ALA H 295 2.78 31.28 14.37
N MET H 296 1.62 31.90 14.12
CA MET H 296 0.51 31.78 15.05
C MET H 296 -0.09 30.37 15.01
N LYS H 297 -0.62 29.97 13.85
CA LYS H 297 -1.39 28.72 13.83
C LYS H 297 -0.52 27.48 14.10
N ILE H 298 0.75 27.50 13.71
CA ILE H 298 1.59 26.33 13.93
C ILE H 298 1.90 26.13 15.41
N GLY H 299 1.70 27.15 16.25
CA GLY H 299 1.96 26.97 17.66
C GLY H 299 3.07 27.83 18.24
N GLY H 300 3.41 28.94 17.60
CA GLY H 300 4.43 29.82 18.13
C GLY H 300 5.83 29.33 17.82
N VAL H 301 6.81 29.84 18.58
CA VAL H 301 8.20 29.38 18.41
C VAL H 301 8.29 27.89 18.68
N THR H 302 7.66 27.44 19.76
CA THR H 302 7.72 26.03 20.13
C THR H 302 7.18 25.16 18.99
N GLY H 303 6.03 25.54 18.43
CA GLY H 303 5.47 24.75 17.34
C GLY H 303 6.27 24.88 16.07
N TRP H 304 6.78 26.08 15.80
CA TRP H 304 7.64 26.25 14.63
C TRP H 304 8.86 25.35 14.69
N ILE H 305 9.51 25.24 15.85
CA ILE H 305 10.73 24.44 15.92
C ILE H 305 10.44 22.99 15.55
N ARG H 306 9.32 22.45 16.06
CA ARG H 306 8.90 21.10 15.71
C ARG H 306 8.55 20.98 14.22
N ALA H 307 7.86 21.98 13.68
CA ALA H 307 7.52 21.97 12.25
C ALA H 307 8.78 21.94 11.38
N SER H 308 9.83 22.68 11.78
CA SER H 308 11.05 22.68 11.00
C SER H 308 11.77 21.33 11.04
N ALA H 309 11.69 20.61 12.16
CA ALA H 309 12.25 19.28 12.20
C ALA H 309 11.51 18.34 11.24
N LEU H 310 10.19 18.50 11.12
CA LEU H 310 9.41 17.68 10.19
C LEU H 310 9.78 18.00 8.74
N ALA H 311 9.77 19.29 8.38
CA ALA H 311 10.08 19.67 7.02
C ALA H 311 11.45 19.16 6.60
N GLN H 312 12.43 19.22 7.52
CA GLN H 312 13.75 18.68 7.24
C GLN H 312 13.68 17.19 6.87
N GLN H 313 12.96 16.39 7.65
CA GLN H 313 12.97 14.95 7.43
C GLN H 313 12.15 14.56 6.20
N PHE H 314 11.04 15.25 5.95
CA PHE H 314 10.25 15.00 4.74
C PHE H 314 10.84 15.65 3.49
N GLY H 315 11.93 16.42 3.62
CA GLY H 315 12.56 17.06 2.48
C GLY H 315 11.72 18.17 1.86
N ILE H 316 11.14 19.03 2.71
CA ILE H 316 10.23 20.09 2.29
C ILE H 316 10.83 21.46 2.55
N PRO H 317 11.15 22.24 1.51
CA PRO H 317 11.54 23.63 1.71
C PRO H 317 10.42 24.41 2.41
N MET H 318 10.77 25.12 3.47
CA MET H 318 9.81 25.64 4.44
C MET H 318 9.87 27.17 4.47
N SER H 319 8.75 27.81 4.14
CA SER H 319 8.60 29.25 4.13
C SER H 319 7.72 29.67 5.32
N SER H 320 7.49 30.97 5.45
CA SER H 320 6.64 31.51 6.50
C SER H 320 5.35 32.09 5.92
N HIS H 321 4.36 32.26 6.78
CA HIS H 321 3.12 32.96 6.47
C HIS H 321 2.89 34.04 7.51
N LEU H 322 2.85 35.30 7.07
CA LEU H 322 2.65 36.44 7.95
C LEU H 322 3.65 36.46 9.11
N PHE H 323 3.40 37.31 10.10
CA PHE H 323 4.27 37.42 11.29
C PHE H 323 5.73 37.58 10.89
N GLN H 324 5.97 38.51 9.97
CA GLN H 324 7.31 38.68 9.43
C GLN H 324 8.34 39.00 10.52
N GLU H 325 7.92 39.68 11.59
CA GLU H 325 8.87 40.08 12.63
C GLU H 325 9.51 38.86 13.29
N ILE H 326 8.70 37.89 13.71
CA ILE H 326 9.28 36.72 14.37
C ILE H 326 9.75 35.70 13.34
N SER H 327 9.15 35.69 12.14
CA SER H 327 9.50 34.70 11.13
C SER H 327 10.93 34.90 10.62
N ALA H 328 11.45 36.12 10.70
CA ALA H 328 12.85 36.33 10.31
C ALA H 328 13.81 35.59 11.25
N HIS H 329 13.54 35.64 12.55
CA HIS H 329 14.32 34.83 13.50
C HIS H 329 14.10 33.34 13.26
N LEU H 330 12.85 32.94 13.05
CA LEU H 330 12.55 31.51 12.99
C LEU H 330 13.16 30.86 11.76
N LEU H 331 13.05 31.50 10.59
CA LEU H 331 13.61 30.93 9.38
C LEU H 331 15.12 30.83 9.45
N ALA H 332 15.78 31.81 10.10
CA ALA H 332 17.23 31.73 10.26
C ALA H 332 17.64 30.46 11.01
N ALA H 333 16.74 29.90 11.82
CA ALA H 333 17.01 28.66 12.53
C ALA H 333 16.43 27.42 11.84
N THR H 334 15.93 27.56 10.60
CA THR H 334 15.19 26.48 9.97
C THR H 334 16.05 25.80 8.91
N PRO H 335 16.38 24.52 9.09
CA PRO H 335 17.30 23.87 8.12
C PRO H 335 16.89 23.99 6.66
N THR H 336 15.59 23.91 6.32
CA THR H 336 15.15 24.00 4.94
C THR H 336 14.46 25.33 4.61
N ALA H 337 14.86 26.40 5.31
CA ALA H 337 14.28 27.73 5.10
C ALA H 337 14.28 28.12 3.63
N HIS H 338 13.14 28.65 3.16
CA HIS H 338 12.94 28.94 1.76
C HIS H 338 12.71 30.44 1.55
N TRP H 339 11.48 30.92 1.78
CA TRP H 339 11.14 32.33 1.61
C TRP H 339 10.47 32.89 2.87
N LEU H 340 10.66 34.18 3.12
CA LEU H 340 9.87 34.90 4.10
C LEU H 340 8.75 35.67 3.37
N GLU H 341 7.53 35.60 3.91
CA GLU H 341 6.43 36.39 3.36
C GLU H 341 6.45 37.79 3.96
N ARG H 342 6.65 38.80 3.11
CA ARG H 342 6.52 40.20 3.52
C ARG H 342 5.07 40.63 3.31
N LEU H 343 4.33 40.72 4.41
CA LEU H 343 2.96 41.26 4.40
C LEU H 343 2.80 41.91 5.77
N ASP H 344 2.95 43.24 5.81
CA ASP H 344 3.19 43.97 7.06
C ASP H 344 1.86 44.37 7.69
N LEU H 345 1.19 43.38 8.30
CA LEU H 345 -0.13 43.61 8.88
C LEU H 345 -0.07 44.52 10.11
N ALA H 346 1.03 44.50 10.84
CA ALA H 346 1.13 45.19 12.12
C ALA H 346 2.04 46.41 12.07
N GLY H 347 2.47 46.83 10.87
CA GLY H 347 3.42 47.94 10.79
C GLY H 347 2.93 49.22 11.42
N SER H 348 1.61 49.44 11.44
CA SER H 348 1.07 50.68 11.99
C SER H 348 1.18 50.74 13.51
N VAL H 349 1.46 49.62 14.18
CA VAL H 349 1.55 49.59 15.63
C VAL H 349 2.86 49.01 16.13
N ILE H 350 3.79 48.65 15.25
CA ILE H 350 5.09 48.09 15.63
C ILE H 350 6.19 48.90 14.96
N GLU H 351 7.22 49.26 15.72
CA GLU H 351 8.31 50.03 15.15
C GLU H 351 8.99 49.20 14.05
N PRO H 352 9.40 49.84 12.96
CA PRO H 352 9.98 49.08 11.82
C PRO H 352 11.45 48.73 12.05
N THR H 353 11.72 47.98 13.12
CA THR H 353 13.10 47.55 13.36
C THR H 353 13.54 46.46 12.39
N LEU H 354 12.60 45.70 11.81
CA LEU H 354 12.94 44.74 10.78
C LEU H 354 13.09 45.47 9.45
N THR H 355 14.21 45.23 8.75
CA THR H 355 14.53 45.95 7.52
C THR H 355 14.72 44.94 6.39
N PHE H 356 14.73 45.47 5.16
CA PHE H 356 14.88 44.66 3.95
C PHE H 356 15.96 45.26 3.07
N GLU H 357 17.02 44.48 2.82
CA GLU H 357 18.14 44.93 2.00
C GLU H 357 18.29 43.99 0.81
N GLY H 358 18.09 44.52 -0.39
CA GLY H 358 18.14 43.67 -1.57
C GLY H 358 17.11 42.56 -1.59
N GLY H 359 15.94 42.81 -1.02
CA GLY H 359 14.89 41.81 -0.95
C GLY H 359 14.95 40.88 0.25
N ASN H 360 16.02 40.95 1.05
CA ASN H 360 16.23 40.04 2.18
C ASN H 360 15.81 40.71 3.49
N ALA H 361 15.02 40.00 4.28
CA ALA H 361 14.74 40.47 5.64
C ALA H 361 16.02 40.39 6.45
N VAL H 362 16.27 41.45 7.24
CA VAL H 362 17.45 41.57 8.10
C VAL H 362 16.97 41.67 9.53
N ILE H 363 17.32 40.66 10.33
CA ILE H 363 16.98 40.61 11.76
C ILE H 363 17.63 41.79 12.48
N PRO H 364 16.92 42.51 13.35
CA PRO H 364 17.56 43.60 14.08
C PRO H 364 18.38 43.12 15.27
N ASP H 365 19.42 43.89 15.57
CA ASP H 365 20.24 43.68 16.75
C ASP H 365 19.48 44.20 17.98
N LEU H 366 18.48 43.41 18.38
CA LEU H 366 17.62 43.69 19.52
C LEU H 366 17.37 42.39 20.25
N PRO H 367 17.12 42.44 21.55
CA PRO H 367 16.85 41.20 22.30
C PRO H 367 15.47 40.65 22.00
N GLY H 368 15.34 39.34 22.12
CA GLY H 368 14.06 38.76 21.81
C GLY H 368 13.76 38.92 20.33
N VAL H 369 12.49 39.22 20.04
CA VAL H 369 12.04 39.28 18.65
C VAL H 369 12.37 40.63 18.01
N GLY H 370 12.51 41.69 18.81
CA GLY H 370 12.71 43.02 18.26
C GLY H 370 11.43 43.81 18.04
N ILE H 371 10.39 43.51 18.79
CA ILE H 371 9.09 44.18 18.69
C ILE H 371 9.05 45.31 19.71
N ILE H 372 8.81 46.52 19.23
CA ILE H 372 8.59 47.71 20.06
C ILE H 372 7.26 48.32 19.65
N TRP H 373 6.34 48.43 20.60
CA TRP H 373 5.01 48.96 20.29
C TRP H 373 5.09 50.44 19.92
N ARG H 374 4.21 50.85 19.00
CA ARG H 374 4.02 52.27 18.70
C ARG H 374 2.88 52.77 19.58
N GLU H 375 3.22 53.02 20.85
CA GLU H 375 2.20 53.30 21.86
C GLU H 375 1.37 54.52 21.52
N LYS H 376 1.97 55.51 20.84
CA LYS H 376 1.20 56.67 20.43
C LYS H 376 0.20 56.34 19.32
N GLU H 377 0.44 55.27 18.57
CA GLU H 377 -0.44 54.88 17.47
C GLU H 377 -1.52 53.90 17.89
N ILE H 378 -1.24 53.07 18.90
CA ILE H 378 -2.17 51.99 19.26
C ILE H 378 -3.51 52.55 19.68
N GLY H 379 -3.51 53.66 20.43
CA GLY H 379 -4.76 54.24 20.90
C GLY H 379 -5.75 54.55 19.80
N LYS H 380 -5.24 54.93 18.61
CA LYS H 380 -6.12 55.25 17.50
C LYS H 380 -6.97 54.06 17.04
N TYR H 381 -6.56 52.83 17.36
CA TYR H 381 -7.18 51.67 16.73
C TYR H 381 -7.87 50.74 17.71
N LEU H 382 -7.90 51.08 18.99
CA LEU H 382 -8.48 50.20 19.99
C LEU H 382 -9.94 49.92 19.69
N VAL H 383 -10.37 48.69 19.91
CA VAL H 383 -11.75 48.28 19.66
C VAL H 383 -12.70 48.95 20.65
MG MG I . 20.95 -1.44 24.14
B PBC J . 23.29 -0.38 25.73
O1 PBC J . 22.80 -0.97 24.62
O2 PBC J . 22.44 -0.06 26.73
CG1 PBC J . 26.76 0.37 27.27
CD1 PBC J . 27.62 -0.28 26.40
CG2 PBC J . 27.11 -0.96 25.30
CB2 PBC J . 25.73 -0.99 25.08
CA PBC J . 24.86 -0.34 25.96
CB1 PBC J . 25.39 0.34 27.06
C1 EDO K . 20.62 27.36 10.85
O1 EDO K . 22.00 27.04 10.63
C2 EDO K . 19.74 26.33 10.14
O2 EDO K . 20.26 26.17 8.81
C1 EDO L . 24.10 -2.41 41.09
O1 EDO L . 25.28 -2.59 40.31
C2 EDO L . 24.05 -0.98 41.63
O2 EDO L . 24.16 -0.03 40.54
C1 EDO M . 8.68 20.01 28.35
O1 EDO M . 7.61 20.33 29.24
C2 EDO M . 8.20 18.91 27.41
O2 EDO M . 7.50 17.95 28.21
C1 EDO N . 14.02 31.48 33.02
O1 EDO N . 15.38 31.04 33.18
C2 EDO N . 13.08 30.60 33.83
O2 EDO N . 13.50 30.62 35.20
MG MG O . 28.78 11.32 -8.16
B PBC P . 31.72 10.81 -7.82
B PBC P . 31.66 11.64 -8.04
O1 PBC P . 31.78 10.36 -9.08
O1 PBC P . 31.66 11.13 -9.28
O2 PBC P . 30.54 11.32 -7.43
O2 PBC P . 30.50 11.89 -7.41
CG1 PBC P . 33.92 13.25 -5.78
CG1 PBC P . 34.19 13.38 -5.70
CD1 PBC P . 35.18 12.98 -6.28
CD1 PBC P . 35.41 12.90 -6.17
CG2 PBC P . 35.36 12.03 -7.28
CG2 PBC P . 35.43 12.01 -7.24
CB2 PBC P . 34.25 11.33 -7.77
CB2 PBC P . 34.24 11.61 -7.84
CA PBC P . 32.98 11.58 -7.26
CA PBC P . 33.02 12.09 -7.36
CB1 PBC P . 32.82 12.55 -6.27
CB1 PBC P . 33.00 12.98 -6.30
C1 EDO Q . 23.11 24.14 -6.20
O1 EDO Q . 24.50 24.44 -5.99
C2 EDO Q . 22.38 25.41 -6.62
O2 EDO Q . 22.54 26.39 -5.59
C1 EDO R . 29.49 -12.42 -16.12
O1 EDO R . 29.65 -12.76 -17.51
C2 EDO R . 28.66 -11.15 -15.98
O2 EDO R . 27.64 -11.14 -16.97
MG MG S . 10.51 -30.17 1.33
B PBC T . 12.14 -32.46 0.43
O1 PBC T . 12.90 -32.29 1.52
O2 PBC T . 11.01 -31.75 0.31
CG1 PBC T . 11.50 -35.16 -2.29
CD1 PBC T . 12.63 -35.97 -2.18
CG2 PBC T . 13.60 -35.65 -1.24
CB2 PBC T . 13.46 -34.54 -0.40
CA PBC T . 12.33 -33.73 -0.51
CB1 PBC T . 11.37 -34.04 -1.46
C1 EDO U . 19.10 -43.02 10.37
O1 EDO U . 19.46 -42.07 9.37
C2 EDO U . 17.58 -43.21 10.42
O2 EDO U . 17.09 -43.59 9.13
C1 EDO V . -2.90 -33.85 2.71
O1 EDO V . -2.48 -35.19 2.39
C2 EDO V . -4.18 -33.92 3.52
O2 EDO V . -5.15 -34.69 2.81
MG MG W . 6.70 -11.98 -28.98
B PBC X . 6.36 -14.36 -30.65
B PBC X . 7.13 -13.89 -31.10
O1 PBC X . 6.96 -13.65 -29.70
O1 PBC X . 7.55 -13.46 -29.89
O2 PBC X . 5.41 -13.73 -31.35
O2 PBC X . 5.97 -13.41 -31.59
CG1 PBC X . 7.70 -16.87 -33.25
CG1 PBC X . 7.83 -16.96 -33.32
CD1 PBC X . 8.97 -17.14 -32.77
CD1 PBC X . 9.04 -17.41 -32.81
CG2 PBC X . 9.41 -16.51 -31.61
CG2 PBC X . 9.63 -16.75 -31.76
CB2 PBC X . 8.58 -15.63 -30.94
CB2 PBC X . 9.02 -15.61 -31.21
CA PBC X . 7.30 -15.37 -31.42
CA PBC X . 7.81 -15.16 -31.72
CB1 PBC X . 6.86 -15.99 -32.58
CB1 PBC X . 7.22 -15.83 -32.78
MG MG Y . -25.88 -18.65 3.43
B PBC Z . -28.27 -19.99 2.34
O1 PBC Z . -27.69 -18.85 2.76
O2 PBC Z . -27.64 -21.16 2.57
CG1 PBC Z . -31.88 -21.00 1.39
CD1 PBC Z . -32.57 -19.80 1.53
CG2 PBC Z . -31.88 -18.67 1.93
CB2 PBC Z . -30.50 -18.74 2.18
CA PBC Z . -29.82 -19.93 2.03
CB1 PBC Z . -30.51 -21.07 1.64
C1 EDO AA . -32.95 -34.51 7.45
O1 EDO AA . -32.46 -33.87 6.27
C2 EDO AA . -33.06 -33.51 8.60
O2 EDO AA . -33.86 -32.41 8.17
C1 EDO BA . -36.12 -27.62 3.57
O1 EDO BA . -34.87 -28.20 3.20
C2 EDO BA . -37.19 -28.69 3.42
O2 EDO BA . -37.02 -29.34 2.16
MG MG CA . -24.00 8.60 -19.38
B PBC DA . -26.99 8.99 -19.42
B PBC DA . -26.65 9.06 -20.35
O1 PBC DA . -25.84 8.30 -19.55
O1 PBC DA . -25.67 8.22 -19.96
O2 PBC DA . -26.88 10.32 -19.32
O2 PBC DA . -26.55 10.38 -20.11
CG1 PBC DA . -30.35 8.68 -21.31
CG1 PBC DA . -30.36 8.66 -21.27
CD1 PBC DA . -30.28 7.40 -21.81
CD1 PBC DA . -30.42 7.33 -21.65
CG2 PBC DA . -29.16 6.61 -21.54
CG2 PBC DA . -29.27 6.56 -21.62
CB2 PBC DA . -28.12 7.13 -20.79
CB2 PBC DA . -28.07 7.11 -21.19
CA PBC DA . -28.19 8.42 -20.29
CA PBC DA . -28.02 8.44 -20.83
CB1 PBC DA . -29.31 9.20 -20.55
CB1 PBC DA . -29.16 9.22 -20.86
C1 EDO EA . -15.96 1.65 -30.46
O1 EDO EA . -16.16 0.64 -31.47
C2 EDO EA . -17.11 1.60 -29.47
O2 EDO EA . -18.35 1.75 -30.16
C1 EDO FA . -31.50 20.55 -29.03
O1 EDO FA . -32.16 19.33 -29.41
C2 EDO FA . -32.39 21.34 -28.07
O2 EDO FA . -32.79 20.52 -26.96
MG MG GA . -15.37 10.11 26.20
B PBC HA . -17.28 12.05 27.65
O1 PBC HA . -18.21 11.08 27.77
O2 PBC HA . -16.05 11.68 27.22
CG1 PBC HA . -16.35 15.25 29.59
CD1 PBC HA . -17.58 15.64 30.11
CG2 PBC HA . -18.72 14.88 29.85
CB2 PBC HA . -18.62 13.73 29.06
CA PBC HA . -17.40 13.34 28.54
CB1 PBC HA . -16.26 14.11 28.79
C1 EDO IA . -26.36 6.98 39.19
O1 EDO IA . -25.69 8.25 39.26
C2 EDO IA . -27.77 7.22 38.65
O2 EDO IA . -27.71 8.00 37.45
C1 EDO JA . -2.00 7.58 33.12
O1 EDO JA . -1.63 7.34 34.48
C2 EDO JA . -3.52 7.67 33.02
O2 EDO JA . -4.00 8.74 33.85
MG MG KA . -2.01 31.85 1.45
B PBC LA . -2.05 34.38 2.78
O1 PBC LA . -0.82 34.66 2.30
O2 PBC LA . -2.66 33.26 2.37
CG1 PBC LA . -4.98 36.27 4.43
CD1 PBC LA . -4.39 37.46 4.83
CG2 PBC LA . -3.05 37.66 4.56
CB2 PBC LA . -2.30 36.69 3.91
CA PBC LA . -2.89 35.50 3.52
CB1 PBC LA . -4.24 35.29 3.78
C1 EDO MA . -12.66 30.71 -7.68
O1 EDO MA . -13.10 31.97 -7.13
C2 EDO MA . -13.36 30.48 -9.02
O2 EDO MA . -14.77 30.55 -8.82
#